data_7WOQ
#
_entry.id   7WOQ
#
_cell.length_a   1.00
_cell.length_b   1.00
_cell.length_c   1.00
_cell.angle_alpha   90.00
_cell.angle_beta   90.00
_cell.angle_gamma   90.00
#
_symmetry.space_group_name_H-M   'P 1'
#
loop_
_entity.id
_entity.type
_entity.pdbx_description
1 polymer 'Spike glycoprotein'
2 polymer '16L9 Fv'
3 non-polymer 2-acetamido-2-deoxy-beta-D-glucopyranose
#
loop_
_entity_poly.entity_id
_entity_poly.type
_entity_poly.pdbx_seq_one_letter_code
_entity_poly.pdbx_strand_id
1 'polypeptide(L)'
;MFVFLVLLPLVSSQCVNLTTRTQLPPAYTNSFTRGVYYPDKVFRSSVLHSTQDLFLPFFSNVTWFHVISGTNGTKRFDNP
VLPFNDGVYFASIEKSNIIRGWIFGTTLDSKTQSLLIVNNATNVVIKVCEFQFCNDPFLDHKNNKSWMESEFRVYSSANN
CTFEYVSQPFLMDLEGKQGNFKNLREFVFKNIDGYFKIYSKHTPIIVREPEDLPQGFSALEPLVDLPIGINITRFQTLLA
LHRSYLTPGDSSSGWTAGAAAYYVGYLQPRTFLLKYNENGTITDAVDCALDPLSETKCTLKSFTVEKGIYQTSNFRVQPT
ESIVRFPNITNLCPFDEVFNATRFASVYAWNRKRISNCVADYSVLYNLAPFFTFKCYGVSPTKLNDLCFTNVYADSFVIR
GDEVRQIAPGQTGNIADYNYKLPDDFTGCVIAWNSNKLDSKVSGNYNYLYRLFRKSNLKPFERDISTEIYQAGNKPCNGV
AGFNCYFPLRSYSFRPTYGVGHQPYRVVVLSFELLHAPATVCGPKKSTNLVKNKCVNFNFNGLKGTGVLTESNKKFLPFQ
QFGRDIADTTDAVRDPQTLEILDITPCSFGGVSVITPGTNTSNQVAVLYQGVNCTEVPVAIHADQLTPTWRVYSTGSNVF
QTRAGCLIGAEYVNNSYECDIPIGAGICASYQTQTKSHGSASSVASQSIIAYTMSLGAENSVAYSNNSIAIPTNFTISVT
TEILPVSMTKTSVDCTMYICGDSTECSNLLLQYGSFCTQLKRALTGIAVEQDKNTQEVFAQVKQIYKTPPIKYFGGFNFS
QILPDPSKPSKRSPIEDLLFNKVTLADAGFIKQYGDCLGDIAARDLICAQKFKGLTVLPPLLTDEMIAQYTSALLAGTIT
SGWTFGAGPALQIPFPMQMAYRFNGIGVTQNVLYENQKLIANQFNSAIGKIQDSLSSTPSALGKLQDVVNHNAQALNTLV
KQLSSKFGAISSVLNDIFSRLDPPEAEVQIDRLITGRLQSLQTYVTQQLIRAAEIRASANLAATKMSECVLGQSKRVDFC
GKGYHLMSFPQSAPHGVVFLHVTYVPAQEKNFTTAPAICHDGKAHFPREGVFVSNGTHWFVTQRNFYEPQIITTDNTFVS
GNCDVVIGIVNNTVYDPLQPELDSFKEELDKYFKNHTSPDVDLGDISGINASVVNIQKEIDRLNEVAKNLNESLIDLQEL
GKYEQGSGYIPEAPRDGQAYVRKDGEWVFLSTFLSGLEVLFQGPGGWSHPQFEKGGGSGGGSGGSAWSHPQFEKGGSHHH
HHHHH
;
A,B,C
2 'polypeptide(L)'
;QSVLTQPPSASGSPGQSVTISCTGTSSDFGGYNSVSWYQQHPGKAPKLMIYEVSKRPSGVPDRFSGSKSGNTASLTVSGL
QAEDEADYYCSSYAGSNNFDVFGTGTKVTVLGGGGSGGGGSGGGGSEVQLVESGGGLIQPGGSLRLSCAASGFTVSSNYM
SWVRQAPGKGLEWVSVIYSGGSTYYADSVKGRFTISRDNSENTLYLQMNSLRAEDTAVYYCARGEIQPYYYYGMDVWGQG
TTVTVSS
;
D
#
loop_
_chem_comp.id
_chem_comp.type
_chem_comp.name
_chem_comp.formula
NAG D-saccharide, beta linking 2-acetamido-2-deoxy-beta-D-glucopyranose 'C8 H15 N O6'
#
# COMPACT_ATOMS: atom_id res chain seq x y z
N LEU A 24 17.64 55.17 20.22
CA LEU A 24 17.35 55.46 18.81
C LEU A 24 15.98 54.92 18.43
N PRO A 25 15.35 55.51 17.40
CA PRO A 25 14.11 54.90 16.92
C PRO A 25 14.42 54.05 15.68
N PRO A 26 14.64 52.74 15.85
CA PRO A 26 15.05 51.89 14.72
C PRO A 26 14.04 51.92 13.62
N ALA A 27 14.47 52.32 12.43
CA ALA A 27 13.54 52.45 11.33
C ALA A 27 13.09 51.09 10.87
N TYR A 28 12.40 51.02 9.76
CA TYR A 28 12.08 49.72 9.23
C TYR A 28 12.03 49.82 7.72
N THR A 29 12.93 49.12 7.03
CA THR A 29 12.98 49.19 5.59
C THR A 29 12.52 47.92 4.95
N ASN A 30 12.22 47.99 3.67
CA ASN A 30 11.62 46.86 3.03
C ASN A 30 12.65 46.09 2.40
N SER A 31 12.49 44.83 2.60
CA SER A 31 13.53 43.94 2.06
C SER A 31 12.96 43.23 0.83
N PHE A 32 13.57 43.45 -0.32
CA PHE A 32 13.14 42.80 -1.55
C PHE A 32 13.66 41.36 -1.59
N THR A 33 13.56 40.74 -2.75
CA THR A 33 13.99 39.35 -2.90
C THR A 33 15.49 39.27 -2.71
N ARG A 34 15.91 38.80 -1.53
CA ARG A 34 17.32 38.72 -1.17
C ARG A 34 17.49 37.84 0.07
N GLY A 35 18.45 36.93 0.04
CA GLY A 35 18.71 36.07 1.17
C GLY A 35 18.37 34.62 0.91
N VAL A 36 18.21 34.26 -0.37
CA VAL A 36 17.90 32.89 -0.76
C VAL A 36 19.22 32.15 -0.88
N TYR A 37 19.58 31.39 0.15
CA TYR A 37 20.83 30.66 0.20
C TYR A 37 20.62 29.21 -0.24
N TYR A 38 21.74 28.55 -0.52
CA TYR A 38 21.69 27.14 -0.89
C TYR A 38 21.40 26.29 0.34
N PRO A 39 20.30 25.52 0.35
CA PRO A 39 20.01 24.70 1.54
C PRO A 39 21.04 23.60 1.76
N ASP A 40 21.36 22.84 0.71
CA ASP A 40 22.36 21.77 0.78
C ASP A 40 23.39 22.00 -0.31
N LYS A 41 24.33 21.06 -0.41
CA LYS A 41 25.39 21.10 -1.41
C LYS A 41 25.13 20.00 -2.43
N VAL A 42 24.31 20.32 -3.44
CA VAL A 42 23.93 19.38 -4.48
C VAL A 42 23.89 20.13 -5.81
N PHE A 43 24.64 19.64 -6.79
CA PHE A 43 24.63 20.27 -8.10
C PHE A 43 23.33 19.98 -8.84
N ARG A 44 22.71 21.03 -9.37
CA ARG A 44 21.48 20.90 -10.14
C ARG A 44 21.55 21.82 -11.35
N SER A 45 21.11 21.32 -12.49
CA SER A 45 21.22 22.05 -13.76
C SER A 45 19.85 22.11 -14.42
N SER A 46 19.32 23.33 -14.57
CA SER A 46 18.08 23.57 -15.30
C SER A 46 16.91 22.77 -14.72
N VAL A 47 16.68 22.94 -13.42
CA VAL A 47 15.58 22.30 -12.72
C VAL A 47 14.87 23.34 -11.86
N LEU A 48 13.85 22.90 -11.14
CA LEU A 48 13.08 23.74 -10.23
C LEU A 48 12.94 22.97 -8.91
N HIS A 49 13.69 23.37 -7.90
CA HIS A 49 13.72 22.67 -6.63
C HIS A 49 12.86 23.39 -5.61
N SER A 50 11.89 22.67 -5.05
CA SER A 50 10.96 23.22 -4.06
C SER A 50 11.43 22.80 -2.67
N THR A 51 12.15 23.69 -2.00
CA THR A 51 12.70 23.41 -0.68
C THR A 51 11.78 23.98 0.40
N GLN A 52 11.85 23.39 1.59
CA GLN A 52 11.10 23.83 2.75
C GLN A 52 12.09 24.00 3.91
N ASP A 53 12.42 25.23 4.25
CA ASP A 53 13.44 25.48 5.25
C ASP A 53 13.31 26.92 5.74
N LEU A 54 14.27 27.36 6.56
CA LEU A 54 14.27 28.70 7.12
C LEU A 54 14.80 29.67 6.08
N PHE A 55 13.93 30.57 5.61
CA PHE A 55 14.32 31.58 4.63
C PHE A 55 13.76 32.94 5.06
N LEU A 56 14.22 33.97 4.37
CA LEU A 56 13.74 35.33 4.64
C LEU A 56 12.51 35.61 3.79
N PRO A 57 11.39 35.99 4.39
CA PRO A 57 10.18 36.26 3.60
C PRO A 57 10.37 37.43 2.66
N PHE A 58 9.93 37.27 1.42
CA PHE A 58 10.02 38.34 0.44
C PHE A 58 9.09 39.49 0.81
N PHE A 59 9.56 40.72 0.56
CA PHE A 59 8.80 41.94 0.86
C PHE A 59 8.40 42.00 2.33
N SER A 60 9.45 41.86 3.14
CA SER A 60 9.39 41.80 4.57
C SER A 60 10.09 42.97 5.16
N ASN A 61 9.92 43.15 6.45
CA ASN A 61 10.43 44.31 7.11
C ASN A 61 11.77 43.96 7.67
N VAL A 62 12.72 44.86 7.58
CA VAL A 62 14.00 44.73 8.25
C VAL A 62 14.41 46.06 8.90
N THR A 63 14.70 46.03 10.18
CA THR A 63 15.08 47.21 10.94
C THR A 63 16.24 47.93 10.25
N TRP A 64 16.21 49.25 10.31
CA TRP A 64 17.17 50.13 9.62
C TRP A 64 18.19 50.73 10.58
N PHE A 65 18.68 49.93 11.52
CA PHE A 65 19.69 50.38 12.47
C PHE A 65 20.85 51.05 11.75
N HIS A 66 21.06 52.32 12.05
CA HIS A 66 22.09 53.14 11.40
C HIS A 66 23.28 53.28 12.34
N VAL A 67 24.48 53.08 11.79
CA VAL A 67 25.71 53.10 12.58
C VAL A 67 26.43 54.44 12.44
N ILE A 68 25.71 55.51 12.11
CA ILE A 68 26.34 56.81 11.90
C ILE A 68 26.98 57.30 13.19
N PHE A 77 25.98 56.10 16.91
CA PHE A 77 26.18 55.02 17.88
C PHE A 77 24.95 54.13 17.97
N ASP A 78 25.15 52.82 17.91
CA ASP A 78 24.06 51.87 18.09
C ASP A 78 24.59 50.46 18.34
N ASN A 79 24.06 49.79 19.36
CA ASN A 79 24.47 48.42 19.68
C ASN A 79 23.40 47.73 20.52
N PRO A 80 22.24 47.43 19.95
CA PRO A 80 21.17 46.78 20.72
C PRO A 80 21.39 45.26 20.79
N VAL A 81 20.57 44.62 21.60
CA VAL A 81 20.60 43.17 21.77
C VAL A 81 19.37 42.62 21.07
N LEU A 82 19.58 42.00 19.91
CA LEU A 82 18.47 41.52 19.09
C LEU A 82 18.12 40.07 19.48
N PRO A 83 16.86 39.68 19.32
CA PRO A 83 16.49 38.29 19.60
C PRO A 83 16.83 37.36 18.43
N PHE A 84 17.50 36.26 18.75
CA PHE A 84 17.84 35.25 17.76
C PHE A 84 16.88 34.07 17.95
N ASN A 85 15.75 34.16 17.25
CA ASN A 85 14.70 33.15 17.42
C ASN A 85 15.08 31.85 16.72
N ASP A 86 15.29 31.89 15.40
CA ASP A 86 15.64 30.69 14.67
C ASP A 86 16.63 30.95 13.52
N GLY A 87 17.10 32.17 13.35
CA GLY A 87 18.00 32.50 12.25
C GLY A 87 17.84 33.96 11.88
N VAL A 88 18.93 34.57 11.44
CA VAL A 88 18.95 35.99 11.11
C VAL A 88 19.64 36.20 9.77
N TYR A 89 19.37 37.36 9.18
CA TYR A 89 19.97 37.80 7.93
C TYR A 89 20.62 39.15 8.19
N PHE A 90 21.95 39.16 8.28
CA PHE A 90 22.70 40.38 8.55
C PHE A 90 23.20 40.98 7.25
N ALA A 91 23.24 42.31 7.22
CA ALA A 91 23.72 43.03 6.05
C ALA A 91 24.64 44.15 6.50
N SER A 92 25.39 44.71 5.55
CA SER A 92 26.33 45.77 5.86
C SER A 92 26.74 46.47 4.56
N ILE A 93 26.66 47.79 4.55
CA ILE A 93 27.04 48.59 3.39
C ILE A 93 28.21 49.48 3.78
N GLU A 94 29.07 48.98 4.68
CA GLU A 94 30.22 49.73 5.16
C GLU A 94 31.18 50.03 4.01
N LYS A 95 32.13 50.92 4.25
CA LYS A 95 33.08 51.33 3.23
C LYS A 95 34.33 50.46 3.22
N SER A 96 35.13 50.48 4.29
CA SER A 96 36.31 49.63 4.37
C SER A 96 36.24 48.62 5.52
N ASN A 97 36.11 49.12 6.75
CA ASN A 97 36.14 48.24 7.92
C ASN A 97 35.17 48.65 9.02
N ILE A 98 34.07 49.34 8.70
CA ILE A 98 33.20 49.88 9.74
C ILE A 98 32.57 48.77 10.56
N ILE A 99 31.92 47.82 9.89
CA ILE A 99 31.20 46.74 10.56
C ILE A 99 32.04 45.47 10.45
N ARG A 100 32.56 45.01 11.58
CA ARG A 100 33.38 43.80 11.62
C ARG A 100 33.12 43.07 12.93
N GLY A 101 32.68 41.83 12.84
CA GLY A 101 32.55 40.96 14.00
C GLY A 101 31.10 40.67 14.35
N TRP A 102 30.94 39.65 15.19
CA TRP A 102 29.63 39.25 15.69
C TRP A 102 29.80 38.68 17.10
N ILE A 103 28.81 38.93 17.95
CA ILE A 103 28.89 38.57 19.37
C ILE A 103 27.75 37.63 19.72
N PHE A 104 27.40 36.74 18.78
CA PHE A 104 26.33 35.77 19.01
C PHE A 104 26.52 35.05 20.34
N GLY A 105 25.40 34.81 21.03
CA GLY A 105 25.44 34.14 22.31
C GLY A 105 24.05 33.92 22.84
N THR A 106 23.98 33.26 24.00
CA THR A 106 22.70 32.97 24.64
C THR A 106 22.33 34.05 25.66
N THR A 107 23.19 34.27 26.65
CA THR A 107 22.95 35.26 27.69
C THR A 107 24.03 36.33 27.77
N LEU A 108 25.14 36.17 27.05
CA LEU A 108 26.26 37.12 27.10
C LEU A 108 26.78 37.29 28.53
N ASP A 109 26.84 36.17 29.26
CA ASP A 109 27.30 36.16 30.63
C ASP A 109 28.45 35.19 30.77
N SER A 110 29.09 35.20 31.94
CA SER A 110 30.21 34.29 32.18
C SER A 110 29.75 32.89 32.55
N LYS A 111 28.47 32.72 32.89
CA LYS A 111 27.96 31.41 33.25
C LYS A 111 27.91 30.49 32.03
N THR A 112 27.23 30.93 30.99
CA THR A 112 27.10 30.17 29.75
C THR A 112 28.14 30.62 28.73
N GLN A 113 28.29 29.83 27.67
CA GLN A 113 29.24 30.13 26.62
C GLN A 113 28.66 31.16 25.66
N SER A 114 29.47 31.59 24.69
CA SER A 114 29.05 32.57 23.70
C SER A 114 29.91 32.38 22.45
N LEU A 115 29.82 33.33 21.53
CA LEU A 115 30.57 33.29 20.28
C LEU A 115 30.99 34.69 19.90
N LEU A 116 32.28 34.86 19.61
CA LEU A 116 32.87 36.18 19.36
C LEU A 116 33.65 36.19 18.06
N ILE A 117 33.01 35.70 16.99
CA ILE A 117 33.64 35.67 15.67
C ILE A 117 33.88 37.09 15.19
N VAL A 118 35.15 37.49 15.16
CA VAL A 118 35.53 38.82 14.71
C VAL A 118 36.39 38.71 13.47
N ASN A 119 36.61 39.85 12.81
CA ASN A 119 37.41 39.94 11.59
C ASN A 119 38.53 40.93 11.84
N ASN A 120 39.68 40.42 12.26
CA ASN A 120 40.83 41.27 12.55
C ASN A 120 41.63 41.47 11.27
N ALA A 121 42.85 41.99 11.38
CA ALA A 121 43.67 42.26 10.21
C ALA A 121 43.97 41.00 9.42
N THR A 122 43.36 40.91 8.22
CA THR A 122 43.48 39.76 7.30
C THR A 122 43.49 38.42 8.03
N ASN A 123 42.55 38.26 8.97
CA ASN A 123 42.34 36.99 9.64
C ASN A 123 41.01 37.05 10.38
N VAL A 124 40.50 35.87 10.73
CA VAL A 124 39.24 35.72 11.46
C VAL A 124 39.46 34.73 12.59
N VAL A 125 39.16 35.16 13.82
CA VAL A 125 39.31 34.32 15.01
C VAL A 125 37.92 33.87 15.45
N ILE A 126 37.74 32.56 15.59
CA ILE A 126 36.47 31.97 15.99
C ILE A 126 36.72 31.17 17.27
N LYS A 127 36.21 31.68 18.39
CA LYS A 127 36.33 31.00 19.68
C LYS A 127 34.96 30.95 20.33
N VAL A 128 34.61 29.80 20.89
CA VAL A 128 33.32 29.62 21.55
C VAL A 128 33.54 29.71 23.05
N CYS A 129 34.60 30.38 23.46
CA CYS A 129 34.89 30.55 24.88
C CYS A 129 33.82 31.42 25.54
N GLU A 130 33.70 31.30 26.85
CA GLU A 130 32.67 32.00 27.61
C GLU A 130 33.22 33.31 28.19
N PHE A 131 33.69 34.17 27.28
CA PHE A 131 34.10 35.52 27.66
C PHE A 131 32.87 36.41 27.76
N GLN A 132 32.51 36.79 28.98
CA GLN A 132 31.28 37.55 29.21
C GLN A 132 31.31 38.91 28.51
N PHE A 133 32.14 39.82 29.03
CA PHE A 133 32.30 41.19 28.53
C PHE A 133 33.37 41.84 29.39
N CYS A 134 33.78 43.06 29.00
CA CYS A 134 34.59 43.90 29.86
C CYS A 134 33.86 45.18 30.25
N ASN A 135 33.51 46.03 29.28
CA ASN A 135 32.64 47.17 29.52
C ASN A 135 31.53 47.30 28.49
N ASP A 136 31.83 46.99 27.22
CA ASP A 136 30.91 47.21 26.11
C ASP A 136 31.50 46.58 24.85
N PRO A 137 30.67 46.10 23.92
CA PRO A 137 31.21 45.51 22.68
C PRO A 137 31.76 46.56 21.73
N PHE A 138 33.00 47.00 21.96
CA PHE A 138 33.65 47.96 21.09
C PHE A 138 35.09 47.53 20.84
N LEU A 139 35.63 47.96 19.71
CA LEU A 139 37.01 47.65 19.36
C LEU A 139 37.59 48.71 18.43
N GLU A 151 42.85 45.98 18.36
CA GLU A 151 42.82 45.76 19.80
C GLU A 151 41.60 44.95 20.21
N PHE A 152 41.80 44.04 21.16
CA PHE A 152 40.71 43.19 21.66
C PHE A 152 40.08 43.80 22.92
N ARG A 153 39.56 45.02 22.75
CA ARG A 153 38.88 45.74 23.81
C ARG A 153 37.42 45.33 23.95
N VAL A 154 37.00 44.24 23.32
CA VAL A 154 35.60 43.82 23.40
C VAL A 154 35.34 43.14 24.74
N TYR A 155 36.29 42.35 25.22
CA TYR A 155 36.13 41.60 26.46
C TYR A 155 37.45 41.58 27.22
N SER A 156 37.37 41.31 28.52
CA SER A 156 38.57 41.18 29.36
C SER A 156 38.22 40.17 30.46
N SER A 157 38.57 38.91 30.22
CA SER A 157 38.31 37.81 31.15
C SER A 157 39.11 36.60 30.67
N ALA A 158 38.96 35.49 31.39
CA ALA A 158 39.65 34.26 31.05
C ALA A 158 38.91 33.09 31.69
N ASN A 159 38.41 32.18 30.84
CA ASN A 159 37.70 31.01 31.31
C ASN A 159 38.07 29.84 30.40
N ASN A 160 37.36 28.71 30.58
CA ASN A 160 37.62 27.53 29.78
C ASN A 160 36.92 27.65 28.43
N CYS A 161 37.61 27.26 27.37
CA CYS A 161 37.08 27.33 26.02
C CYS A 161 36.76 25.93 25.50
N THR A 162 36.12 25.89 24.32
CA THR A 162 35.74 24.63 23.69
C THR A 162 36.14 24.53 22.24
N PHE A 163 36.51 25.63 21.57
CA PHE A 163 36.86 25.59 20.16
C PHE A 163 37.67 26.83 19.83
N GLU A 164 38.75 26.64 19.06
CA GLU A 164 39.64 27.73 18.66
C GLU A 164 39.94 27.63 17.17
N TYR A 165 38.89 27.44 16.37
CA TYR A 165 39.03 27.30 14.92
C TYR A 165 39.33 28.68 14.32
N VAL A 166 40.62 29.04 14.34
CA VAL A 166 41.07 30.32 13.79
C VAL A 166 41.19 30.16 12.28
N SER A 167 40.19 30.63 11.55
CA SER A 167 40.19 30.54 10.09
C SER A 167 41.10 31.63 9.53
N GLN A 168 42.18 31.22 8.86
CA GLN A 168 43.11 32.18 8.30
C GLN A 168 42.48 33.04 7.21
N PRO A 169 41.77 32.50 6.22
CA PRO A 169 41.15 33.38 5.21
C PRO A 169 40.03 34.21 5.82
N PHE A 170 40.13 35.53 5.65
CA PHE A 170 39.14 36.44 6.20
C PHE A 170 37.80 36.30 5.47
N LEU A 171 36.71 36.57 6.19
CA LEU A 171 35.38 36.46 5.63
C LEU A 171 34.97 37.68 4.82
N MET A 172 35.72 38.77 4.90
CA MET A 172 35.38 39.99 4.17
C MET A 172 36.47 40.35 3.16
N GLN A 178 37.35 53.42 -7.68
CA GLN A 178 35.98 53.10 -7.30
C GLN A 178 35.46 54.07 -6.25
N GLY A 179 35.13 55.29 -6.68
CA GLY A 179 34.62 56.30 -5.77
C GLY A 179 33.23 56.00 -5.26
N ASN A 180 32.25 56.01 -6.15
CA ASN A 180 30.86 55.73 -5.79
C ASN A 180 30.54 54.24 -5.95
N PHE A 181 31.35 53.40 -5.32
CA PHE A 181 31.19 51.95 -5.39
C PHE A 181 31.35 51.38 -3.99
N LYS A 182 30.22 51.19 -3.29
CA LYS A 182 30.24 50.61 -1.97
C LYS A 182 30.34 49.09 -2.09
N ASN A 183 30.21 48.39 -0.96
CA ASN A 183 30.30 46.93 -0.94
C ASN A 183 29.25 46.38 0.01
N LEU A 184 28.37 45.54 -0.50
CA LEU A 184 27.33 44.91 0.31
C LEU A 184 27.77 43.51 0.72
N ARG A 185 27.63 43.21 2.01
CA ARG A 185 28.05 41.92 2.56
C ARG A 185 26.88 41.34 3.34
N GLU A 186 26.28 40.27 2.81
CA GLU A 186 25.15 39.61 3.46
C GLU A 186 25.58 38.31 4.10
N PHE A 187 25.03 38.02 5.27
CA PHE A 187 25.39 36.82 6.04
C PHE A 187 24.11 36.22 6.59
N VAL A 188 23.79 34.99 6.19
CA VAL A 188 22.63 34.28 6.71
C VAL A 188 23.11 33.37 7.84
N PHE A 189 22.82 33.77 9.08
CA PHE A 189 23.17 32.97 10.25
C PHE A 189 22.00 32.06 10.61
N LYS A 190 22.29 30.76 10.66
CA LYS A 190 21.28 29.77 10.99
C LYS A 190 21.89 28.72 11.90
N ASN A 191 21.16 28.35 12.95
CA ASN A 191 21.62 27.40 13.94
C ASN A 191 20.73 26.18 13.91
N ILE A 192 21.34 24.99 13.88
CA ILE A 192 20.61 23.73 13.94
C ILE A 192 21.12 22.94 15.13
N ASP A 193 20.60 21.72 15.30
CA ASP A 193 20.85 20.91 16.49
C ASP A 193 22.34 20.83 16.86
N GLY A 194 23.20 20.69 15.86
CA GLY A 194 24.61 20.55 16.15
C GLY A 194 25.56 21.26 15.21
N TYR A 195 25.09 22.31 14.53
CA TYR A 195 25.92 23.04 13.59
C TYR A 195 25.51 24.50 13.59
N PHE A 196 26.50 25.39 13.62
CA PHE A 196 26.26 26.83 13.49
C PHE A 196 26.65 27.25 12.06
N LYS A 197 25.75 26.93 11.13
CA LYS A 197 26.01 27.24 9.71
C LYS A 197 25.96 28.74 9.49
N ILE A 198 26.93 29.26 8.73
CA ILE A 198 27.02 30.68 8.40
C ILE A 198 27.21 30.81 6.90
N TYR A 199 26.27 31.47 6.25
CA TYR A 199 26.35 31.79 4.83
C TYR A 199 26.84 33.22 4.64
N SER A 200 27.25 33.54 3.41
CA SER A 200 27.80 34.85 3.14
C SER A 200 27.79 35.11 1.64
N LYS A 201 27.83 36.40 1.30
CA LYS A 201 27.95 36.83 -0.10
C LYS A 201 28.38 38.29 -0.12
N HIS A 202 29.36 38.60 -0.97
CA HIS A 202 29.92 39.94 -1.09
C HIS A 202 29.67 40.44 -2.51
N THR A 203 28.83 41.44 -2.64
CA THR A 203 28.48 42.01 -3.94
C THR A 203 28.87 43.48 -3.99
N PRO A 204 29.61 43.90 -5.03
CA PRO A 204 29.99 45.32 -5.13
C PRO A 204 28.89 46.18 -5.73
N ILE A 205 27.95 46.65 -4.89
CA ILE A 205 26.86 47.48 -5.39
C ILE A 205 27.43 48.77 -5.97
N ILE A 206 26.67 49.36 -6.91
CA ILE A 206 27.12 50.51 -7.67
C ILE A 206 26.25 51.74 -7.43
N VAL A 207 24.92 51.55 -7.37
CA VAL A 207 24.01 52.68 -7.27
C VAL A 207 24.28 53.47 -5.99
N ARG A 208 24.24 54.79 -6.10
CA ARG A 208 24.48 55.70 -4.98
C ARG A 208 23.19 56.35 -4.50
N GLU A 209 22.07 55.64 -4.60
CA GLU A 209 20.78 56.13 -4.14
C GLU A 209 20.78 56.20 -2.61
N PRO A 210 19.74 56.78 -2.00
CA PRO A 210 19.59 56.70 -0.55
C PRO A 210 19.73 55.26 -0.06
N GLU A 211 20.31 55.13 1.14
CA GLU A 211 20.69 53.81 1.66
C GLU A 211 19.48 52.89 1.76
N ASP A 212 19.48 51.84 0.97
CA ASP A 212 18.40 50.87 0.94
C ASP A 212 18.91 49.62 0.22
N LEU A 213 18.26 48.49 0.51
CA LEU A 213 18.65 47.25 -0.12
C LEU A 213 18.43 47.33 -1.63
N PRO A 214 19.40 46.89 -2.45
CA PRO A 214 19.27 47.01 -3.90
C PRO A 214 18.24 46.05 -4.48
N GLN A 215 18.01 46.15 -5.79
CA GLN A 215 17.07 45.31 -6.51
C GLN A 215 17.85 44.28 -7.31
N GLY A 216 17.64 43.00 -6.99
CA GLY A 216 18.32 41.93 -7.71
C GLY A 216 18.52 40.68 -6.89
N PHE A 217 18.38 39.53 -7.52
CA PHE A 217 18.57 38.25 -6.84
C PHE A 217 20.06 37.96 -6.68
N SER A 218 20.42 37.47 -5.49
CA SER A 218 21.82 37.15 -5.19
C SER A 218 21.83 36.09 -4.09
N ALA A 219 22.25 34.88 -4.43
CA ALA A 219 22.34 33.81 -3.45
C ALA A 219 23.56 34.01 -2.56
N LEU A 220 23.70 33.14 -1.57
CA LEU A 220 24.81 33.17 -0.63
C LEU A 220 25.50 31.82 -0.60
N GLU A 221 26.82 31.84 -0.46
CA GLU A 221 27.63 30.63 -0.47
C GLU A 221 28.11 30.30 0.93
N PRO A 222 28.03 29.05 1.36
CA PRO A 222 28.54 28.69 2.69
C PRO A 222 30.05 28.76 2.73
N LEU A 223 30.59 29.14 3.88
CA LEU A 223 32.02 29.24 4.07
C LEU A 223 32.49 28.42 5.28
N VAL A 224 31.69 28.41 6.34
CA VAL A 224 32.05 27.71 7.57
C VAL A 224 30.88 26.87 8.05
N ASP A 225 31.20 25.74 8.66
CA ASP A 225 30.22 24.76 9.14
C ASP A 225 30.59 24.31 10.55
N LEU A 226 30.85 25.27 11.43
CA LEU A 226 31.29 24.99 12.79
C LEU A 226 30.36 23.99 13.48
N PRO A 227 30.88 22.81 13.86
CA PRO A 227 30.03 21.82 14.52
C PRO A 227 29.86 22.01 16.02
N ILE A 228 30.20 23.19 16.55
CA ILE A 228 30.07 23.43 17.98
C ILE A 228 28.60 23.47 18.36
N GLY A 229 28.27 22.82 19.48
CA GLY A 229 26.90 22.79 19.95
C GLY A 229 26.67 23.71 21.14
N ILE A 230 25.91 24.77 20.93
CA ILE A 230 25.63 25.74 21.97
C ILE A 230 24.34 26.47 21.62
N ASN A 231 23.48 26.64 22.61
CA ASN A 231 22.23 27.36 22.40
C ASN A 231 22.50 28.84 22.18
N ILE A 232 21.88 29.40 21.15
CA ILE A 232 22.05 30.81 20.79
C ILE A 232 20.67 31.46 20.74
N THR A 233 20.50 32.53 21.51
CA THR A 233 19.23 33.26 21.55
C THR A 233 19.38 34.77 21.41
N ARG A 234 20.57 35.33 21.60
CA ARG A 234 20.78 36.76 21.53
C ARG A 234 21.84 37.10 20.49
N PHE A 235 21.68 38.26 19.86
CA PHE A 235 22.59 38.73 18.82
C PHE A 235 23.08 40.11 19.22
N GLN A 236 24.40 40.29 19.23
CA GLN A 236 25.02 41.57 19.52
C GLN A 236 26.03 41.90 18.43
N THR A 237 25.98 43.14 17.94
CA THR A 237 26.88 43.61 16.90
C THR A 237 27.85 44.62 17.49
N LEU A 238 28.86 44.99 16.68
CA LEU A 238 29.88 45.93 17.11
C LEU A 238 30.54 46.54 15.89
N LEU A 239 30.97 47.79 16.02
CA LEU A 239 31.62 48.52 14.94
C LEU A 239 33.04 48.89 15.33
N ALA A 240 33.88 49.07 14.31
CA ALA A 240 35.26 49.51 14.52
C ALA A 240 35.25 50.99 14.88
N LEU A 241 35.30 51.28 16.19
CA LEU A 241 35.23 52.65 16.67
C LEU A 241 36.39 53.49 16.18
N HIS A 242 37.60 53.17 16.64
CA HIS A 242 38.83 53.84 16.22
C HIS A 242 38.71 55.35 16.35
N ARG A 243 38.49 55.80 17.59
CA ARG A 243 38.42 57.24 17.84
C ARG A 243 39.80 57.88 17.78
N SER A 244 40.76 57.28 18.49
CA SER A 244 42.14 57.78 18.52
C SER A 244 42.20 59.24 18.98
N GLY A 258 26.20 59.65 7.07
CA GLY A 258 25.86 58.24 6.92
C GLY A 258 27.06 57.37 6.63
N ALA A 259 27.74 56.93 7.68
CA ALA A 259 28.92 56.08 7.51
C ALA A 259 28.50 54.67 7.06
N ALA A 260 27.69 53.99 7.86
CA ALA A 260 27.23 52.65 7.53
C ALA A 260 25.96 52.37 8.30
N ALA A 261 25.23 51.35 7.84
CA ALA A 261 24.00 50.92 8.49
C ALA A 261 23.79 49.44 8.19
N TYR A 262 23.63 48.64 9.23
CA TYR A 262 23.46 47.20 9.09
C TYR A 262 21.99 46.84 9.13
N TYR A 263 21.58 45.93 8.26
CA TYR A 263 20.20 45.43 8.24
C TYR A 263 20.16 44.05 8.86
N VAL A 264 19.21 43.84 9.77
CA VAL A 264 19.09 42.59 10.51
C VAL A 264 17.65 42.10 10.37
N GLY A 265 17.44 41.11 9.48
CA GLY A 265 16.15 40.50 9.31
C GLY A 265 15.95 39.31 10.22
N TYR A 266 14.87 38.57 9.96
CA TYR A 266 14.53 37.38 10.74
C TYR A 266 14.03 36.30 9.79
N LEU A 267 14.54 35.08 9.97
CA LEU A 267 14.15 33.98 9.12
C LEU A 267 12.89 33.30 9.65
N GLN A 268 12.17 32.65 8.74
CA GLN A 268 10.95 31.94 9.06
C GLN A 268 10.91 30.65 8.26
N PRO A 269 10.25 29.61 8.78
CA PRO A 269 10.12 28.35 8.03
C PRO A 269 9.12 28.47 6.88
N ARG A 270 9.62 28.50 5.64
CA ARG A 270 8.75 28.65 4.48
C ARG A 270 9.24 27.75 3.36
N THR A 271 8.42 27.67 2.31
CA THR A 271 8.73 26.90 1.11
C THR A 271 9.09 27.85 -0.02
N PHE A 272 10.18 27.55 -0.71
CA PHE A 272 10.68 28.37 -1.82
C PHE A 272 11.01 27.47 -3.00
N LEU A 273 10.60 27.89 -4.19
CA LEU A 273 10.91 27.19 -5.42
C LEU A 273 12.05 27.95 -6.12
N LEU A 274 13.21 27.31 -6.19
CA LEU A 274 14.41 27.92 -6.74
C LEU A 274 14.71 27.35 -8.12
N LYS A 275 15.24 28.21 -8.99
CA LYS A 275 15.63 27.82 -10.34
C LYS A 275 17.15 27.76 -10.42
N TYR A 276 17.68 26.60 -10.77
CA TYR A 276 19.12 26.42 -10.92
C TYR A 276 19.52 26.63 -12.38
N ASN A 277 20.64 27.32 -12.58
CA ASN A 277 21.14 27.58 -13.92
C ASN A 277 21.89 26.35 -14.45
N GLU A 278 22.26 26.41 -15.73
CA GLU A 278 23.02 25.30 -16.32
C GLU A 278 24.42 25.21 -15.74
N ASN A 279 24.96 26.29 -15.27
CA ASN A 279 26.28 26.20 -14.71
C ASN A 279 26.16 25.51 -13.37
N GLY A 280 25.16 25.87 -12.58
CA GLY A 280 25.01 25.28 -11.27
C GLY A 280 24.67 26.28 -10.18
N THR A 281 24.31 27.49 -10.57
CA THR A 281 23.95 28.55 -9.64
C THR A 281 22.47 28.85 -9.71
N ILE A 282 21.95 29.44 -8.63
CA ILE A 282 20.54 29.81 -8.57
C ILE A 282 20.36 31.18 -9.19
N THR A 283 19.48 31.26 -10.19
CA THR A 283 19.20 32.53 -10.86
C THR A 283 18.06 33.30 -10.20
N ASP A 284 17.03 32.60 -9.73
CA ASP A 284 15.89 33.25 -9.10
C ASP A 284 15.16 32.25 -8.22
N ALA A 285 14.23 32.77 -7.42
CA ALA A 285 13.46 31.97 -6.49
C ALA A 285 12.12 32.64 -6.25
N VAL A 286 11.10 31.82 -6.02
CA VAL A 286 9.73 32.29 -5.81
C VAL A 286 9.23 31.73 -4.49
N ASP A 287 8.68 32.60 -3.64
CA ASP A 287 8.07 32.18 -2.39
C ASP A 287 6.71 31.53 -2.67
N CYS A 288 6.13 30.95 -1.62
CA CYS A 288 4.83 30.28 -1.75
C CYS A 288 3.81 30.82 -0.75
N ALA A 289 4.11 31.92 -0.06
CA ALA A 289 3.18 32.49 0.90
C ALA A 289 3.15 34.02 0.82
N LEU A 290 3.38 34.57 -0.37
CA LEU A 290 3.39 36.01 -0.58
C LEU A 290 2.15 36.52 -1.30
N ASP A 291 1.72 35.84 -2.36
CA ASP A 291 0.55 36.23 -3.12
C ASP A 291 -0.01 35.00 -3.82
N PRO A 292 -1.29 35.02 -4.21
CA PRO A 292 -1.85 33.86 -4.91
C PRO A 292 -1.10 33.47 -6.17
N LEU A 293 -0.49 34.44 -6.86
CA LEU A 293 0.32 34.10 -8.02
C LEU A 293 1.53 33.27 -7.63
N SER A 294 2.13 33.58 -6.47
CA SER A 294 3.25 32.77 -5.98
C SER A 294 2.80 31.37 -5.61
N GLU A 295 1.61 31.24 -5.00
CA GLU A 295 1.09 29.92 -4.68
C GLU A 295 0.81 29.11 -5.94
N THR A 296 0.34 29.78 -7.00
CA THR A 296 0.12 29.09 -8.27
C THR A 296 1.44 28.66 -8.91
N LYS A 297 2.46 29.53 -8.84
CA LYS A 297 3.77 29.18 -9.37
C LYS A 297 4.47 28.12 -8.53
N CYS A 298 4.04 27.91 -7.28
CA CYS A 298 4.59 26.84 -6.46
C CYS A 298 3.87 25.52 -6.67
N THR A 299 2.53 25.54 -6.78
CA THR A 299 1.79 24.29 -6.95
C THR A 299 2.07 23.67 -8.32
N LEU A 300 2.53 24.45 -9.28
CA LEU A 300 2.92 23.97 -10.60
C LEU A 300 4.40 24.25 -10.79
N LYS A 301 5.16 23.20 -11.13
CA LYS A 301 6.61 23.34 -11.25
C LYS A 301 6.98 24.10 -12.52
N SER A 302 6.62 25.39 -12.57
CA SER A 302 6.94 26.25 -13.71
C SER A 302 6.67 27.69 -13.30
N PHE A 303 7.59 28.58 -13.65
CA PHE A 303 7.44 30.00 -13.36
C PHE A 303 6.61 30.73 -14.39
N THR A 304 6.11 30.03 -15.42
CA THR A 304 5.24 30.61 -16.42
C THR A 304 3.89 29.93 -16.35
N VAL A 305 2.91 30.59 -15.73
CA VAL A 305 1.58 30.06 -15.54
C VAL A 305 0.72 30.44 -16.73
N GLU A 306 0.03 29.45 -17.29
CA GLU A 306 -0.84 29.70 -18.43
C GLU A 306 -2.15 30.36 -17.98
N LYS A 307 -2.95 30.74 -18.96
CA LYS A 307 -4.22 31.41 -18.67
C LYS A 307 -5.26 30.39 -18.23
N GLY A 308 -5.88 30.64 -17.09
CA GLY A 308 -6.92 29.77 -16.60
C GLY A 308 -7.06 29.86 -15.09
N ILE A 309 -7.86 28.95 -14.55
CA ILE A 309 -8.11 28.86 -13.11
C ILE A 309 -7.47 27.58 -12.59
N TYR A 310 -6.69 27.70 -11.52
CA TYR A 310 -5.98 26.59 -10.92
C TYR A 310 -6.36 26.45 -9.46
N GLN A 311 -6.60 25.21 -9.03
CA GLN A 311 -6.99 24.93 -7.65
C GLN A 311 -5.74 24.87 -6.78
N THR A 312 -5.56 25.88 -5.92
CA THR A 312 -4.43 25.91 -5.01
C THR A 312 -4.84 25.26 -3.69
N SER A 313 -4.04 25.47 -2.64
CA SER A 313 -4.33 24.87 -1.34
C SER A 313 -5.63 25.43 -0.77
N ASN A 314 -6.18 24.71 0.21
CA ASN A 314 -7.43 25.05 0.85
C ASN A 314 -7.18 26.00 2.03
N PHE A 315 -8.17 26.84 2.31
CA PHE A 315 -8.10 27.77 3.42
C PHE A 315 -8.99 27.30 4.56
N ARG A 316 -8.60 27.65 5.78
CA ARG A 316 -9.32 27.27 6.98
C ARG A 316 -9.05 28.31 8.05
N VAL A 317 -10.12 28.92 8.56
CA VAL A 317 -9.98 29.97 9.58
C VAL A 317 -9.51 29.32 10.87
N GLN A 318 -8.33 29.72 11.35
CA GLN A 318 -7.80 29.18 12.58
C GLN A 318 -8.55 29.75 13.78
N PRO A 319 -8.68 28.99 14.86
CA PRO A 319 -9.37 29.50 16.05
C PRO A 319 -8.60 30.64 16.70
N THR A 320 -9.32 31.39 17.54
CA THR A 320 -8.76 32.53 18.25
C THR A 320 -8.67 32.30 19.76
N GLU A 321 -9.78 31.93 20.39
CA GLU A 321 -9.81 31.69 21.82
C GLU A 321 -9.73 30.18 22.09
N SER A 322 -9.74 29.82 23.37
CA SER A 322 -9.67 28.41 23.77
C SER A 322 -10.31 28.29 25.14
N ILE A 323 -11.43 27.56 25.22
CA ILE A 323 -12.16 27.36 26.46
C ILE A 323 -12.08 25.89 26.84
N VAL A 324 -11.92 25.62 28.14
CA VAL A 324 -11.87 24.27 28.68
C VAL A 324 -12.84 24.25 29.86
N ARG A 325 -14.07 23.78 29.62
CA ARG A 325 -15.12 23.79 30.62
C ARG A 325 -15.26 22.40 31.23
N PHE A 326 -14.85 22.27 32.48
CA PHE A 326 -14.98 21.06 33.28
C PHE A 326 -16.10 21.24 34.31
N PRO A 327 -16.49 20.15 34.99
CA PRO A 327 -17.55 20.40 35.97
C PRO A 327 -17.13 21.25 37.17
N ASN A 328 -18.08 21.74 37.98
CA ASN A 328 -17.79 22.55 39.16
C ASN A 328 -16.85 21.82 40.05
N ILE A 329 -17.28 20.64 40.43
CA ILE A 329 -16.62 19.88 41.47
C ILE A 329 -15.19 20.30 41.67
N THR A 330 -14.91 20.84 42.84
CA THR A 330 -13.56 21.29 43.18
C THR A 330 -13.27 20.84 44.62
N ASN A 331 -12.58 19.72 44.75
CA ASN A 331 -12.21 19.17 46.06
C ASN A 331 -11.01 18.26 45.86
N LEU A 332 -10.69 17.47 46.88
CA LEU A 332 -9.62 16.50 46.83
C LEU A 332 -10.18 15.08 46.71
N CYS A 333 -9.35 14.17 46.23
CA CYS A 333 -9.74 12.79 46.06
C CYS A 333 -8.97 11.92 47.05
N PRO A 334 -9.63 10.90 47.62
CA PRO A 334 -8.95 10.08 48.65
C PRO A 334 -7.82 9.24 48.07
N PHE A 335 -6.59 9.59 48.41
CA PHE A 335 -5.41 8.83 48.03
C PHE A 335 -4.53 8.50 49.22
N ASP A 336 -4.42 9.39 50.21
CA ASP A 336 -3.63 9.11 51.39
C ASP A 336 -4.29 8.08 52.30
N GLU A 337 -5.60 7.92 52.20
CA GLU A 337 -6.33 6.90 52.96
C GLU A 337 -6.62 5.66 52.13
N VAL A 338 -6.10 5.58 50.91
CA VAL A 338 -6.28 4.44 50.03
C VAL A 338 -4.95 3.77 49.70
N PHE A 339 -3.95 4.56 49.31
CA PHE A 339 -2.63 4.02 49.01
C PHE A 339 -1.94 3.52 50.28
N ASN A 340 -1.98 4.33 51.35
CA ASN A 340 -1.37 3.98 52.62
C ASN A 340 -2.48 3.88 53.67
N ALA A 341 -3.03 2.68 53.82
CA ALA A 341 -4.04 2.39 54.83
C ALA A 341 -3.36 2.16 56.18
N THR A 342 -4.10 1.57 57.13
CA THR A 342 -3.53 1.20 58.43
C THR A 342 -2.25 0.42 58.23
N ARG A 343 -2.34 -0.78 57.65
CA ARG A 343 -1.17 -1.46 57.11
C ARG A 343 -1.27 -1.61 55.60
N PHE A 344 -2.28 -2.29 55.09
CA PHE A 344 -2.65 -2.33 53.68
C PHE A 344 -3.86 -3.24 53.49
N ALA A 345 -4.37 -3.31 52.27
CA ALA A 345 -5.38 -4.30 51.92
C ALA A 345 -4.73 -5.68 51.79
N SER A 346 -5.55 -6.70 51.53
CA SER A 346 -5.07 -8.06 51.43
C SER A 346 -4.97 -8.49 49.97
N VAL A 347 -4.25 -9.60 49.75
CA VAL A 347 -4.10 -10.14 48.40
C VAL A 347 -5.36 -10.89 47.98
N TYR A 348 -5.71 -11.94 48.72
CA TYR A 348 -6.91 -12.69 48.41
C TYR A 348 -8.18 -11.92 48.72
N ALA A 349 -8.13 -10.97 49.65
CA ALA A 349 -9.28 -10.17 50.06
C ALA A 349 -9.14 -8.73 49.59
N TRP A 350 -8.66 -8.55 48.36
CA TRP A 350 -8.49 -7.20 47.81
C TRP A 350 -9.82 -6.47 47.75
N ASN A 351 -9.89 -5.33 48.43
CA ASN A 351 -11.10 -4.54 48.51
C ASN A 351 -11.08 -3.45 47.44
N ARG A 352 -12.27 -3.01 47.06
CA ARG A 352 -12.43 -1.98 46.04
C ARG A 352 -13.43 -0.95 46.54
N LYS A 353 -13.07 0.33 46.47
CA LYS A 353 -13.91 1.42 46.93
C LYS A 353 -13.99 2.47 45.84
N ARG A 354 -15.20 2.73 45.35
CA ARG A 354 -15.39 3.73 44.32
C ARG A 354 -15.25 5.13 44.90
N ILE A 355 -14.47 5.98 44.23
CA ILE A 355 -14.26 7.36 44.63
C ILE A 355 -14.80 8.24 43.52
N SER A 356 -16.00 8.78 43.71
CA SER A 356 -16.65 9.65 42.74
C SER A 356 -16.82 11.05 43.31
N ASN A 357 -17.23 11.97 42.44
CA ASN A 357 -17.45 13.37 42.79
C ASN A 357 -16.21 13.98 43.43
N CYS A 358 -15.05 13.71 42.84
CA CYS A 358 -13.78 14.22 43.34
C CYS A 358 -13.00 14.84 42.19
N VAL A 359 -11.85 15.43 42.53
CA VAL A 359 -10.94 16.01 41.55
C VAL A 359 -9.58 15.34 41.77
N ALA A 360 -9.11 14.63 40.75
CA ALA A 360 -7.85 13.90 40.87
C ALA A 360 -6.67 14.87 40.76
N ASP A 361 -5.53 14.45 41.32
CA ASP A 361 -4.31 15.23 41.26
C ASP A 361 -3.13 14.27 41.39
N TYR A 362 -2.50 13.95 40.27
CA TYR A 362 -1.35 13.05 40.28
C TYR A 362 -0.04 13.75 40.61
N SER A 363 -0.05 15.06 40.81
CA SER A 363 1.17 15.77 41.16
C SER A 363 1.69 15.34 42.53
N VAL A 364 0.77 15.20 43.50
CA VAL A 364 1.18 14.74 44.83
C VAL A 364 1.55 13.27 44.79
N LEU A 365 0.92 12.49 43.91
CA LEU A 365 1.24 11.07 43.80
C LEU A 365 2.58 10.84 43.12
N TYR A 366 3.04 11.77 42.29
CA TYR A 366 4.34 11.62 41.63
C TYR A 366 5.48 11.61 42.64
N ASN A 367 5.36 12.42 43.70
CA ASN A 367 6.39 12.48 44.75
C ASN A 367 6.10 11.45 45.84
N LEU A 368 6.05 10.18 45.41
CA LEU A 368 5.76 9.08 46.30
C LEU A 368 7.06 8.51 46.86
N ALA A 369 6.97 7.35 47.52
CA ALA A 369 8.15 6.71 48.09
C ALA A 369 9.08 6.24 46.96
N PRO A 370 10.36 6.00 47.29
CA PRO A 370 11.29 5.48 46.28
C PRO A 370 10.82 4.15 45.71
N PHE A 371 11.50 3.73 44.65
CA PHE A 371 11.12 2.54 43.88
C PHE A 371 9.69 2.68 43.36
N PHE A 372 9.48 3.70 42.53
CA PHE A 372 8.18 4.06 41.99
C PHE A 372 8.14 3.65 40.53
N THR A 373 7.40 2.58 40.24
CA THR A 373 7.24 2.07 38.88
C THR A 373 5.83 2.43 38.42
N PHE A 374 5.73 3.45 37.57
CA PHE A 374 4.43 3.87 37.05
C PHE A 374 3.78 2.77 36.22
N LYS A 375 4.41 2.42 35.09
CA LYS A 375 4.00 1.30 34.25
C LYS A 375 2.51 1.37 33.91
N CYS A 376 2.11 2.47 33.29
CA CYS A 376 0.74 2.64 32.85
C CYS A 376 0.54 1.99 31.49
N TYR A 377 -0.63 1.38 31.31
CA TYR A 377 -0.99 0.70 30.07
C TYR A 377 -2.19 1.39 29.45
N GLY A 378 -2.12 1.64 28.14
CA GLY A 378 -3.20 2.27 27.42
C GLY A 378 -3.32 3.77 27.61
N VAL A 379 -2.66 4.34 28.61
CA VAL A 379 -2.70 5.76 28.89
C VAL A 379 -1.27 6.29 28.94
N SER A 380 -1.15 7.60 29.14
CA SER A 380 0.14 8.26 29.23
C SER A 380 0.29 8.90 30.60
N PRO A 381 1.43 8.72 31.28
CA PRO A 381 1.57 9.30 32.63
C PRO A 381 1.54 10.82 32.63
N THR A 382 1.99 11.47 31.55
CA THR A 382 2.01 12.92 31.54
C THR A 382 0.61 13.50 31.39
N LYS A 383 -0.26 12.83 30.64
CA LYS A 383 -1.62 13.30 30.41
C LYS A 383 -2.61 12.84 31.47
N LEU A 384 -2.13 12.24 32.56
CA LEU A 384 -3.05 11.80 33.62
C LEU A 384 -3.67 12.99 34.35
N ASN A 385 -2.89 14.05 34.56
CA ASN A 385 -3.40 15.22 35.26
C ASN A 385 -4.41 16.00 34.44
N ASP A 386 -4.35 15.90 33.11
CA ASP A 386 -5.27 16.61 32.23
C ASP A 386 -6.49 15.79 31.85
N LEU A 387 -6.38 14.47 31.86
CA LEU A 387 -7.50 13.62 31.45
C LEU A 387 -8.59 13.65 32.51
N CYS A 388 -9.84 13.79 32.04
CA CYS A 388 -11.01 13.82 32.90
C CYS A 388 -11.66 12.45 32.85
N PHE A 389 -11.16 11.55 33.71
CA PHE A 389 -11.63 10.16 33.69
C PHE A 389 -13.08 10.07 34.15
N THR A 390 -13.79 9.10 33.57
CA THR A 390 -15.20 8.90 33.91
C THR A 390 -15.34 8.06 35.18
N ASN A 391 -14.85 6.83 35.15
CA ASN A 391 -14.93 5.92 36.30
C ASN A 391 -13.55 5.44 36.68
N VAL A 392 -13.36 5.17 37.97
CA VAL A 392 -12.08 4.69 38.50
C VAL A 392 -12.36 3.61 39.53
N TYR A 393 -11.48 2.60 39.56
CA TYR A 393 -11.55 1.54 40.55
C TYR A 393 -10.16 1.30 41.12
N ALA A 394 -10.11 1.01 42.41
CA ALA A 394 -8.84 0.89 43.13
C ALA A 394 -8.76 -0.45 43.82
N ASP A 395 -7.76 -1.25 43.44
CA ASP A 395 -7.44 -2.48 44.14
C ASP A 395 -6.06 -2.35 44.79
N SER A 396 -5.79 -3.20 45.77
CA SER A 396 -4.55 -3.09 46.54
C SER A 396 -4.19 -4.45 47.10
N PHE A 397 -2.89 -4.77 47.11
CA PHE A 397 -2.41 -6.03 47.67
C PHE A 397 -0.96 -5.87 48.10
N VAL A 398 -0.47 -6.88 48.81
CA VAL A 398 0.86 -6.83 49.41
C VAL A 398 1.78 -7.85 48.73
N ILE A 399 1.52 -8.13 47.45
CA ILE A 399 2.39 -9.03 46.72
C ILE A 399 3.80 -8.44 46.67
N ARG A 400 4.80 -9.31 46.67
CA ARG A 400 6.19 -8.89 46.83
C ARG A 400 7.07 -9.64 45.84
N GLY A 401 8.35 -9.27 45.81
CA GLY A 401 9.32 -9.93 44.96
C GLY A 401 9.28 -9.43 43.52
N ASP A 402 10.08 -10.09 42.69
CA ASP A 402 10.09 -9.80 41.26
C ASP A 402 8.76 -10.12 40.59
N GLU A 403 7.89 -10.87 41.25
CA GLU A 403 6.55 -11.10 40.72
C GLU A 403 5.74 -9.83 40.66
N VAL A 404 6.10 -8.81 41.44
CA VAL A 404 5.49 -7.48 41.29
C VAL A 404 5.78 -6.93 39.90
N ARG A 405 7.04 -7.03 39.46
CA ARG A 405 7.37 -6.67 38.09
C ARG A 405 6.70 -7.61 37.10
N GLN A 406 6.54 -8.89 37.47
CA GLN A 406 5.88 -9.83 36.58
C GLN A 406 4.38 -9.54 36.45
N ILE A 407 3.82 -8.77 37.38
CA ILE A 407 2.41 -8.38 37.29
C ILE A 407 2.26 -7.46 36.08
N ALA A 408 1.57 -7.95 35.05
CA ALA A 408 1.42 -7.25 33.78
C ALA A 408 0.34 -7.96 32.96
N PRO A 409 -0.18 -7.33 31.89
CA PRO A 409 -1.12 -8.05 31.03
C PRO A 409 -0.46 -9.24 30.35
N GLY A 410 -0.89 -10.45 30.72
CA GLY A 410 -0.23 -11.65 30.29
C GLY A 410 0.94 -12.00 31.20
N GLN A 411 1.97 -12.63 30.64
CA GLN A 411 3.18 -13.00 31.39
C GLN A 411 2.83 -13.83 32.63
N THR A 412 2.12 -14.93 32.40
CA THR A 412 1.71 -15.79 33.52
C THR A 412 2.93 -16.46 34.16
N GLY A 413 3.03 -16.31 35.47
CA GLY A 413 4.13 -16.87 36.24
C GLY A 413 3.61 -17.85 37.29
N ASN A 414 4.41 -18.01 38.34
CA ASN A 414 4.04 -18.92 39.42
C ASN A 414 3.25 -18.25 40.52
N ILE A 415 3.22 -16.91 40.56
CA ILE A 415 2.49 -16.16 41.57
C ILE A 415 1.38 -15.32 40.95
N ALA A 416 1.65 -14.70 39.80
CA ALA A 416 0.67 -13.80 39.17
C ALA A 416 -0.61 -14.50 38.73
N ASP A 417 -0.66 -15.83 38.77
CA ASP A 417 -1.86 -16.53 38.34
C ASP A 417 -2.97 -16.39 39.37
N TYR A 418 -2.74 -16.87 40.60
CA TYR A 418 -3.76 -16.92 41.63
C TYR A 418 -3.61 -15.81 42.67
N ASN A 419 -3.08 -14.65 42.26
CA ASN A 419 -2.97 -13.50 43.15
C ASN A 419 -3.78 -12.31 42.68
N TYR A 420 -3.62 -11.91 41.42
CA TYR A 420 -4.38 -10.81 40.85
C TYR A 420 -4.28 -10.88 39.33
N LYS A 421 -5.37 -10.51 38.66
CA LYS A 421 -5.43 -10.56 37.21
C LYS A 421 -6.49 -9.59 36.73
N LEU A 422 -6.22 -8.95 35.59
CA LEU A 422 -7.10 -7.97 34.97
C LEU A 422 -7.53 -8.47 33.59
N PRO A 423 -8.59 -7.91 33.02
CA PRO A 423 -8.92 -8.22 31.63
C PRO A 423 -7.81 -7.79 30.69
N ASP A 424 -7.87 -8.27 29.46
CA ASP A 424 -6.80 -8.01 28.49
C ASP A 424 -6.96 -6.65 27.82
N ASP A 425 -7.15 -5.62 28.64
CA ASP A 425 -7.10 -4.23 28.19
C ASP A 425 -6.21 -3.37 29.08
N PHE A 426 -6.26 -3.58 30.39
CA PHE A 426 -5.48 -2.83 31.37
C PHE A 426 -5.53 -1.33 31.09
N THR A 427 -6.76 -0.79 31.11
CA THR A 427 -6.98 0.64 30.88
C THR A 427 -6.77 1.39 32.20
N GLY A 428 -5.53 1.38 32.65
CA GLY A 428 -5.19 2.04 33.90
C GLY A 428 -3.72 1.96 34.20
N CYS A 429 -3.38 2.13 35.47
CA CYS A 429 -1.99 2.11 35.93
C CYS A 429 -1.85 1.18 37.14
N VAL A 430 -0.61 0.88 37.49
CA VAL A 430 -0.29 0.01 38.60
C VAL A 430 0.92 0.59 39.32
N ILE A 431 0.71 1.06 40.55
CA ILE A 431 1.76 1.64 41.37
C ILE A 431 2.28 0.56 42.32
N ALA A 432 3.59 0.58 42.57
CA ALA A 432 4.19 -0.38 43.49
C ALA A 432 5.35 0.29 44.20
N TRP A 433 5.53 -0.07 45.48
CA TRP A 433 6.61 0.52 46.25
C TRP A 433 7.13 -0.49 47.25
N ASN A 434 8.44 -0.41 47.51
CA ASN A 434 9.12 -1.33 48.42
C ASN A 434 8.79 -0.95 49.87
N SER A 435 7.99 -1.78 50.53
CA SER A 435 7.64 -1.59 51.94
C SER A 435 8.55 -2.42 52.83
N ASN A 436 9.85 -2.17 52.72
CA ASN A 436 10.83 -2.92 53.51
C ASN A 436 10.73 -2.52 54.98
N LYS A 437 10.97 -1.24 55.29
CA LYS A 437 10.89 -0.75 56.65
C LYS A 437 9.47 -0.41 57.09
N LEU A 438 8.50 -0.47 56.18
CA LEU A 438 7.12 -0.11 56.53
C LEU A 438 6.38 -1.31 57.12
N ASP A 439 6.32 -2.41 56.37
CA ASP A 439 5.59 -3.61 56.77
C ASP A 439 6.52 -4.76 57.12
N SER A 440 7.63 -4.46 57.80
CA SER A 440 8.57 -5.48 58.22
C SER A 440 7.94 -6.32 59.33
N LYS A 441 7.50 -7.53 58.99
CA LYS A 441 6.85 -8.42 59.94
C LYS A 441 7.50 -9.79 59.84
N VAL A 442 7.97 -10.32 60.98
CA VAL A 442 8.62 -11.62 60.99
C VAL A 442 7.59 -12.73 61.02
N SER A 443 6.65 -12.66 61.97
CA SER A 443 5.62 -13.68 62.14
C SER A 443 4.22 -13.14 61.90
N GLY A 444 4.09 -12.15 61.02
CA GLY A 444 2.79 -11.59 60.70
C GLY A 444 2.15 -12.22 59.49
N ASN A 445 2.30 -13.55 59.35
CA ASN A 445 1.80 -14.26 58.19
C ASN A 445 0.28 -14.42 58.19
N TYR A 446 -0.39 -14.05 59.28
CA TYR A 446 -1.85 -14.20 59.34
C TYR A 446 -2.53 -13.26 58.36
N ASN A 447 -1.92 -12.11 58.08
CA ASN A 447 -2.48 -11.17 57.12
C ASN A 447 -1.84 -11.28 55.74
N TYR A 448 -0.67 -11.92 55.64
CA TYR A 448 0.01 -12.09 54.35
C TYR A 448 -0.33 -13.46 53.76
N LEU A 449 -1.59 -13.58 53.34
CA LEU A 449 -2.08 -14.83 52.80
C LEU A 449 -1.65 -15.00 51.35
N TYR A 450 -1.48 -16.26 50.94
CA TYR A 450 -1.04 -16.59 49.59
C TYR A 450 -1.69 -17.90 49.18
N ARG A 451 -2.32 -17.91 48.00
CA ARG A 451 -2.99 -19.10 47.49
C ARG A 451 -2.10 -19.83 46.49
N LEU A 452 -2.54 -21.03 46.11
CA LEU A 452 -1.77 -21.88 45.20
C LEU A 452 -2.71 -22.79 44.43
N PHE A 453 -2.22 -23.26 43.28
CA PHE A 453 -2.90 -24.21 42.40
C PHE A 453 -4.40 -23.93 42.28
N ARG A 454 -4.72 -22.69 41.93
CA ARG A 454 -6.12 -22.31 41.76
C ARG A 454 -6.69 -22.99 40.52
N LYS A 455 -7.92 -23.50 40.65
CA LYS A 455 -8.52 -24.30 39.57
C LYS A 455 -8.92 -23.46 38.37
N SER A 456 -9.13 -22.16 38.54
CA SER A 456 -9.54 -21.28 37.45
C SER A 456 -8.49 -20.23 37.11
N ASN A 457 -7.32 -20.30 37.74
CA ASN A 457 -6.22 -19.37 37.49
C ASN A 457 -6.60 -17.93 37.79
N LEU A 458 -7.64 -17.73 38.59
CA LEU A 458 -8.10 -16.41 39.03
C LEU A 458 -8.34 -15.49 37.83
N LYS A 459 -9.37 -15.87 37.06
CA LYS A 459 -9.84 -15.04 35.95
C LYS A 459 -10.18 -13.64 36.46
N PRO A 460 -10.08 -12.60 35.61
CA PRO A 460 -10.32 -11.23 36.06
C PRO A 460 -11.55 -11.03 36.93
N PHE A 461 -11.33 -10.55 38.15
CA PHE A 461 -12.40 -10.18 39.10
C PHE A 461 -13.30 -11.39 39.39
N GLU A 462 -12.68 -12.39 40.03
CA GLU A 462 -13.38 -13.62 40.39
C GLU A 462 -13.67 -13.73 41.88
N ARG A 463 -13.17 -12.80 42.70
CA ARG A 463 -13.42 -12.78 44.14
C ARG A 463 -12.95 -14.08 44.79
N ASP A 464 -11.62 -14.25 44.77
CA ASP A 464 -10.95 -15.47 45.18
C ASP A 464 -10.87 -15.65 46.69
N ILE A 465 -11.68 -14.93 47.47
CA ILE A 465 -11.67 -15.06 48.92
C ILE A 465 -12.00 -16.48 49.40
N SER A 466 -12.47 -17.35 48.51
CA SER A 466 -12.78 -18.72 48.88
C SER A 466 -11.52 -19.46 49.32
N THR A 467 -11.64 -20.24 50.40
CA THR A 467 -10.51 -20.96 50.97
C THR A 467 -10.81 -22.44 51.20
N GLU A 468 -11.81 -22.99 50.53
CA GLU A 468 -12.14 -24.40 50.73
C GLU A 468 -11.08 -25.29 50.09
N ILE A 469 -11.06 -26.55 50.52
CA ILE A 469 -10.10 -27.53 50.04
C ILE A 469 -10.68 -28.22 48.81
N TYR A 470 -9.83 -28.50 47.83
CA TYR A 470 -10.26 -29.16 46.60
C TYR A 470 -10.46 -30.66 46.85
N GLN A 471 -10.84 -31.37 45.79
CA GLN A 471 -11.07 -32.81 45.87
C GLN A 471 -10.92 -33.39 44.48
N ALA A 472 -9.91 -34.24 44.29
CA ALA A 472 -9.64 -34.86 43.00
C ALA A 472 -10.37 -36.19 42.83
N GLY A 473 -11.68 -36.16 43.04
CA GLY A 473 -12.50 -37.36 42.89
C GLY A 473 -12.37 -38.33 44.05
N ASN A 474 -11.92 -39.54 43.75
CA ASN A 474 -11.79 -40.60 44.75
C ASN A 474 -10.41 -40.51 45.42
N LYS A 475 -10.27 -39.52 46.30
CA LYS A 475 -9.05 -39.31 47.06
C LYS A 475 -9.38 -39.34 48.54
N PRO A 476 -8.82 -40.28 49.31
CA PRO A 476 -9.15 -40.39 50.76
C PRO A 476 -8.40 -39.36 51.61
N CYS A 477 -8.75 -38.09 51.42
CA CYS A 477 -8.18 -37.01 52.21
C CYS A 477 -9.23 -36.31 53.08
N ASN A 478 -10.31 -35.82 52.47
CA ASN A 478 -11.41 -35.14 53.15
C ASN A 478 -10.92 -34.20 54.26
N GLY A 479 -9.99 -33.32 53.88
CA GLY A 479 -9.48 -32.34 54.82
C GLY A 479 -7.98 -32.42 55.07
N VAL A 480 -7.45 -33.64 55.17
CA VAL A 480 -6.04 -33.83 55.43
C VAL A 480 -5.25 -33.57 54.15
N ALA A 481 -3.93 -33.44 54.28
CA ALA A 481 -3.07 -33.13 53.14
C ALA A 481 -2.86 -34.35 52.24
N GLY A 482 -3.95 -34.76 51.59
CA GLY A 482 -3.88 -35.86 50.65
C GLY A 482 -3.40 -35.40 49.28
N PHE A 483 -3.24 -36.37 48.38
CA PHE A 483 -2.77 -36.07 47.04
C PHE A 483 -3.80 -35.23 46.29
N ASN A 484 -3.37 -34.04 45.87
CA ASN A 484 -4.21 -33.06 45.18
C ASN A 484 -5.37 -32.57 46.05
N CYS A 485 -5.24 -32.65 47.37
CA CYS A 485 -6.26 -32.13 48.28
C CYS A 485 -5.55 -31.64 49.55
N TYR A 486 -5.26 -30.35 49.59
CA TYR A 486 -4.70 -29.71 50.77
C TYR A 486 -4.97 -28.22 50.69
N PHE A 487 -4.76 -27.54 51.81
CA PHE A 487 -5.03 -26.11 51.88
C PHE A 487 -3.97 -25.33 51.10
N PRO A 488 -4.38 -24.44 50.18
CA PRO A 488 -3.40 -23.66 49.41
C PRO A 488 -2.80 -22.50 50.19
N LEU A 489 -3.21 -22.29 51.43
CA LEU A 489 -2.70 -21.17 52.22
C LEU A 489 -1.24 -21.40 52.57
N ARG A 490 -0.35 -20.57 52.02
CA ARG A 490 1.07 -20.65 52.29
C ARG A 490 1.54 -19.69 53.36
N SER A 491 1.06 -18.45 53.34
CA SER A 491 1.32 -17.44 54.37
C SER A 491 2.83 -17.21 54.54
N TYR A 492 3.43 -16.68 53.47
CA TYR A 492 4.85 -16.35 53.52
C TYR A 492 5.10 -15.22 54.52
N SER A 493 6.37 -15.08 54.90
CA SER A 493 6.78 -14.11 55.90
C SER A 493 7.65 -13.03 55.28
N PHE A 494 7.67 -11.87 55.94
CA PHE A 494 8.49 -10.73 55.52
C PHE A 494 9.75 -10.59 56.35
N ARG A 495 10.36 -11.72 56.74
CA ARG A 495 11.56 -11.66 57.56
C ARG A 495 12.68 -10.93 56.80
N PRO A 496 13.46 -10.09 57.48
CA PRO A 496 14.54 -9.38 56.78
C PRO A 496 15.63 -10.29 56.25
N THR A 497 15.75 -11.51 56.78
CA THR A 497 16.77 -12.44 56.30
C THR A 497 16.49 -12.94 54.88
N TYR A 498 15.29 -12.71 54.37
CA TYR A 498 14.96 -13.14 53.00
C TYR A 498 15.75 -12.33 51.99
N GLY A 499 16.09 -12.97 50.87
CA GLY A 499 16.90 -12.35 49.85
C GLY A 499 16.17 -11.24 49.11
N VAL A 500 16.85 -10.71 48.09
CA VAL A 500 16.29 -9.63 47.30
C VAL A 500 15.13 -10.11 46.44
N GLY A 501 15.09 -11.40 46.10
CA GLY A 501 14.04 -11.92 45.25
C GLY A 501 12.66 -11.91 45.86
N HIS A 502 12.57 -11.69 47.18
CA HIS A 502 11.29 -11.67 47.88
C HIS A 502 11.24 -10.52 48.88
N GLN A 503 11.69 -9.33 48.46
CA GLN A 503 11.60 -8.17 49.32
C GLN A 503 10.15 -7.69 49.42
N PRO A 504 9.70 -7.32 50.62
CA PRO A 504 8.28 -6.96 50.81
C PRO A 504 7.91 -5.71 50.03
N TYR A 505 6.95 -5.86 49.12
CA TYR A 505 6.44 -4.76 48.30
C TYR A 505 4.95 -4.58 48.57
N ARG A 506 4.43 -3.44 48.11
CA ARG A 506 3.01 -3.14 48.20
C ARG A 506 2.56 -2.53 46.89
N VAL A 507 1.47 -3.05 46.32
CA VAL A 507 1.02 -2.69 44.99
C VAL A 507 -0.43 -2.23 45.06
N VAL A 508 -0.77 -1.24 44.24
CA VAL A 508 -2.13 -0.73 44.12
C VAL A 508 -2.43 -0.49 42.64
N VAL A 509 -3.53 -1.07 42.17
CA VAL A 509 -3.93 -0.97 40.77
C VAL A 509 -5.09 0.02 40.65
N LEU A 510 -4.93 1.00 39.76
CA LEU A 510 -5.97 1.99 39.48
C LEU A 510 -6.47 1.75 38.07
N SER A 511 -7.66 1.18 37.95
CA SER A 511 -8.25 0.85 36.65
C SER A 511 -9.21 1.98 36.27
N PHE A 512 -8.97 2.57 35.09
CA PHE A 512 -9.81 3.65 34.60
C PHE A 512 -10.80 3.15 33.55
N GLU A 513 -11.91 3.87 33.43
CA GLU A 513 -12.95 3.54 32.46
C GLU A 513 -13.48 4.83 31.87
N LEU A 514 -13.34 4.99 30.56
CA LEU A 514 -13.82 6.16 29.83
C LEU A 514 -15.00 5.75 28.97
N LEU A 515 -16.14 6.42 29.17
CA LEU A 515 -17.35 6.14 28.40
C LEU A 515 -18.20 7.39 28.36
N HIS A 516 -19.43 7.23 27.87
CA HIS A 516 -20.38 8.33 27.73
C HIS A 516 -21.06 8.71 29.04
N ALA A 517 -20.67 8.09 30.15
CA ALA A 517 -21.26 8.40 31.44
C ALA A 517 -20.71 9.72 31.97
N PRO A 518 -21.45 10.39 32.86
CA PRO A 518 -20.95 11.64 33.44
C PRO A 518 -19.64 11.42 34.19
N ALA A 519 -18.59 12.10 33.75
CA ALA A 519 -17.28 11.94 34.35
C ALA A 519 -17.25 12.47 35.77
N THR A 520 -16.60 11.72 36.66
CA THR A 520 -16.47 12.11 38.05
C THR A 520 -15.03 12.26 38.52
N VAL A 521 -14.05 11.89 37.68
CA VAL A 521 -12.64 12.00 38.03
C VAL A 521 -12.01 12.94 37.01
N CYS A 522 -11.97 14.23 37.37
CA CYS A 522 -11.48 15.27 36.47
C CYS A 522 -10.21 15.89 37.04
N GLY A 523 -9.41 16.48 36.15
CA GLY A 523 -8.17 17.12 36.55
C GLY A 523 -8.33 18.61 36.74
N PRO A 524 -7.44 19.20 37.54
CA PRO A 524 -7.50 20.66 37.77
C PRO A 524 -7.10 21.41 36.51
N LYS A 525 -8.02 22.24 36.01
CA LYS A 525 -7.78 22.99 34.78
C LYS A 525 -8.19 24.46 34.86
N LYS A 526 -8.88 24.87 35.92
CA LYS A 526 -9.35 26.26 36.08
C LYS A 526 -10.24 26.65 34.91
N SER A 527 -11.41 26.00 34.87
CA SER A 527 -12.35 26.19 33.77
C SER A 527 -12.75 27.66 33.64
N THR A 528 -12.69 28.17 32.41
CA THR A 528 -13.04 29.54 32.12
C THR A 528 -14.52 29.64 31.78
N ASN A 529 -14.96 30.79 31.30
CA ASN A 529 -16.35 31.00 30.94
C ASN A 529 -16.66 30.35 29.60
N LEU A 530 -17.90 30.53 29.14
CA LEU A 530 -18.37 29.97 27.88
C LEU A 530 -18.54 31.10 26.87
N VAL A 531 -17.83 31.00 25.75
CA VAL A 531 -17.92 32.00 24.70
C VAL A 531 -19.15 31.73 23.84
N LYS A 532 -19.54 32.71 23.03
CA LYS A 532 -20.69 32.57 22.16
C LYS A 532 -20.26 31.86 20.88
N ASN A 533 -21.13 31.86 19.86
CA ASN A 533 -20.82 31.23 18.59
C ASN A 533 -19.63 31.89 17.92
N LYS A 534 -18.50 31.18 17.84
CA LYS A 534 -17.28 31.71 17.25
C LYS A 534 -16.33 30.54 16.98
N CYS A 535 -15.47 30.73 15.98
CA CYS A 535 -14.49 29.72 15.61
C CYS A 535 -13.41 29.67 16.68
N VAL A 536 -13.58 28.79 17.67
CA VAL A 536 -12.68 28.67 18.80
C VAL A 536 -12.45 27.20 19.12
N ASN A 537 -11.62 26.96 20.13
CA ASN A 537 -11.29 25.62 20.60
C ASN A 537 -12.19 25.25 21.77
N PHE A 538 -12.70 24.02 21.75
CA PHE A 538 -13.49 23.49 22.85
C PHE A 538 -12.82 22.24 23.41
N ASN A 539 -12.90 22.07 24.73
CA ASN A 539 -12.29 20.96 25.43
C ASN A 539 -13.26 20.42 26.48
N PHE A 540 -14.52 20.25 26.11
CA PHE A 540 -15.56 19.83 27.05
C PHE A 540 -15.32 18.38 27.47
N ASN A 541 -14.94 18.19 28.73
CA ASN A 541 -14.75 16.87 29.34
C ASN A 541 -13.73 16.02 28.57
N GLY A 542 -12.74 16.65 27.96
CA GLY A 542 -11.72 15.96 27.19
C GLY A 542 -12.02 15.89 25.70
N LEU A 543 -13.22 16.26 25.28
CA LEU A 543 -13.60 16.23 23.86
C LEU A 543 -12.95 17.44 23.20
N LYS A 544 -11.66 17.29 22.90
CA LYS A 544 -10.91 18.37 22.28
C LYS A 544 -11.31 18.55 20.82
N GLY A 545 -11.40 19.80 20.39
CA GLY A 545 -11.70 20.07 19.00
C GLY A 545 -11.77 21.56 18.76
N THR A 546 -11.99 21.89 17.48
CA THR A 546 -12.16 23.28 17.04
C THR A 546 -13.49 23.41 16.32
N GLY A 547 -14.04 24.61 16.33
CA GLY A 547 -15.27 24.88 15.61
C GLY A 547 -16.07 25.98 16.28
N VAL A 548 -17.36 26.01 15.95
CA VAL A 548 -18.29 27.01 16.46
C VAL A 548 -19.33 26.32 17.31
N LEU A 549 -19.59 26.88 18.49
CA LEU A 549 -20.58 26.35 19.44
C LEU A 549 -21.81 27.25 19.36
N THR A 550 -22.83 26.80 18.64
CA THR A 550 -24.04 27.59 18.44
C THR A 550 -25.17 27.03 19.30
N GLU A 551 -26.23 27.82 19.41
CA GLU A 551 -27.39 27.42 20.18
C GLU A 551 -28.15 26.32 19.43
N SER A 552 -28.26 25.15 20.05
CA SER A 552 -28.91 24.00 19.44
C SER A 552 -30.34 23.87 19.94
N ASN A 553 -31.21 23.40 19.04
CA ASN A 553 -32.61 23.18 19.35
C ASN A 553 -32.95 21.69 19.49
N LYS A 554 -31.93 20.84 19.63
CA LYS A 554 -32.17 19.41 19.78
C LYS A 554 -32.75 19.11 21.14
N LYS A 555 -33.71 18.18 21.17
CA LYS A 555 -34.38 17.79 22.41
C LYS A 555 -33.66 16.58 23.01
N PHE A 556 -32.58 16.87 23.71
CA PHE A 556 -31.80 15.81 24.36
C PHE A 556 -32.59 15.19 25.50
N LEU A 557 -32.44 13.89 25.66
CA LEU A 557 -33.07 13.18 26.76
C LEU A 557 -32.41 13.58 28.09
N PRO A 558 -33.13 13.45 29.21
CA PRO A 558 -32.56 13.84 30.50
C PRO A 558 -31.34 13.03 30.93
N PHE A 559 -30.90 12.05 30.15
CA PHE A 559 -29.72 11.25 30.49
C PHE A 559 -28.64 11.30 29.43
N GLN A 560 -28.96 11.57 28.17
CA GLN A 560 -27.97 11.60 27.12
C GLN A 560 -27.06 12.82 27.26
N GLN A 561 -25.75 12.58 27.31
CA GLN A 561 -24.78 13.66 27.47
C GLN A 561 -24.25 14.14 26.12
N PHE A 562 -23.66 13.24 25.34
CA PHE A 562 -23.02 13.61 24.08
C PHE A 562 -24.03 13.54 22.94
N GLY A 563 -23.54 13.66 21.71
CA GLY A 563 -24.37 13.56 20.53
C GLY A 563 -23.52 13.49 19.28
N ARG A 564 -23.79 12.52 18.42
CA ARG A 564 -22.97 12.25 17.25
C ARG A 564 -23.79 12.40 15.97
N ASP A 565 -23.14 12.09 14.85
CA ASP A 565 -23.74 12.20 13.53
C ASP A 565 -23.60 10.87 12.79
N ILE A 566 -23.85 10.87 11.48
CA ILE A 566 -23.69 9.67 10.68
C ILE A 566 -22.28 9.11 10.76
N ALA A 567 -21.31 9.94 11.14
CA ALA A 567 -19.93 9.52 11.35
C ALA A 567 -19.61 9.58 12.85
N ASP A 568 -18.37 9.25 13.19
CA ASP A 568 -17.92 9.25 14.58
C ASP A 568 -17.36 10.62 14.95
N THR A 569 -18.21 11.64 14.79
CA THR A 569 -17.87 13.03 15.10
C THR A 569 -18.96 13.61 15.98
N THR A 570 -18.55 14.22 17.09
CA THR A 570 -19.52 14.84 18.00
C THR A 570 -20.12 16.08 17.36
N ASP A 571 -21.45 16.08 17.23
CA ASP A 571 -22.15 17.19 16.61
C ASP A 571 -22.77 18.16 17.61
N ALA A 572 -23.21 17.66 18.77
CA ALA A 572 -23.79 18.51 19.80
C ALA A 572 -23.46 17.93 21.16
N VAL A 573 -23.30 18.80 22.15
CA VAL A 573 -22.90 18.36 23.49
C VAL A 573 -23.52 19.30 24.51
N ARG A 574 -23.77 18.77 25.70
CA ARG A 574 -24.31 19.56 26.80
C ARG A 574 -23.20 19.98 27.74
N ASP A 575 -23.36 21.16 28.33
CA ASP A 575 -22.33 21.71 29.20
C ASP A 575 -22.35 20.98 30.54
N PRO A 576 -21.21 20.47 31.02
CA PRO A 576 -21.21 19.67 32.24
C PRO A 576 -21.33 20.46 33.54
N GLN A 577 -21.43 21.80 33.49
CA GLN A 577 -21.52 22.57 34.71
C GLN A 577 -22.63 23.61 34.70
N THR A 578 -23.38 23.74 33.59
CA THR A 578 -24.54 24.62 33.58
C THR A 578 -25.76 24.02 32.89
N LEU A 579 -25.70 22.78 32.40
CA LEU A 579 -26.83 22.10 31.78
C LEU A 579 -27.37 22.91 30.60
N GLU A 580 -26.50 23.11 29.61
CA GLU A 580 -26.84 23.84 28.40
C GLU A 580 -26.34 23.08 27.19
N ILE A 581 -27.23 22.81 26.25
CA ILE A 581 -26.89 22.08 25.03
C ILE A 581 -26.38 23.06 23.98
N LEU A 582 -25.40 22.62 23.20
CA LEU A 582 -24.78 23.45 22.19
C LEU A 582 -24.41 22.59 20.99
N ASP A 583 -24.75 23.06 19.80
CA ASP A 583 -24.38 22.37 18.57
C ASP A 583 -22.97 22.76 18.17
N ILE A 584 -22.15 21.75 17.89
CA ILE A 584 -20.76 21.94 17.51
C ILE A 584 -20.66 21.80 16.00
N THR A 585 -20.45 22.92 15.31
CA THR A 585 -20.28 22.86 13.87
C THR A 585 -18.83 23.09 13.50
N PRO A 586 -18.31 22.42 12.47
CA PRO A 586 -16.93 22.67 12.05
C PRO A 586 -16.74 24.12 11.61
N CYS A 587 -15.60 24.69 12.01
CA CYS A 587 -15.32 26.08 11.70
C CYS A 587 -15.19 26.27 10.19
N SER A 588 -15.28 27.54 9.77
CA SER A 588 -15.35 27.85 8.34
C SER A 588 -14.07 27.45 7.63
N PHE A 589 -14.23 26.77 6.49
CA PHE A 589 -13.11 26.35 5.67
C PHE A 589 -13.62 26.16 4.25
N GLY A 590 -12.69 26.01 3.32
CA GLY A 590 -13.06 25.80 1.94
C GLY A 590 -11.86 25.78 1.03
N GLY A 591 -12.14 25.79 -0.27
CA GLY A 591 -11.10 25.79 -1.28
C GLY A 591 -10.77 27.18 -1.78
N VAL A 592 -9.55 27.32 -2.32
CA VAL A 592 -9.06 28.58 -2.84
C VAL A 592 -8.54 28.32 -4.26
N SER A 593 -9.19 28.93 -5.25
CA SER A 593 -8.74 28.85 -6.63
C SER A 593 -8.17 30.20 -7.06
N VAL A 594 -7.19 30.14 -7.96
CA VAL A 594 -6.52 31.33 -8.48
C VAL A 594 -6.79 31.41 -9.97
N ILE A 595 -7.37 32.53 -10.41
CA ILE A 595 -7.63 32.80 -11.81
C ILE A 595 -6.55 33.75 -12.30
N THR A 596 -5.79 33.34 -13.33
CA THR A 596 -4.68 34.12 -13.84
C THR A 596 -4.79 34.20 -15.36
N PRO A 597 -4.76 35.40 -15.95
CA PRO A 597 -4.78 35.52 -17.41
C PRO A 597 -3.50 35.03 -18.08
N GLY A 598 -2.53 34.53 -17.33
CA GLY A 598 -1.27 34.07 -17.90
C GLY A 598 -0.11 34.97 -17.52
N THR A 599 1.03 34.36 -17.17
CA THR A 599 2.22 35.12 -16.80
C THR A 599 3.02 35.54 -18.03
N ASN A 600 2.32 36.10 -19.01
CA ASN A 600 2.95 36.61 -20.21
C ASN A 600 2.44 37.99 -20.62
N THR A 601 1.32 38.46 -20.06
CA THR A 601 0.77 39.76 -20.41
C THR A 601 0.58 40.61 -19.16
N SER A 602 0.26 39.99 -18.04
CA SER A 602 0.03 40.71 -16.79
C SER A 602 0.33 39.78 -15.62
N ASN A 603 0.25 40.34 -14.42
CA ASN A 603 0.48 39.59 -13.19
C ASN A 603 -0.67 39.71 -12.21
N GLN A 604 -1.77 40.34 -12.58
CA GLN A 604 -2.93 40.45 -11.71
C GLN A 604 -3.67 39.12 -11.67
N VAL A 605 -4.05 38.68 -10.47
CA VAL A 605 -4.73 37.42 -10.27
C VAL A 605 -5.99 37.65 -9.45
N ALA A 606 -6.97 36.77 -9.63
CA ALA A 606 -8.21 36.81 -8.87
C ALA A 606 -8.30 35.56 -7.99
N VAL A 607 -8.94 35.72 -6.83
CA VAL A 607 -9.07 34.66 -5.85
C VAL A 607 -10.53 34.23 -5.81
N LEU A 608 -10.76 32.92 -5.70
CA LEU A 608 -12.11 32.36 -5.63
C LEU A 608 -12.17 31.46 -4.41
N TYR A 609 -12.91 31.90 -3.39
CA TYR A 609 -13.14 31.12 -2.19
C TYR A 609 -14.43 30.34 -2.36
N GLN A 610 -14.33 29.01 -2.49
CA GLN A 610 -15.50 28.18 -2.71
C GLN A 610 -16.27 27.97 -1.42
N GLY A 611 -17.59 28.03 -1.52
CA GLY A 611 -18.45 27.83 -0.36
C GLY A 611 -18.42 28.97 0.64
N VAL A 612 -18.20 30.18 0.20
CA VAL A 612 -18.12 31.24 1.16
C VAL A 612 -19.03 32.36 0.71
N ASN A 613 -19.79 32.92 1.63
CA ASN A 613 -20.78 33.91 1.31
C ASN A 613 -20.21 35.28 1.50
N CYS A 614 -18.98 35.47 1.09
CA CYS A 614 -18.39 36.78 1.00
C CYS A 614 -18.52 37.56 2.29
N THR A 615 -18.88 36.87 3.35
CA THR A 615 -19.03 37.47 4.67
C THR A 615 -18.22 36.75 5.74
N GLU A 616 -17.51 35.69 5.37
CA GLU A 616 -16.72 34.92 6.33
C GLU A 616 -15.35 34.59 5.74
N VAL A 617 -14.72 35.58 5.10
CA VAL A 617 -13.41 35.39 4.49
C VAL A 617 -12.32 35.66 5.51
N ASN A 638 -12.77 43.98 -6.45
CA ASN A 638 -14.11 44.11 -5.91
C ASN A 638 -14.56 42.80 -5.25
N VAL A 639 -15.83 42.76 -4.84
CA VAL A 639 -16.41 41.60 -4.18
C VAL A 639 -17.61 41.14 -5.00
N PHE A 640 -17.66 39.85 -5.31
CA PHE A 640 -18.74 39.26 -6.09
C PHE A 640 -19.17 37.96 -5.43
N GLN A 641 -20.47 37.79 -5.22
CA GLN A 641 -21.04 36.59 -4.63
C GLN A 641 -21.77 35.81 -5.72
N THR A 642 -21.19 34.70 -6.13
CA THR A 642 -21.78 33.83 -7.14
C THR A 642 -22.34 32.57 -6.48
N ARG A 643 -22.89 31.69 -7.30
CA ARG A 643 -23.41 30.40 -6.83
C ARG A 643 -22.31 29.39 -6.58
N ALA A 644 -21.05 29.74 -6.81
CA ALA A 644 -19.92 28.85 -6.57
C ALA A 644 -19.02 29.32 -5.43
N GLY A 645 -19.12 30.57 -5.00
CA GLY A 645 -18.32 31.08 -3.92
C GLY A 645 -18.17 32.59 -4.06
N CYS A 646 -17.13 33.11 -3.41
CA CYS A 646 -16.83 34.53 -3.44
C CYS A 646 -15.63 34.78 -4.35
N LEU A 647 -15.73 35.80 -5.19
CA LEU A 647 -14.70 36.14 -6.17
C LEU A 647 -14.14 37.51 -5.81
N ILE A 648 -12.86 37.55 -5.43
CA ILE A 648 -12.18 38.78 -5.04
C ILE A 648 -11.13 39.08 -6.11
N GLY A 649 -11.26 40.24 -6.75
CA GLY A 649 -10.28 40.66 -7.73
C GLY A 649 -10.87 40.97 -9.09
N ALA A 650 -12.16 40.70 -9.26
CA ALA A 650 -12.85 40.93 -10.52
C ALA A 650 -14.14 41.70 -10.27
N GLU A 651 -14.76 42.15 -11.36
CA GLU A 651 -16.02 42.87 -11.30
C GLU A 651 -16.98 42.29 -12.33
N TYR A 652 -18.26 42.28 -11.97
CA TYR A 652 -19.32 41.70 -12.81
C TYR A 652 -19.85 42.77 -13.75
N VAL A 653 -19.44 42.69 -15.02
CA VAL A 653 -19.96 43.60 -16.03
C VAL A 653 -21.31 43.08 -16.53
N ASN A 654 -22.16 44.02 -16.94
CA ASN A 654 -23.50 43.69 -17.43
C ASN A 654 -23.52 43.29 -18.89
N ASN A 655 -22.37 42.95 -19.46
CA ASN A 655 -22.29 42.51 -20.85
C ASN A 655 -22.34 40.98 -20.90
N SER A 656 -22.12 40.41 -22.09
CA SER A 656 -22.16 38.96 -22.26
C SER A 656 -21.23 38.60 -23.40
N TYR A 657 -20.04 38.12 -23.07
CA TYR A 657 -19.05 37.68 -24.05
C TYR A 657 -18.92 36.16 -23.98
N GLU A 658 -18.05 35.62 -24.83
CA GLU A 658 -17.78 34.20 -24.83
C GLU A 658 -16.95 33.81 -23.60
N CYS A 659 -17.18 32.60 -23.11
CA CYS A 659 -16.49 32.11 -21.93
C CYS A 659 -15.04 31.81 -22.25
N ASP A 660 -14.13 32.46 -21.52
CA ASP A 660 -12.69 32.26 -21.67
C ASP A 660 -12.08 31.49 -20.50
N ILE A 661 -12.33 31.94 -19.27
CA ILE A 661 -11.87 31.24 -18.08
C ILE A 661 -13.10 30.83 -17.28
N PRO A 662 -13.50 29.56 -17.31
CA PRO A 662 -14.73 29.14 -16.64
C PRO A 662 -14.58 29.21 -15.12
N ILE A 663 -15.47 29.95 -14.48
CA ILE A 663 -15.53 30.03 -13.02
C ILE A 663 -16.58 29.08 -12.47
N GLY A 664 -17.78 29.10 -13.03
CA GLY A 664 -18.85 28.20 -12.61
C GLY A 664 -20.19 28.91 -12.55
N ALA A 665 -21.26 28.11 -12.54
CA ALA A 665 -22.63 28.62 -12.48
C ALA A 665 -22.92 29.61 -13.59
N GLY A 666 -22.39 29.33 -14.79
CA GLY A 666 -22.57 30.17 -15.94
C GLY A 666 -21.68 31.40 -15.97
N ILE A 667 -20.92 31.64 -14.91
CA ILE A 667 -20.04 32.80 -14.88
C ILE A 667 -18.64 32.40 -15.29
N CYS A 668 -18.05 33.17 -16.20
CA CYS A 668 -16.66 33.01 -16.61
C CYS A 668 -15.94 34.35 -16.44
N ALA A 669 -14.65 34.36 -16.74
CA ALA A 669 -13.84 35.55 -16.56
C ALA A 669 -12.93 35.74 -17.77
N SER A 670 -12.45 36.97 -17.93
CA SER A 670 -11.53 37.32 -19.00
C SER A 670 -10.68 38.49 -18.55
N TYR A 671 -9.71 38.86 -19.38
CA TYR A 671 -8.80 39.97 -19.12
C TYR A 671 -8.97 40.98 -20.25
N GLN A 672 -9.79 42.00 -20.01
CA GLN A 672 -10.15 42.97 -21.03
C GLN A 672 -10.11 44.37 -20.47
N THR A 673 -10.16 45.35 -21.37
CA THR A 673 -10.14 46.76 -20.97
C THR A 673 -11.45 47.16 -20.31
N SER A 686 -7.62 50.73 -19.69
CA SER A 686 -7.11 50.03 -18.52
C SER A 686 -7.50 48.55 -18.55
N GLN A 687 -6.50 47.68 -18.74
CA GLN A 687 -6.73 46.25 -18.79
C GLN A 687 -6.94 45.71 -17.39
N SER A 688 -8.02 44.94 -17.22
CA SER A 688 -8.35 44.38 -15.91
C SER A 688 -9.10 43.07 -16.10
N ILE A 689 -9.20 42.32 -15.01
CA ILE A 689 -9.88 41.03 -15.00
C ILE A 689 -11.36 41.28 -14.73
N ILE A 690 -12.20 40.92 -15.69
CA ILE A 690 -13.65 41.10 -15.59
C ILE A 690 -14.30 39.72 -15.54
N ALA A 691 -15.50 39.68 -14.94
CA ALA A 691 -16.30 38.47 -14.86
C ALA A 691 -17.67 38.74 -15.48
N TYR A 692 -18.21 37.73 -16.16
CA TYR A 692 -19.46 37.92 -16.89
C TYR A 692 -20.12 36.59 -17.13
N THR A 693 -21.43 36.64 -17.42
CA THR A 693 -22.19 35.45 -17.77
C THR A 693 -21.87 35.04 -19.20
N MET A 694 -21.95 33.74 -19.45
CA MET A 694 -21.62 33.21 -20.77
C MET A 694 -22.60 33.71 -21.82
N SER A 695 -22.17 33.64 -23.08
CA SER A 695 -22.98 34.02 -24.23
C SER A 695 -23.10 32.80 -25.14
N LEU A 696 -24.32 32.26 -25.25
CA LEU A 696 -24.57 31.07 -26.05
C LEU A 696 -24.58 31.34 -27.54
N GLY A 697 -24.41 32.59 -27.96
CA GLY A 697 -24.43 32.96 -29.36
C GLY A 697 -25.45 34.06 -29.64
N ALA A 698 -25.40 34.54 -30.88
CA ALA A 698 -26.28 35.60 -31.32
C ALA A 698 -27.67 35.04 -31.64
N GLU A 699 -28.60 35.94 -31.94
CA GLU A 699 -29.97 35.56 -32.27
C GLU A 699 -30.14 35.51 -33.78
N ASN A 700 -30.64 34.38 -34.28
CA ASN A 700 -30.85 34.15 -35.70
C ASN A 700 -32.24 33.56 -35.94
N SER A 701 -33.25 34.20 -35.37
CA SER A 701 -34.62 33.72 -35.51
C SER A 701 -35.04 33.74 -36.98
N VAL A 702 -35.38 32.57 -37.50
CA VAL A 702 -35.75 32.44 -38.91
C VAL A 702 -37.20 32.86 -39.08
N ALA A 703 -37.49 33.56 -40.17
CA ALA A 703 -38.83 34.06 -40.45
C ALA A 703 -39.65 32.93 -41.09
N TYR A 704 -40.13 32.04 -40.23
CA TYR A 704 -40.95 30.93 -40.69
C TYR A 704 -42.31 31.43 -41.17
N SER A 705 -42.82 30.70 -42.13
CA SER A 705 -44.08 31.02 -42.76
C SER A 705 -44.74 29.78 -43.29
N ASN A 706 -45.90 29.97 -43.87
CA ASN A 706 -46.66 28.88 -44.38
C ASN A 706 -46.20 28.57 -45.79
N ASN A 707 -45.39 29.45 -46.34
CA ASN A 707 -44.97 29.34 -47.72
C ASN A 707 -43.73 30.16 -47.96
N SER A 708 -42.57 29.66 -47.55
CA SER A 708 -41.33 30.42 -47.65
C SER A 708 -40.18 29.43 -47.66
N ILE A 709 -39.49 29.32 -48.80
CA ILE A 709 -38.37 28.41 -48.95
C ILE A 709 -37.09 29.23 -49.11
N ALA A 710 -35.99 28.68 -48.60
CA ALA A 710 -34.68 29.32 -48.67
C ALA A 710 -33.73 28.38 -49.39
N ILE A 711 -33.58 28.58 -50.69
CA ILE A 711 -32.69 27.76 -51.53
C ILE A 711 -31.36 28.49 -51.67
N PRO A 712 -30.23 27.82 -51.49
CA PRO A 712 -28.94 28.48 -51.72
C PRO A 712 -28.62 28.60 -53.20
N THR A 713 -27.72 29.50 -53.53
CA THR A 713 -27.42 29.74 -54.93
C THR A 713 -25.93 29.68 -55.17
N ASN A 714 -25.18 29.13 -54.23
CA ASN A 714 -23.73 29.02 -54.37
C ASN A 714 -23.12 28.28 -53.23
N PHE A 715 -22.11 27.49 -53.55
CA PHE A 715 -21.47 26.60 -52.64
C PHE A 715 -20.26 27.27 -52.05
N THR A 716 -19.83 26.72 -50.94
CA THR A 716 -18.68 27.16 -50.16
C THR A 716 -17.96 25.96 -49.55
N ILE A 717 -17.65 24.97 -50.40
CA ILE A 717 -16.95 23.76 -49.98
C ILE A 717 -15.72 24.12 -49.16
N SER A 718 -15.65 23.61 -47.94
CA SER A 718 -14.57 23.94 -47.01
C SER A 718 -13.82 22.67 -46.62
N VAL A 719 -12.73 22.86 -45.89
CA VAL A 719 -11.89 21.76 -45.41
C VAL A 719 -11.63 21.99 -43.93
N THR A 720 -12.15 21.09 -43.09
CA THR A 720 -11.92 21.15 -41.66
C THR A 720 -10.93 20.06 -41.25
N THR A 721 -10.42 20.19 -40.02
CA THR A 721 -9.45 19.24 -39.49
C THR A 721 -9.99 18.60 -38.22
N GLU A 722 -9.60 17.36 -37.99
CA GLU A 722 -10.03 16.61 -36.81
C GLU A 722 -8.87 15.76 -36.32
N ILE A 723 -8.50 15.92 -35.05
CA ILE A 723 -7.38 15.21 -34.46
C ILE A 723 -7.91 14.09 -33.58
N LEU A 724 -7.25 12.93 -33.64
CA LEU A 724 -7.69 11.79 -32.84
C LEU A 724 -6.49 10.97 -32.37
N PRO A 725 -6.33 10.78 -31.05
CA PRO A 725 -5.24 9.93 -30.56
C PRO A 725 -5.48 8.47 -30.91
N VAL A 726 -4.42 7.80 -31.35
CA VAL A 726 -4.53 6.40 -31.79
C VAL A 726 -3.56 5.53 -30.99
N SER A 727 -2.48 6.12 -30.51
CA SER A 727 -1.41 5.35 -29.87
C SER A 727 -1.17 5.88 -28.46
N MET A 728 -0.20 5.28 -27.79
CA MET A 728 0.15 5.63 -26.42
C MET A 728 1.55 5.11 -26.12
N THR A 729 2.26 5.85 -25.26
CA THR A 729 3.60 5.46 -24.87
C THR A 729 3.58 4.12 -24.15
N LYS A 730 4.22 3.11 -24.73
CA LYS A 730 4.27 1.78 -24.15
C LYS A 730 5.34 1.76 -23.05
N THR A 731 4.90 1.74 -21.80
CA THR A 731 5.80 1.75 -20.66
C THR A 731 6.02 0.34 -20.13
N SER A 732 7.07 0.19 -19.33
CA SER A 732 7.39 -1.08 -18.70
C SER A 732 8.31 -0.82 -17.51
N VAL A 733 8.01 -1.46 -16.38
CA VAL A 733 8.73 -1.24 -15.15
C VAL A 733 9.34 -2.56 -14.68
N ASP A 734 10.30 -2.45 -13.76
CA ASP A 734 10.97 -3.60 -13.17
C ASP A 734 10.91 -3.47 -11.65
N CYS A 735 10.39 -4.49 -10.98
CA CYS A 735 10.27 -4.45 -9.53
C CYS A 735 11.64 -4.49 -8.85
N THR A 736 12.53 -5.35 -9.35
CA THR A 736 13.83 -5.53 -8.73
C THR A 736 14.74 -4.31 -8.84
N MET A 737 14.29 -3.24 -9.48
CA MET A 737 15.11 -2.04 -9.62
C MET A 737 14.37 -0.81 -9.11
N TYR A 738 13.06 -0.77 -9.33
CA TYR A 738 12.26 0.36 -8.85
C TYR A 738 11.95 0.23 -7.37
N ILE A 739 11.50 -0.95 -6.93
CA ILE A 739 11.17 -1.14 -5.53
C ILE A 739 12.44 -1.17 -4.68
N CYS A 740 13.44 -1.92 -5.12
CA CYS A 740 14.70 -2.06 -4.40
C CYS A 740 15.82 -1.48 -5.25
N GLY A 741 16.53 -0.52 -4.69
CA GLY A 741 17.68 0.05 -5.37
C GLY A 741 19.00 -0.37 -4.78
N ASP A 742 19.69 -1.30 -5.45
CA ASP A 742 21.00 -1.78 -5.03
C ASP A 742 20.98 -2.28 -3.59
N SER A 743 20.07 -3.20 -3.32
CA SER A 743 19.91 -3.77 -1.98
C SER A 743 19.59 -5.26 -2.09
N THR A 744 20.36 -6.08 -1.39
CA THR A 744 20.13 -7.53 -1.42
C THR A 744 19.06 -7.94 -0.40
N GLU A 745 19.03 -7.29 0.77
CA GLU A 745 18.00 -7.60 1.75
C GLU A 745 16.62 -7.23 1.21
N CYS A 746 16.51 -6.09 0.54
CA CYS A 746 15.24 -5.72 -0.09
C CYS A 746 14.89 -6.70 -1.20
N SER A 747 15.90 -7.18 -1.94
CA SER A 747 15.64 -8.15 -3.01
C SER A 747 15.09 -9.45 -2.44
N ASN A 748 15.62 -9.89 -1.30
CA ASN A 748 15.09 -11.08 -0.66
C ASN A 748 13.70 -10.85 -0.06
N LEU A 749 13.47 -9.68 0.53
CA LEU A 749 12.14 -9.38 1.09
C LEU A 749 11.09 -9.30 0.00
N LEU A 750 11.45 -8.81 -1.19
CA LEU A 750 10.49 -8.74 -2.29
C LEU A 750 10.08 -10.14 -2.74
N LEU A 751 11.03 -11.07 -2.81
CA LEU A 751 10.69 -12.44 -3.16
C LEU A 751 9.90 -13.12 -2.04
N GLN A 752 10.20 -12.81 -0.78
CA GLN A 752 9.42 -13.34 0.32
C GLN A 752 8.01 -12.76 0.38
N TYR A 753 7.81 -11.59 -0.21
CA TYR A 753 6.49 -10.95 -0.22
C TYR A 753 5.51 -11.61 -1.19
N GLY A 754 5.93 -12.65 -1.90
CA GLY A 754 5.06 -13.35 -2.82
C GLY A 754 5.27 -12.92 -4.27
N SER A 755 4.52 -13.56 -5.14
CA SER A 755 4.58 -13.29 -6.58
C SER A 755 3.60 -12.18 -6.98
N PHE A 756 3.70 -11.03 -6.31
CA PHE A 756 2.84 -9.91 -6.63
C PHE A 756 3.31 -9.16 -7.87
N CYS A 757 4.61 -9.22 -8.17
CA CYS A 757 5.16 -8.56 -9.35
C CYS A 757 5.04 -9.45 -10.57
N THR A 758 3.84 -9.97 -10.83
CA THR A 758 3.58 -10.77 -12.01
C THR A 758 2.32 -10.24 -12.70
N GLN A 759 1.42 -9.64 -11.92
CA GLN A 759 0.22 -9.04 -12.49
C GLN A 759 0.55 -7.71 -13.17
N LEU A 760 1.47 -6.93 -12.59
CA LEU A 760 1.79 -5.62 -13.15
C LEU A 760 2.52 -5.74 -14.48
N LYS A 761 3.50 -6.65 -14.55
CA LYS A 761 4.21 -6.85 -15.80
C LYS A 761 3.30 -7.38 -16.89
N ARG A 762 2.39 -8.30 -16.52
CA ARG A 762 1.44 -8.83 -17.49
C ARG A 762 0.47 -7.76 -17.96
N ALA A 763 0.04 -6.88 -17.05
CA ALA A 763 -0.84 -5.78 -17.44
C ALA A 763 -0.13 -4.80 -18.38
N LEU A 764 1.14 -4.50 -18.09
CA LEU A 764 1.90 -3.62 -18.98
C LEU A 764 2.11 -4.26 -20.34
N THR A 765 2.37 -5.57 -20.38
CA THR A 765 2.50 -6.26 -21.66
C THR A 765 1.20 -6.23 -22.44
N GLY A 766 0.07 -6.42 -21.75
CA GLY A 766 -1.22 -6.33 -22.42
C GLY A 766 -1.49 -4.95 -22.96
N ILE A 767 -1.13 -3.91 -22.19
CA ILE A 767 -1.29 -2.54 -22.67
C ILE A 767 -0.43 -2.30 -23.91
N ALA A 768 0.80 -2.82 -23.90
CA ALA A 768 1.68 -2.64 -25.05
C ALA A 768 1.14 -3.35 -26.28
N VAL A 769 0.62 -4.57 -26.10
CA VAL A 769 0.03 -5.30 -27.22
C VAL A 769 -1.19 -4.57 -27.76
N GLU A 770 -2.01 -4.03 -26.85
CA GLU A 770 -3.20 -3.30 -27.28
C GLU A 770 -2.82 -2.04 -28.05
N GLN A 771 -1.79 -1.33 -27.60
CA GLN A 771 -1.37 -0.12 -28.30
C GLN A 771 -0.73 -0.45 -29.65
N ASP A 772 -0.03 -1.59 -29.74
CA ASP A 772 0.50 -2.01 -31.04
C ASP A 772 -0.61 -2.43 -31.98
N LYS A 773 -1.70 -3.00 -31.45
CA LYS A 773 -2.83 -3.39 -32.29
C LYS A 773 -3.66 -2.19 -32.72
N ASN A 774 -3.75 -1.15 -31.89
CA ASN A 774 -4.53 0.02 -32.25
C ASN A 774 -3.94 0.76 -33.43
N THR A 775 -2.61 0.77 -33.57
CA THR A 775 -1.96 1.42 -34.70
C THR A 775 -2.10 0.62 -35.99
N GLN A 776 -2.55 -0.63 -35.92
CA GLN A 776 -2.73 -1.47 -37.08
C GLN A 776 -4.18 -1.56 -37.54
N GLU A 777 -5.14 -1.60 -36.61
CA GLU A 777 -6.55 -1.67 -36.97
C GLU A 777 -7.08 -0.35 -37.53
N VAL A 778 -6.28 0.72 -37.49
CA VAL A 778 -6.68 2.02 -38.00
C VAL A 778 -6.03 2.31 -39.35
N PHE A 779 -4.69 2.34 -39.39
CA PHE A 779 -4.00 2.66 -40.63
C PHE A 779 -3.98 1.48 -41.58
N ALA A 780 -3.56 0.30 -41.10
CA ALA A 780 -3.42 -0.89 -41.94
C ALA A 780 -4.79 -1.50 -42.20
N GLN A 781 -5.57 -0.83 -43.05
CA GLN A 781 -6.87 -1.32 -43.48
C GLN A 781 -6.91 -1.80 -44.92
N VAL A 782 -5.99 -1.35 -45.75
CA VAL A 782 -5.91 -1.76 -47.15
C VAL A 782 -4.87 -2.87 -47.28
N LYS A 783 -5.14 -3.81 -48.19
CA LYS A 783 -4.21 -4.92 -48.39
C LYS A 783 -3.00 -4.50 -49.20
N GLN A 784 -3.22 -3.99 -50.41
CA GLN A 784 -2.14 -3.59 -51.30
C GLN A 784 -1.76 -2.13 -51.05
N ILE A 785 -0.50 -1.82 -51.30
CA ILE A 785 0.03 -0.47 -51.14
C ILE A 785 0.01 0.21 -52.50
N TYR A 786 -0.74 1.30 -52.60
CA TYR A 786 -0.88 2.05 -53.84
C TYR A 786 0.11 3.21 -53.88
N LYS A 787 0.45 3.63 -55.10
CA LYS A 787 1.39 4.72 -55.31
C LYS A 787 0.76 5.77 -56.21
N THR A 788 1.10 7.02 -55.95
CA THR A 788 0.56 8.11 -56.75
C THR A 788 1.19 8.11 -58.14
N PRO A 789 0.43 8.43 -59.18
CA PRO A 789 0.99 8.47 -60.54
C PRO A 789 1.96 9.63 -60.70
N PRO A 790 2.88 9.55 -61.66
CA PRO A 790 3.84 10.65 -61.82
C PRO A 790 3.19 11.94 -62.28
N ILE A 791 2.31 11.89 -63.27
CA ILE A 791 1.62 13.08 -63.75
C ILE A 791 0.61 13.50 -62.69
N LYS A 792 0.90 14.60 -61.99
CA LYS A 792 0.04 15.07 -60.91
C LYS A 792 -0.92 16.14 -61.41
N TYR A 793 -1.82 15.73 -62.31
CA TYR A 793 -2.89 16.58 -62.84
C TYR A 793 -4.20 15.85 -62.57
N PHE A 794 -4.76 16.07 -61.39
CA PHE A 794 -5.98 15.40 -60.97
C PHE A 794 -7.19 16.30 -61.20
N GLY A 795 -7.44 16.61 -62.47
CA GLY A 795 -8.58 17.40 -62.85
C GLY A 795 -8.38 18.90 -62.71
N GLY A 796 -7.46 19.30 -61.83
CA GLY A 796 -7.20 20.70 -61.59
C GLY A 796 -6.95 21.01 -60.13
N PHE A 797 -7.12 20.00 -59.29
CA PHE A 797 -6.91 20.14 -57.87
C PHE A 797 -5.46 19.91 -57.58
N ASN A 798 -5.01 20.26 -56.39
CA ASN A 798 -3.61 20.27 -56.15
C ASN A 798 -3.37 19.78 -54.79
N PHE A 799 -2.81 18.61 -54.70
CA PHE A 799 -2.51 18.00 -53.43
C PHE A 799 -1.04 18.15 -53.05
N SER A 800 -0.31 19.06 -53.70
CA SER A 800 1.10 19.18 -53.41
C SER A 800 1.38 19.44 -51.93
N GLN A 801 0.38 19.29 -51.06
CA GLN A 801 0.57 19.50 -49.63
C GLN A 801 0.20 18.30 -48.78
N ILE A 802 -0.62 17.38 -49.28
CA ILE A 802 -0.96 16.17 -48.53
C ILE A 802 -0.24 14.93 -49.08
N LEU A 803 0.11 14.91 -50.36
CA LEU A 803 0.85 13.79 -50.92
C LEU A 803 2.30 13.83 -50.44
N PRO A 804 2.94 12.67 -50.29
CA PRO A 804 4.33 12.66 -49.81
C PRO A 804 5.27 13.34 -50.79
N ASP A 805 6.14 14.19 -50.26
CA ASP A 805 7.09 14.94 -51.07
C ASP A 805 8.39 14.17 -51.17
N PRO A 806 8.90 13.93 -52.39
CA PRO A 806 10.15 13.17 -52.51
C PRO A 806 11.38 13.95 -52.07
N SER A 807 11.30 15.29 -52.01
CA SER A 807 12.44 16.10 -51.62
C SER A 807 12.52 16.27 -50.12
N LYS A 808 12.48 15.16 -49.38
CA LYS A 808 12.65 15.17 -47.94
C LYS A 808 13.02 13.76 -47.50
N PRO A 809 13.74 13.62 -46.38
CA PRO A 809 14.24 12.28 -45.99
C PRO A 809 13.17 11.24 -45.77
N SER A 810 12.25 11.48 -44.85
CA SER A 810 11.30 10.44 -44.42
C SER A 810 9.98 10.50 -45.17
N LYS A 811 10.04 10.66 -46.50
CA LYS A 811 8.91 10.47 -47.41
C LYS A 811 7.57 10.98 -46.90
N ARG A 812 7.55 12.16 -46.29
CA ARG A 812 6.32 12.74 -45.74
C ARG A 812 5.86 13.91 -46.61
N SER A 813 4.76 14.52 -46.17
CA SER A 813 4.14 15.66 -46.83
C SER A 813 4.35 16.93 -46.03
N PRO A 814 4.19 18.10 -46.66
CA PRO A 814 4.38 19.36 -45.90
C PRO A 814 3.50 19.48 -44.68
N ILE A 815 2.23 19.07 -44.78
CA ILE A 815 1.35 19.13 -43.61
C ILE A 815 1.82 18.16 -42.54
N GLU A 816 2.23 16.95 -42.93
CA GLU A 816 2.77 16.01 -41.96
C GLU A 816 4.09 16.51 -41.37
N ASP A 817 4.90 17.19 -42.17
CA ASP A 817 6.15 17.75 -41.65
C ASP A 817 5.86 18.84 -40.62
N LEU A 818 4.84 19.66 -40.87
CA LEU A 818 4.47 20.71 -39.92
C LEU A 818 3.86 20.12 -38.66
N LEU A 819 3.09 19.04 -38.77
CA LEU A 819 2.46 18.44 -37.61
C LEU A 819 3.44 17.63 -36.77
N PHE A 820 4.45 17.03 -37.40
CA PHE A 820 5.42 16.23 -36.65
C PHE A 820 6.32 17.11 -35.78
N ASN A 821 6.76 18.24 -36.31
CA ASN A 821 7.60 19.16 -35.55
C ASN A 821 6.75 20.20 -34.82
N LYS A 822 5.76 19.72 -34.07
CA LYS A 822 4.92 20.55 -33.21
C LYS A 822 4.72 19.94 -31.83
N VAL A 823 4.61 18.61 -31.74
CA VAL A 823 4.38 17.93 -30.48
C VAL A 823 5.74 17.55 -29.90
N THR A 824 6.12 18.20 -28.81
CA THR A 824 7.40 17.93 -28.17
C THR A 824 7.36 16.63 -27.38
N ARG A 844 21.84 15.10 -17.78
CA ARG A 844 21.07 14.00 -18.34
C ARG A 844 19.59 14.37 -18.48
N ASP A 845 19.00 13.99 -19.60
CA ASP A 845 17.60 14.30 -19.86
C ASP A 845 16.69 13.47 -18.97
N LEU A 846 15.39 13.75 -19.07
CA LEU A 846 14.42 13.07 -18.22
C LEU A 846 14.21 11.63 -18.66
N ILE A 847 14.27 11.37 -19.97
CA ILE A 847 14.03 10.02 -20.48
C ILE A 847 15.08 9.06 -19.97
N CYS A 848 16.36 9.42 -20.11
CA CYS A 848 17.43 8.56 -19.64
C CYS A 848 17.44 8.44 -18.12
N ALA A 849 17.05 9.51 -17.42
CA ALA A 849 16.98 9.45 -15.96
C ALA A 849 15.89 8.48 -15.51
N GLN A 850 14.74 8.48 -16.18
CA GLN A 850 13.69 7.53 -15.85
C GLN A 850 14.09 6.10 -16.25
N LYS A 851 14.84 5.97 -17.35
CA LYS A 851 15.32 4.65 -17.74
C LYS A 851 16.30 4.09 -16.72
N PHE A 852 17.13 4.96 -16.13
CA PHE A 852 18.06 4.52 -15.10
C PHE A 852 17.36 4.15 -13.80
N LYS A 853 16.07 4.43 -13.68
CA LYS A 853 15.30 4.10 -12.47
C LYS A 853 14.38 2.91 -12.68
N GLY A 854 14.06 2.56 -13.93
CA GLY A 854 13.17 1.47 -14.24
C GLY A 854 12.12 1.81 -15.28
N LEU A 855 11.76 3.09 -15.39
CA LEU A 855 10.77 3.54 -16.36
C LEU A 855 11.40 3.56 -17.74
N THR A 856 11.25 2.47 -18.49
CA THR A 856 11.78 2.36 -19.83
C THR A 856 10.65 2.27 -20.84
N VAL A 857 10.80 2.99 -21.95
CA VAL A 857 9.78 3.06 -23.00
C VAL A 857 10.15 2.06 -24.10
N LEU A 858 9.21 1.19 -24.45
CA LEU A 858 9.45 0.23 -25.52
C LEU A 858 9.16 0.88 -26.87
N PRO A 859 9.94 0.57 -27.90
CA PRO A 859 9.71 1.15 -29.22
C PRO A 859 8.46 0.56 -29.86
N PRO A 860 7.67 1.38 -30.55
CA PRO A 860 6.46 0.86 -31.21
C PRO A 860 6.82 -0.08 -32.35
N LEU A 861 5.83 -0.90 -32.72
CA LEU A 861 6.02 -1.83 -33.82
C LEU A 861 6.05 -1.11 -35.16
N LEU A 862 4.98 -0.40 -35.50
CA LEU A 862 4.93 0.38 -36.72
C LEU A 862 5.70 1.67 -36.52
N THR A 863 6.78 1.85 -37.29
CA THR A 863 7.58 3.06 -37.21
C THR A 863 6.87 4.20 -37.92
N ASP A 864 7.47 5.40 -37.85
CA ASP A 864 6.88 6.57 -38.49
C ASP A 864 6.89 6.44 -40.01
N GLU A 865 7.92 5.83 -40.59
CA GLU A 865 7.98 5.66 -42.04
C GLU A 865 6.88 4.74 -42.53
N MET A 866 6.58 3.67 -41.78
CA MET A 866 5.52 2.77 -42.18
C MET A 866 4.14 3.42 -42.08
N ILE A 867 3.92 4.22 -41.03
CA ILE A 867 2.65 4.93 -40.91
C ILE A 867 2.51 5.95 -42.04
N ALA A 868 3.61 6.64 -42.38
CA ALA A 868 3.58 7.57 -43.50
C ALA A 868 3.29 6.86 -44.82
N GLN A 869 3.87 5.68 -45.04
CA GLN A 869 3.60 4.92 -46.26
C GLN A 869 2.15 4.45 -46.30
N TYR A 870 1.60 4.03 -45.16
CA TYR A 870 0.20 3.65 -45.11
C TYR A 870 -0.70 4.83 -45.45
N THR A 871 -0.42 6.00 -44.86
CA THR A 871 -1.21 7.18 -45.16
C THR A 871 -1.09 7.62 -46.62
N SER A 872 0.10 7.47 -47.21
CA SER A 872 0.26 7.79 -48.63
C SER A 872 -0.48 6.80 -49.52
N ALA A 873 -0.46 5.52 -49.17
CA ALA A 873 -1.24 4.54 -49.95
C ALA A 873 -2.73 4.81 -49.84
N LEU A 874 -3.20 5.23 -48.65
CA LEU A 874 -4.60 5.59 -48.50
C LEU A 874 -4.97 6.77 -49.38
N LEU A 875 -4.11 7.79 -49.44
CA LEU A 875 -4.38 8.94 -50.30
C LEU A 875 -4.36 8.54 -51.77
N ALA A 876 -3.42 7.67 -52.16
CA ALA A 876 -3.38 7.20 -53.54
C ALA A 876 -4.63 6.44 -53.92
N GLY A 877 -5.12 5.59 -53.01
CA GLY A 877 -6.35 4.86 -53.28
C GLY A 877 -7.57 5.76 -53.31
N THR A 878 -7.56 6.82 -52.49
CA THR A 878 -8.69 7.74 -52.48
C THR A 878 -8.71 8.61 -53.73
N ILE A 879 -7.54 8.96 -54.25
CA ILE A 879 -7.49 9.83 -55.43
C ILE A 879 -7.69 9.04 -56.71
N THR A 880 -6.95 7.93 -56.87
CA THR A 880 -7.02 7.17 -58.12
C THR A 880 -8.25 6.27 -58.16
N SER A 881 -8.48 5.49 -57.11
CA SER A 881 -9.59 4.54 -57.08
C SER A 881 -10.88 5.15 -56.56
N GLY A 882 -10.80 6.06 -55.60
CA GLY A 882 -11.99 6.71 -55.04
C GLY A 882 -12.51 5.97 -53.81
N TRP A 883 -13.70 5.38 -53.94
CA TRP A 883 -14.34 4.64 -52.85
C TRP A 883 -14.49 3.15 -53.16
N THR A 884 -13.77 2.65 -54.17
CA THR A 884 -13.84 1.25 -54.55
C THR A 884 -12.68 0.42 -54.04
N PHE A 885 -11.61 1.06 -53.56
CA PHE A 885 -10.46 0.33 -53.04
C PHE A 885 -10.66 -0.14 -51.61
N GLY A 886 -11.73 0.29 -50.95
CA GLY A 886 -12.01 -0.15 -49.59
C GLY A 886 -13.07 -1.24 -49.56
N ALA A 887 -13.68 -1.51 -50.71
CA ALA A 887 -14.71 -2.54 -50.82
C ALA A 887 -14.31 -3.65 -51.79
N GLY A 888 -13.07 -3.66 -52.25
CA GLY A 888 -12.61 -4.68 -53.17
C GLY A 888 -11.40 -4.22 -53.97
N PRO A 889 -11.37 -4.55 -55.26
CA PRO A 889 -10.25 -4.14 -56.10
C PRO A 889 -10.32 -2.67 -56.46
N ALA A 890 -9.15 -2.10 -56.72
CA ALA A 890 -9.06 -0.70 -57.10
C ALA A 890 -9.61 -0.50 -58.50
N LEU A 891 -10.43 0.53 -58.67
CA LEU A 891 -11.07 0.84 -59.95
C LEU A 891 -10.65 2.24 -60.38
N GLN A 892 -9.96 2.33 -61.51
CA GLN A 892 -9.54 3.63 -62.03
C GLN A 892 -10.75 4.47 -62.40
N ILE A 893 -10.67 5.76 -62.06
CA ILE A 893 -11.77 6.69 -62.32
C ILE A 893 -11.22 8.11 -62.25
N PRO A 894 -11.58 8.99 -63.20
CA PRO A 894 -11.10 10.37 -63.13
C PRO A 894 -11.60 11.06 -61.87
N PHE A 895 -10.77 11.96 -61.35
CA PHE A 895 -11.09 12.70 -60.13
C PHE A 895 -12.26 13.65 -60.32
N PRO A 896 -12.37 14.35 -61.47
CA PRO A 896 -13.61 15.13 -61.69
C PRO A 896 -14.87 14.28 -61.63
N MET A 897 -14.89 13.13 -62.30
CA MET A 897 -16.04 12.25 -62.21
C MET A 897 -16.20 11.67 -60.80
N GLN A 898 -15.09 11.46 -60.11
CA GLN A 898 -15.16 10.96 -58.73
C GLN A 898 -15.88 11.95 -57.83
N MET A 899 -15.52 13.23 -57.91
CA MET A 899 -16.20 14.25 -57.13
C MET A 899 -17.60 14.56 -57.66
N ALA A 900 -17.87 14.30 -58.94
CA ALA A 900 -19.21 14.44 -59.48
C ALA A 900 -20.15 13.36 -58.98
N TYR A 901 -19.65 12.14 -58.76
CA TYR A 901 -20.46 11.08 -58.18
C TYR A 901 -20.61 11.18 -56.68
N ARG A 902 -19.75 11.96 -56.01
CA ARG A 902 -19.89 12.20 -54.59
C ARG A 902 -20.92 13.28 -54.27
N PHE A 903 -21.30 14.11 -55.24
CA PHE A 903 -22.34 15.10 -55.04
C PHE A 903 -23.73 14.50 -55.04
N ASN A 904 -23.93 13.38 -55.72
CA ASN A 904 -25.24 12.73 -55.79
C ASN A 904 -25.65 12.09 -54.47
N GLY A 905 -24.82 12.15 -53.44
CA GLY A 905 -25.17 11.61 -52.14
C GLY A 905 -25.71 12.67 -51.20
N ILE A 906 -25.60 13.94 -51.61
CA ILE A 906 -26.08 15.07 -50.81
C ILE A 906 -27.19 15.82 -51.52
N GLY A 907 -27.58 15.40 -52.72
CA GLY A 907 -28.67 16.04 -53.43
C GLY A 907 -28.23 16.82 -54.65
N VAL A 908 -27.04 17.42 -54.59
CA VAL A 908 -26.55 18.22 -55.71
C VAL A 908 -26.22 17.31 -56.88
N THR A 909 -26.74 17.63 -58.06
CA THR A 909 -26.49 16.84 -59.24
C THR A 909 -25.07 17.09 -59.76
N GLN A 910 -24.70 16.36 -60.81
CA GLN A 910 -23.36 16.44 -61.37
C GLN A 910 -23.19 17.59 -62.35
N ASN A 911 -24.29 18.17 -62.85
CA ASN A 911 -24.19 19.30 -63.76
C ASN A 911 -23.67 20.56 -63.08
N VAL A 912 -23.68 20.61 -61.75
CA VAL A 912 -23.08 21.73 -61.03
C VAL A 912 -21.57 21.64 -61.03
N LEU A 913 -21.03 20.47 -60.73
CA LEU A 913 -19.58 20.27 -60.78
C LEU A 913 -19.08 20.36 -62.22
N TYR A 914 -19.75 19.70 -63.15
CA TYR A 914 -19.32 19.73 -64.55
C TYR A 914 -19.41 21.12 -65.17
N GLU A 915 -19.90 22.12 -64.44
CA GLU A 915 -19.91 23.51 -64.90
C GLU A 915 -19.10 24.46 -64.04
N ASN A 916 -18.84 24.11 -62.77
CA ASN A 916 -18.06 24.97 -61.88
C ASN A 916 -16.85 24.23 -61.32
N GLN A 917 -16.30 23.29 -62.09
CA GLN A 917 -15.07 22.60 -61.68
C GLN A 917 -13.94 23.59 -61.38
N LYS A 918 -13.86 24.67 -62.17
CA LYS A 918 -12.79 25.65 -61.94
C LYS A 918 -12.93 26.30 -60.57
N LEU A 919 -14.13 26.76 -60.24
CA LEU A 919 -14.35 27.38 -58.93
C LEU A 919 -14.16 26.38 -57.80
N ILE A 920 -14.59 25.14 -58.02
CA ILE A 920 -14.42 24.11 -56.98
C ILE A 920 -12.94 23.85 -56.73
N ALA A 921 -12.15 23.76 -57.79
CA ALA A 921 -10.72 23.54 -57.64
C ALA A 921 -10.03 24.74 -56.97
N ASN A 922 -10.46 25.95 -57.32
CA ASN A 922 -9.89 27.13 -56.69
C ASN A 922 -10.20 27.15 -55.19
N GLN A 923 -11.45 26.85 -54.82
CA GLN A 923 -11.82 26.83 -53.41
C GLN A 923 -11.07 25.71 -52.66
N PHE A 924 -10.88 24.57 -53.31
CA PHE A 924 -10.15 23.47 -52.68
C PHE A 924 -8.70 23.85 -52.45
N ASN A 925 -8.05 24.43 -53.47
CA ASN A 925 -6.67 24.86 -53.32
C ASN A 925 -6.51 25.97 -52.29
N SER A 926 -7.50 26.84 -52.15
CA SER A 926 -7.47 27.86 -51.11
C SER A 926 -7.65 27.26 -49.71
N ALA A 927 -8.56 26.29 -49.57
CA ALA A 927 -8.77 25.68 -48.26
C ALA A 927 -7.57 24.83 -47.84
N ILE A 928 -6.92 24.19 -48.79
CA ILE A 928 -5.72 23.40 -48.46
C ILE A 928 -4.63 24.32 -47.91
N GLY A 929 -4.48 25.51 -48.48
CA GLY A 929 -3.51 26.45 -47.95
C GLY A 929 -3.93 27.04 -46.62
N LYS A 930 -5.22 27.32 -46.47
CA LYS A 930 -5.71 27.81 -45.18
C LYS A 930 -5.54 26.79 -44.07
N ILE A 931 -5.56 25.50 -44.40
CA ILE A 931 -5.28 24.47 -43.39
C ILE A 931 -3.88 24.64 -42.83
N GLN A 932 -2.87 24.79 -43.69
CA GLN A 932 -1.51 25.01 -43.22
C GLN A 932 -1.39 26.35 -42.49
N ASP A 933 -2.11 27.37 -42.98
CA ASP A 933 -2.06 28.67 -42.32
C ASP A 933 -2.61 28.60 -40.90
N SER A 934 -3.66 27.79 -40.70
CA SER A 934 -4.24 27.67 -39.37
C SER A 934 -3.40 26.77 -38.47
N LEU A 935 -2.77 25.74 -39.06
CA LEU A 935 -1.92 24.85 -38.27
C LEU A 935 -0.65 25.55 -37.80
N SER A 936 -0.20 26.57 -38.53
CA SER A 936 0.98 27.33 -38.14
C SER A 936 0.70 28.30 -36.99
N SER A 937 -0.56 28.54 -36.67
CA SER A 937 -0.92 29.42 -35.57
C SER A 937 -1.89 28.72 -34.63
N THR A 938 -2.48 29.46 -33.68
CA THR A 938 -3.43 28.95 -32.71
C THR A 938 -2.85 27.73 -31.99
N PRO A 939 -1.91 27.92 -31.07
CA PRO A 939 -1.27 26.77 -30.40
C PRO A 939 -2.25 25.82 -29.74
N SER A 940 -3.47 26.27 -29.42
CA SER A 940 -4.47 25.40 -28.83
C SER A 940 -5.22 24.64 -29.92
N ALA A 941 -4.49 23.99 -30.83
CA ALA A 941 -5.07 23.18 -31.89
C ALA A 941 -4.73 21.71 -31.76
N LEU A 942 -3.45 21.37 -31.65
CA LEU A 942 -3.02 20.00 -31.41
C LEU A 942 -2.95 19.70 -29.92
N GLY A 943 -4.05 19.97 -29.22
CA GLY A 943 -4.09 19.82 -27.77
C GLY A 943 -4.38 18.41 -27.33
N LYS A 944 -5.24 17.71 -28.05
CA LYS A 944 -5.61 16.34 -27.67
C LYS A 944 -4.47 15.35 -27.92
N LEU A 945 -3.52 15.69 -28.80
CA LEU A 945 -2.34 14.85 -28.96
C LEU A 945 -1.31 15.13 -27.88
N GLN A 946 -1.17 16.39 -27.46
CA GLN A 946 -0.29 16.71 -26.35
C GLN A 946 -0.85 16.30 -25.01
N ASP A 947 -2.15 16.07 -24.93
CA ASP A 947 -2.77 15.71 -23.65
C ASP A 947 -2.26 14.36 -23.15
N VAL A 948 -2.24 13.35 -24.02
CA VAL A 948 -1.79 12.03 -23.60
C VAL A 948 -0.30 12.05 -23.27
N VAL A 949 0.48 12.85 -24.02
CA VAL A 949 1.91 12.94 -23.74
C VAL A 949 2.15 13.60 -22.39
N ASN A 950 1.43 14.69 -22.09
CA ASN A 950 1.57 15.34 -20.80
C ASN A 950 1.10 14.44 -19.67
N HIS A 951 0.04 13.66 -19.90
CA HIS A 951 -0.43 12.74 -18.88
C HIS A 951 0.60 11.65 -18.60
N ASN A 952 1.20 11.09 -19.65
CA ASN A 952 2.23 10.09 -19.46
C ASN A 952 3.45 10.66 -18.74
N ALA A 953 3.84 11.89 -19.10
CA ALA A 953 4.97 12.53 -18.43
C ALA A 953 4.67 12.77 -16.96
N GLN A 954 3.46 13.25 -16.65
CA GLN A 954 3.08 13.48 -15.26
C GLN A 954 3.04 12.18 -14.47
N ALA A 955 2.55 11.10 -15.10
CA ALA A 955 2.52 9.82 -14.40
C ALA A 955 3.93 9.30 -14.14
N LEU A 956 4.82 9.41 -15.12
CA LEU A 956 6.19 8.95 -14.93
C LEU A 956 6.93 9.81 -13.92
N ASN A 957 6.60 11.10 -13.83
CA ASN A 957 7.19 11.96 -12.80
C ASN A 957 6.66 11.67 -11.42
N THR A 958 5.36 11.43 -11.28
CA THR A 958 4.77 11.08 -9.99
C THR A 958 5.25 9.73 -9.49
N LEU A 959 5.43 8.76 -10.39
CA LEU A 959 5.91 7.45 -9.97
C LEU A 959 7.38 7.47 -9.55
N VAL A 960 8.16 8.43 -10.04
CA VAL A 960 9.56 8.51 -9.66
C VAL A 960 9.81 9.48 -8.51
N LYS A 961 8.91 10.44 -8.28
CA LYS A 961 9.05 11.35 -7.16
C LYS A 961 8.67 10.70 -5.83
N GLN A 962 7.78 9.71 -5.86
CA GLN A 962 7.35 9.02 -4.65
C GLN A 962 8.44 8.13 -4.06
N LEU A 963 9.55 7.94 -4.76
CA LEU A 963 10.67 7.19 -4.21
C LEU A 963 11.45 7.95 -3.16
N SER A 964 11.26 9.27 -3.07
CA SER A 964 11.90 10.08 -2.05
C SER A 964 10.89 10.55 -1.00
N SER A 965 9.70 9.98 -0.99
CA SER A 965 8.65 10.31 -0.03
C SER A 965 8.50 9.16 0.95
N LYS A 966 8.73 9.43 2.23
CA LYS A 966 8.66 8.40 3.24
C LYS A 966 7.22 8.02 3.54
N PHE A 967 6.92 6.72 3.45
CA PHE A 967 5.66 6.18 3.90
C PHE A 967 5.66 5.86 5.39
N GLY A 968 6.60 6.44 6.13
CA GLY A 968 6.80 6.15 7.54
C GLY A 968 8.09 5.40 7.76
N ALA A 969 9.15 6.13 8.13
CA ALA A 969 10.48 5.57 8.29
C ALA A 969 11.44 6.61 8.85
N ILE A 970 12.69 6.21 9.10
CA ILE A 970 13.68 7.17 9.57
C ILE A 970 14.20 8.02 8.41
N SER A 971 14.20 7.47 7.20
CA SER A 971 14.70 8.18 6.02
C SER A 971 14.12 7.49 4.79
N SER A 972 14.62 7.87 3.61
CA SER A 972 14.20 7.30 2.35
C SER A 972 15.25 6.40 1.72
N VAL A 973 16.46 6.38 2.25
CA VAL A 973 17.54 5.56 1.71
C VAL A 973 17.52 4.21 2.40
N LEU A 974 17.46 3.13 1.62
CA LEU A 974 17.43 1.79 2.20
C LEU A 974 18.75 1.45 2.88
N ASN A 975 19.86 1.99 2.37
CA ASN A 975 21.15 1.71 3.00
C ASN A 975 21.24 2.31 4.40
N ASP A 976 20.71 3.53 4.57
CA ASP A 976 20.71 4.15 5.90
C ASP A 976 19.85 3.37 6.87
N ILE A 977 18.74 2.79 6.39
CA ILE A 977 17.88 2.00 7.26
C ILE A 977 18.55 0.69 7.62
N PHE A 978 19.21 0.05 6.65
CA PHE A 978 19.90 -1.21 6.93
C PHE A 978 21.13 -1.02 7.80
N SER A 979 21.71 0.18 7.79
CA SER A 979 22.93 0.42 8.55
C SER A 979 22.61 1.03 9.93
N ARG A 980 21.94 2.18 9.93
CA ARG A 980 21.69 2.92 11.17
C ARG A 980 20.39 2.48 11.82
N LEU A 981 20.31 1.17 12.08
CA LEU A 981 19.16 0.57 12.76
C LEU A 981 19.54 -0.86 13.14
N ASP A 982 18.62 -1.52 13.83
CA ASP A 982 18.78 -2.92 14.23
C ASP A 982 17.78 -3.79 13.47
N PRO A 983 18.12 -5.06 13.23
CA PRO A 983 17.26 -5.94 12.42
C PRO A 983 15.82 -6.00 12.93
N PRO A 984 15.57 -6.14 14.23
CA PRO A 984 14.17 -6.21 14.67
C PRO A 984 13.37 -4.96 14.33
N GLU A 985 14.01 -3.78 14.32
CA GLU A 985 13.34 -2.57 13.87
C GLU A 985 13.52 -2.32 12.38
N ALA A 986 14.60 -2.81 11.79
CA ALA A 986 14.82 -2.60 10.36
C ALA A 986 13.79 -3.37 9.54
N GLU A 987 13.47 -4.60 9.94
CA GLU A 987 12.48 -5.39 9.22
C GLU A 987 11.08 -4.77 9.29
N VAL A 988 10.82 -3.92 10.28
CA VAL A 988 9.54 -3.24 10.38
C VAL A 988 9.56 -1.91 9.65
N GLN A 989 10.71 -1.21 9.67
CA GLN A 989 10.80 0.08 9.00
C GLN A 989 10.85 -0.09 7.47
N ILE A 990 11.56 -1.12 6.99
CA ILE A 990 11.64 -1.34 5.56
C ILE A 990 10.33 -1.87 4.99
N ASP A 991 9.49 -2.50 5.82
CA ASP A 991 8.20 -2.97 5.33
C ASP A 991 7.26 -1.82 5.01
N ARG A 992 7.31 -0.74 5.79
CA ARG A 992 6.47 0.42 5.53
C ARG A 992 6.81 1.08 4.20
N LEU A 993 8.06 0.96 3.75
CA LEU A 993 8.46 1.49 2.46
C LEU A 993 8.28 0.49 1.33
N ILE A 994 8.38 -0.81 1.61
CA ILE A 994 8.15 -1.81 0.57
C ILE A 994 6.66 -1.99 0.29
N THR A 995 5.79 -1.61 1.23
CA THR A 995 4.35 -1.67 1.02
C THR A 995 3.81 -0.44 0.31
N GLY A 996 4.41 0.73 0.54
CA GLY A 996 3.95 1.94 -0.10
C GLY A 996 4.33 2.01 -1.57
N ARG A 997 5.53 1.55 -1.91
CA ARG A 997 5.96 1.55 -3.29
C ARG A 997 5.15 0.60 -4.15
N LEU A 998 4.81 -0.58 -3.62
CA LEU A 998 3.95 -1.50 -4.36
C LEU A 998 2.56 -0.92 -4.57
N GLN A 999 2.01 -0.24 -3.57
CA GLN A 999 0.70 0.40 -3.73
C GLN A 999 0.77 1.52 -4.77
N SER A 1000 1.87 2.28 -4.77
CA SER A 1000 2.02 3.35 -5.76
C SER A 1000 2.13 2.77 -7.16
N LEU A 1001 2.86 1.66 -7.32
CA LEU A 1001 2.99 1.03 -8.62
C LEU A 1001 1.65 0.45 -9.08
N GLN A 1002 0.87 -0.10 -8.14
CA GLN A 1002 -0.45 -0.59 -8.48
C GLN A 1002 -1.37 0.54 -8.92
N THR A 1003 -1.30 1.68 -8.24
CA THR A 1003 -2.09 2.84 -8.64
C THR A 1003 -1.68 3.32 -10.03
N TYR A 1004 -0.37 3.33 -10.30
CA TYR A 1004 0.11 3.70 -11.63
C TYR A 1004 -0.41 2.74 -12.69
N VAL A 1005 -0.40 1.44 -12.40
CA VAL A 1005 -0.89 0.45 -13.36
C VAL A 1005 -2.38 0.63 -13.60
N THR A 1006 -3.15 0.93 -12.55
CA THR A 1006 -4.59 1.15 -12.71
C THR A 1006 -4.85 2.39 -13.56
N GLN A 1007 -4.12 3.48 -13.31
CA GLN A 1007 -4.28 4.67 -14.13
C GLN A 1007 -3.91 4.40 -15.58
N GLN A 1008 -2.83 3.62 -15.80
CA GLN A 1008 -2.44 3.27 -17.16
C GLN A 1008 -3.50 2.43 -17.84
N LEU A 1009 -4.15 1.54 -17.09
CA LEU A 1009 -5.21 0.71 -17.68
C LEU A 1009 -6.41 1.57 -18.06
N ILE A 1010 -6.80 2.50 -17.20
CA ILE A 1010 -7.94 3.37 -17.51
C ILE A 1010 -7.62 4.24 -18.74
N ARG A 1011 -6.42 4.81 -18.78
CA ARG A 1011 -6.02 5.62 -19.92
C ARG A 1011 -5.92 4.79 -21.19
N ALA A 1012 -5.49 3.54 -21.08
CA ALA A 1012 -5.42 2.66 -22.25
C ALA A 1012 -6.81 2.31 -22.75
N ALA A 1013 -7.77 2.14 -21.84
CA ALA A 1013 -9.15 1.91 -22.26
C ALA A 1013 -9.70 3.13 -22.98
N GLU A 1014 -9.44 4.33 -22.45
CA GLU A 1014 -9.90 5.55 -23.11
C GLU A 1014 -9.28 5.69 -24.49
N ILE A 1015 -7.97 5.43 -24.60
CA ILE A 1015 -7.29 5.54 -25.90
C ILE A 1015 -7.75 4.45 -26.85
N ARG A 1016 -8.13 3.28 -26.33
CA ARG A 1016 -8.69 2.24 -27.18
C ARG A 1016 -10.03 2.65 -27.75
N ALA A 1017 -10.88 3.27 -26.92
CA ALA A 1017 -12.14 3.81 -27.43
C ALA A 1017 -11.89 4.87 -28.49
N SER A 1018 -10.93 5.76 -28.25
CA SER A 1018 -10.61 6.80 -29.22
C SER A 1018 -10.09 6.20 -30.52
N ALA A 1019 -9.28 5.14 -30.42
CA ALA A 1019 -8.73 4.51 -31.62
C ALA A 1019 -9.81 3.76 -32.39
N ASN A 1020 -10.76 3.14 -31.69
CA ASN A 1020 -11.89 2.52 -32.37
C ASN A 1020 -12.73 3.57 -33.10
N LEU A 1021 -12.95 4.72 -32.46
CA LEU A 1021 -13.66 5.80 -33.13
C LEU A 1021 -12.91 6.29 -34.36
N ALA A 1022 -11.58 6.42 -34.24
CA ALA A 1022 -10.77 6.87 -35.38
C ALA A 1022 -10.80 5.86 -36.52
N ALA A 1023 -10.77 4.57 -36.19
CA ALA A 1023 -10.85 3.53 -37.22
C ALA A 1023 -12.22 3.56 -37.91
N THR A 1024 -13.29 3.73 -37.13
CA THR A 1024 -14.62 3.84 -37.73
C THR A 1024 -14.71 5.04 -38.65
N LYS A 1025 -14.12 6.17 -38.24
CA LYS A 1025 -14.15 7.37 -39.08
C LYS A 1025 -13.35 7.15 -40.36
N MET A 1026 -12.15 6.58 -40.24
CA MET A 1026 -11.33 6.35 -41.44
C MET A 1026 -11.96 5.34 -42.38
N SER A 1027 -12.74 4.39 -41.84
CA SER A 1027 -13.42 3.42 -42.68
C SER A 1027 -14.71 3.94 -43.28
N GLU A 1028 -15.34 4.94 -42.65
CA GLU A 1028 -16.60 5.48 -43.15
C GLU A 1028 -16.46 6.82 -43.86
N CYS A 1029 -15.39 7.57 -43.60
CA CYS A 1029 -15.19 8.87 -44.24
C CYS A 1029 -14.17 8.83 -45.37
N VAL A 1030 -13.11 8.05 -45.23
CA VAL A 1030 -12.07 7.98 -46.25
C VAL A 1030 -12.38 6.91 -47.29
N LEU A 1031 -12.82 5.73 -46.85
CA LEU A 1031 -13.12 4.63 -47.75
C LEU A 1031 -14.46 4.80 -48.47
N GLY A 1032 -15.11 5.94 -48.33
CA GLY A 1032 -16.38 6.18 -48.98
C GLY A 1032 -17.08 7.38 -48.40
N GLN A 1033 -18.18 7.76 -49.06
CA GLN A 1033 -18.97 8.90 -48.64
C GLN A 1033 -20.00 8.46 -47.60
N SER A 1034 -19.97 9.12 -46.43
CA SER A 1034 -20.88 8.82 -45.34
C SER A 1034 -21.95 9.90 -45.26
N LYS A 1035 -23.19 9.46 -45.07
CA LYS A 1035 -24.34 10.36 -44.95
C LYS A 1035 -24.73 10.61 -43.50
N ARG A 1036 -23.76 10.53 -42.59
CA ARG A 1036 -23.99 10.78 -41.16
C ARG A 1036 -23.61 12.22 -40.84
N VAL A 1037 -24.51 12.93 -40.16
CA VAL A 1037 -24.29 14.34 -39.87
C VAL A 1037 -23.23 14.48 -38.79
N ASP A 1038 -22.31 15.44 -38.99
CA ASP A 1038 -21.28 15.83 -38.03
C ASP A 1038 -20.23 14.74 -37.85
N PHE A 1039 -20.42 13.58 -38.47
CA PHE A 1039 -19.47 12.49 -38.33
C PHE A 1039 -18.18 12.79 -39.11
N CYS A 1040 -18.30 13.00 -40.42
CA CYS A 1040 -17.16 13.36 -41.26
C CYS A 1040 -17.17 14.87 -41.44
N GLY A 1041 -16.75 15.58 -40.40
CA GLY A 1041 -16.72 17.03 -40.44
C GLY A 1041 -18.10 17.65 -40.33
N LYS A 1042 -18.11 18.98 -40.26
CA LYS A 1042 -19.34 19.74 -40.15
C LYS A 1042 -19.81 20.15 -41.54
N GLY A 1043 -20.97 19.63 -41.95
CA GLY A 1043 -21.56 19.92 -43.23
C GLY A 1043 -21.77 18.65 -44.03
N TYR A 1044 -22.12 18.82 -45.30
CA TYR A 1044 -22.32 17.69 -46.20
C TYR A 1044 -20.97 17.07 -46.54
N HIS A 1045 -20.72 15.87 -46.05
CA HIS A 1045 -19.43 15.22 -46.24
C HIS A 1045 -19.20 14.89 -47.72
N LEU A 1046 -18.04 15.29 -48.23
CA LEU A 1046 -17.63 14.98 -49.59
C LEU A 1046 -16.43 14.05 -49.64
N MET A 1047 -15.32 14.43 -49.00
CA MET A 1047 -14.11 13.62 -49.02
C MET A 1047 -13.43 13.70 -47.66
N SER A 1048 -12.51 12.76 -47.43
CA SER A 1048 -11.72 12.75 -46.20
C SER A 1048 -10.33 12.21 -46.51
N PHE A 1049 -9.31 12.96 -46.10
CA PHE A 1049 -7.92 12.58 -46.32
C PHE A 1049 -7.25 12.29 -45.00
N PRO A 1050 -6.68 11.10 -44.80
CA PRO A 1050 -5.95 10.81 -43.56
C PRO A 1050 -4.50 11.27 -43.63
N GLN A 1051 -3.99 11.65 -42.47
CA GLN A 1051 -2.62 12.12 -42.34
C GLN A 1051 -2.00 11.58 -41.05
N SER A 1052 -0.72 11.25 -41.12
CA SER A 1052 -0.03 10.73 -39.94
C SER A 1052 0.20 11.84 -38.92
N ALA A 1053 0.42 11.42 -37.68
CA ALA A 1053 0.64 12.35 -36.58
C ALA A 1053 1.32 11.60 -35.45
N PRO A 1054 2.10 12.28 -34.60
CA PRO A 1054 2.74 11.58 -33.48
C PRO A 1054 1.72 11.01 -32.50
N HIS A 1055 1.66 9.69 -32.42
CA HIS A 1055 0.72 8.99 -31.55
C HIS A 1055 -0.73 9.39 -31.83
N GLY A 1056 -1.06 9.60 -33.09
CA GLY A 1056 -2.42 9.98 -33.44
C GLY A 1056 -2.62 10.07 -34.93
N VAL A 1057 -3.75 10.66 -35.31
CA VAL A 1057 -4.14 10.82 -36.70
C VAL A 1057 -4.83 12.17 -36.87
N VAL A 1058 -4.70 12.74 -38.06
CA VAL A 1058 -5.25 14.05 -38.39
C VAL A 1058 -6.05 13.88 -39.67
N PHE A 1059 -7.37 13.84 -39.56
CA PHE A 1059 -8.24 13.77 -40.74
C PHE A 1059 -8.51 15.18 -41.27
N LEU A 1060 -8.48 15.31 -42.59
CA LEU A 1060 -8.89 16.53 -43.27
C LEU A 1060 -10.19 16.22 -44.01
N HIS A 1061 -11.30 16.76 -43.50
CA HIS A 1061 -12.63 16.50 -44.06
C HIS A 1061 -12.99 17.64 -45.00
N VAL A 1062 -13.13 17.33 -46.28
CA VAL A 1062 -13.61 18.27 -47.28
C VAL A 1062 -15.12 18.12 -47.36
N THR A 1063 -15.85 19.17 -46.97
CA THR A 1063 -17.30 19.12 -46.85
C THR A 1063 -17.94 20.21 -47.70
N TYR A 1064 -19.22 20.01 -47.99
CA TYR A 1064 -20.02 20.93 -48.80
C TYR A 1064 -20.85 21.81 -47.88
N VAL A 1065 -20.66 23.12 -47.99
CA VAL A 1065 -21.39 24.08 -47.17
C VAL A 1065 -22.15 25.05 -48.07
N PRO A 1066 -23.47 25.03 -48.08
CA PRO A 1066 -24.22 25.98 -48.91
C PRO A 1066 -24.13 27.39 -48.35
N ALA A 1067 -24.35 28.36 -49.24
CA ALA A 1067 -24.32 29.77 -48.85
C ALA A 1067 -25.07 30.58 -49.88
N GLN A 1068 -25.26 31.87 -49.57
CA GLN A 1068 -25.97 32.80 -50.44
C GLN A 1068 -27.37 32.30 -50.78
N GLU A 1069 -28.17 32.14 -49.73
CA GLU A 1069 -29.54 31.67 -49.89
C GLU A 1069 -30.46 32.81 -50.30
N LYS A 1070 -31.51 32.47 -51.03
CA LYS A 1070 -32.50 33.44 -51.49
C LYS A 1070 -33.90 32.94 -51.15
N ASN A 1071 -34.75 33.85 -50.71
CA ASN A 1071 -36.12 33.50 -50.33
C ASN A 1071 -37.00 33.38 -51.57
N PHE A 1072 -37.86 32.37 -51.57
CA PHE A 1072 -38.79 32.15 -52.67
C PHE A 1072 -40.12 31.64 -52.12
N THR A 1073 -41.18 31.88 -52.87
CA THR A 1073 -42.50 31.35 -52.53
C THR A 1073 -42.61 29.91 -52.99
N THR A 1074 -43.07 29.05 -52.08
CA THR A 1074 -43.14 27.62 -52.34
C THR A 1074 -44.58 27.15 -52.23
N ALA A 1075 -44.84 25.94 -52.74
CA ALA A 1075 -46.14 25.33 -52.71
C ALA A 1075 -45.96 23.82 -52.67
N PRO A 1076 -46.80 23.10 -51.92
CA PRO A 1076 -46.63 21.63 -51.86
C PRO A 1076 -46.83 20.95 -53.21
N ALA A 1077 -47.89 21.30 -53.93
CA ALA A 1077 -48.18 20.69 -55.22
C ALA A 1077 -48.83 21.72 -56.12
N ILE A 1078 -48.94 21.37 -57.40
CA ILE A 1078 -49.59 22.24 -58.37
C ILE A 1078 -50.84 21.54 -58.89
N CYS A 1079 -51.78 22.35 -59.39
CA CYS A 1079 -53.07 21.85 -59.86
C CYS A 1079 -53.18 22.13 -61.36
N HIS A 1080 -53.12 21.08 -62.16
CA HIS A 1080 -53.36 21.18 -63.60
C HIS A 1080 -54.86 21.03 -63.85
N ASP A 1081 -55.25 20.86 -65.11
CA ASP A 1081 -56.66 20.77 -65.48
C ASP A 1081 -57.22 19.45 -64.96
N GLY A 1082 -57.62 19.48 -63.68
CA GLY A 1082 -58.22 18.32 -63.04
C GLY A 1082 -57.26 17.36 -62.39
N LYS A 1083 -55.95 17.60 -62.48
CA LYS A 1083 -54.95 16.70 -61.94
C LYS A 1083 -54.06 17.46 -60.95
N ALA A 1084 -53.50 16.73 -60.00
CA ALA A 1084 -52.60 17.28 -58.99
C ALA A 1084 -51.21 16.71 -59.20
N HIS A 1085 -50.24 17.58 -59.45
CA HIS A 1085 -48.86 17.19 -59.73
C HIS A 1085 -47.98 17.53 -58.53
N PHE A 1086 -47.18 16.54 -58.08
CA PHE A 1086 -46.21 16.60 -57.01
C PHE A 1086 -44.80 16.44 -57.56
N PRO A 1087 -43.84 17.20 -57.02
CA PRO A 1087 -42.46 17.08 -57.50
C PRO A 1087 -41.88 15.70 -57.24
N ARG A 1088 -40.86 15.36 -58.02
CA ARG A 1088 -40.18 14.07 -57.92
C ARG A 1088 -38.86 14.17 -57.18
N GLU A 1089 -37.96 15.05 -57.64
CA GLU A 1089 -36.66 15.23 -57.00
C GLU A 1089 -36.32 16.71 -56.92
N GLY A 1090 -37.29 17.54 -56.53
CA GLY A 1090 -37.05 18.95 -56.45
C GLY A 1090 -38.10 19.64 -55.60
N VAL A 1091 -38.02 20.97 -55.59
CA VAL A 1091 -38.93 21.81 -54.83
C VAL A 1091 -39.52 22.86 -55.76
N PHE A 1092 -40.82 23.12 -55.61
CA PHE A 1092 -41.50 24.14 -56.39
C PHE A 1092 -41.21 25.52 -55.80
N VAL A 1093 -40.68 26.42 -56.63
CA VAL A 1093 -40.39 27.79 -56.24
C VAL A 1093 -41.09 28.73 -57.19
N SER A 1094 -41.16 29.99 -56.82
CA SER A 1094 -41.70 31.01 -57.69
C SER A 1094 -41.04 32.36 -57.48
N ASN A 1095 -40.62 32.97 -58.58
CA ASN A 1095 -40.00 34.26 -58.56
C ASN A 1095 -41.05 35.31 -58.73
N GLY A 1096 -42.16 35.12 -58.03
CA GLY A 1096 -43.21 36.11 -58.00
C GLY A 1096 -44.36 35.72 -58.91
N THR A 1097 -44.13 35.84 -60.19
CA THR A 1097 -45.15 35.52 -61.20
C THR A 1097 -45.02 34.08 -61.68
N HIS A 1098 -43.86 33.70 -62.20
CA HIS A 1098 -43.69 32.38 -62.78
C HIS A 1098 -43.33 31.35 -61.72
N TRP A 1099 -43.56 30.09 -62.05
CA TRP A 1099 -43.26 28.96 -61.18
C TRP A 1099 -42.25 28.04 -61.85
N PHE A 1100 -41.34 27.50 -61.05
CA PHE A 1100 -40.30 26.59 -61.54
C PHE A 1100 -40.06 25.51 -60.51
N VAL A 1101 -39.25 24.52 -60.89
CA VAL A 1101 -38.85 23.43 -60.01
C VAL A 1101 -37.34 23.41 -59.93
N THR A 1102 -36.80 23.45 -58.71
CA THR A 1102 -35.37 23.49 -58.47
C THR A 1102 -34.95 22.30 -57.61
N GLN A 1103 -33.68 22.30 -57.20
CA GLN A 1103 -33.16 21.26 -56.33
C GLN A 1103 -33.31 21.68 -54.87
N ARG A 1104 -32.94 20.79 -53.96
CA ARG A 1104 -33.03 21.05 -52.53
C ARG A 1104 -31.75 21.60 -51.92
N ASN A 1105 -30.66 21.65 -52.69
CA ASN A 1105 -29.40 22.16 -52.17
C ASN A 1105 -28.69 23.12 -53.12
N PHE A 1106 -29.27 23.42 -54.28
CA PHE A 1106 -28.67 24.34 -55.24
C PHE A 1106 -29.76 24.87 -56.15
N TYR A 1107 -29.79 26.19 -56.32
CA TYR A 1107 -30.83 26.81 -57.13
C TYR A 1107 -30.57 26.55 -58.61
N GLU A 1108 -31.56 25.98 -59.29
CA GLU A 1108 -31.47 25.71 -60.72
C GLU A 1108 -32.88 25.74 -61.32
N PRO A 1109 -33.32 26.87 -61.85
CA PRO A 1109 -34.70 26.97 -62.34
C PRO A 1109 -34.91 26.14 -63.60
N GLN A 1110 -35.96 25.33 -63.58
CA GLN A 1110 -36.34 24.50 -64.71
C GLN A 1110 -37.85 24.60 -64.90
N ILE A 1111 -38.29 24.70 -66.16
CA ILE A 1111 -39.71 24.79 -66.45
C ILE A 1111 -40.40 23.48 -66.07
N ILE A 1112 -41.62 23.59 -65.56
CA ILE A 1112 -42.36 22.42 -65.11
C ILE A 1112 -42.80 21.62 -66.33
N THR A 1113 -42.38 20.35 -66.39
CA THR A 1113 -42.72 19.46 -67.49
C THR A 1113 -43.21 18.14 -66.91
N THR A 1114 -43.82 17.32 -67.75
CA THR A 1114 -44.29 16.01 -67.32
C THR A 1114 -43.15 14.99 -67.35
N ASP A 1115 -42.04 15.34 -66.72
CA ASP A 1115 -40.90 14.43 -66.58
C ASP A 1115 -40.30 14.44 -65.18
N ASN A 1116 -40.61 15.43 -64.35
CA ASN A 1116 -40.13 15.48 -62.96
C ASN A 1116 -41.28 15.72 -61.99
N THR A 1117 -42.52 15.55 -62.44
CA THR A 1117 -43.70 15.73 -61.59
C THR A 1117 -44.64 14.55 -61.84
N PHE A 1118 -45.09 13.92 -60.76
CA PHE A 1118 -45.99 12.79 -60.86
C PHE A 1118 -47.37 13.17 -60.36
N VAL A 1119 -48.39 12.48 -60.90
CA VAL A 1119 -49.79 12.76 -60.60
C VAL A 1119 -50.28 11.77 -59.57
N SER A 1120 -50.98 12.27 -58.54
CA SER A 1120 -51.55 11.41 -57.50
C SER A 1120 -52.74 12.14 -56.91
N GLY A 1121 -53.94 11.72 -57.30
CA GLY A 1121 -55.15 12.33 -56.82
C GLY A 1121 -55.51 13.59 -57.59
N ASN A 1122 -56.47 14.33 -57.02
CA ASN A 1122 -56.93 15.58 -57.60
C ASN A 1122 -56.80 16.69 -56.57
N CYS A 1123 -57.18 17.91 -56.98
CA CYS A 1123 -56.98 19.10 -56.17
C CYS A 1123 -58.14 19.28 -55.19
N ASP A 1124 -58.22 18.35 -54.24
CA ASP A 1124 -59.26 18.40 -53.21
C ASP A 1124 -58.76 18.16 -51.80
N VAL A 1125 -57.63 17.49 -51.59
CA VAL A 1125 -57.16 17.16 -50.26
C VAL A 1125 -55.89 17.92 -49.87
N VAL A 1126 -54.98 18.18 -50.81
CA VAL A 1126 -53.75 18.87 -50.48
C VAL A 1126 -54.05 20.32 -50.13
N ILE A 1127 -53.53 20.77 -48.99
CA ILE A 1127 -53.76 22.13 -48.49
C ILE A 1127 -52.62 23.01 -48.96
N GLY A 1128 -52.95 24.10 -49.62
CA GLY A 1128 -51.96 25.03 -50.13
C GLY A 1128 -51.54 24.81 -51.56
N ILE A 1129 -52.35 24.13 -52.36
CA ILE A 1129 -52.01 23.83 -53.75
C ILE A 1129 -52.39 25.01 -54.62
N VAL A 1130 -51.50 25.34 -55.55
CA VAL A 1130 -51.68 26.46 -56.47
C VAL A 1130 -52.32 26.04 -57.77
N ASN A 1131 -51.98 26.69 -58.87
CA ASN A 1131 -52.72 26.43 -60.09
C ASN A 1131 -51.94 26.59 -61.39
N ASN A 1132 -50.63 26.45 -61.37
CA ASN A 1132 -49.81 26.77 -62.53
C ASN A 1132 -49.67 25.58 -63.46
N THR A 1133 -50.01 25.88 -64.69
CA THR A 1133 -50.03 25.02 -65.87
C THR A 1133 -48.72 24.25 -65.99
N VAL A 1134 -48.80 23.05 -66.57
CA VAL A 1134 -47.65 22.20 -66.76
C VAL A 1134 -47.43 22.01 -68.26
N TYR A 1135 -46.19 21.66 -68.62
CA TYR A 1135 -45.84 21.43 -70.01
C TYR A 1135 -45.72 19.93 -70.27
N ASP A 1136 -46.08 19.51 -71.48
CA ASP A 1136 -45.99 18.12 -71.90
C ASP A 1136 -45.25 18.08 -73.23
N PRO A 1137 -44.12 17.37 -73.32
CA PRO A 1137 -43.33 17.35 -74.57
C PRO A 1137 -43.91 16.42 -75.64
N LEU A 1138 -45.21 16.53 -75.86
CA LEU A 1138 -45.89 15.79 -76.91
C LEU A 1138 -46.78 16.67 -77.77
N GLN A 1139 -47.42 17.68 -77.18
CA GLN A 1139 -48.26 18.60 -77.97
C GLN A 1139 -47.44 19.42 -78.95
N PRO A 1140 -46.34 20.07 -78.57
CA PRO A 1140 -45.56 20.79 -79.58
C PRO A 1140 -44.86 19.87 -80.57
N GLU A 1141 -44.51 18.65 -80.15
CA GLU A 1141 -43.89 17.70 -81.07
C GLU A 1141 -44.90 17.18 -82.08
N LEU A 1142 -46.07 16.75 -81.60
CA LEU A 1142 -47.13 16.24 -82.47
C LEU A 1142 -48.04 17.40 -82.93
N ASP A 1143 -47.42 18.37 -83.59
CA ASP A 1143 -48.15 19.52 -84.10
C ASP A 1143 -47.73 19.92 -85.51
N SER A 1144 -46.85 19.17 -86.16
CA SER A 1144 -46.41 19.50 -87.51
C SER A 1144 -46.18 18.23 -88.33
N PRO B 26 40.69 -38.96 -13.71
CA PRO B 26 39.31 -38.52 -13.69
C PRO B 26 38.63 -38.85 -14.97
N ALA B 27 37.83 -37.92 -15.46
CA ALA B 27 37.11 -38.13 -16.69
C ALA B 27 36.07 -37.08 -16.62
N TYR B 28 35.13 -37.13 -17.52
CA TYR B 28 34.05 -36.20 -17.46
C TYR B 28 32.97 -36.74 -18.38
N THR B 29 31.73 -36.84 -17.87
CA THR B 29 30.60 -37.25 -18.70
C THR B 29 29.42 -36.33 -18.45
N ASN B 30 28.23 -36.73 -18.86
CA ASN B 30 27.09 -35.84 -18.75
C ASN B 30 26.12 -36.10 -17.67
N SER B 31 25.01 -35.41 -17.73
CA SER B 31 23.93 -35.59 -16.76
C SER B 31 22.61 -35.13 -17.35
N PHE B 32 22.26 -35.65 -18.53
CA PHE B 32 21.17 -35.13 -19.35
C PHE B 32 19.93 -34.75 -18.55
N THR B 33 19.31 -35.72 -17.88
CA THR B 33 18.15 -35.44 -17.03
C THR B 33 18.13 -36.48 -15.91
N ARG B 34 18.74 -36.12 -14.78
CA ARG B 34 18.82 -36.99 -13.62
C ARG B 34 19.29 -36.16 -12.43
N GLY B 35 19.08 -36.70 -11.24
CA GLY B 35 19.49 -36.02 -10.03
C GLY B 35 18.48 -35.07 -9.45
N VAL B 36 17.20 -35.31 -9.68
CA VAL B 36 16.12 -34.47 -9.18
C VAL B 36 15.43 -35.23 -8.05
N TYR B 37 15.73 -34.87 -6.81
CA TYR B 37 15.15 -35.51 -5.66
C TYR B 37 13.82 -34.86 -5.28
N TYR B 38 13.08 -35.53 -4.41
CA TYR B 38 11.82 -34.98 -3.95
C TYR B 38 12.07 -33.81 -3.01
N PRO B 39 11.38 -32.69 -3.19
CA PRO B 39 11.52 -31.57 -2.26
C PRO B 39 10.85 -31.86 -0.92
N ASP B 40 10.66 -30.81 -0.11
CA ASP B 40 9.95 -30.92 1.16
C ASP B 40 8.71 -31.79 1.02
N LYS B 41 8.51 -32.66 2.02
CA LYS B 41 7.51 -33.72 1.90
C LYS B 41 6.09 -33.18 1.98
N VAL B 42 5.50 -32.91 0.83
CA VAL B 42 4.11 -32.48 0.71
C VAL B 42 3.51 -33.16 -0.52
N PHE B 43 2.46 -33.95 -0.31
CA PHE B 43 1.83 -34.65 -1.43
C PHE B 43 1.13 -33.67 -2.35
N ARG B 44 1.51 -33.68 -3.62
CA ARG B 44 0.91 -32.82 -4.64
C ARG B 44 0.62 -33.66 -5.87
N SER B 45 -0.60 -33.52 -6.40
CA SER B 45 -1.06 -34.31 -7.53
C SER B 45 -1.45 -33.37 -8.67
N SER B 46 -0.78 -33.53 -9.82
CA SER B 46 -1.07 -32.77 -11.03
C SER B 46 -1.01 -31.26 -10.78
N VAL B 47 0.16 -30.82 -10.30
CA VAL B 47 0.42 -29.42 -10.03
C VAL B 47 1.70 -29.02 -10.76
N LEU B 48 2.04 -27.73 -10.65
CA LEU B 48 3.25 -27.17 -11.25
C LEU B 48 3.93 -26.32 -10.17
N HIS B 49 4.80 -26.94 -9.39
CA HIS B 49 5.48 -26.28 -8.29
C HIS B 49 6.87 -25.85 -8.73
N SER B 50 7.36 -24.77 -8.11
CA SER B 50 8.69 -24.24 -8.38
C SER B 50 9.39 -24.03 -7.04
N THR B 51 10.46 -24.78 -6.79
CA THR B 51 11.13 -24.76 -5.51
C THR B 51 12.60 -24.36 -5.67
N GLN B 52 13.05 -23.49 -4.77
CA GLN B 52 14.44 -23.06 -4.72
C GLN B 52 15.16 -23.90 -3.67
N ASP B 53 16.09 -24.74 -4.11
CA ASP B 53 16.77 -25.66 -3.22
C ASP B 53 18.19 -25.89 -3.75
N LEU B 54 18.84 -26.95 -3.25
CA LEU B 54 20.17 -27.34 -3.69
C LEU B 54 20.00 -28.52 -4.65
N PHE B 55 19.99 -28.23 -5.95
CA PHE B 55 19.73 -29.24 -6.96
C PHE B 55 20.95 -29.45 -7.84
N LEU B 56 20.84 -30.40 -8.76
CA LEU B 56 21.91 -30.70 -9.70
C LEU B 56 21.59 -30.05 -11.04
N PRO B 57 22.42 -29.15 -11.54
CA PRO B 57 22.12 -28.50 -12.82
C PRO B 57 22.14 -29.50 -13.97
N PHE B 58 21.17 -29.37 -14.87
CA PHE B 58 21.13 -30.22 -16.04
C PHE B 58 22.27 -29.88 -17.00
N PHE B 59 22.72 -30.90 -17.72
CA PHE B 59 23.84 -30.77 -18.66
C PHE B 59 25.08 -30.22 -17.96
N SER B 60 25.43 -30.90 -16.88
CA SER B 60 26.63 -30.62 -16.10
C SER B 60 27.59 -31.80 -16.19
N ASN B 61 28.75 -31.64 -15.57
CA ASN B 61 29.85 -32.58 -15.73
C ASN B 61 29.93 -33.62 -14.61
N VAL B 62 30.38 -34.81 -14.96
CA VAL B 62 30.51 -35.87 -13.97
C VAL B 62 31.94 -36.41 -13.92
N THR B 63 32.51 -36.33 -12.73
CA THR B 63 33.87 -36.76 -12.42
C THR B 63 33.96 -38.27 -12.43
N TRP B 64 33.47 -38.88 -13.51
CA TRP B 64 33.49 -40.33 -13.71
C TRP B 64 34.85 -40.91 -13.38
N PHE B 65 34.87 -41.86 -12.44
CA PHE B 65 36.07 -42.53 -12.01
C PHE B 65 35.91 -44.03 -12.25
N HIS B 66 36.95 -44.66 -12.80
CA HIS B 66 36.94 -46.08 -13.12
C HIS B 66 37.68 -46.81 -12.01
N VAL B 67 36.91 -47.39 -11.09
CA VAL B 67 37.47 -48.06 -9.92
C VAL B 67 37.59 -49.55 -10.21
N ILE B 68 37.53 -49.92 -11.49
CA ILE B 68 37.70 -51.33 -11.86
C ILE B 68 39.08 -51.82 -11.45
N PHE B 77 41.87 -49.32 -10.01
CA PHE B 77 42.17 -48.54 -8.80
C PHE B 77 41.80 -47.08 -8.99
N ASP B 78 40.81 -46.61 -8.22
CA ASP B 78 40.45 -45.18 -8.25
C ASP B 78 39.74 -44.85 -6.93
N ASN B 79 40.47 -44.23 -6.01
CA ASN B 79 39.92 -43.85 -4.71
C ASN B 79 40.49 -42.50 -4.29
N PRO B 80 39.97 -41.41 -4.88
CA PRO B 80 40.42 -40.07 -4.50
C PRO B 80 39.55 -39.46 -3.40
N VAL B 81 40.11 -38.47 -2.73
CA VAL B 81 39.41 -37.70 -1.71
C VAL B 81 38.91 -36.43 -2.39
N LEU B 82 37.60 -36.38 -2.66
CA LEU B 82 37.06 -35.24 -3.38
C LEU B 82 36.56 -34.16 -2.43
N PRO B 83 36.73 -32.88 -2.78
CA PRO B 83 36.27 -31.80 -1.91
C PRO B 83 34.75 -31.71 -1.92
N PHE B 84 34.14 -31.91 -0.75
CA PHE B 84 32.70 -31.82 -0.61
C PHE B 84 32.28 -30.37 -0.44
N ASN B 85 31.34 -29.91 -1.27
CA ASN B 85 30.90 -28.53 -1.30
C ASN B 85 29.38 -28.45 -1.15
N ASP B 86 28.86 -29.16 -0.14
CA ASP B 86 27.43 -29.19 0.17
C ASP B 86 26.62 -29.76 -0.98
N GLY B 87 26.98 -30.98 -1.37
CA GLY B 87 26.28 -31.69 -2.42
C GLY B 87 27.14 -32.83 -2.96
N VAL B 88 26.46 -33.89 -3.41
CA VAL B 88 27.13 -35.05 -3.98
C VAL B 88 26.11 -35.78 -4.85
N TYR B 89 26.62 -36.50 -5.85
CA TYR B 89 25.79 -37.23 -6.81
C TYR B 89 26.33 -38.64 -7.00
N PHE B 90 26.56 -39.34 -5.89
CA PHE B 90 27.03 -40.72 -5.96
C PHE B 90 26.01 -41.59 -6.66
N ALA B 91 26.35 -42.08 -7.85
CA ALA B 91 25.46 -42.84 -8.72
C ALA B 91 26.16 -44.09 -9.23
N SER B 92 26.74 -44.87 -8.32
CA SER B 92 27.51 -46.04 -8.70
C SER B 92 26.68 -47.03 -9.51
N ILE B 93 27.38 -47.85 -10.30
CA ILE B 93 26.76 -48.92 -11.06
C ILE B 93 27.59 -50.17 -10.81
N GLU B 94 27.16 -50.99 -9.85
CA GLU B 94 27.85 -52.22 -9.49
C GLU B 94 27.01 -53.41 -9.94
N LYS B 95 27.49 -54.62 -9.64
CA LYS B 95 26.76 -55.84 -9.95
C LYS B 95 26.27 -56.54 -8.69
N SER B 96 27.18 -56.92 -7.78
CA SER B 96 26.77 -57.49 -6.50
C SER B 96 27.25 -56.66 -5.33
N ASN B 97 28.56 -56.44 -5.18
CA ASN B 97 29.07 -55.72 -4.02
C ASN B 97 30.30 -54.87 -4.33
N ILE B 98 30.40 -54.30 -5.53
CA ILE B 98 31.63 -53.61 -5.94
C ILE B 98 31.89 -52.41 -5.02
N ILE B 99 30.97 -51.46 -5.00
CA ILE B 99 31.10 -50.23 -4.21
C ILE B 99 30.18 -50.33 -3.01
N ARG B 100 30.73 -50.14 -1.81
CA ARG B 100 29.95 -50.23 -0.58
C ARG B 100 30.65 -49.36 0.47
N GLY B 101 30.09 -48.18 0.72
CA GLY B 101 30.65 -47.29 1.72
C GLY B 101 30.65 -45.83 1.28
N TRP B 102 30.19 -44.94 2.16
CA TRP B 102 30.09 -43.52 1.87
C TRP B 102 30.62 -42.70 3.05
N ILE B 103 31.82 -43.04 3.51
CA ILE B 103 32.42 -42.33 4.63
C ILE B 103 32.72 -40.89 4.25
N PHE B 104 32.32 -39.95 5.09
CA PHE B 104 32.57 -38.53 4.89
C PHE B 104 33.56 -38.03 5.94
N GLY B 105 33.81 -36.72 5.91
CA GLY B 105 34.72 -36.08 6.85
C GLY B 105 35.71 -35.19 6.12
N THR B 106 36.28 -34.24 6.87
CA THR B 106 37.22 -33.27 6.30
C THR B 106 38.68 -33.70 6.50
N THR B 107 39.11 -33.87 7.74
CA THR B 107 40.49 -34.24 8.07
C THR B 107 40.47 -35.66 8.65
N LEU B 108 40.73 -36.64 7.79
CA LEU B 108 40.58 -38.04 8.18
C LEU B 108 41.86 -38.62 8.76
N ASP B 109 42.48 -37.95 9.73
CA ASP B 109 43.64 -38.51 10.40
C ASP B 109 43.40 -38.75 11.88
N SER B 110 43.13 -37.69 12.67
CA SER B 110 42.89 -37.92 14.09
C SER B 110 41.88 -36.96 14.72
N LYS B 111 41.26 -36.05 13.96
CA LYS B 111 40.52 -34.96 14.57
C LYS B 111 39.12 -34.73 14.00
N THR B 112 38.62 -35.63 13.17
CA THR B 112 37.29 -35.46 12.57
C THR B 112 36.48 -36.71 12.80
N GLN B 113 35.20 -36.51 13.13
CA GLN B 113 34.27 -37.62 13.27
C GLN B 113 34.06 -38.29 11.91
N SER B 114 33.63 -39.54 11.95
CA SER B 114 33.43 -40.33 10.74
C SER B 114 31.94 -40.39 10.41
N LEU B 115 31.65 -40.79 9.17
CA LEU B 115 30.28 -40.89 8.69
C LEU B 115 30.10 -42.19 7.92
N LEU B 116 30.51 -43.30 8.53
CA LEU B 116 30.36 -44.62 7.91
C LEU B 116 28.91 -44.89 7.57
N ILE B 117 28.65 -45.22 6.31
CA ILE B 117 27.32 -45.60 5.85
C ILE B 117 27.39 -47.00 5.26
N VAL B 118 28.28 -47.84 5.81
CA VAL B 118 28.45 -49.19 5.33
C VAL B 118 27.11 -49.92 5.34
N ASN B 119 26.85 -50.71 4.29
CA ASN B 119 25.58 -51.39 4.08
C ASN B 119 25.80 -52.86 3.82
N ASN B 120 26.53 -53.54 4.70
CA ASN B 120 26.79 -54.96 4.55
C ASN B 120 25.51 -55.77 4.67
N ALA B 121 25.60 -57.08 4.48
CA ALA B 121 24.41 -57.92 4.39
C ALA B 121 23.60 -57.89 5.68
N THR B 122 24.25 -57.68 6.82
CA THR B 122 23.56 -57.69 8.10
C THR B 122 22.54 -56.56 8.19
N ASN B 123 23.02 -55.32 8.18
CA ASN B 123 22.17 -54.14 8.29
C ASN B 123 23.05 -52.92 8.03
N VAL B 124 22.48 -51.72 8.18
CA VAL B 124 23.25 -50.51 7.98
C VAL B 124 24.17 -50.28 9.17
N VAL B 125 25.31 -49.64 8.90
CA VAL B 125 26.32 -49.42 9.93
C VAL B 125 26.54 -47.92 10.11
N ILE B 126 25.47 -47.14 9.95
CA ILE B 126 25.53 -45.69 10.15
C ILE B 126 26.08 -45.40 11.53
N LYS B 127 27.21 -44.69 11.59
CA LYS B 127 27.89 -44.43 12.86
C LYS B 127 28.72 -43.17 12.72
N VAL B 128 28.44 -42.18 13.56
CA VAL B 128 29.18 -40.93 13.58
C VAL B 128 30.21 -40.91 14.72
N CYS B 129 30.60 -42.09 15.21
CA CYS B 129 31.51 -42.18 16.35
C CYS B 129 32.83 -41.48 16.07
N GLU B 130 33.25 -40.64 17.00
CA GLU B 130 34.55 -39.99 16.92
C GLU B 130 35.63 -40.97 17.35
N PHE B 131 36.58 -41.24 16.46
CA PHE B 131 37.64 -42.21 16.72
C PHE B 131 38.82 -41.88 15.82
N GLN B 132 39.85 -42.72 15.91
CA GLN B 132 41.03 -42.57 15.06
C GLN B 132 40.64 -42.85 13.61
N PHE B 133 40.59 -41.80 12.80
CA PHE B 133 40.14 -41.94 11.42
C PHE B 133 41.19 -42.69 10.60
N CYS B 134 40.75 -43.79 9.98
CA CYS B 134 41.67 -44.62 9.21
C CYS B 134 41.93 -44.00 7.84
N ASN B 135 43.11 -44.28 7.29
CA ASN B 135 43.49 -43.81 5.96
C ASN B 135 43.49 -44.92 4.92
N ASP B 136 42.97 -46.10 5.26
CA ASP B 136 42.95 -47.22 4.33
C ASP B 136 41.64 -47.22 3.55
N PRO B 137 41.66 -47.04 2.23
CA PRO B 137 40.40 -47.04 1.47
C PRO B 137 39.82 -48.41 1.21
N PHE B 138 40.62 -49.48 1.32
CA PHE B 138 40.15 -50.82 1.05
C PHE B 138 39.57 -51.46 2.32
N LEU B 139 38.54 -52.25 2.14
CA LEU B 139 37.92 -52.97 3.25
C LEU B 139 38.67 -54.25 3.57
N GLU B 151 36.58 -58.19 5.71
CA GLU B 151 35.94 -57.91 6.99
C GLU B 151 36.14 -56.46 7.39
N PHE B 152 35.93 -56.17 8.67
CA PHE B 152 36.04 -54.80 9.20
C PHE B 152 37.52 -54.41 9.33
N ARG B 153 38.17 -54.27 8.17
CA ARG B 153 39.59 -53.95 8.14
C ARG B 153 39.87 -52.47 8.31
N VAL B 154 38.91 -51.60 7.98
CA VAL B 154 39.12 -50.17 8.15
C VAL B 154 39.05 -49.78 9.63
N TYR B 155 38.49 -50.67 10.46
CA TYR B 155 38.44 -50.41 11.89
C TYR B 155 39.83 -50.44 12.49
N SER B 156 40.22 -49.34 13.14
CA SER B 156 41.53 -49.22 13.75
C SER B 156 41.46 -49.13 15.27
N SER B 157 40.71 -48.17 15.81
CA SER B 157 40.60 -48.01 17.26
C SER B 157 39.34 -47.18 17.54
N ALA B 158 38.39 -47.79 18.24
CA ALA B 158 37.12 -47.12 18.55
C ALA B 158 37.28 -46.28 19.81
N ASN B 159 37.05 -44.98 19.67
CA ASN B 159 37.09 -44.04 20.78
C ASN B 159 35.67 -43.71 21.23
N ASN B 160 35.54 -42.74 22.12
CA ASN B 160 34.23 -42.34 22.63
C ASN B 160 33.35 -41.82 21.49
N CYS B 161 32.11 -42.30 21.45
CA CYS B 161 31.19 -41.95 20.38
C CYS B 161 30.29 -40.79 20.80
N THR B 162 29.45 -40.34 19.88
CA THR B 162 28.50 -39.26 20.15
C THR B 162 27.09 -39.66 19.74
N PHE B 163 26.99 -40.48 18.68
CA PHE B 163 25.70 -40.91 18.17
C PHE B 163 25.91 -42.09 17.23
N GLU B 164 24.87 -42.90 17.10
CA GLU B 164 24.90 -44.05 16.20
C GLU B 164 23.49 -44.31 15.70
N TYR B 165 23.39 -45.12 14.65
CA TYR B 165 22.08 -45.44 14.05
C TYR B 165 22.18 -46.85 13.47
N VAL B 166 21.49 -47.79 14.10
CA VAL B 166 21.45 -49.18 13.63
C VAL B 166 20.11 -49.35 12.94
N SER B 167 20.12 -49.21 11.62
CA SER B 167 18.91 -49.30 10.81
C SER B 167 18.78 -50.69 10.22
N GLN B 168 17.57 -51.26 10.32
CA GLN B 168 17.27 -52.57 9.76
C GLN B 168 17.02 -52.51 8.25
N PRO B 169 16.25 -51.51 7.74
CA PRO B 169 16.05 -51.45 6.28
C PRO B 169 17.31 -51.02 5.54
N PHE B 170 18.18 -51.99 5.26
CA PHE B 170 19.44 -51.73 4.58
C PHE B 170 19.20 -50.97 3.27
N LEU B 171 20.12 -50.04 2.96
CA LEU B 171 19.94 -49.19 1.79
C LEU B 171 20.17 -49.97 0.50
N MET B 172 21.23 -50.76 0.44
CA MET B 172 21.54 -51.53 -0.77
C MET B 172 20.61 -52.73 -0.87
N GLN B 178 18.09 -60.69 -11.73
CA GLN B 178 17.69 -60.78 -13.13
C GLN B 178 18.62 -61.72 -13.89
N GLY B 179 19.92 -61.44 -13.85
CA GLY B 179 20.90 -62.31 -14.46
C GLY B 179 22.02 -61.60 -15.20
N ASN B 180 21.70 -60.51 -15.90
CA ASN B 180 22.73 -59.75 -16.61
C ASN B 180 22.61 -58.24 -16.44
N PHE B 181 21.51 -57.72 -15.92
CA PHE B 181 21.36 -56.28 -15.74
C PHE B 181 21.93 -55.86 -14.39
N LYS B 182 22.65 -54.74 -14.38
CA LYS B 182 23.25 -54.21 -13.17
C LYS B 182 22.20 -53.38 -12.41
N ASN B 183 22.65 -52.65 -11.39
CA ASN B 183 21.76 -51.81 -10.59
C ASN B 183 22.42 -50.46 -10.35
N LEU B 184 21.59 -49.41 -10.38
CA LEU B 184 22.05 -48.05 -10.12
C LEU B 184 21.94 -47.74 -8.64
N ARG B 185 22.84 -46.88 -8.16
CA ARG B 185 22.97 -46.59 -6.73
C ARG B 185 22.89 -45.10 -6.47
N GLU B 186 21.88 -44.44 -7.03
CA GLU B 186 21.66 -43.02 -6.81
C GLU B 186 21.51 -42.73 -5.32
N PHE B 187 22.48 -42.06 -4.73
CA PHE B 187 22.52 -41.82 -3.28
C PHE B 187 22.92 -40.37 -3.00
N VAL B 188 22.24 -39.43 -3.65
CA VAL B 188 22.50 -38.01 -3.41
C VAL B 188 22.34 -37.70 -1.93
N PHE B 189 23.42 -37.24 -1.31
CA PHE B 189 23.44 -36.86 0.10
C PHE B 189 23.61 -35.34 0.18
N LYS B 190 23.02 -34.74 1.20
CA LYS B 190 23.22 -33.32 1.47
C LYS B 190 23.18 -33.05 2.96
N ASN B 191 23.87 -31.98 3.37
CA ASN B 191 23.95 -31.58 4.77
C ASN B 191 23.38 -30.18 4.91
N ILE B 192 22.42 -30.02 5.83
CA ILE B 192 21.78 -28.73 6.07
C ILE B 192 22.09 -28.31 7.50
N ASP B 193 21.61 -27.14 7.90
CA ASP B 193 21.83 -26.66 9.26
C ASP B 193 21.24 -27.59 10.31
N GLY B 194 20.28 -28.44 9.93
CA GLY B 194 19.69 -29.37 10.86
C GLY B 194 20.17 -30.79 10.67
N TYR B 195 19.35 -31.62 10.01
CA TYR B 195 19.67 -33.02 9.84
C TYR B 195 20.57 -33.22 8.62
N PHE B 196 20.75 -34.48 8.24
CA PHE B 196 21.54 -34.86 7.07
C PHE B 196 20.61 -35.62 6.12
N LYS B 197 20.26 -34.99 5.01
CA LYS B 197 19.29 -35.59 4.11
C LYS B 197 19.95 -36.61 3.20
N ILE B 198 19.35 -37.79 3.12
CA ILE B 198 19.85 -38.92 2.34
C ILE B 198 18.73 -39.41 1.44
N TYR B 199 18.95 -39.39 0.13
CA TYR B 199 17.98 -39.83 -0.85
C TYR B 199 18.50 -41.06 -1.58
N SER B 200 17.57 -41.86 -2.10
CA SER B 200 17.94 -43.07 -2.82
C SER B 200 16.78 -43.51 -3.71
N LYS B 201 17.11 -44.19 -4.80
CA LYS B 201 16.11 -44.70 -5.73
C LYS B 201 16.76 -45.75 -6.61
N HIS B 202 16.11 -46.91 -6.72
CA HIS B 202 16.55 -47.98 -7.61
C HIS B 202 15.75 -47.93 -8.90
N THR B 203 16.45 -47.97 -10.03
CA THR B 203 15.82 -47.84 -11.34
C THR B 203 16.46 -48.83 -12.29
N PRO B 204 15.71 -49.36 -13.25
CA PRO B 204 16.30 -50.28 -14.24
C PRO B 204 17.35 -49.58 -15.09
N ILE B 205 18.55 -50.16 -15.12
CA ILE B 205 19.68 -49.60 -15.84
C ILE B 205 20.09 -50.58 -16.94
N ILE B 206 19.08 -51.19 -17.58
CA ILE B 206 19.27 -52.22 -18.61
C ILE B 206 20.37 -51.84 -19.59
N VAL B 207 21.13 -52.83 -20.04
CA VAL B 207 22.36 -52.66 -20.81
C VAL B 207 22.20 -51.64 -21.92
N ARG B 208 23.23 -50.83 -22.12
CA ARG B 208 23.19 -49.72 -23.07
C ARG B 208 24.62 -49.52 -23.60
N GLU B 209 24.86 -48.35 -24.21
CA GLU B 209 26.16 -47.97 -24.73
C GLU B 209 27.21 -47.95 -23.62
N PRO B 210 28.52 -47.80 -23.97
CA PRO B 210 29.56 -47.72 -22.94
C PRO B 210 29.21 -46.85 -21.74
N GLU B 211 29.78 -47.19 -20.59
CA GLU B 211 29.38 -46.66 -19.28
C GLU B 211 29.20 -45.15 -19.30
N ASP B 212 27.99 -44.71 -19.00
CA ASP B 212 27.63 -43.30 -18.93
C ASP B 212 26.28 -43.20 -18.24
N LEU B 213 25.95 -42.01 -17.76
CA LEU B 213 24.68 -41.78 -17.10
C LEU B 213 23.55 -41.90 -18.12
N PRO B 214 22.58 -42.79 -17.91
CA PRO B 214 21.53 -42.97 -18.91
C PRO B 214 20.60 -41.78 -19.00
N GLN B 215 19.89 -41.70 -20.13
CA GLN B 215 18.95 -40.61 -20.38
C GLN B 215 17.56 -41.07 -19.94
N GLY B 216 17.14 -40.59 -18.77
CA GLY B 216 15.84 -40.94 -18.22
C GLY B 216 15.59 -40.30 -16.87
N PHE B 217 14.41 -39.75 -16.67
CA PHE B 217 14.09 -39.07 -15.43
C PHE B 217 13.68 -40.06 -14.35
N SER B 218 14.15 -39.83 -13.14
CA SER B 218 13.82 -40.68 -12.01
C SER B 218 13.99 -39.87 -10.73
N ALA B 219 12.90 -39.70 -9.99
CA ALA B 219 12.95 -38.92 -8.76
C ALA B 219 13.64 -39.71 -7.66
N LEU B 220 14.09 -38.99 -6.63
CA LEU B 220 14.82 -39.57 -5.51
C LEU B 220 14.06 -39.29 -4.23
N GLU B 221 13.56 -40.34 -3.58
CA GLU B 221 12.85 -40.16 -2.32
C GLU B 221 13.79 -40.36 -1.14
N PRO B 222 13.60 -39.61 -0.05
CA PRO B 222 14.47 -39.76 1.12
C PRO B 222 14.15 -41.01 1.91
N LEU B 223 15.20 -41.62 2.47
CA LEU B 223 15.05 -42.82 3.29
C LEU B 223 15.27 -42.51 4.78
N VAL B 224 16.40 -41.89 5.11
CA VAL B 224 16.72 -41.58 6.50
C VAL B 224 16.94 -40.07 6.63
N ASP B 225 16.77 -39.59 7.86
CA ASP B 225 16.90 -38.17 8.18
C ASP B 225 17.73 -38.02 9.46
N LEU B 226 18.86 -38.72 9.52
CA LEU B 226 19.66 -38.74 10.72
C LEU B 226 20.21 -37.36 11.04
N PRO B 227 20.22 -36.94 12.30
CA PRO B 227 20.79 -35.64 12.66
C PRO B 227 22.30 -35.66 12.59
N ILE B 228 22.89 -34.49 12.40
CA ILE B 228 24.33 -34.33 12.33
C ILE B 228 24.66 -32.87 12.57
N GLY B 229 25.90 -32.61 13.01
CA GLY B 229 26.34 -31.25 13.24
C GLY B 229 27.80 -31.03 12.89
N ILE B 230 28.31 -31.91 12.03
CA ILE B 230 29.70 -31.93 11.62
C ILE B 230 30.06 -30.75 10.70
N ASN B 231 31.21 -30.84 10.03
CA ASN B 231 31.80 -29.72 9.33
C ASN B 231 32.22 -30.16 7.93
N ILE B 232 31.55 -31.17 7.41
CA ILE B 232 32.00 -31.90 6.23
C ILE B 232 32.39 -30.99 5.07
N THR B 233 33.64 -31.10 4.64
CA THR B 233 34.13 -30.45 3.44
C THR B 233 34.80 -31.38 2.45
N ARG B 234 34.95 -32.67 2.77
CA ARG B 234 35.60 -33.63 1.88
C ARG B 234 34.86 -34.96 1.96
N PHE B 235 35.18 -35.86 1.03
CA PHE B 235 34.50 -37.15 0.94
C PHE B 235 35.44 -38.17 0.31
N GLN B 236 35.55 -39.33 0.95
CA GLN B 236 36.39 -40.43 0.46
C GLN B 236 35.55 -41.69 0.37
N THR B 237 35.60 -42.35 -0.79
CA THR B 237 34.85 -43.57 -1.02
C THR B 237 35.66 -44.78 -0.53
N LEU B 238 35.03 -45.96 -0.60
CA LEU B 238 35.68 -47.19 -0.16
C LEU B 238 34.96 -48.37 -0.78
N LEU B 239 35.73 -49.36 -1.23
CA LEU B 239 35.19 -50.57 -1.84
C LEU B 239 35.65 -51.79 -1.05
N ALA B 240 35.07 -52.94 -1.40
CA ALA B 240 35.40 -54.19 -0.73
C ALA B 240 36.78 -54.69 -1.17
N ALA B 259 33.99 -53.50 -12.72
CA ALA B 259 33.04 -52.76 -13.54
C ALA B 259 32.36 -51.67 -12.72
N ALA B 260 33.16 -50.73 -12.20
CA ALA B 260 32.63 -49.64 -11.40
C ALA B 260 32.32 -48.44 -12.27
N ALA B 261 31.36 -47.64 -11.81
CA ALA B 261 30.93 -46.42 -12.50
C ALA B 261 30.81 -45.27 -11.51
N TYR B 262 31.86 -45.09 -10.71
CA TYR B 262 31.93 -44.03 -9.72
C TYR B 262 31.59 -42.68 -10.33
N TYR B 263 30.50 -42.07 -9.87
CA TYR B 263 30.03 -40.78 -10.36
C TYR B 263 29.91 -39.83 -9.18
N VAL B 264 30.41 -38.61 -9.35
CA VAL B 264 30.30 -37.56 -8.35
C VAL B 264 29.96 -36.25 -9.04
N GLY B 265 28.86 -35.63 -8.63
CA GLY B 265 28.45 -34.35 -9.19
C GLY B 265 28.07 -33.36 -8.10
N TYR B 266 28.72 -32.20 -8.09
CA TYR B 266 28.47 -31.22 -7.05
C TYR B 266 27.13 -30.53 -7.30
N LEU B 267 26.43 -30.23 -6.21
CA LEU B 267 25.14 -29.57 -6.27
C LEU B 267 25.32 -28.05 -6.31
N GLN B 268 24.20 -27.35 -6.51
CA GLN B 268 24.21 -25.91 -6.64
C GLN B 268 22.85 -25.37 -6.23
N PRO B 269 22.79 -24.21 -5.56
CA PRO B 269 21.50 -23.60 -5.24
C PRO B 269 20.79 -23.06 -6.48
N ARG B 270 19.71 -23.72 -6.88
CA ARG B 270 18.93 -23.30 -8.05
C ARG B 270 17.45 -23.49 -7.78
N THR B 271 16.64 -22.89 -8.64
CA THR B 271 15.20 -23.04 -8.62
C THR B 271 14.77 -24.02 -9.71
N PHE B 272 14.05 -25.06 -9.33
CA PHE B 272 13.61 -26.08 -10.26
C PHE B 272 12.09 -26.12 -10.31
N LEU B 273 11.56 -26.27 -11.52
CA LEU B 273 10.13 -26.42 -11.77
C LEU B 273 9.85 -27.92 -11.87
N LEU B 274 9.13 -28.46 -10.88
CA LEU B 274 8.87 -29.88 -10.78
C LEU B 274 7.40 -30.15 -11.04
N LYS B 275 7.11 -30.98 -12.04
CA LYS B 275 5.73 -31.37 -12.31
C LYS B 275 5.42 -32.71 -11.65
N TYR B 276 4.22 -32.79 -11.07
CA TYR B 276 3.77 -34.00 -10.39
C TYR B 276 2.71 -34.71 -11.24
N ASN B 277 2.72 -36.04 -11.14
CA ASN B 277 1.75 -36.86 -11.86
C ASN B 277 0.55 -37.16 -10.95
N GLU B 278 -0.46 -37.79 -11.53
CA GLU B 278 -1.70 -38.03 -10.81
C GLU B 278 -1.53 -39.08 -9.72
N ASN B 279 -0.29 -39.47 -9.47
CA ASN B 279 0.01 -40.36 -8.39
C ASN B 279 0.88 -39.65 -7.38
N GLY B 280 1.31 -38.45 -7.71
CA GLY B 280 2.17 -37.69 -6.83
C GLY B 280 3.64 -37.96 -7.05
N THR B 281 3.98 -38.43 -8.24
CA THR B 281 5.36 -38.67 -8.60
C THR B 281 5.80 -37.64 -9.63
N ILE B 282 7.10 -37.35 -9.64
CA ILE B 282 7.67 -36.37 -10.56
C ILE B 282 8.06 -37.06 -11.86
N THR B 283 7.58 -36.52 -12.98
CA THR B 283 7.86 -37.10 -14.30
C THR B 283 8.96 -36.37 -15.04
N ASP B 284 9.04 -35.05 -14.94
CA ASP B 284 10.08 -34.28 -15.59
C ASP B 284 10.38 -33.05 -14.73
N ALA B 285 11.28 -32.20 -15.22
CA ALA B 285 11.69 -31.03 -14.47
C ALA B 285 12.24 -29.98 -15.42
N VAL B 286 12.23 -28.73 -14.95
CA VAL B 286 12.77 -27.59 -15.68
C VAL B 286 13.82 -26.93 -14.81
N ASP B 287 15.01 -26.69 -15.38
CA ASP B 287 16.13 -26.16 -14.61
C ASP B 287 15.93 -24.69 -14.25
N CYS B 288 15.16 -23.96 -15.06
CA CYS B 288 14.83 -22.54 -14.88
C CYS B 288 16.03 -21.63 -15.09
N ALA B 289 17.22 -22.17 -15.34
CA ALA B 289 18.41 -21.35 -15.58
C ALA B 289 19.37 -21.95 -16.60
N LEU B 290 19.03 -23.07 -17.23
CA LEU B 290 19.94 -23.70 -18.17
C LEU B 290 20.01 -22.95 -19.50
N ASP B 291 18.88 -22.84 -20.18
CA ASP B 291 18.80 -22.18 -21.47
C ASP B 291 17.65 -21.19 -21.43
N PRO B 292 17.64 -20.21 -22.34
CA PRO B 292 16.51 -19.25 -22.37
C PRO B 292 15.15 -19.90 -22.53
N LEU B 293 15.08 -21.06 -23.18
CA LEU B 293 13.80 -21.76 -23.29
C LEU B 293 13.32 -22.25 -21.93
N SER B 294 14.23 -22.78 -21.12
CA SER B 294 13.86 -23.21 -19.78
C SER B 294 13.44 -22.02 -18.91
N GLU B 295 14.12 -20.88 -19.08
CA GLU B 295 13.73 -19.68 -18.33
C GLU B 295 12.37 -19.17 -18.77
N THR B 296 12.04 -19.30 -20.06
CA THR B 296 10.73 -18.89 -20.54
C THR B 296 9.65 -19.82 -20.01
N LYS B 297 9.88 -21.13 -20.04
CA LYS B 297 8.93 -22.08 -19.47
C LYS B 297 8.82 -21.90 -17.96
N CYS B 298 9.85 -21.35 -17.33
CA CYS B 298 9.84 -21.18 -15.88
C CYS B 298 8.97 -20.00 -15.47
N THR B 299 9.08 -18.87 -16.19
CA THR B 299 8.31 -17.68 -15.89
C THR B 299 6.90 -17.74 -16.47
N LEU B 300 6.51 -18.88 -17.04
CA LEU B 300 5.17 -19.05 -17.60
C LEU B 300 4.38 -20.17 -16.94
N LYS B 301 5.01 -21.00 -16.11
CA LYS B 301 4.34 -22.10 -15.41
C LYS B 301 3.70 -23.06 -16.39
N SER B 302 4.52 -23.55 -17.34
CA SER B 302 4.04 -24.49 -18.35
C SER B 302 5.24 -25.20 -18.95
N PHE B 303 4.96 -26.34 -19.59
CA PHE B 303 5.97 -27.13 -20.27
C PHE B 303 5.89 -27.02 -21.79
N THR B 304 4.95 -26.24 -22.32
CA THR B 304 4.81 -26.04 -23.76
C THR B 304 4.46 -24.57 -23.98
N VAL B 305 5.46 -23.77 -24.32
CA VAL B 305 5.27 -22.34 -24.54
C VAL B 305 4.85 -22.12 -26.00
N GLU B 306 3.90 -21.22 -26.21
CA GLU B 306 3.40 -20.95 -27.54
C GLU B 306 4.38 -20.07 -28.32
N LYS B 307 4.06 -19.84 -29.59
CA LYS B 307 4.91 -19.04 -30.45
C LYS B 307 4.75 -17.56 -30.12
N GLY B 308 5.87 -16.85 -30.06
CA GLY B 308 5.87 -15.42 -29.82
C GLY B 308 7.07 -15.01 -28.99
N ILE B 309 7.02 -13.78 -28.50
CA ILE B 309 8.07 -13.20 -27.67
C ILE B 309 7.54 -13.09 -26.25
N TYR B 310 8.31 -13.59 -25.29
CA TYR B 310 7.92 -13.59 -23.89
C TYR B 310 8.99 -12.92 -23.04
N GLN B 311 8.54 -12.14 -22.06
CA GLN B 311 9.48 -11.46 -21.16
C GLN B 311 10.11 -12.45 -20.19
N THR B 312 11.30 -12.10 -19.72
CA THR B 312 12.04 -12.93 -18.79
C THR B 312 12.65 -12.02 -17.72
N SER B 313 13.60 -12.55 -16.96
CA SER B 313 14.22 -11.80 -15.89
C SER B 313 15.03 -10.62 -16.44
N ASN B 314 15.29 -9.65 -15.57
CA ASN B 314 16.04 -8.45 -15.91
C ASN B 314 17.52 -8.72 -15.67
N PHE B 315 18.34 -8.54 -16.70
CA PHE B 315 19.77 -8.80 -16.58
C PHE B 315 20.49 -7.54 -16.10
N ARG B 316 21.56 -7.74 -15.33
CA ARG B 316 22.32 -6.64 -14.76
C ARG B 316 23.70 -7.13 -14.40
N VAL B 317 24.73 -6.40 -14.81
CA VAL B 317 26.10 -6.78 -14.48
C VAL B 317 26.40 -6.45 -13.02
N GLN B 318 27.11 -7.35 -12.35
CA GLN B 318 27.48 -7.12 -10.96
C GLN B 318 28.88 -6.54 -10.86
N PRO B 319 29.14 -5.71 -9.85
CA PRO B 319 30.48 -5.12 -9.70
C PRO B 319 31.52 -6.19 -9.36
N THR B 320 32.78 -5.76 -9.40
CA THR B 320 33.91 -6.64 -9.12
C THR B 320 34.59 -6.29 -7.81
N GLU B 321 35.01 -5.05 -7.63
CA GLU B 321 35.64 -4.59 -6.40
C GLU B 321 34.84 -3.43 -5.82
N SER B 322 35.35 -2.87 -4.72
CA SER B 322 34.71 -1.76 -4.02
C SER B 322 35.73 -0.67 -3.80
N ILE B 323 35.44 0.53 -4.27
CA ILE B 323 36.33 1.67 -4.14
C ILE B 323 35.81 2.56 -3.01
N VAL B 324 36.65 2.83 -2.03
CA VAL B 324 36.31 3.68 -0.89
C VAL B 324 37.38 4.76 -0.78
N ARG B 325 37.03 5.99 -1.14
CA ARG B 325 37.97 7.10 -1.12
C ARG B 325 37.51 8.13 -0.09
N PHE B 326 38.38 8.44 0.85
CA PHE B 326 38.15 9.44 1.88
C PHE B 326 39.12 10.60 1.73
N PRO B 327 38.77 11.78 2.27
CA PRO B 327 39.65 12.92 1.98
C PRO B 327 40.98 12.82 2.71
N ASN B 328 42.00 13.51 2.20
CA ASN B 328 43.35 13.43 2.76
C ASN B 328 43.32 13.55 4.26
N ILE B 329 44.04 12.67 4.95
CA ILE B 329 44.19 12.75 6.39
C ILE B 329 45.09 13.93 6.77
N THR B 330 44.52 14.86 7.53
CA THR B 330 45.16 16.10 7.93
C THR B 330 44.68 16.47 9.32
N ASN B 331 45.27 17.54 9.87
CA ASN B 331 44.95 18.02 11.21
C ASN B 331 45.12 16.91 12.25
N LEU B 332 46.36 16.43 12.35
CA LEU B 332 46.67 15.33 13.26
C LEU B 332 46.61 15.81 14.71
N CYS B 333 46.33 14.86 15.60
CA CYS B 333 46.29 15.16 17.02
C CYS B 333 47.70 15.51 17.53
N PRO B 334 47.80 16.29 18.61
CA PRO B 334 49.11 16.64 19.14
C PRO B 334 49.72 15.55 20.00
N PHE B 335 49.18 14.33 19.90
CA PHE B 335 49.68 13.21 20.70
C PHE B 335 51.16 12.94 20.42
N ASP B 336 51.63 13.25 19.21
CA ASP B 336 53.04 13.05 18.89
C ASP B 336 53.93 13.90 19.78
N GLU B 337 53.44 15.07 20.21
CA GLU B 337 54.19 15.91 21.14
C GLU B 337 53.96 15.54 22.59
N VAL B 338 53.05 14.61 22.87
CA VAL B 338 52.75 14.20 24.24
C VAL B 338 53.63 13.04 24.68
N PHE B 339 53.77 12.03 23.83
CA PHE B 339 54.57 10.85 24.15
C PHE B 339 56.07 11.07 23.96
N ASN B 340 56.51 12.30 23.77
CA ASN B 340 57.93 12.60 23.56
C ASN B 340 58.25 13.90 24.27
N ALA B 341 58.81 13.80 25.47
CA ALA B 341 59.18 14.96 26.27
C ALA B 341 60.19 14.51 27.33
N THR B 342 60.54 15.42 28.23
CA THR B 342 61.47 15.14 29.32
C THR B 342 60.77 15.12 30.67
N ARG B 343 60.06 16.19 31.02
CA ARG B 343 59.26 16.25 32.25
C ARG B 343 57.79 16.14 31.84
N PHE B 344 57.16 15.03 32.21
CA PHE B 344 55.81 14.76 31.75
C PHE B 344 54.76 15.32 32.70
N ALA B 345 54.73 14.84 33.94
CA ALA B 345 53.73 15.26 34.92
C ALA B 345 54.01 14.64 36.28
N SER B 346 53.17 14.98 37.26
CA SER B 346 53.23 14.38 38.60
C SER B 346 51.84 13.85 38.95
N VAL B 347 51.79 13.05 40.02
CA VAL B 347 50.52 12.43 40.40
C VAL B 347 49.59 13.40 41.11
N TYR B 348 50.11 14.46 41.74
CA TYR B 348 49.26 15.45 42.39
C TYR B 348 48.84 16.58 41.45
N ALA B 349 49.59 16.79 40.37
CA ALA B 349 49.24 17.81 39.35
C ALA B 349 49.47 17.15 38.00
N TRP B 350 48.41 16.52 37.47
CA TRP B 350 48.46 15.80 36.21
C TRP B 350 47.73 16.59 35.13
N ASN B 351 48.22 16.46 33.90
CA ASN B 351 47.62 17.16 32.78
C ASN B 351 46.22 16.63 32.49
N ARG B 352 45.39 17.49 31.89
CA ARG B 352 44.02 17.17 31.55
C ARG B 352 43.73 17.62 30.11
N LYS B 353 44.61 17.23 29.19
CA LYS B 353 44.54 17.74 27.83
C LYS B 353 43.25 17.31 27.15
N ARG B 354 42.41 18.29 26.80
CA ARG B 354 41.15 18.02 26.11
C ARG B 354 41.41 18.12 24.61
N ILE B 355 41.57 16.96 23.97
CA ILE B 355 41.91 16.89 22.55
C ILE B 355 40.64 16.59 21.76
N SER B 356 40.43 17.34 20.68
CA SER B 356 39.26 17.14 19.83
C SER B 356 39.59 17.70 18.45
N ASN B 357 38.68 17.42 17.50
CA ASN B 357 38.79 17.89 16.12
C ASN B 357 40.10 17.42 15.48
N CYS B 358 40.27 16.10 15.45
CA CYS B 358 41.42 15.49 14.79
C CYS B 358 41.08 14.04 14.46
N VAL B 359 41.93 13.43 13.64
CA VAL B 359 41.78 12.04 13.24
C VAL B 359 42.73 11.23 14.12
N ALA B 360 42.20 10.75 15.26
CA ALA B 360 43.01 10.03 16.23
C ALA B 360 43.36 8.65 15.68
N ASP B 361 44.58 8.51 15.14
CA ASP B 361 45.06 7.25 14.61
C ASP B 361 45.83 6.53 15.72
N TYR B 362 45.12 5.67 16.45
CA TYR B 362 45.73 4.95 17.56
C TYR B 362 46.73 3.91 17.09
N SER B 363 46.69 3.52 15.81
CA SER B 363 47.65 2.54 15.30
C SER B 363 49.07 3.08 15.28
N VAL B 364 49.23 4.40 15.25
CA VAL B 364 50.57 4.99 15.27
C VAL B 364 51.23 4.81 16.63
N LEU B 365 50.42 4.72 17.70
CA LEU B 365 50.97 4.58 19.04
C LEU B 365 51.66 3.25 19.25
N TYR B 366 51.41 2.26 18.39
CA TYR B 366 52.04 0.95 18.51
C TYR B 366 53.46 0.93 17.95
N ASN B 367 53.98 2.07 17.48
CA ASN B 367 55.33 2.11 16.94
C ASN B 367 56.11 3.34 17.39
N LEU B 368 55.54 4.18 18.25
CA LEU B 368 56.25 5.37 18.72
C LEU B 368 57.32 4.99 19.74
N ALA B 369 56.90 4.38 20.85
CA ALA B 369 57.81 3.98 21.91
C ALA B 369 57.54 2.53 22.30
N PRO B 370 58.55 1.82 22.81
CA PRO B 370 58.34 0.43 23.21
C PRO B 370 57.47 0.31 24.45
N PHE B 371 56.17 0.47 24.28
CA PHE B 371 55.24 0.37 25.40
C PHE B 371 55.24 -1.04 25.97
N PHE B 372 54.96 -1.14 27.27
CA PHE B 372 54.90 -2.41 27.97
C PHE B 372 53.51 -2.79 28.44
N THR B 373 52.55 -1.87 28.37
CA THR B 373 51.18 -2.16 28.81
C THR B 373 50.22 -1.38 27.93
N PHE B 374 49.35 -2.11 27.22
CA PHE B 374 48.38 -1.51 26.31
C PHE B 374 47.03 -2.20 26.48
N LYS B 375 46.63 -2.40 27.74
CA LYS B 375 45.39 -3.10 28.06
C LYS B 375 44.24 -2.08 28.08
N CYS B 376 43.50 -2.00 26.97
CA CYS B 376 42.35 -1.11 26.89
C CYS B 376 41.13 -1.83 27.46
N TYR B 377 40.56 -1.27 28.53
CA TYR B 377 39.47 -1.94 29.22
C TYR B 377 38.12 -1.72 28.55
N GLY B 378 37.92 -0.56 27.92
CA GLY B 378 36.63 -0.25 27.33
C GLY B 378 36.30 -1.03 26.09
N VAL B 379 37.06 -0.79 25.01
CA VAL B 379 36.83 -1.44 23.72
C VAL B 379 38.16 -1.99 23.21
N SER B 380 38.12 -2.57 22.02
CA SER B 380 39.26 -3.14 21.33
C SER B 380 39.94 -2.07 20.47
N PRO B 381 41.27 -2.10 20.38
CA PRO B 381 41.97 -1.10 19.54
C PRO B 381 41.62 -1.22 18.06
N THR B 382 41.23 -2.40 17.60
CA THR B 382 40.83 -2.56 16.20
C THR B 382 39.49 -1.88 15.94
N LYS B 383 38.55 -1.99 16.88
CA LYS B 383 37.25 -1.35 16.74
C LYS B 383 37.24 0.09 17.24
N LEU B 384 38.31 0.53 17.92
CA LEU B 384 38.36 1.91 18.40
C LEU B 384 38.54 2.90 17.26
N ASN B 385 39.20 2.48 16.17
CA ASN B 385 39.45 3.35 15.04
C ASN B 385 38.22 3.55 14.16
N ASP B 386 37.10 2.92 14.50
CA ASP B 386 35.86 3.05 13.72
C ASP B 386 34.72 3.63 14.56
N LEU B 387 35.04 4.32 15.66
CA LEU B 387 34.03 4.91 16.53
C LEU B 387 34.38 6.38 16.75
N CYS B 388 33.41 7.26 16.51
CA CYS B 388 33.61 8.68 16.70
C CYS B 388 33.43 9.06 18.17
N PHE B 389 34.07 10.15 18.56
CA PHE B 389 33.98 10.67 19.92
C PHE B 389 33.96 12.18 19.89
N THR B 390 33.57 12.78 21.01
CA THR B 390 33.49 14.24 21.11
C THR B 390 34.83 14.84 21.48
N ASN B 391 35.39 14.42 22.61
CA ASN B 391 36.67 14.94 23.09
C ASN B 391 37.29 13.91 24.02
N VAL B 392 38.62 13.76 23.92
CA VAL B 392 39.37 12.80 24.72
C VAL B 392 40.17 13.56 25.77
N TYR B 393 40.10 13.09 27.01
CA TYR B 393 40.85 13.69 28.12
C TYR B 393 42.12 12.87 28.34
N ALA B 394 43.26 13.47 27.99
CA ALA B 394 44.55 12.83 28.19
C ALA B 394 45.09 13.23 29.57
N ASP B 395 45.35 12.24 30.41
CA ASP B 395 45.87 12.46 31.75
C ASP B 395 47.12 11.60 31.93
N SER B 396 48.26 12.26 32.15
CA SER B 396 49.54 11.58 32.27
C SER B 396 50.11 11.78 33.67
N PHE B 397 50.89 10.80 34.12
CA PHE B 397 51.55 10.87 35.41
C PHE B 397 52.71 9.87 35.42
N VAL B 398 53.45 9.85 36.52
CA VAL B 398 54.62 8.98 36.67
C VAL B 398 54.49 8.26 38.01
N ILE B 399 54.52 6.93 37.97
CA ILE B 399 54.44 6.11 39.17
C ILE B 399 55.51 5.03 39.10
N ARG B 400 55.65 4.28 40.20
CA ARG B 400 56.64 3.21 40.27
C ARG B 400 56.16 1.99 39.49
N GLY B 401 57.02 0.97 39.43
CA GLY B 401 56.65 -0.24 38.71
C GLY B 401 55.62 -1.06 39.46
N ASP B 402 55.68 -1.07 40.79
CA ASP B 402 54.74 -1.81 41.61
C ASP B 402 53.39 -1.10 41.76
N GLU B 403 53.25 0.10 41.17
CA GLU B 403 52.00 0.85 41.24
C GLU B 403 51.22 0.84 39.94
N VAL B 404 51.81 0.37 38.84
CA VAL B 404 51.10 0.31 37.57
C VAL B 404 49.87 -0.57 37.67
N ARG B 405 49.95 -1.64 38.47
CA ARG B 405 48.79 -2.50 38.68
C ARG B 405 47.68 -1.80 39.45
N GLN B 406 48.01 -0.75 40.20
CA GLN B 406 46.98 -0.03 40.96
C GLN B 406 46.08 0.81 40.07
N ILE B 407 46.49 1.09 38.84
CA ILE B 407 45.68 1.87 37.90
C ILE B 407 44.69 0.89 37.28
N ALA B 408 43.47 0.87 37.82
CA ALA B 408 42.43 -0.04 37.37
C ALA B 408 41.08 0.62 37.62
N PRO B 409 40.05 0.25 36.86
CA PRO B 409 38.72 0.83 37.09
C PRO B 409 38.11 0.37 38.40
N GLY B 410 38.59 0.92 39.51
CA GLY B 410 38.11 0.53 40.82
C GLY B 410 39.10 -0.31 41.59
N GLN B 411 39.84 0.32 42.51
CA GLN B 411 40.88 -0.34 43.28
C GLN B 411 41.35 0.61 44.36
N THR B 412 41.77 0.04 45.49
CA THR B 412 42.30 0.80 46.61
C THR B 412 43.81 0.69 46.66
N GLY B 413 44.43 1.61 47.39
CA GLY B 413 45.87 1.61 47.51
C GLY B 413 46.37 2.99 47.92
N ASN B 414 47.69 3.06 48.11
CA ASN B 414 48.32 4.32 48.48
C ASN B 414 48.24 5.36 47.38
N ILE B 415 48.11 4.93 46.12
CA ILE B 415 48.00 5.87 45.00
C ILE B 415 46.67 5.74 44.27
N ALA B 416 45.99 4.59 44.34
CA ALA B 416 44.76 4.41 43.58
C ALA B 416 43.62 5.26 44.10
N ASP B 417 43.62 5.59 45.40
CA ASP B 417 42.55 6.38 45.99
C ASP B 417 43.06 7.67 46.64
N TYR B 418 44.32 8.03 46.43
CA TYR B 418 44.88 9.26 47.00
C TYR B 418 45.36 10.25 45.97
N ASN B 419 45.64 9.83 44.75
CA ASN B 419 46.12 10.75 43.72
C ASN B 419 45.29 10.71 42.44
N TYR B 420 44.79 9.53 42.05
CA TYR B 420 44.01 9.41 40.82
C TYR B 420 43.20 8.13 40.90
N LYS B 421 41.88 8.25 40.77
CA LYS B 421 40.97 7.12 40.87
C LYS B 421 40.12 7.03 39.61
N LEU B 422 39.92 5.80 39.12
CA LEU B 422 39.12 5.55 37.94
C LEU B 422 37.86 4.79 38.31
N PRO B 423 36.67 5.31 37.98
CA PRO B 423 35.43 4.56 38.28
C PRO B 423 35.27 3.33 37.40
N ASP B 424 34.16 2.62 37.56
CA ASP B 424 33.89 1.43 36.74
C ASP B 424 33.18 1.80 35.45
N ASP B 425 33.75 2.77 34.73
CA ASP B 425 33.23 3.12 33.41
C ASP B 425 34.33 3.57 32.46
N PHE B 426 35.60 3.33 32.78
CA PHE B 426 36.70 3.82 31.95
C PHE B 426 36.74 3.10 30.62
N THR B 427 36.50 3.82 29.53
CA THR B 427 36.48 3.26 28.19
C THR B 427 37.76 3.51 27.42
N GLY B 428 38.81 3.97 28.07
CA GLY B 428 40.09 4.25 27.43
C GLY B 428 41.06 3.11 27.57
N CYS B 429 42.34 3.46 27.70
CA CYS B 429 43.41 2.48 27.83
C CYS B 429 44.30 2.85 29.01
N VAL B 430 45.21 1.94 29.36
CA VAL B 430 46.10 2.12 30.49
C VAL B 430 47.54 2.18 29.96
N ILE B 431 47.70 2.81 28.79
CA ILE B 431 49.00 2.90 28.13
C ILE B 431 50.05 3.40 29.12
N ALA B 432 51.13 2.64 29.25
CA ALA B 432 52.20 2.99 30.18
C ALA B 432 53.50 2.41 29.65
N TRP B 433 54.61 3.03 30.05
CA TRP B 433 55.93 2.56 29.61
C TRP B 433 56.99 3.02 30.59
N ASN B 434 58.05 2.22 30.69
CA ASN B 434 59.17 2.57 31.55
C ASN B 434 59.93 3.75 30.97
N SER B 435 60.35 4.67 31.85
CA SER B 435 61.10 5.86 31.45
C SER B 435 62.39 5.97 32.25
N ASN B 436 63.06 4.85 32.44
CA ASN B 436 64.33 4.82 33.18
C ASN B 436 65.52 4.98 32.23
N LYS B 437 65.48 6.03 31.42
CA LYS B 437 66.58 6.31 30.49
C LYS B 437 66.99 7.77 30.57
N LEU B 438 66.04 8.64 30.95
CA LEU B 438 66.31 10.07 31.03
C LEU B 438 65.76 10.71 32.31
N ASP B 439 65.05 9.96 33.14
CA ASP B 439 64.48 10.48 34.38
C ASP B 439 65.12 9.85 35.62
N SER B 440 66.42 9.58 35.56
CA SER B 440 67.13 8.96 36.69
C SER B 440 68.59 9.38 36.61
N LYS B 441 68.96 10.36 37.44
CA LYS B 441 70.34 10.80 37.57
C LYS B 441 70.73 10.78 39.04
N VAL B 442 72.01 10.57 39.32
CA VAL B 442 72.51 10.50 40.70
C VAL B 442 72.85 11.93 41.10
N SER B 443 71.82 12.67 41.50
CA SER B 443 72.02 14.00 42.05
C SER B 443 71.02 14.35 43.15
N GLY B 444 70.13 13.45 43.54
CA GLY B 444 69.09 13.77 44.50
C GLY B 444 67.77 14.04 43.82
N ASN B 445 66.85 13.08 43.88
CA ASN B 445 65.57 13.19 43.18
C ASN B 445 64.49 13.68 44.14
N TYR B 446 64.70 14.90 44.63
CA TYR B 446 63.73 15.56 45.50
C TYR B 446 62.87 16.53 44.69
N ASN B 447 62.13 15.96 43.74
CA ASN B 447 61.27 16.73 42.84
C ASN B 447 59.85 16.22 42.79
N TYR B 448 59.65 14.90 42.88
CA TYR B 448 58.32 14.32 42.80
C TYR B 448 57.71 14.17 44.20
N LEU B 449 56.50 13.64 44.25
CA LEU B 449 55.77 13.42 45.49
C LEU B 449 54.56 12.54 45.17
N TYR B 450 53.96 11.98 46.22
CA TYR B 450 52.79 11.13 46.01
C TYR B 450 51.70 11.35 47.06
N ARG B 451 51.82 12.36 47.93
CA ARG B 451 50.80 12.72 48.90
C ARG B 451 50.45 11.53 49.80
N LEU B 452 51.45 11.14 50.60
CA LEU B 452 51.28 10.00 51.51
C LEU B 452 50.17 10.25 52.52
N PHE B 453 49.99 11.50 52.95
CA PHE B 453 49.00 11.84 53.95
C PHE B 453 47.73 12.37 53.28
N ARG B 454 46.58 11.95 53.80
CA ARG B 454 45.29 12.38 53.28
C ARG B 454 44.23 12.13 54.34
N LYS B 455 43.09 12.83 54.19
CA LYS B 455 41.99 12.67 55.11
C LYS B 455 41.04 11.55 54.71
N SER B 456 40.71 11.45 53.43
CA SER B 456 39.81 10.42 52.94
C SER B 456 40.07 10.24 51.44
N ASN B 457 39.33 9.32 50.83
CA ASN B 457 39.46 9.08 49.40
C ASN B 457 38.91 10.25 48.60
N LEU B 458 39.64 10.65 47.57
CA LEU B 458 39.21 11.76 46.73
C LEU B 458 38.18 11.30 45.72
N LYS B 459 37.45 12.27 45.18
CA LYS B 459 36.49 11.97 44.13
C LYS B 459 37.24 11.51 42.88
N PRO B 460 36.76 10.47 42.19
CA PRO B 460 37.44 10.01 40.98
C PRO B 460 37.44 11.10 39.91
N PHE B 461 38.53 11.14 39.13
CA PHE B 461 38.74 12.15 38.09
C PHE B 461 38.71 13.56 38.68
N GLU B 462 39.59 13.77 39.67
CA GLU B 462 39.73 15.06 40.34
C GLU B 462 41.20 15.31 40.62
N ARG B 463 41.61 16.57 40.49
CA ARG B 463 42.99 16.98 40.73
C ARG B 463 42.99 18.00 41.87
N ASP B 464 43.59 17.62 42.99
CA ASP B 464 43.64 18.46 44.19
C ASP B 464 45.06 19.03 44.29
N ILE B 465 45.24 20.28 43.87
CA ILE B 465 46.52 20.95 43.92
C ILE B 465 46.53 21.77 45.21
N SER B 466 47.04 21.16 46.28
CA SER B 466 47.11 21.80 47.59
C SER B 466 48.48 21.58 48.19
N THR B 467 48.88 22.50 49.07
CA THR B 467 50.17 22.42 49.73
C THR B 467 50.10 22.75 51.22
N GLU B 468 48.91 22.79 51.81
CA GLU B 468 48.78 23.11 53.21
C GLU B 468 49.30 21.97 54.08
N ILE B 469 49.69 22.31 55.31
CA ILE B 469 50.21 21.32 56.24
C ILE B 469 49.07 20.42 56.72
N TYR B 470 49.31 19.12 56.72
CA TYR B 470 48.30 18.16 57.14
C TYR B 470 47.99 18.34 58.62
N GLN B 471 46.72 18.60 58.94
CA GLN B 471 46.27 18.79 60.31
C GLN B 471 45.56 17.52 60.77
N ALA B 472 46.15 16.82 61.73
CA ALA B 472 45.58 15.56 62.23
C ALA B 472 44.66 15.80 63.43
N GLY B 473 43.73 16.74 63.27
CA GLY B 473 42.70 16.98 64.27
C GLY B 473 43.18 17.43 65.64
N ASN B 474 42.21 17.74 66.50
CA ASN B 474 42.41 18.06 67.92
C ASN B 474 43.51 19.10 68.15
N LYS B 475 43.81 19.93 67.15
CA LYS B 475 44.76 21.02 67.32
C LYS B 475 44.67 21.97 66.13
N PRO B 476 44.59 23.29 66.37
CA PRO B 476 44.64 24.26 65.27
C PRO B 476 46.07 24.50 64.81
N CYS B 477 46.40 24.01 63.63
CA CYS B 477 47.75 24.13 63.07
C CYS B 477 47.75 25.31 62.09
N ASN B 478 48.17 26.47 62.59
CA ASN B 478 48.39 27.65 61.75
C ASN B 478 49.73 27.63 61.05
N GLY B 479 50.37 26.47 60.99
CA GLY B 479 51.68 26.29 60.40
C GLY B 479 52.74 25.95 61.43
N VAL B 480 53.02 24.66 61.57
CA VAL B 480 54.00 24.16 62.53
C VAL B 480 54.39 22.77 62.08
N ALA B 481 55.59 22.34 62.43
CA ALA B 481 56.07 20.99 62.10
C ALA B 481 56.63 20.33 63.36
N GLY B 482 55.74 19.79 64.18
CA GLY B 482 56.16 18.88 65.23
C GLY B 482 55.03 18.20 65.97
N PHE B 483 55.09 16.86 66.01
CA PHE B 483 54.30 16.02 66.91
C PHE B 483 52.80 16.08 66.66
N ASN B 484 52.34 17.00 65.80
CA ASN B 484 50.92 17.06 65.47
C ASN B 484 50.63 17.32 64.00
N CYS B 485 51.53 17.94 63.24
CA CYS B 485 51.25 18.35 61.88
C CYS B 485 52.55 18.27 61.08
N TYR B 486 52.56 17.46 60.03
CA TYR B 486 53.76 17.19 59.25
C TYR B 486 53.47 17.50 57.78
N PHE B 487 54.52 17.40 56.97
CA PHE B 487 54.40 17.63 55.54
C PHE B 487 53.62 16.48 54.89
N PRO B 488 52.44 16.73 54.33
CA PRO B 488 51.67 15.63 53.71
C PRO B 488 52.26 15.15 52.39
N LEU B 489 53.41 15.65 51.97
CA LEU B 489 54.04 15.25 50.71
C LEU B 489 55.40 14.63 51.00
N ARG B 490 55.73 13.57 50.28
CA ARG B 490 57.00 12.87 50.44
C ARG B 490 57.54 12.51 49.06
N SER B 491 58.81 12.81 48.83
CA SER B 491 59.42 12.57 47.53
C SER B 491 59.79 11.09 47.37
N TYR B 492 60.00 10.70 46.11
CA TYR B 492 60.40 9.35 45.79
C TYR B 492 61.90 9.18 46.01
N SER B 493 62.41 7.99 45.68
CA SER B 493 63.83 7.68 45.81
C SER B 493 64.32 6.97 44.55
N PHE B 494 63.96 7.51 43.39
CA PHE B 494 64.35 6.91 42.12
C PHE B 494 65.85 7.07 41.90
N ARG B 495 66.54 5.95 41.70
CA ARG B 495 67.96 5.93 41.43
C ARG B 495 68.26 5.03 40.24
N PRO B 496 69.26 5.37 39.43
CA PRO B 496 69.56 4.54 38.26
C PRO B 496 70.04 3.14 38.62
N THR B 497 70.81 3.00 39.69
CA THR B 497 71.38 1.71 40.07
C THR B 497 70.41 0.90 40.93
N TYR B 498 69.20 0.71 40.44
CA TYR B 498 68.16 -0.08 41.10
C TYR B 498 67.69 -1.19 40.17
N GLY B 499 66.68 -1.92 40.62
CA GLY B 499 66.10 -3.01 39.86
C GLY B 499 64.68 -2.69 39.41
N VAL B 500 64.08 -3.67 38.73
CA VAL B 500 62.72 -3.53 38.25
C VAL B 500 61.75 -3.52 39.42
N GLY B 501 60.64 -2.80 39.25
CA GLY B 501 59.61 -2.67 40.26
C GLY B 501 59.56 -1.30 40.91
N HIS B 502 60.70 -0.60 40.98
CA HIS B 502 60.78 0.72 41.57
C HIS B 502 61.44 1.70 40.61
N GLN B 503 61.12 1.57 39.33
CA GLN B 503 61.65 2.42 38.27
C GLN B 503 60.60 3.45 37.84
N PRO B 504 61.04 4.57 37.24
CA PRO B 504 60.05 5.55 36.76
C PRO B 504 59.24 5.05 35.58
N TYR B 505 57.94 4.86 35.78
CA TYR B 505 57.03 4.41 34.75
C TYR B 505 56.03 5.52 34.45
N ARG B 506 56.02 5.99 33.21
CA ARG B 506 55.07 7.01 32.77
C ARG B 506 53.79 6.33 32.31
N VAL B 507 52.67 6.69 32.94
CA VAL B 507 51.36 6.11 32.63
C VAL B 507 50.46 7.24 32.13
N VAL B 508 49.86 7.04 30.96
CA VAL B 508 48.97 8.01 30.35
C VAL B 508 47.64 7.32 30.03
N VAL B 509 46.55 7.93 30.46
CA VAL B 509 45.21 7.42 30.20
C VAL B 509 44.48 8.39 29.29
N LEU B 510 43.56 7.84 28.49
CA LEU B 510 42.78 8.62 27.52
C LEU B 510 41.31 8.36 27.81
N SER B 511 40.73 9.17 28.70
CA SER B 511 39.32 9.03 29.04
C SER B 511 38.46 9.51 27.89
N PHE B 512 37.43 8.72 27.57
CA PHE B 512 36.49 9.04 26.50
C PHE B 512 35.15 9.43 27.09
N GLU B 513 34.40 10.23 26.32
CA GLU B 513 33.08 10.70 26.75
C GLU B 513 32.22 10.92 25.53
N LEU B 514 30.90 10.74 25.72
CA LEU B 514 29.91 10.94 24.64
C LEU B 514 28.73 11.69 25.25
N LEU B 515 28.78 13.01 25.18
CA LEU B 515 27.71 13.86 25.67
C LEU B 515 26.76 14.20 24.52
N HIS B 516 25.85 15.16 24.76
CA HIS B 516 24.89 15.59 23.74
C HIS B 516 25.51 16.67 22.85
N ALA B 517 26.64 16.31 22.25
CA ALA B 517 27.38 17.19 21.37
C ALA B 517 27.85 16.41 20.15
N PRO B 518 27.97 17.07 18.99
CA PRO B 518 28.45 16.37 17.80
C PRO B 518 29.88 15.85 17.99
N ALA B 519 30.10 14.62 17.54
CA ALA B 519 31.40 13.99 17.69
C ALA B 519 32.41 14.59 16.71
N THR B 520 33.59 14.95 17.23
CA THR B 520 34.64 15.54 16.41
C THR B 520 35.70 14.52 16.03
N VAL B 521 36.30 13.86 17.02
CA VAL B 521 37.35 12.88 16.76
C VAL B 521 36.71 11.54 16.41
N CYS B 522 37.10 10.97 15.29
CA CYS B 522 36.61 9.67 14.84
C CYS B 522 37.71 8.64 14.70
N GLY B 523 38.82 8.99 14.04
CA GLY B 523 39.91 8.06 13.84
C GLY B 523 40.44 8.12 12.42
N PRO B 524 41.30 7.16 12.07
CA PRO B 524 41.85 7.14 10.71
C PRO B 524 40.79 6.80 9.68
N LYS B 525 41.10 7.11 8.43
CA LYS B 525 40.20 6.90 7.30
C LYS B 525 40.94 6.18 6.20
N LYS B 526 40.57 4.92 5.94
CA LYS B 526 41.21 4.16 4.89
C LYS B 526 40.76 4.65 3.52
N SER B 527 41.71 4.67 2.58
CA SER B 527 41.45 5.14 1.22
C SER B 527 41.94 4.10 0.23
N THR B 528 41.13 3.82 -0.79
CA THR B 528 41.45 2.86 -1.82
C THR B 528 41.82 3.57 -3.11
N ASN B 529 42.26 2.78 -4.08
CA ASN B 529 42.67 3.32 -5.38
C ASN B 529 41.45 3.63 -6.24
N LEU B 530 41.65 4.49 -7.23
CA LEU B 530 40.59 4.90 -8.12
C LEU B 530 40.49 3.96 -9.31
N VAL B 531 39.26 3.65 -9.72
CA VAL B 531 38.98 2.82 -10.89
C VAL B 531 38.00 3.57 -11.77
N LYS B 532 38.40 3.83 -13.01
CA LYS B 532 37.60 4.59 -13.96
C LYS B 532 37.13 3.70 -15.09
N ASN B 533 35.93 3.98 -15.60
CA ASN B 533 35.34 3.25 -16.72
C ASN B 533 35.19 1.77 -16.40
N LYS B 534 34.53 1.49 -15.27
CA LYS B 534 34.28 0.11 -14.86
C LYS B 534 33.17 0.12 -13.82
N CYS B 535 32.14 -0.70 -14.02
CA CYS B 535 31.02 -0.78 -13.09
C CYS B 535 31.50 -1.41 -11.79
N VAL B 536 31.66 -0.59 -10.75
CA VAL B 536 32.12 -1.02 -9.44
C VAL B 536 31.33 -0.28 -8.37
N ASN B 537 31.60 -0.65 -7.12
CA ASN B 537 30.95 -0.02 -5.98
C ASN B 537 31.75 1.18 -5.50
N PHE B 538 31.05 2.11 -4.85
CA PHE B 538 31.67 3.30 -4.29
C PHE B 538 31.03 3.63 -2.95
N ASN B 539 31.83 4.17 -2.04
CA ASN B 539 31.42 4.53 -0.69
C ASN B 539 31.97 5.92 -0.36
N PHE B 540 31.71 6.88 -1.24
CA PHE B 540 32.32 8.20 -1.14
C PHE B 540 31.63 9.00 -0.05
N ASN B 541 32.30 9.12 1.10
CA ASN B 541 31.86 9.98 2.21
C ASN B 541 30.39 9.71 2.58
N GLY B 542 30.12 8.45 2.90
CA GLY B 542 28.78 8.02 3.25
C GLY B 542 27.88 7.72 2.08
N LEU B 543 28.10 8.42 0.95
CA LEU B 543 27.32 8.18 -0.26
C LEU B 543 27.75 6.84 -0.85
N LYS B 544 26.94 5.82 -0.65
CA LYS B 544 27.22 4.47 -1.11
C LYS B 544 26.38 4.13 -2.33
N GLY B 545 26.94 3.30 -3.20
CA GLY B 545 26.21 2.86 -4.37
C GLY B 545 27.10 2.08 -5.31
N THR B 546 26.59 1.87 -6.53
CA THR B 546 27.32 1.19 -7.57
C THR B 546 27.13 1.94 -8.89
N GLY B 547 28.13 1.84 -9.76
CA GLY B 547 28.06 2.54 -11.03
C GLY B 547 29.40 2.55 -11.72
N VAL B 548 29.43 3.26 -12.84
CA VAL B 548 30.61 3.40 -13.68
C VAL B 548 31.13 4.82 -13.49
N LEU B 549 32.19 4.97 -12.70
CA LEU B 549 32.79 6.29 -12.48
C LEU B 549 33.49 6.75 -13.74
N THR B 550 32.89 7.72 -14.44
CA THR B 550 33.47 8.22 -15.68
C THR B 550 33.88 9.68 -15.52
N GLU B 551 34.57 10.23 -16.52
CA GLU B 551 35.03 11.61 -16.50
C GLU B 551 33.93 12.50 -17.08
N SER B 552 33.49 13.48 -16.30
CA SER B 552 32.43 14.39 -16.71
C SER B 552 33.00 15.78 -16.99
N ASN B 553 32.15 16.63 -17.57
CA ASN B 553 32.50 18.00 -17.90
C ASN B 553 31.58 18.98 -17.17
N LYS B 554 31.17 18.62 -15.96
CA LYS B 554 30.29 19.46 -15.17
C LYS B 554 31.11 20.45 -14.35
N LYS B 555 30.66 21.71 -14.34
CA LYS B 555 31.35 22.77 -13.61
C LYS B 555 30.69 22.93 -12.25
N PHE B 556 31.17 22.17 -11.27
CA PHE B 556 30.62 22.25 -9.92
C PHE B 556 31.08 23.52 -9.22
N LEU B 557 30.25 24.00 -8.30
CA LEU B 557 30.61 25.14 -7.49
C LEU B 557 31.66 24.73 -6.46
N PRO B 558 32.50 25.67 -6.01
CA PRO B 558 33.60 25.30 -5.09
C PRO B 558 33.14 24.78 -3.74
N PHE B 559 31.86 24.90 -3.40
CA PHE B 559 31.35 24.38 -2.14
C PHE B 559 30.53 23.12 -2.29
N GLN B 560 30.03 22.82 -3.49
CA GLN B 560 29.20 21.63 -3.68
C GLN B 560 30.05 20.37 -3.66
N GLN B 561 29.52 19.33 -3.04
CA GLN B 561 30.19 18.03 -2.93
C GLN B 561 29.48 16.93 -3.71
N PHE B 562 28.19 16.75 -3.49
CA PHE B 562 27.42 15.72 -4.16
C PHE B 562 26.80 16.30 -5.43
N GLY B 563 25.90 15.53 -6.04
CA GLY B 563 25.20 15.98 -7.24
C GLY B 563 24.09 15.04 -7.64
N ARG B 564 22.92 15.60 -7.96
CA ARG B 564 21.74 14.82 -8.30
C ARG B 564 21.31 15.13 -9.72
N ASP B 565 20.17 14.56 -10.12
CA ASP B 565 19.62 14.70 -11.46
C ASP B 565 18.26 15.37 -11.38
N ILE B 566 17.57 15.39 -12.52
CA ILE B 566 16.24 16.01 -12.60
C ILE B 566 15.30 15.40 -11.57
N ALA B 567 15.32 14.07 -11.43
CA ALA B 567 14.37 13.36 -10.57
C ALA B 567 15.12 12.43 -9.62
N ASP B 568 15.67 12.99 -8.55
CA ASP B 568 16.13 12.27 -7.37
C ASP B 568 16.98 11.04 -7.71
N THR B 569 18.15 11.31 -8.29
CA THR B 569 19.11 10.24 -8.57
C THR B 569 20.51 10.84 -8.59
N THR B 570 21.40 10.34 -7.74
CA THR B 570 22.76 10.81 -7.71
C THR B 570 23.50 10.37 -8.98
N ASP B 571 24.06 11.34 -9.70
CA ASP B 571 24.74 11.08 -10.96
C ASP B 571 26.17 11.59 -11.02
N ALA B 572 26.61 12.36 -10.02
CA ALA B 572 27.96 12.91 -10.03
C ALA B 572 28.34 13.31 -8.62
N VAL B 573 29.60 13.06 -8.26
CA VAL B 573 30.13 13.40 -6.94
C VAL B 573 31.50 14.02 -7.10
N ARG B 574 31.95 14.69 -6.05
CA ARG B 574 33.28 15.29 -6.00
C ARG B 574 34.24 14.34 -5.30
N ASP B 575 35.41 14.14 -5.89
CA ASP B 575 36.39 13.24 -5.31
C ASP B 575 36.94 13.82 -4.01
N PRO B 576 36.90 13.07 -2.91
CA PRO B 576 37.51 13.57 -1.66
C PRO B 576 39.00 13.83 -1.79
N GLN B 577 39.66 13.19 -2.75
CA GLN B 577 41.07 13.47 -3.06
C GLN B 577 41.15 14.73 -3.91
N THR B 578 42.29 14.92 -4.59
CA THR B 578 42.50 16.07 -5.47
C THR B 578 41.26 16.35 -6.32
N LEU B 579 40.91 17.63 -6.44
CA LEU B 579 39.66 18.06 -7.04
C LEU B 579 39.48 17.54 -8.46
N GLU B 580 38.43 16.76 -8.67
CA GLU B 580 38.08 16.23 -9.99
C GLU B 580 36.59 15.97 -10.03
N ILE B 581 35.96 16.29 -11.17
CA ILE B 581 34.53 16.14 -11.35
C ILE B 581 34.28 14.82 -12.06
N LEU B 582 33.58 13.91 -11.38
CA LEU B 582 33.28 12.60 -11.93
C LEU B 582 31.81 12.52 -12.34
N ASP B 583 31.43 11.37 -12.89
CA ASP B 583 30.06 11.11 -13.31
C ASP B 583 29.71 9.69 -12.91
N ILE B 584 28.58 9.53 -12.20
CA ILE B 584 28.15 8.22 -11.71
C ILE B 584 26.97 7.79 -12.57
N THR B 585 27.26 6.97 -13.58
CA THR B 585 26.16 6.39 -14.35
C THR B 585 25.86 4.98 -13.84
N PRO B 586 24.61 4.55 -13.83
CA PRO B 586 24.28 3.21 -13.34
C PRO B 586 24.97 2.13 -14.14
N CYS B 587 25.06 0.95 -13.54
CA CYS B 587 25.73 -0.19 -14.15
C CYS B 587 24.97 -0.66 -15.39
N SER B 588 25.52 -1.66 -16.06
CA SER B 588 24.90 -2.19 -17.27
C SER B 588 23.72 -3.07 -16.90
N PHE B 589 22.51 -2.58 -17.16
CA PHE B 589 21.29 -3.31 -16.87
C PHE B 589 20.35 -3.22 -18.06
N GLY B 590 19.40 -4.15 -18.13
CA GLY B 590 18.44 -4.15 -19.20
C GLY B 590 17.46 -5.30 -19.06
N GLY B 591 16.48 -5.30 -19.95
CA GLY B 591 15.48 -6.35 -20.00
C GLY B 591 15.83 -7.41 -21.03
N VAL B 592 15.39 -8.63 -20.76
CA VAL B 592 15.66 -9.79 -21.62
C VAL B 592 14.34 -10.38 -22.06
N SER B 593 14.18 -10.57 -23.36
CA SER B 593 13.00 -11.22 -23.92
C SER B 593 13.44 -12.40 -24.77
N VAL B 594 12.60 -13.42 -24.85
CA VAL B 594 12.90 -14.65 -25.59
C VAL B 594 11.86 -14.82 -26.69
N ILE B 595 12.33 -14.89 -27.93
CA ILE B 595 11.48 -15.19 -29.08
C ILE B 595 11.57 -16.68 -29.34
N THR B 596 10.42 -17.36 -29.31
CA THR B 596 10.36 -18.80 -29.47
C THR B 596 9.25 -19.16 -30.44
N PRO B 597 9.52 -19.98 -31.45
CA PRO B 597 8.46 -20.41 -32.38
C PRO B 597 7.50 -21.42 -31.79
N GLY B 598 7.63 -21.78 -30.52
CA GLY B 598 6.75 -22.73 -29.87
C GLY B 598 7.44 -24.07 -29.71
N THR B 599 7.13 -24.75 -28.60
CA THR B 599 7.70 -26.07 -28.32
C THR B 599 6.88 -27.17 -28.99
N ASN B 600 6.65 -27.00 -30.29
CA ASN B 600 5.95 -28.00 -31.10
C ASN B 600 6.62 -28.29 -32.42
N THR B 601 7.56 -27.45 -32.88
CA THR B 601 8.26 -27.67 -34.13
C THR B 601 9.76 -27.73 -33.90
N SER B 602 10.25 -26.91 -32.98
CA SER B 602 11.68 -26.86 -32.68
C SER B 602 11.87 -26.25 -31.30
N ASN B 603 13.13 -26.13 -30.87
CA ASN B 603 13.47 -25.55 -29.59
C ASN B 603 14.47 -24.41 -29.69
N GLN B 604 14.82 -23.98 -30.90
CA GLN B 604 15.74 -22.87 -31.09
C GLN B 604 15.05 -21.57 -30.72
N VAL B 605 15.72 -20.77 -29.88
CA VAL B 605 15.15 -19.51 -29.38
C VAL B 605 16.12 -18.38 -29.67
N ALA B 606 15.59 -17.17 -29.67
CA ALA B 606 16.37 -15.95 -29.85
C ALA B 606 16.25 -15.09 -28.61
N VAL B 607 17.32 -14.37 -28.28
CA VAL B 607 17.39 -13.56 -27.07
C VAL B 607 17.53 -12.11 -27.48
N LEU B 608 16.60 -11.27 -27.02
CA LEU B 608 16.62 -9.84 -27.28
C LEU B 608 16.93 -9.11 -25.98
N TYR B 609 18.06 -8.41 -25.95
CA TYR B 609 18.40 -7.54 -24.84
C TYR B 609 17.98 -6.11 -25.18
N GLN B 610 17.12 -5.53 -24.35
CA GLN B 610 16.60 -4.20 -24.59
C GLN B 610 17.54 -3.15 -24.01
N GLY B 611 17.77 -2.08 -24.77
CA GLY B 611 18.63 -1.00 -24.33
C GLY B 611 20.09 -1.37 -24.28
N VAL B 612 20.64 -1.75 -25.43
CA VAL B 612 22.06 -2.12 -25.51
C VAL B 612 22.47 -2.03 -26.98
N ASN B 613 23.75 -1.74 -27.18
CA ASN B 613 24.33 -1.54 -28.50
C ASN B 613 25.20 -2.72 -28.87
N CYS B 614 24.75 -3.91 -28.50
CA CYS B 614 25.44 -5.17 -28.76
C CYS B 614 26.88 -5.17 -28.26
N THR B 615 27.28 -4.18 -27.46
CA THR B 615 28.64 -4.09 -26.94
C THR B 615 28.66 -3.96 -25.43
N GLU B 616 27.59 -4.38 -24.74
CA GLU B 616 27.54 -4.27 -23.29
C GLU B 616 26.94 -5.51 -22.62
N VAL B 617 26.64 -6.56 -23.37
CA VAL B 617 26.08 -7.78 -22.79
C VAL B 617 27.13 -8.52 -22.00
N ASN B 638 23.63 -15.47 -34.91
CA ASN B 638 24.21 -14.20 -35.30
C ASN B 638 23.86 -13.11 -34.29
N VAL B 639 24.33 -11.89 -34.55
CA VAL B 639 24.11 -10.74 -33.67
C VAL B 639 23.64 -9.57 -34.53
N PHE B 640 22.49 -9.00 -34.18
CA PHE B 640 21.93 -7.88 -34.90
C PHE B 640 21.61 -6.76 -33.92
N GLN B 641 21.73 -5.52 -34.37
CA GLN B 641 21.46 -4.34 -33.55
C GLN B 641 20.29 -3.58 -34.16
N THR B 642 19.16 -3.57 -33.46
CA THR B 642 17.97 -2.86 -33.91
C THR B 642 17.60 -1.78 -32.89
N ARG B 643 16.64 -0.95 -33.26
CA ARG B 643 16.18 0.12 -32.38
C ARG B 643 15.61 -0.39 -31.07
N ALA B 644 15.28 -1.69 -30.99
CA ALA B 644 14.80 -2.28 -29.75
C ALA B 644 15.92 -2.79 -28.86
N GLY B 645 17.10 -3.01 -29.41
CA GLY B 645 18.23 -3.47 -28.63
C GLY B 645 19.13 -4.36 -29.47
N CYS B 646 19.53 -5.48 -28.89
CA CYS B 646 20.43 -6.43 -29.53
C CYS B 646 19.76 -7.80 -29.58
N LEU B 647 19.66 -8.37 -30.77
CA LEU B 647 19.04 -9.67 -30.98
C LEU B 647 20.14 -10.69 -31.29
N ILE B 648 20.15 -11.79 -30.55
CA ILE B 648 21.14 -12.85 -30.72
C ILE B 648 20.38 -14.16 -30.97
N GLY B 649 20.67 -14.81 -32.09
CA GLY B 649 20.04 -16.07 -32.41
C GLY B 649 19.36 -16.08 -33.76
N ALA B 650 19.15 -14.89 -34.33
CA ALA B 650 18.50 -14.74 -35.61
C ALA B 650 19.44 -14.02 -36.58
N GLU B 651 19.10 -14.06 -37.86
CA GLU B 651 19.86 -13.40 -38.90
C GLU B 651 18.95 -12.49 -39.70
N TYR B 652 19.45 -11.29 -40.01
CA TYR B 652 18.66 -10.28 -40.71
C TYR B 652 18.69 -10.57 -42.21
N VAL B 653 17.65 -11.23 -42.70
CA VAL B 653 17.53 -11.51 -44.13
C VAL B 653 17.03 -10.26 -44.83
N ASN B 654 17.57 -10.00 -46.02
CA ASN B 654 17.22 -8.81 -46.79
C ASN B 654 15.88 -8.94 -47.51
N ASN B 655 15.13 -10.01 -47.28
CA ASN B 655 13.83 -10.19 -47.90
C ASN B 655 12.77 -9.47 -47.08
N SER B 656 11.50 -9.69 -47.41
CA SER B 656 10.39 -9.05 -46.71
C SER B 656 9.18 -9.96 -46.75
N TYR B 657 8.62 -10.26 -45.58
CA TYR B 657 7.44 -11.11 -45.46
C TYR B 657 6.51 -10.50 -44.42
N GLU B 658 5.36 -11.15 -44.23
CA GLU B 658 4.42 -10.71 -43.20
C GLU B 658 4.99 -10.99 -41.82
N CYS B 659 4.58 -10.16 -40.85
CA CYS B 659 5.08 -10.29 -39.50
C CYS B 659 4.45 -11.49 -38.81
N ASP B 660 5.28 -12.27 -38.11
CA ASP B 660 4.82 -13.41 -37.31
C ASP B 660 5.01 -13.19 -35.82
N ILE B 661 6.21 -12.78 -35.42
CA ILE B 661 6.50 -12.50 -34.01
C ILE B 661 6.95 -11.04 -33.90
N PRO B 662 6.12 -10.15 -33.36
CA PRO B 662 6.50 -8.73 -33.30
C PRO B 662 7.62 -8.51 -32.29
N ILE B 663 8.71 -7.91 -32.76
CA ILE B 663 9.84 -7.58 -31.90
C ILE B 663 9.97 -6.07 -31.68
N GLY B 664 9.58 -5.24 -32.65
CA GLY B 664 9.68 -3.81 -32.50
C GLY B 664 10.46 -3.15 -33.63
N ALA B 665 10.27 -1.85 -33.81
CA ALA B 665 10.92 -1.06 -34.85
C ALA B 665 10.66 -1.61 -36.25
N GLY B 666 9.53 -2.28 -36.44
CA GLY B 666 9.21 -2.84 -37.75
C GLY B 666 10.05 -4.02 -38.17
N ILE B 667 10.64 -4.74 -37.22
CA ILE B 667 11.50 -5.89 -37.50
C ILE B 667 10.90 -7.07 -36.75
N CYS B 668 10.27 -7.99 -37.48
CA CYS B 668 9.70 -9.19 -36.88
C CYS B 668 10.61 -10.39 -37.15
N ALA B 669 10.19 -11.54 -36.64
CA ALA B 669 10.97 -12.77 -36.77
C ALA B 669 10.04 -13.93 -37.10
N SER B 670 10.62 -14.96 -37.71
CA SER B 670 9.89 -16.16 -38.06
C SER B 670 10.84 -17.35 -38.01
N TYR B 671 10.28 -18.54 -38.21
CA TYR B 671 11.05 -19.78 -38.23
C TYR B 671 10.94 -20.37 -39.64
N GLN B 672 12.01 -20.27 -40.42
CA GLN B 672 11.96 -20.68 -41.82
C GLN B 672 13.07 -21.65 -42.16
N THR B 673 13.22 -21.96 -43.45
CA THR B 673 14.26 -22.88 -43.90
C THR B 673 15.48 -22.13 -44.39
N SER B 686 18.28 -25.16 -44.02
CA SER B 686 18.28 -25.42 -42.59
C SER B 686 17.23 -24.58 -41.87
N GLN B 687 16.42 -25.25 -41.04
CA GLN B 687 15.37 -24.57 -40.30
C GLN B 687 15.98 -23.75 -39.17
N SER B 688 15.71 -22.45 -39.16
CA SER B 688 16.25 -21.56 -38.14
C SER B 688 15.38 -20.32 -38.04
N ILE B 689 15.63 -19.53 -37.00
CA ILE B 689 14.91 -18.28 -36.76
C ILE B 689 15.57 -17.18 -37.57
N ILE B 690 14.78 -16.52 -38.41
CA ILE B 690 15.24 -15.39 -39.21
C ILE B 690 14.49 -14.14 -38.78
N ALA B 691 15.11 -12.99 -39.01
CA ALA B 691 14.53 -11.70 -38.71
C ALA B 691 14.45 -10.87 -39.97
N TYR B 692 13.36 -10.12 -40.12
CA TYR B 692 13.14 -9.37 -41.36
C TYR B 692 12.22 -8.19 -41.09
N THR B 693 12.36 -7.17 -41.92
CA THR B 693 11.48 -6.01 -41.85
C THR B 693 10.07 -6.40 -42.32
N MET B 694 9.06 -5.82 -41.68
CA MET B 694 7.69 -6.14 -42.02
C MET B 694 7.35 -5.69 -43.43
N SER B 695 6.36 -6.35 -44.02
CA SER B 695 5.86 -6.02 -45.35
C SER B 695 4.48 -5.40 -45.19
N LEU B 696 4.31 -4.17 -45.70
CA LEU B 696 3.05 -3.45 -45.59
C LEU B 696 2.03 -3.88 -46.63
N GLY B 697 2.29 -4.96 -47.36
CA GLY B 697 1.36 -5.43 -48.38
C GLY B 697 2.01 -5.59 -49.74
N ALA B 698 1.19 -5.66 -50.78
CA ALA B 698 1.70 -5.82 -52.14
C ALA B 698 2.17 -4.46 -52.67
N GLU B 699 2.49 -4.41 -53.97
CA GLU B 699 2.97 -3.19 -54.62
C GLU B 699 2.18 -3.03 -55.92
N ASN B 700 1.06 -2.34 -55.84
CA ASN B 700 0.18 -2.12 -56.98
C ASN B 700 0.10 -0.64 -57.30
N SER B 701 0.11 -0.31 -58.59
CA SER B 701 0.06 1.06 -59.06
C SER B 701 -1.15 1.22 -59.97
N VAL B 702 -2.10 2.04 -59.56
CA VAL B 702 -3.30 2.30 -60.35
C VAL B 702 -2.94 3.26 -61.48
N ALA B 703 -3.33 2.91 -62.70
CA ALA B 703 -3.01 3.72 -63.88
C ALA B 703 -4.10 4.79 -64.02
N TYR B 704 -3.86 5.94 -63.42
CA TYR B 704 -4.80 7.06 -63.50
C TYR B 704 -4.67 7.75 -64.85
N SER B 705 -5.81 8.18 -65.36
CA SER B 705 -5.89 8.84 -66.63
C SER B 705 -7.19 9.59 -66.77
N ASN B 706 -7.15 10.71 -67.46
CA ASN B 706 -8.28 11.57 -67.53
C ASN B 706 -9.39 11.02 -68.37
N ASN B 707 -9.24 9.83 -68.91
CA ASN B 707 -10.31 9.22 -69.66
C ASN B 707 -10.23 7.71 -69.59
N SER B 708 -10.44 7.19 -68.39
CA SER B 708 -10.24 5.78 -68.06
C SER B 708 -11.13 5.41 -66.90
N ILE B 709 -11.94 4.37 -67.07
CA ILE B 709 -12.87 3.91 -66.05
C ILE B 709 -12.83 2.39 -66.00
N ALA B 710 -12.86 1.83 -64.79
CA ALA B 710 -12.85 0.40 -64.57
C ALA B 710 -14.23 -0.01 -64.05
N ILE B 711 -15.01 -0.66 -64.90
CA ILE B 711 -16.36 -1.10 -64.58
C ILE B 711 -16.34 -2.61 -64.40
N PRO B 712 -16.83 -3.14 -63.28
CA PRO B 712 -16.82 -4.59 -63.09
C PRO B 712 -17.73 -5.30 -64.08
N THR B 713 -17.41 -6.55 -64.35
CA THR B 713 -18.17 -7.34 -65.31
C THR B 713 -18.84 -8.54 -64.63
N ASN B 714 -18.38 -8.88 -63.43
CA ASN B 714 -18.89 -10.06 -62.76
C ASN B 714 -18.70 -9.98 -61.25
N PHE B 715 -19.65 -10.56 -60.53
CA PHE B 715 -19.68 -10.52 -59.08
C PHE B 715 -19.02 -11.75 -58.45
N THR B 716 -18.51 -11.57 -57.24
CA THR B 716 -17.89 -12.62 -56.44
C THR B 716 -18.37 -12.54 -55.00
N ILE B 717 -19.70 -12.51 -54.83
CA ILE B 717 -20.30 -12.43 -53.51
C ILE B 717 -19.68 -13.47 -52.58
N SER B 718 -19.18 -13.01 -51.44
CA SER B 718 -18.54 -13.87 -50.46
C SER B 718 -19.23 -13.72 -49.11
N VAL B 719 -18.83 -14.55 -48.15
CA VAL B 719 -19.36 -14.51 -46.80
C VAL B 719 -18.18 -14.49 -45.84
N THR B 720 -18.02 -13.37 -45.12
CA THR B 720 -16.99 -13.24 -44.10
C THR B 720 -17.59 -13.47 -42.72
N THR B 721 -16.72 -13.65 -41.74
CA THR B 721 -17.15 -13.93 -40.37
C THR B 721 -16.43 -13.02 -39.40
N GLU B 722 -17.16 -12.52 -38.41
CA GLU B 722 -16.58 -11.73 -37.34
C GLU B 722 -17.10 -12.21 -36.00
N ILE B 723 -16.27 -12.08 -34.97
CA ILE B 723 -16.57 -12.56 -33.62
C ILE B 723 -16.63 -11.36 -32.69
N LEU B 724 -17.57 -11.39 -31.74
CA LEU B 724 -17.71 -10.28 -30.81
C LEU B 724 -18.11 -10.80 -29.42
N PRO B 725 -17.32 -10.51 -28.39
CA PRO B 725 -17.73 -10.89 -27.03
C PRO B 725 -18.96 -10.11 -26.59
N VAL B 726 -19.90 -10.82 -25.96
CA VAL B 726 -21.17 -10.23 -25.57
C VAL B 726 -21.34 -10.29 -24.05
N SER B 727 -20.73 -11.30 -23.42
CA SER B 727 -20.95 -11.51 -21.99
C SER B 727 -19.67 -12.03 -21.36
N MET B 728 -19.56 -11.84 -20.06
CA MET B 728 -18.45 -12.29 -19.24
C MET B 728 -18.99 -13.12 -18.08
N THR B 729 -18.11 -13.92 -17.47
CA THR B 729 -18.49 -14.73 -16.32
C THR B 729 -18.86 -13.83 -15.14
N LYS B 730 -19.75 -14.36 -14.29
CA LYS B 730 -20.25 -13.63 -13.12
C LYS B 730 -19.68 -14.28 -11.87
N THR B 731 -18.68 -13.62 -11.27
CA THR B 731 -18.00 -14.12 -10.09
C THR B 731 -18.53 -13.45 -8.84
N SER B 732 -18.24 -14.07 -7.69
CA SER B 732 -18.63 -13.54 -6.40
C SER B 732 -17.63 -14.01 -5.36
N VAL B 733 -17.26 -13.11 -4.45
CA VAL B 733 -16.28 -13.38 -3.42
C VAL B 733 -16.95 -13.30 -2.05
N ASP B 734 -16.18 -13.63 -1.02
CA ASP B 734 -16.65 -13.58 0.36
C ASP B 734 -15.49 -13.28 1.29
N CYS B 735 -15.71 -12.36 2.23
CA CYS B 735 -14.64 -12.01 3.16
C CYS B 735 -14.42 -13.10 4.20
N THR B 736 -15.50 -13.74 4.67
CA THR B 736 -15.38 -14.72 5.73
C THR B 736 -14.67 -15.99 5.28
N MET B 737 -14.51 -16.19 3.97
CA MET B 737 -13.81 -17.37 3.45
C MET B 737 -12.47 -17.04 2.80
N TYR B 738 -12.35 -15.88 2.14
CA TYR B 738 -11.09 -15.54 1.49
C TYR B 738 -10.11 -14.88 2.47
N ILE B 739 -10.58 -13.86 3.19
CA ILE B 739 -9.71 -13.17 4.14
C ILE B 739 -9.37 -14.09 5.30
N CYS B 740 -10.38 -14.67 5.93
CA CYS B 740 -10.20 -15.60 7.03
C CYS B 740 -10.57 -17.02 6.59
N GLY B 741 -9.85 -18.00 7.14
CA GLY B 741 -10.12 -19.38 6.82
C GLY B 741 -10.27 -20.26 8.03
N ASP B 742 -11.46 -20.84 8.22
CA ASP B 742 -11.78 -21.76 9.31
C ASP B 742 -11.46 -21.19 10.68
N SER B 743 -11.41 -19.87 10.83
CA SER B 743 -11.08 -19.24 12.10
C SER B 743 -12.27 -18.44 12.63
N THR B 744 -12.14 -18.00 13.88
CA THR B 744 -13.16 -17.22 14.55
C THR B 744 -12.67 -15.86 15.01
N GLU B 745 -11.45 -15.76 15.52
CA GLU B 745 -10.92 -14.47 15.93
C GLU B 745 -10.64 -13.57 14.73
N CYS B 746 -10.25 -14.16 13.60
CA CYS B 746 -10.03 -13.37 12.39
C CYS B 746 -11.32 -12.72 11.91
N SER B 747 -12.42 -13.46 11.95
CA SER B 747 -13.70 -12.90 11.53
C SER B 747 -14.15 -11.78 12.47
N ASN B 748 -13.80 -11.87 13.76
CA ASN B 748 -14.14 -10.80 14.69
C ASN B 748 -13.27 -9.57 14.46
N LEU B 749 -11.98 -9.78 14.21
CA LEU B 749 -11.09 -8.65 13.94
C LEU B 749 -11.37 -7.99 12.59
N LEU B 750 -11.94 -8.72 11.64
CA LEU B 750 -12.25 -8.13 10.34
C LEU B 750 -13.41 -7.15 10.44
N LEU B 751 -14.31 -7.34 11.41
CA LEU B 751 -15.45 -6.43 11.55
C LEU B 751 -15.02 -5.04 11.96
N GLN B 752 -13.88 -4.92 12.65
CA GLN B 752 -13.41 -3.59 13.06
C GLN B 752 -12.99 -2.75 11.87
N TYR B 753 -12.59 -3.38 10.77
CA TYR B 753 -12.21 -2.65 9.57
C TYR B 753 -13.42 -1.95 8.96
N GLY B 754 -13.16 -1.15 7.94
CA GLY B 754 -14.21 -0.39 7.28
C GLY B 754 -15.18 -1.24 6.50
N SER B 755 -16.04 -0.59 5.70
CA SER B 755 -17.02 -1.31 4.90
C SER B 755 -16.39 -1.82 3.60
N PHE B 756 -15.30 -2.57 3.71
CA PHE B 756 -14.61 -3.12 2.56
C PHE B 756 -15.15 -4.49 2.14
N CYS B 757 -16.13 -5.02 2.86
CA CYS B 757 -16.73 -6.31 2.54
C CYS B 757 -18.16 -6.20 2.07
N THR B 758 -18.71 -4.98 2.00
CA THR B 758 -20.04 -4.77 1.46
C THR B 758 -20.05 -3.95 0.18
N GLN B 759 -18.99 -3.20 -0.11
CA GLN B 759 -18.90 -2.47 -1.37
C GLN B 759 -18.33 -3.32 -2.50
N LEU B 760 -17.43 -4.26 -2.18
CA LEU B 760 -16.90 -5.15 -3.20
C LEU B 760 -17.97 -6.15 -3.66
N LYS B 761 -18.75 -6.67 -2.72
CA LYS B 761 -19.86 -7.53 -3.09
C LYS B 761 -20.88 -6.78 -3.93
N ARG B 762 -21.14 -5.51 -3.60
CA ARG B 762 -22.06 -4.71 -4.39
C ARG B 762 -21.52 -4.46 -5.78
N ALA B 763 -20.21 -4.21 -5.91
CA ALA B 763 -19.61 -4.03 -7.22
C ALA B 763 -19.70 -5.31 -8.05
N LEU B 764 -19.45 -6.46 -7.42
CA LEU B 764 -19.58 -7.73 -8.14
C LEU B 764 -21.01 -7.99 -8.56
N THR B 765 -21.98 -7.64 -7.70
CA THR B 765 -23.38 -7.79 -8.07
C THR B 765 -23.74 -6.88 -9.24
N GLY B 766 -23.22 -5.65 -9.23
CA GLY B 766 -23.45 -4.77 -10.36
C GLY B 766 -22.84 -5.30 -11.65
N ILE B 767 -21.64 -5.87 -11.56
CA ILE B 767 -21.01 -6.47 -12.74
C ILE B 767 -21.86 -7.63 -13.25
N ALA B 768 -22.39 -8.44 -12.33
CA ALA B 768 -23.23 -9.57 -12.73
C ALA B 768 -24.51 -9.10 -13.41
N VAL B 769 -25.14 -8.05 -12.86
CA VAL B 769 -26.35 -7.52 -13.46
C VAL B 769 -26.05 -6.93 -14.84
N GLU B 770 -24.90 -6.27 -14.98
CA GLU B 770 -24.52 -5.72 -16.27
C GLU B 770 -24.29 -6.83 -17.30
N GLN B 771 -23.62 -7.92 -16.88
CA GLN B 771 -23.39 -9.03 -17.79
C GLN B 771 -24.69 -9.72 -18.17
N ASP B 772 -25.66 -9.78 -17.25
CA ASP B 772 -26.97 -10.30 -17.56
C ASP B 772 -27.78 -9.36 -18.44
N LYS B 773 -27.47 -8.07 -18.43
CA LYS B 773 -28.14 -7.10 -19.28
C LYS B 773 -27.54 -6.99 -20.67
N ASN B 774 -26.23 -7.25 -20.81
CA ASN B 774 -25.58 -7.19 -22.11
C ASN B 774 -26.12 -8.25 -23.07
N THR B 775 -26.67 -9.35 -22.55
CA THR B 775 -27.26 -10.37 -23.40
C THR B 775 -28.70 -10.06 -23.78
N GLN B 776 -29.38 -9.20 -23.02
CA GLN B 776 -30.75 -8.80 -23.35
C GLN B 776 -30.80 -7.67 -24.37
N GLU B 777 -29.68 -7.04 -24.68
CA GLU B 777 -29.64 -5.96 -25.66
C GLU B 777 -29.02 -6.37 -26.99
N VAL B 778 -28.45 -7.57 -27.08
CA VAL B 778 -27.84 -8.07 -28.31
C VAL B 778 -28.68 -9.17 -28.94
N PHE B 779 -28.99 -10.21 -28.18
CA PHE B 779 -29.76 -11.34 -28.69
C PHE B 779 -31.26 -11.15 -28.52
N ALA B 780 -31.70 -10.24 -27.68
CA ALA B 780 -33.13 -9.98 -27.44
C ALA B 780 -33.46 -8.60 -27.99
N GLN B 781 -33.78 -8.56 -29.29
CA GLN B 781 -34.14 -7.31 -29.95
C GLN B 781 -35.49 -7.39 -30.65
N VAL B 782 -36.17 -8.53 -30.61
CA VAL B 782 -37.48 -8.70 -31.21
C VAL B 782 -38.43 -9.26 -30.16
N LYS B 783 -39.69 -8.82 -30.21
CA LYS B 783 -40.67 -9.27 -29.23
C LYS B 783 -41.11 -10.70 -29.54
N GLN B 784 -41.60 -10.93 -30.74
CA GLN B 784 -42.09 -12.25 -31.13
C GLN B 784 -40.93 -13.17 -31.48
N ILE B 785 -41.18 -14.47 -31.36
CA ILE B 785 -40.21 -15.50 -31.71
C ILE B 785 -40.72 -16.21 -32.95
N TYR B 786 -40.07 -15.98 -34.08
CA TYR B 786 -40.51 -16.53 -35.34
C TYR B 786 -39.96 -17.95 -35.54
N LYS B 787 -40.64 -18.70 -36.41
CA LYS B 787 -40.26 -20.07 -36.72
C LYS B 787 -40.15 -20.25 -38.22
N THR B 788 -39.27 -21.16 -38.63
CA THR B 788 -39.07 -21.42 -40.04
C THR B 788 -40.16 -22.35 -40.58
N PRO B 789 -40.60 -22.16 -41.81
CA PRO B 789 -41.65 -23.02 -42.38
C PRO B 789 -41.11 -24.42 -42.61
N PRO B 790 -41.99 -25.43 -42.71
CA PRO B 790 -41.53 -26.80 -42.95
C PRO B 790 -40.83 -26.95 -44.29
N ILE B 791 -41.49 -26.54 -45.37
CA ILE B 791 -40.90 -26.59 -46.70
C ILE B 791 -39.84 -25.50 -46.80
N LYS B 792 -38.60 -25.90 -47.05
CA LYS B 792 -37.46 -24.99 -47.11
C LYS B 792 -36.95 -24.93 -48.55
N TYR B 793 -37.55 -24.03 -49.33
CA TYR B 793 -37.11 -23.76 -50.71
C TYR B 793 -36.99 -22.25 -50.85
N PHE B 794 -35.81 -21.74 -50.52
CA PHE B 794 -35.55 -20.30 -50.54
C PHE B 794 -34.98 -19.84 -51.87
N GLY B 795 -35.67 -20.18 -52.97
CA GLY B 795 -35.25 -19.80 -54.29
C GLY B 795 -34.03 -20.51 -54.84
N GLY B 796 -33.32 -21.26 -54.00
CA GLY B 796 -32.13 -21.96 -54.45
C GLY B 796 -31.02 -21.97 -53.42
N PHE B 797 -31.18 -21.11 -52.41
CA PHE B 797 -30.19 -20.99 -51.35
C PHE B 797 -30.35 -22.11 -50.32
N ASN B 798 -29.28 -22.39 -49.58
CA ASN B 798 -29.29 -23.53 -48.68
C ASN B 798 -28.75 -23.12 -47.33
N PHE B 799 -29.65 -22.80 -46.43
CA PHE B 799 -29.29 -22.27 -45.13
C PHE B 799 -29.15 -23.37 -44.07
N SER B 800 -29.07 -24.62 -44.52
CA SER B 800 -29.09 -25.75 -43.59
C SER B 800 -28.01 -25.62 -42.52
N GLN B 801 -26.91 -24.94 -42.83
CA GLN B 801 -25.81 -24.82 -41.87
C GLN B 801 -26.06 -23.76 -40.81
N ILE B 802 -27.02 -22.86 -41.03
CA ILE B 802 -27.33 -21.82 -40.06
C ILE B 802 -28.66 -22.04 -39.37
N LEU B 803 -29.60 -22.75 -39.99
CA LEU B 803 -30.88 -23.03 -39.35
C LEU B 803 -30.71 -24.11 -38.29
N PRO B 804 -31.53 -24.09 -37.24
CA PRO B 804 -31.41 -25.09 -36.19
C PRO B 804 -31.74 -26.49 -36.70
N ASP B 805 -31.17 -27.48 -36.03
CA ASP B 805 -31.36 -28.88 -36.42
C ASP B 805 -32.36 -29.53 -35.47
N PRO B 806 -33.47 -30.07 -35.98
CA PRO B 806 -34.45 -30.70 -35.07
C PRO B 806 -34.04 -32.06 -34.55
N SER B 807 -33.03 -32.70 -35.15
CA SER B 807 -32.63 -34.03 -34.71
C SER B 807 -31.97 -33.98 -33.33
N LYS B 808 -30.95 -33.14 -33.19
CA LYS B 808 -30.24 -33.04 -31.92
C LYS B 808 -31.10 -32.30 -30.90
N PRO B 809 -31.00 -32.67 -29.62
CA PRO B 809 -31.87 -32.05 -28.60
C PRO B 809 -31.52 -30.62 -28.25
N SER B 810 -30.40 -30.09 -28.72
CA SER B 810 -30.01 -28.72 -28.43
C SER B 810 -30.65 -27.70 -29.35
N LYS B 811 -31.24 -28.13 -30.47
CA LYS B 811 -31.91 -27.25 -31.41
C LYS B 811 -30.98 -26.15 -31.91
N ARG B 812 -29.74 -26.52 -32.21
CA ARG B 812 -28.74 -25.59 -32.71
C ARG B 812 -28.41 -25.91 -34.17
N SER B 813 -27.53 -25.10 -34.74
CA SER B 813 -27.08 -25.24 -36.12
C SER B 813 -25.68 -25.85 -36.17
N PRO B 814 -25.30 -26.47 -37.30
CA PRO B 814 -23.94 -27.04 -37.39
C PRO B 814 -22.84 -26.03 -37.11
N ILE B 815 -23.02 -24.78 -37.53
CA ILE B 815 -22.04 -23.74 -37.22
C ILE B 815 -21.98 -23.50 -35.72
N GLU B 816 -23.13 -23.39 -35.07
CA GLU B 816 -23.16 -23.22 -33.62
C GLU B 816 -22.60 -24.44 -32.90
N ASP B 817 -22.86 -25.64 -33.43
CA ASP B 817 -22.29 -26.86 -32.84
C ASP B 817 -20.77 -26.84 -32.93
N LEU B 818 -20.23 -26.39 -34.07
CA LEU B 818 -18.79 -26.28 -34.23
C LEU B 818 -18.19 -25.18 -33.35
N LEU B 819 -18.96 -24.12 -33.08
CA LEU B 819 -18.47 -23.04 -32.23
C LEU B 819 -18.40 -23.45 -30.77
N PHE B 820 -19.38 -24.22 -30.30
CA PHE B 820 -19.42 -24.65 -28.91
C PHE B 820 -18.52 -25.85 -28.62
N ASN B 821 -17.61 -26.20 -29.54
CA ASN B 821 -16.69 -27.30 -29.34
C ASN B 821 -15.23 -26.86 -29.39
N LYS B 822 -14.98 -25.55 -29.47
CA LYS B 822 -13.62 -25.03 -29.48
C LYS B 822 -13.38 -23.96 -28.43
N VAL B 823 -14.37 -23.63 -27.61
CA VAL B 823 -14.24 -22.64 -26.54
C VAL B 823 -14.59 -23.32 -25.23
N THR B 824 -13.61 -23.42 -24.33
CA THR B 824 -13.82 -24.07 -23.04
C THR B 824 -14.56 -23.13 -22.08
N ARG B 844 -8.97 -33.15 -6.70
CA ARG B 844 -9.94 -32.09 -6.94
C ARG B 844 -9.50 -31.18 -8.08
N ASP B 845 -10.41 -30.91 -9.01
CA ASP B 845 -10.09 -30.08 -10.16
C ASP B 845 -9.99 -28.61 -9.74
N LEU B 846 -9.65 -27.76 -10.72
CA LEU B 846 -9.48 -26.34 -10.44
C LEU B 846 -10.82 -25.64 -10.19
N ILE B 847 -11.89 -26.11 -10.83
CA ILE B 847 -13.19 -25.47 -10.67
C ILE B 847 -13.69 -25.63 -9.25
N CYS B 848 -13.49 -26.79 -8.65
CA CYS B 848 -13.94 -27.03 -7.28
C CYS B 848 -12.95 -26.54 -6.24
N ALA B 849 -11.66 -26.47 -6.58
CA ALA B 849 -10.67 -25.97 -5.63
C ALA B 849 -10.89 -24.49 -5.35
N GLN B 850 -11.24 -23.71 -6.37
CA GLN B 850 -11.52 -22.29 -6.16
C GLN B 850 -12.82 -22.10 -5.40
N LYS B 851 -13.75 -23.05 -5.51
CA LYS B 851 -15.01 -22.93 -4.78
C LYS B 851 -14.80 -23.06 -3.28
N PHE B 852 -13.90 -23.94 -2.86
CA PHE B 852 -13.61 -24.15 -1.45
C PHE B 852 -12.77 -23.03 -0.84
N LYS B 853 -12.54 -21.94 -1.58
CA LYS B 853 -11.77 -20.82 -1.09
C LYS B 853 -12.57 -19.54 -1.00
N GLY B 854 -13.86 -19.57 -1.35
CA GLY B 854 -14.69 -18.38 -1.30
C GLY B 854 -15.12 -17.91 -2.67
N LEU B 855 -14.26 -18.10 -3.66
CA LEU B 855 -14.58 -17.66 -5.01
C LEU B 855 -15.61 -18.59 -5.65
N THR B 856 -16.70 -18.01 -6.15
CA THR B 856 -17.76 -18.77 -6.79
C THR B 856 -18.10 -18.14 -8.13
N VAL B 857 -18.80 -18.90 -8.96
CA VAL B 857 -19.21 -18.47 -10.29
C VAL B 857 -20.72 -18.62 -10.39
N LEU B 858 -21.41 -17.48 -10.50
CA LEU B 858 -22.86 -17.52 -10.61
C LEU B 858 -23.27 -17.96 -12.01
N PRO B 859 -24.36 -18.74 -12.12
CA PRO B 859 -24.79 -19.17 -13.46
C PRO B 859 -25.46 -18.03 -14.19
N PRO B 860 -25.35 -17.98 -15.52
CA PRO B 860 -25.98 -16.90 -16.28
C PRO B 860 -27.50 -16.99 -16.21
N LEU B 861 -28.14 -15.91 -16.67
CA LEU B 861 -29.59 -15.83 -16.67
C LEU B 861 -30.21 -16.52 -17.88
N LEU B 862 -29.66 -16.29 -19.07
CA LEU B 862 -30.15 -16.89 -20.30
C LEU B 862 -29.30 -18.12 -20.61
N THR B 863 -29.93 -19.30 -20.58
CA THR B 863 -29.22 -20.53 -20.89
C THR B 863 -28.88 -20.59 -22.38
N ASP B 864 -28.09 -21.59 -22.75
CA ASP B 864 -27.70 -21.75 -24.14
C ASP B 864 -28.91 -22.02 -25.03
N GLU B 865 -29.93 -22.70 -24.50
CA GLU B 865 -31.12 -22.97 -25.28
C GLU B 865 -31.86 -21.70 -25.63
N MET B 866 -31.98 -20.78 -24.67
CA MET B 866 -32.67 -19.51 -24.92
C MET B 866 -31.89 -18.65 -25.92
N ILE B 867 -30.56 -18.63 -25.81
CA ILE B 867 -29.77 -17.86 -26.76
C ILE B 867 -29.88 -18.48 -28.16
N ALA B 868 -29.93 -19.81 -28.24
CA ALA B 868 -30.11 -20.47 -29.53
C ALA B 868 -31.47 -20.13 -30.13
N GLN B 869 -32.51 -20.12 -29.30
CA GLN B 869 -33.84 -19.75 -29.79
C GLN B 869 -33.89 -18.30 -30.24
N TYR B 870 -33.18 -17.42 -29.53
CA TYR B 870 -33.12 -16.01 -29.95
C TYR B 870 -32.40 -15.86 -31.28
N THR B 871 -31.30 -16.61 -31.46
CA THR B 871 -30.57 -16.53 -32.72
C THR B 871 -31.37 -17.15 -33.87
N SER B 872 -32.18 -18.17 -33.58
CA SER B 872 -33.02 -18.76 -34.62
C SER B 872 -34.22 -17.89 -34.94
N ALA B 873 -34.70 -17.10 -33.99
CA ALA B 873 -35.81 -16.20 -34.25
C ALA B 873 -35.40 -15.05 -35.17
N LEU B 874 -34.15 -14.59 -35.04
CA LEU B 874 -33.64 -13.56 -35.93
C LEU B 874 -33.37 -14.07 -37.34
N LEU B 875 -33.07 -15.36 -37.50
CA LEU B 875 -32.89 -15.94 -38.82
C LEU B 875 -34.21 -16.26 -39.50
N ALA B 876 -35.26 -16.57 -38.72
CA ALA B 876 -36.58 -16.82 -39.28
C ALA B 876 -37.28 -15.55 -39.73
N GLY B 877 -36.73 -14.38 -39.41
CA GLY B 877 -37.29 -13.12 -39.86
C GLY B 877 -36.43 -12.46 -40.91
N THR B 878 -35.13 -12.75 -40.88
CA THR B 878 -34.21 -12.21 -41.88
C THR B 878 -34.31 -12.95 -43.21
N ILE B 879 -34.62 -14.24 -43.19
CA ILE B 879 -34.73 -15.06 -44.40
C ILE B 879 -36.13 -15.02 -44.97
N THR B 880 -37.15 -15.24 -44.12
CA THR B 880 -38.53 -15.19 -44.59
C THR B 880 -38.93 -13.76 -44.95
N SER B 881 -38.78 -12.83 -44.02
CA SER B 881 -39.06 -11.43 -44.27
C SER B 881 -37.76 -10.70 -44.61
N GLY B 882 -37.81 -9.38 -44.71
CA GLY B 882 -36.63 -8.59 -44.97
C GLY B 882 -36.21 -7.77 -43.77
N TRP B 883 -36.20 -6.45 -43.92
CA TRP B 883 -35.90 -5.54 -42.82
C TRP B 883 -37.16 -4.96 -42.20
N THR B 884 -38.28 -5.68 -42.26
CA THR B 884 -39.54 -5.20 -41.71
C THR B 884 -39.83 -5.77 -40.33
N PHE B 885 -39.15 -6.84 -39.92
CA PHE B 885 -39.36 -7.44 -38.61
C PHE B 885 -38.57 -6.75 -37.51
N GLY B 886 -37.87 -5.67 -37.83
CA GLY B 886 -37.13 -4.92 -36.84
C GLY B 886 -37.68 -3.52 -36.63
N ALA B 887 -38.38 -3.02 -37.64
CA ALA B 887 -39.00 -1.69 -37.56
C ALA B 887 -40.43 -1.77 -37.03
N GLY B 888 -41.27 -2.58 -37.67
CA GLY B 888 -42.64 -2.72 -37.26
C GLY B 888 -43.12 -4.16 -37.33
N PRO B 889 -44.27 -4.39 -37.95
CA PRO B 889 -44.80 -5.75 -38.06
C PRO B 889 -43.99 -6.58 -39.05
N ALA B 890 -43.93 -7.87 -38.79
CA ALA B 890 -43.17 -8.80 -39.63
C ALA B 890 -43.97 -9.10 -40.89
N LEU B 891 -43.54 -8.52 -42.01
CA LEU B 891 -44.20 -8.74 -43.29
C LEU B 891 -43.66 -10.03 -43.91
N GLN B 892 -44.00 -10.27 -45.17
CA GLN B 892 -43.50 -11.42 -45.91
C GLN B 892 -43.07 -10.99 -47.30
N ILE B 893 -42.04 -11.65 -47.82
CA ILE B 893 -41.49 -11.32 -49.14
C ILE B 893 -40.64 -12.49 -49.62
N PRO B 894 -40.76 -12.91 -50.88
CA PRO B 894 -39.92 -14.00 -51.38
C PRO B 894 -38.44 -13.62 -51.33
N PHE B 895 -37.62 -14.61 -51.01
CA PHE B 895 -36.18 -14.36 -50.87
C PHE B 895 -35.51 -13.93 -52.18
N PRO B 896 -35.83 -14.52 -53.34
CA PRO B 896 -35.27 -13.96 -54.59
C PRO B 896 -35.65 -12.50 -54.80
N MET B 897 -36.85 -12.10 -54.39
CA MET B 897 -37.25 -10.70 -54.43
C MET B 897 -36.77 -9.91 -53.22
N GLN B 898 -36.43 -10.59 -52.12
CA GLN B 898 -35.89 -9.92 -50.95
C GLN B 898 -34.44 -9.50 -51.14
N MET B 899 -33.65 -10.32 -51.85
CA MET B 899 -32.28 -9.94 -52.16
C MET B 899 -32.19 -8.92 -53.28
N ALA B 900 -33.25 -8.77 -54.08
CA ALA B 900 -33.25 -7.77 -55.14
C ALA B 900 -33.19 -6.37 -54.54
N TYR B 901 -34.01 -6.11 -53.52
CA TYR B 901 -33.99 -4.80 -52.86
C TYR B 901 -32.69 -4.55 -52.13
N ARG B 902 -31.99 -5.61 -51.71
CA ARG B 902 -30.68 -5.45 -51.08
C ARG B 902 -29.60 -5.14 -52.11
N PHE B 903 -29.66 -5.79 -53.28
CA PHE B 903 -28.76 -5.43 -54.36
C PHE B 903 -29.02 -4.02 -54.86
N ASN B 904 -30.27 -3.56 -54.80
CA ASN B 904 -30.61 -2.20 -55.19
C ASN B 904 -30.25 -1.17 -54.12
N GLY B 905 -29.50 -1.56 -53.10
CA GLY B 905 -29.09 -0.64 -52.07
C GLY B 905 -27.63 -0.24 -52.17
N ILE B 906 -26.88 -0.95 -53.03
CA ILE B 906 -25.47 -0.68 -53.24
C ILE B 906 -25.22 -0.02 -54.59
N GLY B 907 -26.25 0.19 -55.41
CA GLY B 907 -26.13 0.81 -56.72
C GLY B 907 -26.48 -0.12 -57.86
N VAL B 908 -26.26 -1.43 -57.69
CA VAL B 908 -26.58 -2.39 -58.72
C VAL B 908 -28.10 -2.50 -58.88
N THR B 909 -28.55 -2.57 -60.12
CA THR B 909 -29.98 -2.70 -60.40
C THR B 909 -30.44 -4.11 -60.08
N GLN B 910 -31.75 -4.35 -60.23
CA GLN B 910 -32.35 -5.62 -59.89
C GLN B 910 -32.47 -6.56 -61.08
N ASN B 911 -31.94 -6.19 -62.24
CA ASN B 911 -31.94 -7.05 -63.41
C ASN B 911 -30.69 -7.92 -63.49
N VAL B 912 -29.85 -7.90 -62.45
CA VAL B 912 -28.65 -8.71 -62.40
C VAL B 912 -28.82 -9.92 -61.49
N LEU B 913 -29.82 -9.92 -60.62
CA LEU B 913 -30.10 -11.04 -59.73
C LEU B 913 -31.11 -12.02 -60.30
N TYR B 914 -32.19 -11.52 -60.92
CA TYR B 914 -33.18 -12.40 -61.52
C TYR B 914 -32.64 -13.11 -62.76
N GLU B 915 -31.54 -12.63 -63.35
CA GLU B 915 -30.93 -13.27 -64.50
C GLU B 915 -29.74 -14.14 -64.13
N ASN B 916 -29.20 -14.00 -62.92
CA ASN B 916 -28.08 -14.79 -62.45
C ASN B 916 -28.39 -15.38 -61.08
N GLN B 917 -29.64 -15.84 -60.90
CA GLN B 917 -30.04 -16.38 -59.60
C GLN B 917 -29.32 -17.68 -59.27
N LYS B 918 -29.11 -18.53 -60.29
CA LYS B 918 -28.42 -19.79 -60.05
C LYS B 918 -26.97 -19.56 -59.63
N LEU B 919 -26.28 -18.63 -60.30
CA LEU B 919 -24.90 -18.33 -59.94
C LEU B 919 -24.81 -17.73 -58.54
N ILE B 920 -25.75 -16.84 -58.19
CA ILE B 920 -25.77 -16.27 -56.85
C ILE B 920 -25.98 -17.35 -55.81
N ALA B 921 -26.91 -18.27 -56.06
CA ALA B 921 -27.17 -19.35 -55.11
C ALA B 921 -25.95 -20.26 -54.96
N ASN B 922 -25.29 -20.58 -56.08
CA ASN B 922 -24.11 -21.43 -56.01
C ASN B 922 -22.98 -20.76 -55.24
N GLN B 923 -22.76 -19.46 -55.49
CA GLN B 923 -21.72 -18.74 -54.76
C GLN B 923 -22.04 -18.65 -53.28
N PHE B 924 -23.30 -18.42 -52.93
CA PHE B 924 -23.69 -18.36 -51.52
C PHE B 924 -23.49 -19.71 -50.84
N ASN B 925 -23.86 -20.79 -51.52
CA ASN B 925 -23.67 -22.13 -50.95
C ASN B 925 -22.20 -22.44 -50.76
N SER B 926 -21.37 -22.08 -51.75
CA SER B 926 -19.93 -22.30 -51.63
C SER B 926 -19.32 -21.49 -50.49
N ALA B 927 -19.78 -20.25 -50.32
CA ALA B 927 -19.27 -19.42 -49.23
C ALA B 927 -19.69 -19.98 -47.87
N ILE B 928 -20.94 -20.43 -47.75
CA ILE B 928 -21.41 -21.03 -46.51
C ILE B 928 -20.62 -22.30 -46.21
N GLY B 929 -20.30 -23.09 -47.25
CA GLY B 929 -19.50 -24.28 -47.04
C GLY B 929 -18.08 -23.97 -46.62
N LYS B 930 -17.46 -22.95 -47.22
CA LYS B 930 -16.11 -22.56 -46.82
C LYS B 930 -16.08 -21.92 -45.44
N ILE B 931 -17.19 -21.34 -44.98
CA ILE B 931 -17.25 -20.83 -43.62
C ILE B 931 -17.06 -21.96 -42.62
N GLN B 932 -17.61 -23.15 -42.92
CA GLN B 932 -17.44 -24.29 -42.04
C GLN B 932 -15.97 -24.70 -41.94
N ASP B 933 -15.24 -24.60 -43.06
CA ASP B 933 -13.82 -24.92 -43.04
C ASP B 933 -12.99 -23.81 -42.39
N SER B 934 -13.49 -22.58 -42.41
CA SER B 934 -12.78 -21.48 -41.76
C SER B 934 -12.78 -21.65 -40.24
N LEU B 935 -13.83 -22.25 -39.69
CA LEU B 935 -13.94 -22.53 -38.27
C LEU B 935 -13.46 -23.93 -37.91
N SER B 936 -12.53 -24.49 -38.68
CA SER B 936 -12.05 -25.85 -38.47
C SER B 936 -11.05 -25.91 -37.32
N SER B 937 -10.32 -27.03 -37.22
CA SER B 937 -9.37 -27.23 -36.13
C SER B 937 -8.31 -26.15 -36.05
N THR B 938 -8.24 -25.25 -37.04
CA THR B 938 -7.33 -24.11 -37.02
C THR B 938 -7.52 -23.32 -35.72
N PRO B 939 -6.48 -23.26 -34.86
CA PRO B 939 -6.67 -22.62 -33.56
C PRO B 939 -6.93 -21.12 -33.64
N SER B 940 -6.39 -20.45 -34.66
CA SER B 940 -6.53 -19.00 -34.76
C SER B 940 -7.85 -18.61 -35.39
N ALA B 941 -8.97 -19.13 -34.88
CA ALA B 941 -10.29 -18.75 -35.34
C ALA B 941 -11.10 -18.06 -34.25
N LEU B 942 -11.30 -18.71 -33.11
CA LEU B 942 -12.01 -18.10 -31.98
C LEU B 942 -11.00 -17.57 -30.97
N GLY B 943 -10.27 -16.55 -31.40
CA GLY B 943 -9.22 -15.99 -30.58
C GLY B 943 -9.71 -14.98 -29.56
N LYS B 944 -10.63 -14.10 -29.98
CA LYS B 944 -11.12 -13.05 -29.08
C LYS B 944 -12.13 -13.58 -28.07
N LEU B 945 -12.65 -14.79 -28.26
CA LEU B 945 -13.52 -15.40 -27.27
C LEU B 945 -12.76 -16.19 -26.22
N GLN B 946 -11.64 -16.81 -26.58
CA GLN B 946 -10.79 -17.49 -25.61
C GLN B 946 -9.98 -16.53 -24.76
N ASP B 947 -9.74 -15.31 -25.26
CA ASP B 947 -8.96 -14.35 -24.50
C ASP B 947 -9.64 -13.93 -23.21
N VAL B 948 -10.94 -13.61 -23.27
CA VAL B 948 -11.65 -13.22 -22.06
C VAL B 948 -11.77 -14.38 -21.09
N VAL B 949 -11.92 -15.61 -21.60
CA VAL B 949 -12.00 -16.78 -20.72
C VAL B 949 -10.66 -17.00 -20.02
N ASN B 950 -9.55 -16.89 -20.76
CA ASN B 950 -8.24 -17.04 -20.14
C ASN B 950 -7.97 -15.93 -19.14
N HIS B 951 -8.44 -14.71 -19.42
CA HIS B 951 -8.27 -13.62 -18.47
C HIS B 951 -9.07 -13.85 -17.20
N ASN B 952 -10.33 -14.23 -17.32
CA ASN B 952 -11.15 -14.55 -16.16
C ASN B 952 -10.63 -15.75 -15.38
N ALA B 953 -9.97 -16.70 -16.04
CA ALA B 953 -9.34 -17.82 -15.36
C ALA B 953 -8.06 -17.45 -14.63
N GLN B 954 -7.19 -16.67 -15.25
CA GLN B 954 -5.96 -16.24 -14.59
C GLN B 954 -6.23 -15.24 -13.47
N ALA B 955 -7.31 -14.45 -13.57
CA ALA B 955 -7.67 -13.56 -12.47
C ALA B 955 -8.09 -14.33 -11.23
N LEU B 956 -8.69 -15.51 -11.40
CA LEU B 956 -9.05 -16.35 -10.27
C LEU B 956 -7.88 -17.20 -9.81
N ASN B 957 -7.03 -17.67 -10.72
CA ASN B 957 -5.87 -18.45 -10.34
C ASN B 957 -4.82 -17.61 -9.61
N THR B 958 -4.65 -16.34 -9.99
CA THR B 958 -3.70 -15.49 -9.30
C THR B 958 -4.25 -14.95 -7.97
N LEU B 959 -5.57 -14.95 -7.81
CA LEU B 959 -6.16 -14.50 -6.56
C LEU B 959 -6.05 -15.54 -5.44
N VAL B 960 -5.94 -16.82 -5.79
CA VAL B 960 -5.81 -17.87 -4.78
C VAL B 960 -4.34 -18.20 -4.48
N LYS B 961 -3.42 -17.86 -5.38
CA LYS B 961 -2.00 -18.10 -5.12
C LYS B 961 -1.39 -17.05 -4.21
N GLN B 962 -2.05 -15.91 -4.03
CA GLN B 962 -1.56 -14.87 -3.14
C GLN B 962 -1.95 -15.09 -1.69
N LEU B 963 -2.78 -16.11 -1.41
CA LEU B 963 -3.10 -16.45 -0.03
C LEU B 963 -1.97 -17.19 0.66
N SER B 964 -1.04 -17.76 -0.09
CA SER B 964 0.13 -18.44 0.47
C SER B 964 1.32 -17.51 0.59
N SER B 965 1.15 -16.22 0.30
CA SER B 965 2.22 -15.24 0.38
C SER B 965 2.07 -14.44 1.67
N LYS B 966 3.10 -14.49 2.52
CA LYS B 966 3.09 -13.75 3.77
C LYS B 966 3.43 -12.29 3.51
N PHE B 967 2.61 -11.38 4.03
CA PHE B 967 2.81 -9.94 3.86
C PHE B 967 3.60 -9.32 5.00
N GLY B 968 4.42 -10.11 5.70
CA GLY B 968 5.22 -9.59 6.79
C GLY B 968 4.98 -10.32 8.10
N ALA B 969 4.35 -11.49 8.02
CA ALA B 969 4.06 -12.31 9.19
C ALA B 969 5.00 -13.51 9.21
N ILE B 970 4.87 -14.31 10.28
CA ILE B 970 5.71 -15.50 10.43
C ILE B 970 5.08 -16.74 9.82
N SER B 971 3.87 -16.63 9.28
CA SER B 971 3.19 -17.76 8.66
C SER B 971 2.13 -17.23 7.71
N SER B 972 1.53 -18.15 6.95
CA SER B 972 0.48 -17.83 6.00
C SER B 972 -0.88 -18.38 6.41
N VAL B 973 -0.91 -19.57 7.01
CA VAL B 973 -2.17 -20.17 7.44
C VAL B 973 -2.73 -19.34 8.59
N LEU B 974 -4.06 -19.19 8.60
CA LEU B 974 -4.72 -18.36 9.62
C LEU B 974 -4.54 -18.96 11.01
N ASN B 975 -4.73 -20.27 11.14
CA ASN B 975 -4.60 -20.93 12.44
C ASN B 975 -3.16 -21.30 12.75
N ASP B 976 -2.26 -20.34 12.58
CA ASP B 976 -0.87 -20.48 12.97
C ASP B 976 -0.38 -19.32 13.83
N ILE B 977 -0.87 -18.10 13.57
CA ILE B 977 -0.48 -16.96 14.39
C ILE B 977 -1.28 -16.95 15.70
N PHE B 978 -2.54 -17.35 15.66
CA PHE B 978 -3.37 -17.43 16.85
C PHE B 978 -3.09 -18.67 17.69
N SER B 979 -2.04 -19.42 17.36
CA SER B 979 -1.68 -20.61 18.12
C SER B 979 -0.24 -20.59 18.62
N ARG B 980 0.52 -19.52 18.36
CA ARG B 980 1.90 -19.44 18.83
C ARG B 980 2.24 -18.11 19.47
N LEU B 981 1.41 -17.08 19.32
CA LEU B 981 1.70 -15.75 19.84
C LEU B 981 0.63 -15.35 20.84
N ASP B 982 0.94 -14.29 21.59
CA ASP B 982 0.03 -13.69 22.55
C ASP B 982 -0.86 -12.65 21.87
N PRO B 983 -2.01 -12.36 22.45
CA PRO B 983 -2.94 -11.38 21.84
C PRO B 983 -2.28 -10.05 21.55
N PRO B 984 -1.43 -9.50 22.44
CA PRO B 984 -0.78 -8.22 22.07
C PRO B 984 0.07 -8.31 20.81
N GLU B 985 0.61 -9.49 20.49
CA GLU B 985 1.33 -9.65 19.23
C GLU B 985 0.45 -10.23 18.13
N ALA B 986 -0.58 -10.99 18.51
CA ALA B 986 -1.49 -11.56 17.52
C ALA B 986 -2.29 -10.47 16.82
N GLU B 987 -2.82 -9.52 17.58
CA GLU B 987 -3.58 -8.42 16.99
C GLU B 987 -2.70 -7.47 16.18
N VAL B 988 -1.39 -7.64 16.20
CA VAL B 988 -0.48 -6.80 15.44
C VAL B 988 0.03 -7.52 14.19
N GLN B 989 0.42 -8.79 14.32
CA GLN B 989 0.97 -9.52 13.18
C GLN B 989 -0.09 -10.11 12.26
N ILE B 990 -1.32 -10.29 12.76
CA ILE B 990 -2.38 -10.83 11.90
C ILE B 990 -3.02 -9.74 11.05
N ASP B 991 -2.94 -8.48 11.47
CA ASP B 991 -3.49 -7.40 10.67
C ASP B 991 -2.68 -7.17 9.40
N ARG B 992 -1.38 -7.48 9.44
CA ARG B 992 -0.54 -7.31 8.26
C ARG B 992 -0.92 -8.26 7.14
N LEU B 993 -1.55 -9.39 7.46
CA LEU B 993 -2.05 -10.30 6.44
C LEU B 993 -3.45 -9.91 5.97
N ILE B 994 -4.30 -9.47 6.89
CA ILE B 994 -5.65 -9.04 6.53
C ILE B 994 -5.59 -7.83 5.59
N THR B 995 -4.69 -6.88 5.89
CA THR B 995 -4.55 -5.71 5.03
C THR B 995 -4.09 -6.11 3.63
N GLY B 996 -3.12 -7.01 3.55
CA GLY B 996 -2.65 -7.45 2.24
C GLY B 996 -3.71 -8.18 1.45
N ARG B 997 -4.49 -9.03 2.13
CA ARG B 997 -5.56 -9.75 1.43
C ARG B 997 -6.66 -8.79 0.99
N LEU B 998 -6.96 -7.77 1.79
CA LEU B 998 -7.93 -6.77 1.38
C LEU B 998 -7.43 -5.98 0.18
N GLN B 999 -6.14 -5.63 0.16
CA GLN B 999 -5.59 -4.93 -0.99
C GLN B 999 -5.64 -5.80 -2.24
N SER B 1000 -5.35 -7.10 -2.10
CA SER B 1000 -5.42 -8.00 -3.24
C SER B 1000 -6.84 -8.13 -3.76
N LEU B 1001 -7.81 -8.23 -2.85
CA LEU B 1001 -9.21 -8.33 -3.27
C LEU B 1001 -9.66 -7.04 -3.95
N GLN B 1002 -9.22 -5.89 -3.44
CA GLN B 1002 -9.55 -4.62 -4.08
C GLN B 1002 -8.94 -4.52 -5.47
N THR B 1003 -7.70 -4.97 -5.62
CA THR B 1003 -7.07 -4.99 -6.94
C THR B 1003 -7.83 -5.90 -7.90
N TYR B 1004 -8.27 -7.06 -7.42
CA TYR B 1004 -9.07 -7.95 -8.25
C TYR B 1004 -10.39 -7.30 -8.65
N VAL B 1005 -11.04 -6.61 -7.71
CA VAL B 1005 -12.30 -5.95 -8.02
C VAL B 1005 -12.09 -4.84 -9.05
N THR B 1006 -10.99 -4.10 -8.94
CA THR B 1006 -10.72 -3.06 -9.92
C THR B 1006 -10.45 -3.64 -11.30
N GLN B 1007 -9.68 -4.72 -11.37
CA GLN B 1007 -9.45 -5.40 -12.64
C GLN B 1007 -10.75 -5.91 -13.23
N GLN B 1008 -11.63 -6.46 -12.39
CA GLN B 1008 -12.92 -6.93 -12.86
C GLN B 1008 -13.78 -5.78 -13.37
N LEU B 1009 -13.71 -4.62 -12.71
CA LEU B 1009 -14.47 -3.46 -13.18
C LEU B 1009 -13.97 -2.98 -14.54
N ILE B 1010 -12.65 -2.94 -14.73
CA ILE B 1010 -12.11 -2.54 -16.02
C ILE B 1010 -12.49 -3.54 -17.11
N ARG B 1011 -12.39 -4.83 -16.78
CA ARG B 1011 -12.77 -5.87 -17.74
C ARG B 1011 -14.26 -5.78 -18.08
N ALA B 1012 -15.09 -5.47 -17.09
CA ALA B 1012 -16.52 -5.33 -17.33
C ALA B 1012 -16.84 -4.10 -18.17
N ALA B 1013 -16.08 -3.02 -17.99
CA ALA B 1013 -16.26 -1.86 -18.87
C ALA B 1013 -15.88 -2.19 -20.30
N GLU B 1014 -14.78 -2.92 -20.49
CA GLU B 1014 -14.39 -3.34 -21.84
C GLU B 1014 -15.46 -4.26 -22.46
N ILE B 1015 -15.98 -5.19 -21.66
CA ILE B 1015 -17.01 -6.12 -22.15
C ILE B 1015 -18.28 -5.35 -22.48
N ARG B 1016 -18.60 -4.31 -21.70
CA ARG B 1016 -19.78 -3.50 -21.98
C ARG B 1016 -19.62 -2.74 -23.28
N ALA B 1017 -18.43 -2.17 -23.52
CA ALA B 1017 -18.18 -1.51 -24.80
C ALA B 1017 -18.30 -2.50 -25.96
N SER B 1018 -17.72 -3.68 -25.82
CA SER B 1018 -17.81 -4.70 -26.87
C SER B 1018 -19.26 -5.13 -27.09
N ALA B 1019 -20.04 -5.23 -26.02
CA ALA B 1019 -21.43 -5.65 -26.16
C ALA B 1019 -22.28 -4.56 -26.81
N ASN B 1020 -21.99 -3.29 -26.50
CA ASN B 1020 -22.69 -2.20 -27.19
C ASN B 1020 -22.36 -2.20 -28.67
N LEU B 1021 -21.09 -2.42 -29.01
CA LEU B 1021 -20.71 -2.52 -30.42
C LEU B 1021 -21.41 -3.69 -31.10
N ALA B 1022 -21.50 -4.83 -30.40
CA ALA B 1022 -22.15 -6.00 -30.96
C ALA B 1022 -23.63 -5.77 -31.16
N ALA B 1023 -24.28 -5.08 -30.21
CA ALA B 1023 -25.70 -4.77 -30.36
C ALA B 1023 -25.93 -3.80 -31.52
N THR B 1024 -25.06 -2.80 -31.66
CA THR B 1024 -25.17 -1.89 -32.79
C THR B 1024 -25.01 -2.61 -34.12
N LYS B 1025 -24.04 -3.53 -34.21
CA LYS B 1025 -23.86 -4.29 -35.43
C LYS B 1025 -25.04 -5.23 -35.68
N MET B 1026 -25.60 -5.82 -34.63
CA MET B 1026 -26.76 -6.70 -34.78
C MET B 1026 -27.97 -5.92 -35.29
N SER B 1027 -28.15 -4.69 -34.81
CA SER B 1027 -29.30 -3.88 -35.19
C SER B 1027 -29.13 -3.19 -36.53
N GLU B 1028 -27.90 -2.94 -36.98
CA GLU B 1028 -27.69 -2.24 -38.24
C GLU B 1028 -27.28 -3.14 -39.40
N CYS B 1029 -26.85 -4.37 -39.13
CA CYS B 1029 -26.46 -5.31 -40.17
C CYS B 1029 -27.46 -6.42 -40.39
N VAL B 1030 -28.06 -6.94 -39.32
CA VAL B 1030 -29.02 -8.03 -39.43
C VAL B 1030 -30.44 -7.50 -39.65
N LEU B 1031 -30.82 -6.46 -38.92
CA LEU B 1031 -32.16 -5.88 -39.02
C LEU B 1031 -32.31 -4.94 -40.21
N GLY B 1032 -31.39 -4.97 -41.16
CA GLY B 1032 -31.47 -4.10 -42.32
C GLY B 1032 -30.13 -3.92 -42.96
N GLN B 1033 -30.16 -3.44 -44.20
CA GLN B 1033 -28.93 -3.19 -44.95
C GLN B 1033 -28.36 -1.83 -44.58
N SER B 1034 -27.08 -1.81 -44.24
CA SER B 1034 -26.39 -0.59 -43.85
C SER B 1034 -25.38 -0.20 -44.91
N LYS B 1035 -25.30 1.10 -45.19
CA LYS B 1035 -24.37 1.65 -46.17
C LYS B 1035 -23.08 2.15 -45.52
N ARG B 1036 -22.68 1.56 -44.40
CA ARG B 1036 -21.46 1.92 -43.70
C ARG B 1036 -20.37 0.92 -44.09
N VAL B 1037 -19.24 1.45 -44.58
CA VAL B 1037 -18.16 0.60 -45.04
C VAL B 1037 -17.48 -0.05 -43.84
N ASP B 1038 -17.21 -1.36 -43.96
CA ASP B 1038 -16.45 -2.16 -43.00
C ASP B 1038 -17.24 -2.41 -41.72
N PHE B 1039 -18.41 -1.78 -41.58
CA PHE B 1039 -19.22 -1.98 -40.39
C PHE B 1039 -19.96 -3.32 -40.42
N CYS B 1040 -20.32 -3.80 -41.61
CA CYS B 1040 -20.99 -5.09 -41.77
C CYS B 1040 -20.21 -5.96 -42.75
N GLY B 1041 -18.91 -6.03 -42.56
CA GLY B 1041 -18.07 -6.83 -43.41
C GLY B 1041 -17.34 -6.01 -44.45
N LYS B 1042 -16.18 -6.50 -44.88
CA LYS B 1042 -15.37 -5.83 -45.89
C LYS B 1042 -16.02 -5.99 -47.26
N GLY B 1043 -16.53 -4.90 -47.82
CA GLY B 1043 -17.18 -4.89 -49.10
C GLY B 1043 -18.55 -4.27 -49.01
N TYR B 1044 -19.34 -4.45 -50.06
CA TYR B 1044 -20.70 -3.93 -50.09
C TYR B 1044 -21.60 -4.84 -49.27
N HIS B 1045 -22.12 -4.32 -48.17
CA HIS B 1045 -22.95 -5.12 -47.28
C HIS B 1045 -24.29 -5.44 -47.93
N LEU B 1046 -24.72 -6.69 -47.81
CA LEU B 1046 -26.00 -7.13 -48.33
C LEU B 1046 -26.88 -7.79 -47.28
N MET B 1047 -26.31 -8.59 -46.38
CA MET B 1047 -27.09 -9.34 -45.42
C MET B 1047 -26.15 -9.83 -44.32
N SER B 1048 -26.74 -10.11 -43.15
CA SER B 1048 -25.98 -10.57 -42.00
C SER B 1048 -26.77 -11.62 -41.24
N PHE B 1049 -26.07 -12.66 -40.79
CA PHE B 1049 -26.67 -13.76 -40.04
C PHE B 1049 -25.99 -13.88 -38.69
N PRO B 1050 -26.73 -13.82 -37.58
CA PRO B 1050 -26.12 -14.00 -36.26
C PRO B 1050 -26.14 -15.45 -35.80
N GLN B 1051 -25.10 -15.81 -35.06
CA GLN B 1051 -24.97 -17.14 -34.46
C GLN B 1051 -24.44 -16.98 -33.04
N SER B 1052 -24.86 -17.88 -32.16
CA SER B 1052 -24.39 -17.83 -30.77
C SER B 1052 -23.04 -18.51 -30.64
N ALA B 1053 -22.35 -18.21 -29.53
CA ALA B 1053 -21.08 -18.83 -29.20
C ALA B 1053 -20.84 -18.64 -27.72
N PRO B 1054 -20.01 -19.48 -27.08
CA PRO B 1054 -19.79 -19.32 -25.64
C PRO B 1054 -19.34 -17.92 -25.28
N HIS B 1055 -20.20 -17.18 -24.58
CA HIS B 1055 -19.95 -15.80 -24.19
C HIS B 1055 -19.60 -14.93 -25.40
N GLY B 1056 -20.35 -15.07 -26.49
CA GLY B 1056 -20.08 -14.25 -27.65
C GLY B 1056 -21.05 -14.52 -28.78
N VAL B 1057 -20.94 -13.68 -29.81
CA VAL B 1057 -21.77 -13.76 -31.00
C VAL B 1057 -20.86 -13.80 -32.22
N VAL B 1058 -21.34 -14.42 -33.29
CA VAL B 1058 -20.62 -14.55 -34.54
C VAL B 1058 -21.52 -14.03 -35.65
N PHE B 1059 -21.06 -13.00 -36.35
CA PHE B 1059 -21.81 -12.43 -37.47
C PHE B 1059 -21.22 -12.93 -38.78
N LEU B 1060 -22.08 -13.50 -39.63
CA LEU B 1060 -21.73 -13.90 -40.99
C LEU B 1060 -22.26 -12.83 -41.93
N HIS B 1061 -21.36 -12.09 -42.55
CA HIS B 1061 -21.70 -10.96 -43.41
C HIS B 1061 -21.54 -11.36 -44.87
N VAL B 1062 -22.60 -11.17 -45.65
CA VAL B 1062 -22.56 -11.41 -47.10
C VAL B 1062 -22.13 -10.12 -47.77
N THR B 1063 -20.99 -10.17 -48.47
CA THR B 1063 -20.39 -9.01 -49.09
C THR B 1063 -20.36 -9.15 -50.60
N TYR B 1064 -20.67 -8.06 -51.29
CA TYR B 1064 -20.63 -8.00 -52.75
C TYR B 1064 -19.24 -7.54 -53.17
N VAL B 1065 -18.43 -8.47 -53.67
CA VAL B 1065 -17.05 -8.18 -54.07
C VAL B 1065 -17.00 -8.21 -55.60
N PRO B 1066 -16.82 -7.07 -56.26
CA PRO B 1066 -16.69 -7.08 -57.72
C PRO B 1066 -15.37 -7.69 -58.16
N ALA B 1067 -15.37 -8.25 -59.37
CA ALA B 1067 -14.18 -8.85 -59.93
C ALA B 1067 -14.29 -8.80 -61.45
N GLN B 1068 -13.23 -9.28 -62.11
CA GLN B 1068 -13.13 -9.30 -63.58
C GLN B 1068 -13.35 -7.90 -64.16
N GLU B 1069 -12.44 -7.00 -63.81
CA GLU B 1069 -12.53 -5.62 -64.25
C GLU B 1069 -12.13 -5.49 -65.71
N LYS B 1070 -12.41 -4.31 -66.27
CA LYS B 1070 -12.08 -4.03 -67.67
C LYS B 1070 -12.00 -2.52 -67.85
N ASN B 1071 -11.05 -2.08 -68.67
CA ASN B 1071 -10.86 -0.68 -68.92
C ASN B 1071 -11.85 -0.18 -69.95
N PHE B 1072 -12.21 1.08 -69.84
CA PHE B 1072 -13.07 1.72 -70.82
C PHE B 1072 -12.72 3.20 -70.91
N THR B 1073 -13.08 3.81 -72.03
CA THR B 1073 -12.88 5.24 -72.24
C THR B 1073 -14.12 5.98 -71.77
N THR B 1074 -13.95 6.88 -70.81
CA THR B 1074 -15.07 7.61 -70.21
C THR B 1074 -15.10 9.05 -70.71
N ALA B 1075 -16.18 9.75 -70.37
CA ALA B 1075 -16.38 11.14 -70.73
C ALA B 1075 -17.42 11.73 -69.82
N PRO B 1076 -17.31 13.00 -69.43
CA PRO B 1076 -18.35 13.58 -68.55
C PRO B 1076 -19.73 13.59 -69.17
N ALA B 1077 -19.86 14.06 -70.41
CA ALA B 1077 -21.15 14.10 -71.08
C ALA B 1077 -20.91 14.13 -72.59
N ILE B 1078 -22.00 14.02 -73.34
CA ILE B 1078 -21.96 14.13 -74.79
C ILE B 1078 -22.78 15.35 -75.20
N CYS B 1079 -22.60 15.76 -76.46
CA CYS B 1079 -23.25 16.94 -77.01
C CYS B 1079 -24.03 16.51 -78.25
N HIS B 1080 -25.35 16.68 -78.20
CA HIS B 1080 -26.23 16.40 -79.33
C HIS B 1080 -27.14 17.59 -79.56
N ASP B 1081 -27.36 17.92 -80.83
CA ASP B 1081 -28.21 19.05 -81.23
C ASP B 1081 -27.79 20.35 -80.54
N GLY B 1082 -26.51 20.46 -80.23
CA GLY B 1082 -25.97 21.64 -79.58
C GLY B 1082 -26.04 21.66 -78.07
N LYS B 1083 -26.85 20.77 -77.48
CA LYS B 1083 -27.00 20.75 -76.03
C LYS B 1083 -26.33 19.51 -75.44
N ALA B 1084 -25.89 19.66 -74.20
CA ALA B 1084 -25.20 18.59 -73.47
C ALA B 1084 -26.21 17.65 -72.82
N HIS B 1085 -25.79 16.40 -72.63
CA HIS B 1085 -26.63 15.37 -72.03
C HIS B 1085 -25.81 14.67 -70.94
N PHE B 1086 -26.17 14.90 -69.69
CA PHE B 1086 -25.50 14.28 -68.55
C PHE B 1086 -26.28 13.05 -68.09
N PRO B 1087 -25.59 11.99 -67.68
CA PRO B 1087 -26.29 10.77 -67.25
C PRO B 1087 -27.06 10.99 -65.96
N ARG B 1088 -28.27 10.41 -65.91
CA ARG B 1088 -29.05 10.47 -64.68
C ARG B 1088 -28.46 9.57 -63.61
N GLU B 1089 -28.30 8.29 -63.91
CA GLU B 1089 -27.73 7.34 -62.96
C GLU B 1089 -26.94 6.30 -63.77
N GLY B 1090 -25.64 6.52 -63.90
CA GLY B 1090 -24.80 5.61 -64.65
C GLY B 1090 -23.45 6.25 -64.94
N VAL B 1091 -22.81 5.74 -66.00
CA VAL B 1091 -21.50 6.21 -66.41
C VAL B 1091 -21.34 5.95 -67.90
N PHE B 1092 -20.76 6.91 -68.60
CA PHE B 1092 -20.52 6.77 -70.03
C PHE B 1092 -19.22 6.02 -70.28
N VAL B 1093 -19.29 4.95 -71.08
CA VAL B 1093 -18.13 4.17 -71.45
C VAL B 1093 -18.08 4.07 -72.97
N SER B 1094 -16.95 3.62 -73.49
CA SER B 1094 -16.81 3.51 -74.94
C SER B 1094 -16.00 2.28 -75.33
N ASN B 1095 -16.57 1.44 -76.17
CA ASN B 1095 -15.86 0.24 -76.60
C ASN B 1095 -14.91 0.58 -77.73
N GLY B 1096 -14.51 1.84 -77.77
CA GLY B 1096 -13.61 2.32 -78.80
C GLY B 1096 -14.34 3.10 -79.88
N THR B 1097 -15.32 2.46 -80.50
CA THR B 1097 -16.02 3.05 -81.63
C THR B 1097 -17.46 3.45 -81.34
N HIS B 1098 -18.02 3.06 -80.20
CA HIS B 1098 -19.39 3.44 -79.83
C HIS B 1098 -19.43 3.78 -78.35
N TRP B 1099 -20.26 4.77 -78.02
CA TRP B 1099 -20.43 5.23 -76.65
C TRP B 1099 -21.73 4.69 -76.07
N PHE B 1100 -21.63 4.02 -74.92
CA PHE B 1100 -22.77 3.46 -74.23
C PHE B 1100 -22.82 4.00 -72.81
N VAL B 1101 -23.93 3.72 -72.12
CA VAL B 1101 -24.13 4.10 -70.73
C VAL B 1101 -24.33 2.82 -69.92
N THR B 1102 -23.53 2.65 -68.87
CA THR B 1102 -23.58 1.46 -68.04
C THR B 1102 -23.79 1.86 -66.58
N GLN B 1103 -23.93 0.84 -65.74
CA GLN B 1103 -24.07 1.08 -64.30
C GLN B 1103 -22.70 1.39 -63.69
N ARG B 1104 -22.74 1.88 -62.45
CA ARG B 1104 -21.52 2.26 -61.74
C ARG B 1104 -20.85 1.09 -61.03
N ASN B 1105 -21.51 -0.07 -60.95
CA ASN B 1105 -20.94 -1.23 -60.27
C ASN B 1105 -21.05 -2.51 -61.08
N PHE B 1106 -21.59 -2.46 -62.30
CA PHE B 1106 -21.73 -3.65 -63.12
C PHE B 1106 -21.85 -3.22 -64.58
N TYR B 1107 -21.16 -3.94 -65.46
CA TYR B 1107 -21.14 -3.59 -66.87
C TYR B 1107 -22.44 -4.04 -67.53
N GLU B 1108 -23.17 -3.08 -68.10
CA GLU B 1108 -24.43 -3.37 -68.81
C GLU B 1108 -24.57 -2.36 -69.92
N PRO B 1109 -24.12 -2.69 -71.13
CA PRO B 1109 -24.14 -1.72 -72.23
C PRO B 1109 -25.56 -1.43 -72.68
N GLN B 1110 -25.91 -0.15 -72.71
CA GLN B 1110 -27.21 0.30 -73.17
C GLN B 1110 -27.03 1.53 -74.06
N ILE B 1111 -27.92 1.67 -75.03
CA ILE B 1111 -27.84 2.81 -75.94
C ILE B 1111 -28.21 4.09 -75.21
N ILE B 1112 -27.64 5.20 -75.65
CA ILE B 1112 -27.86 6.50 -75.02
C ILE B 1112 -29.16 7.07 -75.57
N THR B 1113 -30.24 6.93 -74.82
CA THR B 1113 -31.55 7.43 -75.20
C THR B 1113 -31.96 8.59 -74.29
N THR B 1114 -33.07 9.22 -74.66
CA THR B 1114 -33.60 10.33 -73.85
C THR B 1114 -34.44 9.79 -72.70
N ASP B 1115 -33.88 8.86 -71.93
CA ASP B 1115 -34.54 8.32 -70.74
C ASP B 1115 -33.62 8.25 -69.53
N ASN B 1116 -32.30 8.20 -69.71
CA ASN B 1116 -31.36 8.21 -68.61
C ASN B 1116 -30.36 9.35 -68.70
N THR B 1117 -30.59 10.30 -69.59
CA THR B 1117 -29.70 11.45 -69.77
C THR B 1117 -30.54 12.73 -69.80
N PHE B 1118 -30.21 13.67 -68.92
CA PHE B 1118 -30.90 14.95 -68.85
C PHE B 1118 -30.05 16.05 -69.49
N VAL B 1119 -30.73 17.11 -69.92
CA VAL B 1119 -30.10 18.23 -70.60
C VAL B 1119 -30.00 19.40 -69.62
N SER B 1120 -28.79 19.92 -69.44
CA SER B 1120 -28.59 21.06 -68.55
C SER B 1120 -27.32 21.79 -69.00
N GLY B 1121 -27.50 22.90 -69.70
CA GLY B 1121 -26.39 23.73 -70.14
C GLY B 1121 -26.00 23.47 -71.58
N ASN B 1122 -25.11 24.34 -72.07
CA ASN B 1122 -24.60 24.25 -73.43
C ASN B 1122 -23.22 23.60 -73.43
N CYS B 1123 -22.72 23.33 -74.64
CA CYS B 1123 -21.48 22.58 -74.82
C CYS B 1123 -20.28 23.52 -74.98
N ASP B 1124 -20.08 24.37 -73.96
CA ASP B 1124 -18.92 25.25 -73.96
C ASP B 1124 -18.34 25.47 -72.57
N VAL B 1125 -18.80 24.73 -71.56
CA VAL B 1125 -18.31 24.92 -70.19
C VAL B 1125 -17.75 23.65 -69.57
N VAL B 1126 -18.16 22.46 -69.99
CA VAL B 1126 -17.67 21.21 -69.42
C VAL B 1126 -16.39 20.81 -70.15
N ILE B 1127 -15.34 20.53 -69.38
CA ILE B 1127 -14.05 20.17 -69.93
C ILE B 1127 -14.01 18.65 -70.13
N GLY B 1128 -13.87 18.23 -71.39
CA GLY B 1128 -13.81 16.83 -71.73
C GLY B 1128 -15.05 16.27 -72.41
N ILE B 1129 -15.99 17.13 -72.81
CA ILE B 1129 -17.21 16.64 -73.45
C ILE B 1129 -16.90 16.15 -74.85
N VAL B 1130 -17.50 15.01 -75.19
CA VAL B 1130 -17.33 14.38 -76.48
C VAL B 1130 -18.59 14.51 -77.29
N ASN B 1131 -18.49 14.25 -78.58
CA ASN B 1131 -19.65 14.31 -79.43
C ASN B 1131 -20.17 12.93 -79.66
N ASN B 1132 -21.45 12.85 -79.99
CA ASN B 1132 -22.05 11.60 -80.36
C ASN B 1132 -23.41 11.88 -80.97
N THR B 1133 -24.36 11.03 -80.65
CA THR B 1133 -25.75 11.18 -81.06
C THR B 1133 -26.65 10.51 -80.03
N VAL B 1134 -27.62 11.27 -79.51
CA VAL B 1134 -28.57 10.75 -78.54
C VAL B 1134 -29.81 10.29 -79.30
N TYR B 1135 -30.00 8.98 -79.38
CA TYR B 1135 -31.14 8.43 -80.12
C TYR B 1135 -32.41 8.53 -79.28
N ASP B 1136 -33.40 9.24 -79.80
CA ASP B 1136 -34.63 9.33 -79.02
C ASP B 1136 -35.67 8.35 -79.55
N PRO B 1137 -36.44 7.70 -78.67
CA PRO B 1137 -37.42 6.72 -79.13
C PRO B 1137 -38.65 7.32 -79.79
N LEU B 1138 -38.84 8.64 -79.71
CA LEU B 1138 -40.02 9.26 -80.29
C LEU B 1138 -39.91 9.38 -81.81
N GLN B 1139 -38.70 9.54 -82.34
CA GLN B 1139 -38.54 9.72 -83.78
C GLN B 1139 -38.97 8.50 -84.60
N PRO B 1140 -38.58 7.27 -84.26
CA PRO B 1140 -39.05 6.13 -85.08
C PRO B 1140 -40.56 5.94 -85.04
N GLU B 1141 -41.15 6.02 -83.85
CA GLU B 1141 -42.60 5.84 -83.73
C GLU B 1141 -43.38 7.02 -84.30
N LEU B 1142 -42.74 8.18 -84.45
CA LEU B 1142 -43.42 9.33 -85.06
C LEU B 1142 -43.34 9.31 -86.58
N ASP B 1143 -42.55 8.39 -87.16
CA ASP B 1143 -42.41 8.30 -88.61
C ASP B 1143 -43.65 7.62 -89.19
N SER B 1144 -44.71 8.41 -89.30
CA SER B 1144 -45.98 7.94 -89.83
C SER B 1144 -45.93 7.84 -91.35
N LEU C 24 -47.10 -26.14 39.46
CA LEU C 24 -46.79 -24.98 38.63
C LEU C 24 -46.87 -25.34 37.16
N PRO C 25 -47.82 -24.71 36.45
CA PRO C 25 -47.85 -24.73 35.00
C PRO C 25 -47.40 -23.39 34.41
N PRO C 26 -46.09 -23.18 34.28
CA PRO C 26 -45.55 -21.93 33.76
C PRO C 26 -45.87 -21.78 32.28
N ALA C 27 -46.86 -20.94 31.95
CA ALA C 27 -47.30 -20.81 30.58
C ALA C 27 -46.23 -20.17 29.71
N TYR C 28 -46.64 -19.74 28.51
CA TYR C 28 -45.77 -18.96 27.66
C TYR C 28 -46.57 -17.98 26.81
N THR C 29 -45.90 -16.94 26.33
CA THR C 29 -46.51 -15.99 25.41
C THR C 29 -45.44 -15.30 24.58
N ASN C 30 -45.86 -14.37 23.71
CA ASN C 30 -44.99 -13.83 22.68
C ASN C 30 -44.29 -12.52 23.09
N SER C 31 -43.65 -11.89 22.10
CA SER C 31 -42.84 -10.70 22.26
C SER C 31 -42.66 -9.99 20.92
N PHE C 32 -43.78 -9.75 20.24
CA PHE C 32 -43.78 -9.28 18.85
C PHE C 32 -42.75 -8.19 18.57
N THR C 33 -42.91 -7.03 19.20
CA THR C 33 -42.02 -5.89 18.96
C THR C 33 -41.71 -5.18 20.26
N ARG C 34 -41.44 -5.93 21.33
CA ARG C 34 -41.13 -5.36 22.62
C ARG C 34 -39.84 -5.96 23.16
N GLY C 35 -39.03 -5.13 23.80
CA GLY C 35 -37.78 -5.57 24.37
C GLY C 35 -36.56 -4.87 23.81
N VAL C 36 -36.74 -3.64 23.34
CA VAL C 36 -35.67 -2.86 22.75
C VAL C 36 -35.42 -1.64 23.63
N TYR C 37 -34.16 -1.42 23.99
CA TYR C 37 -33.75 -0.30 24.81
C TYR C 37 -32.67 0.51 24.07
N TYR C 38 -32.25 1.61 24.69
CA TYR C 38 -31.19 2.45 24.14
C TYR C 38 -29.84 1.82 24.42
N PRO C 39 -29.10 1.40 23.40
CA PRO C 39 -27.81 0.75 23.64
C PRO C 39 -26.77 1.69 24.21
N ASP C 40 -26.61 2.87 23.60
CA ASP C 40 -25.64 3.85 24.04
C ASP C 40 -26.33 5.18 24.33
N LYS C 41 -25.68 5.99 25.16
CA LYS C 41 -26.21 7.29 25.57
C LYS C 41 -25.73 8.39 24.62
N VAL C 42 -26.10 8.25 23.36
CA VAL C 42 -25.72 9.19 22.31
C VAL C 42 -26.97 9.60 21.54
N PHE C 43 -27.17 10.90 21.38
CA PHE C 43 -28.34 11.41 20.67
C PHE C 43 -28.17 11.20 19.17
N ARG C 44 -29.17 10.59 18.54
CA ARG C 44 -29.19 10.39 17.10
C ARG C 44 -30.56 10.78 16.57
N SER C 45 -30.59 11.38 15.39
CA SER C 45 -31.83 11.89 14.82
C SER C 45 -31.89 11.55 13.33
N SER C 46 -33.03 11.02 12.90
CA SER C 46 -33.33 10.70 11.51
C SER C 46 -32.32 9.74 10.89
N VAL C 47 -31.67 8.89 11.68
CA VAL C 47 -30.71 7.92 11.18
C VAL C 47 -31.15 6.53 11.59
N LEU C 48 -30.61 5.53 10.89
CA LEU C 48 -30.86 4.12 11.16
C LEU C 48 -29.56 3.52 11.67
N HIS C 49 -29.50 3.26 12.98
CA HIS C 49 -28.27 2.80 13.61
C HIS C 49 -28.28 1.29 13.77
N SER C 50 -27.13 0.68 13.47
CA SER C 50 -26.93 -0.76 13.63
C SER C 50 -26.12 -1.01 14.90
N THR C 51 -26.72 -1.71 15.85
CA THR C 51 -26.09 -1.96 17.14
C THR C 51 -25.95 -3.47 17.38
N GLN C 52 -24.95 -3.82 18.19
CA GLN C 52 -24.67 -5.21 18.56
C GLN C 52 -24.56 -5.27 20.08
N ASP C 53 -25.62 -5.73 20.74
CA ASP C 53 -25.63 -5.83 22.19
C ASP C 53 -26.69 -6.86 22.58
N LEU C 54 -26.80 -7.12 23.88
CA LEU C 54 -27.78 -8.08 24.38
C LEU C 54 -29.18 -7.50 24.29
N PHE C 55 -30.04 -8.17 23.52
CA PHE C 55 -31.42 -7.74 23.36
C PHE C 55 -32.33 -8.96 23.40
N LEU C 56 -33.63 -8.70 23.54
CA LEU C 56 -34.63 -9.77 23.55
C LEU C 56 -35.06 -10.06 22.13
N PRO C 57 -34.86 -11.28 21.62
CA PRO C 57 -35.29 -11.59 20.25
C PRO C 57 -36.79 -11.48 20.11
N PHE C 58 -37.22 -10.89 19.00
CA PHE C 58 -38.64 -10.75 18.72
C PHE C 58 -39.29 -12.12 18.51
N PHE C 59 -40.56 -12.22 18.88
CA PHE C 59 -41.35 -13.45 18.75
C PHE C 59 -40.68 -14.60 19.49
N SER C 60 -40.38 -14.36 20.76
CA SER C 60 -39.74 -15.33 21.63
C SER C 60 -40.75 -15.90 22.62
N ASN C 61 -40.28 -16.83 23.45
CA ASN C 61 -41.10 -17.48 24.46
C ASN C 61 -40.80 -16.86 25.82
N VAL C 62 -41.79 -16.18 26.40
CA VAL C 62 -41.66 -15.54 27.70
C VAL C 62 -42.70 -16.15 28.63
N THR C 63 -42.27 -16.45 29.86
CA THR C 63 -43.15 -17.08 30.83
C THR C 63 -44.33 -16.18 31.17
N TRP C 64 -45.46 -16.81 31.50
CA TRP C 64 -46.70 -16.10 31.79
C TRP C 64 -47.09 -16.28 33.26
N PHE C 65 -46.13 -16.13 34.16
CA PHE C 65 -46.39 -16.30 35.58
C PHE C 65 -47.49 -15.36 36.05
N HIS C 66 -48.53 -15.94 36.64
CA HIS C 66 -49.69 -15.21 37.13
C HIS C 66 -49.62 -15.13 38.65
N VAL C 67 -49.83 -13.94 39.20
CA VAL C 67 -49.64 -13.69 40.62
C VAL C 67 -50.98 -13.69 41.34
N ILE C 68 -51.96 -14.40 40.77
CA ILE C 68 -53.30 -14.40 41.35
C ILE C 68 -53.28 -15.07 42.73
N PHE C 77 -50.50 -17.49 44.12
CA PHE C 77 -49.16 -17.44 44.70
C PHE C 77 -48.13 -17.97 43.70
N ASP C 78 -47.04 -17.23 43.51
CA ASP C 78 -45.94 -17.70 42.66
C ASP C 78 -44.68 -16.89 42.89
N ASN C 79 -43.56 -17.58 43.16
CA ASN C 79 -42.28 -16.91 43.31
C ASN C 79 -41.12 -17.89 43.11
N PRO C 80 -40.95 -18.44 41.92
CA PRO C 80 -39.84 -19.37 41.69
C PRO C 80 -38.52 -18.63 41.48
N VAL C 81 -37.43 -19.39 41.65
CA VAL C 81 -36.08 -18.84 41.51
C VAL C 81 -35.64 -19.14 40.08
N LEU C 82 -35.92 -18.22 39.16
CA LEU C 82 -35.54 -18.39 37.77
C LEU C 82 -34.07 -18.00 37.56
N PRO C 83 -33.42 -18.57 36.56
CA PRO C 83 -32.01 -18.23 36.30
C PRO C 83 -31.86 -16.81 35.80
N PHE C 84 -30.62 -16.33 35.89
CA PHE C 84 -30.25 -14.97 35.50
C PHE C 84 -28.98 -15.00 34.66
N ASN C 85 -29.00 -15.85 33.63
CA ASN C 85 -27.81 -16.07 32.79
C ASN C 85 -27.25 -14.75 32.26
N ASP C 86 -28.07 -14.01 31.49
CA ASP C 86 -27.62 -12.72 30.96
C ASP C 86 -28.87 -11.88 30.65
N GLY C 87 -29.22 -10.99 31.59
CA GLY C 87 -30.30 -10.05 31.37
C GLY C 87 -31.69 -10.65 31.42
N VAL C 88 -32.67 -9.84 31.82
CA VAL C 88 -34.08 -10.23 31.84
C VAL C 88 -34.91 -9.07 31.35
N TYR C 89 -36.20 -9.35 31.10
CA TYR C 89 -37.18 -8.41 30.58
C TYR C 89 -38.39 -8.36 31.51
N PHE C 90 -38.12 -8.16 32.80
CA PHE C 90 -39.14 -8.33 33.83
C PHE C 90 -40.31 -7.36 33.65
N ALA C 91 -41.49 -7.89 33.37
CA ALA C 91 -42.70 -7.11 33.36
C ALA C 91 -43.35 -7.13 34.74
N SER C 92 -44.02 -6.04 35.07
CA SER C 92 -44.63 -5.85 36.39
C SER C 92 -46.06 -5.37 36.27
N ILE C 93 -46.85 -6.07 35.46
CA ILE C 93 -48.25 -5.71 35.29
C ILE C 93 -48.98 -5.91 36.62
N GLU C 94 -49.42 -4.80 37.22
CA GLU C 94 -50.12 -4.82 38.49
C GLU C 94 -51.25 -3.80 38.42
N LYS C 95 -51.87 -3.53 39.58
CA LYS C 95 -52.93 -2.53 39.64
C LYS C 95 -52.51 -1.33 40.49
N SER C 96 -52.16 -1.53 41.76
CA SER C 96 -51.67 -0.45 42.59
C SER C 96 -50.26 -0.70 43.12
N ASN C 97 -50.04 -1.78 43.88
CA ASN C 97 -48.77 -1.99 44.56
C ASN C 97 -48.38 -3.46 44.65
N ILE C 98 -48.84 -4.31 43.74
CA ILE C 98 -48.67 -5.75 43.92
C ILE C 98 -47.21 -6.15 43.80
N ILE C 99 -46.50 -5.60 42.81
CA ILE C 99 -45.10 -5.90 42.57
C ILE C 99 -44.29 -4.64 42.91
N ARG C 100 -43.53 -4.71 44.00
CA ARG C 100 -42.74 -3.58 44.47
C ARG C 100 -41.35 -4.02 44.91
N GLY C 101 -40.70 -4.86 44.11
CA GLY C 101 -39.34 -5.25 44.43
C GLY C 101 -38.87 -6.54 43.80
N TRP C 102 -37.55 -6.69 43.68
CA TRP C 102 -36.91 -7.90 43.18
C TRP C 102 -35.68 -8.20 44.01
N ILE C 103 -35.05 -9.34 43.72
CA ILE C 103 -33.82 -9.73 44.39
C ILE C 103 -33.00 -10.57 43.43
N PHE C 104 -31.69 -10.52 43.57
CA PHE C 104 -30.78 -11.25 42.69
C PHE C 104 -29.78 -12.01 43.55
N GLY C 105 -29.06 -12.95 42.93
CA GLY C 105 -28.03 -13.69 43.63
C GLY C 105 -27.70 -15.01 42.99
N THR C 106 -26.52 -15.56 43.32
CA THR C 106 -26.07 -16.83 42.77
C THR C 106 -26.04 -17.95 43.79
N THR C 107 -25.89 -17.64 45.07
CA THR C 107 -25.87 -18.66 46.12
C THR C 107 -27.13 -18.64 46.97
N LEU C 108 -27.56 -17.45 47.39
CA LEU C 108 -28.76 -17.28 48.21
C LEU C 108 -28.67 -18.04 49.53
N ASP C 109 -27.45 -18.24 50.02
CA ASP C 109 -27.21 -18.92 51.29
C ASP C 109 -26.17 -18.17 52.11
N SER C 110 -26.29 -16.84 52.15
CA SER C 110 -25.36 -15.98 52.89
C SER C 110 -23.91 -16.19 52.46
N LYS C 111 -23.69 -16.40 51.17
CA LYS C 111 -22.35 -16.59 50.61
C LYS C 111 -21.93 -15.44 49.71
N THR C 112 -22.83 -14.92 48.89
CA THR C 112 -22.55 -13.80 48.01
C THR C 112 -23.47 -12.63 48.34
N GLN C 113 -23.12 -11.46 47.79
CA GLN C 113 -23.90 -10.26 48.04
C GLN C 113 -25.23 -10.32 47.29
N SER C 114 -26.24 -9.70 47.87
CA SER C 114 -27.59 -9.66 47.30
C SER C 114 -27.85 -8.30 46.67
N LEU C 115 -29.03 -8.14 46.09
CA LEU C 115 -29.43 -6.88 45.46
C LEU C 115 -30.95 -6.75 45.60
N LEU C 116 -31.39 -6.03 46.62
CA LEU C 116 -32.81 -5.78 46.85
C LEU C 116 -33.19 -4.44 46.22
N ILE C 117 -34.27 -4.44 45.44
CA ILE C 117 -34.69 -3.27 44.69
C ILE C 117 -36.12 -2.92 45.11
N VAL C 118 -36.42 -3.13 46.40
CA VAL C 118 -37.76 -2.89 46.91
C VAL C 118 -38.23 -1.49 46.56
N ASN C 119 -39.54 -1.36 46.33
CA ASN C 119 -40.12 -0.11 45.84
C ASN C 119 -41.24 0.37 46.75
N ASN C 120 -40.96 0.42 48.06
CA ASN C 120 -41.95 0.86 49.03
C ASN C 120 -42.23 2.35 48.87
N ALA C 121 -43.09 2.87 49.74
CA ALA C 121 -43.51 4.26 49.66
C ALA C 121 -42.33 5.21 49.76
N THR C 122 -42.11 5.97 48.69
CA THR C 122 -41.02 6.96 48.54
C THR C 122 -39.72 6.48 49.18
N ASN C 123 -39.35 5.24 48.88
CA ASN C 123 -38.05 4.72 49.27
C ASN C 123 -37.70 3.56 48.35
N VAL C 124 -36.55 3.66 47.67
CA VAL C 124 -36.10 2.64 46.74
C VAL C 124 -34.66 2.27 47.11
N VAL C 125 -34.33 2.40 48.40
CA VAL C 125 -32.97 2.18 48.86
C VAL C 125 -32.53 0.76 48.51
N ILE C 126 -31.48 0.66 47.71
CA ILE C 126 -30.91 -0.62 47.30
C ILE C 126 -29.82 -1.01 48.30
N LYS C 127 -29.79 -2.28 48.67
CA LYS C 127 -28.79 -2.81 49.59
C LYS C 127 -28.04 -3.95 48.91
N VAL C 128 -26.72 -3.92 49.02
CA VAL C 128 -25.87 -4.93 48.38
C VAL C 128 -25.15 -5.73 49.46
N CYS C 129 -25.82 -5.91 50.60
CA CYS C 129 -25.23 -6.64 51.72
C CYS C 129 -25.23 -8.15 51.40
N GLU C 130 -24.72 -8.94 52.35
CA GLU C 130 -24.64 -10.39 52.19
C GLU C 130 -25.36 -11.05 53.36
N PHE C 131 -26.41 -11.79 53.08
CA PHE C 131 -27.22 -12.42 54.12
C PHE C 131 -28.14 -13.46 53.48
N GLN C 132 -28.46 -14.49 54.25
CA GLN C 132 -29.46 -15.49 53.86
C GLN C 132 -30.79 -15.03 54.45
N PHE C 133 -31.58 -14.34 53.64
CA PHE C 133 -32.82 -13.75 54.10
C PHE C 133 -33.82 -14.79 54.58
N CYS C 134 -34.33 -15.61 53.67
CA CYS C 134 -35.30 -16.65 53.96
C CYS C 134 -35.50 -17.47 52.69
N ASN C 135 -36.44 -18.41 52.74
CA ASN C 135 -36.80 -19.22 51.58
C ASN C 135 -38.05 -18.71 50.87
N ASP C 136 -38.66 -17.64 51.38
CA ASP C 136 -39.85 -17.06 50.77
C ASP C 136 -40.00 -15.61 51.18
N PRO C 137 -39.31 -14.69 50.50
CA PRO C 137 -39.36 -13.25 50.89
C PRO C 137 -40.67 -12.57 50.53
N PHE C 138 -41.67 -12.75 51.39
CA PHE C 138 -42.97 -12.13 51.21
C PHE C 138 -42.97 -10.73 51.83
N LEU C 139 -43.69 -9.82 51.18
CA LEU C 139 -43.78 -8.44 51.67
C LEU C 139 -45.06 -7.77 51.19
N GLU C 151 -41.23 -3.75 55.29
CA GLU C 151 -40.87 -4.12 56.65
C GLU C 151 -39.61 -4.97 56.67
N PHE C 152 -39.14 -5.33 57.86
CA PHE C 152 -37.93 -6.12 58.03
C PHE C 152 -38.17 -7.62 57.89
N ARG C 153 -39.34 -8.04 57.40
CA ARG C 153 -39.63 -9.45 57.20
C ARG C 153 -38.93 -10.04 55.98
N VAL C 154 -38.25 -9.21 55.18
CA VAL C 154 -37.54 -9.71 54.01
C VAL C 154 -36.32 -10.52 54.44
N TYR C 155 -35.42 -9.89 55.18
CA TYR C 155 -34.20 -10.53 55.66
C TYR C 155 -34.30 -10.81 57.15
N SER C 156 -33.25 -11.45 57.69
CA SER C 156 -33.22 -11.79 59.11
C SER C 156 -31.88 -11.50 59.76
N SER C 157 -30.88 -11.01 59.02
CA SER C 157 -29.57 -10.71 59.59
C SER C 157 -28.91 -9.65 58.73
N ALA C 158 -27.69 -9.26 59.10
CA ALA C 158 -26.93 -8.25 58.39
C ALA C 158 -25.46 -8.62 58.40
N ASN C 159 -24.68 -7.88 57.63
CA ASN C 159 -23.24 -8.11 57.52
C ASN C 159 -22.58 -6.82 57.07
N ASN C 160 -21.32 -6.91 56.65
CA ASN C 160 -20.59 -5.75 56.17
C ASN C 160 -21.04 -5.36 54.76
N CYS C 161 -22.05 -4.50 54.68
CA CYS C 161 -22.59 -4.08 53.38
C CYS C 161 -21.57 -3.19 52.69
N THR C 162 -21.12 -3.60 51.50
CA THR C 162 -20.10 -2.87 50.77
C THR C 162 -20.66 -1.74 49.91
N PHE C 163 -21.97 -1.71 49.69
CA PHE C 163 -22.56 -0.67 48.86
C PHE C 163 -24.04 -0.55 49.19
N GLU C 164 -24.55 0.68 49.13
CA GLU C 164 -25.97 0.93 49.38
C GLU C 164 -26.35 2.25 48.71
N TYR C 165 -27.34 2.21 47.83
CA TYR C 165 -27.80 3.41 47.13
C TYR C 165 -29.01 3.99 47.83
N VAL C 166 -29.04 5.32 47.95
CA VAL C 166 -30.07 6.00 48.72
C VAL C 166 -30.84 6.97 47.85
N SER C 167 -31.00 6.63 46.57
CA SER C 167 -31.75 7.48 45.64
C SER C 167 -33.15 7.75 46.15
N GLN C 168 -33.54 9.04 46.14
CA GLN C 168 -34.85 9.41 46.67
C GLN C 168 -35.99 9.00 45.74
N PRO C 169 -35.97 9.33 44.43
CA PRO C 169 -37.11 8.95 43.58
C PRO C 169 -37.23 7.44 43.46
N PHE C 170 -38.40 6.92 43.78
CA PHE C 170 -38.63 5.48 43.73
C PHE C 170 -38.61 4.98 42.29
N LEU C 171 -38.02 3.80 42.11
CA LEU C 171 -37.92 3.19 40.77
C LEU C 171 -39.16 2.34 40.52
N MET C 172 -40.26 3.04 40.21
CA MET C 172 -41.52 2.39 39.94
C MET C 172 -42.42 3.27 39.08
N GLN C 178 -59.92 3.91 36.63
CA GLN C 178 -60.33 4.11 35.25
C GLN C 178 -61.20 2.96 34.76
N GLY C 179 -61.74 3.10 33.54
CA GLY C 179 -62.57 2.08 32.96
C GLY C 179 -61.79 0.87 32.50
N ASN C 180 -60.88 1.06 31.54
CA ASN C 180 -60.10 -0.04 31.01
C ASN C 180 -58.62 0.30 30.84
N PHE C 181 -58.16 1.43 31.38
CA PHE C 181 -56.77 1.85 31.24
C PHE C 181 -55.96 1.32 32.42
N LYS C 182 -55.26 0.21 32.19
CA LYS C 182 -54.36 -0.35 33.18
C LYS C 182 -52.97 0.25 33.00
N ASN C 183 -51.97 -0.32 33.66
CA ASN C 183 -50.61 0.18 33.63
C ASN C 183 -49.64 -0.95 33.34
N LEU C 184 -48.93 -0.87 32.22
CA LEU C 184 -47.89 -1.80 31.85
C LEU C 184 -46.53 -1.18 32.17
N ARG C 185 -45.61 -2.00 32.67
CA ARG C 185 -44.28 -1.52 33.02
C ARG C 185 -43.28 -2.64 32.83
N GLU C 186 -42.16 -2.32 32.20
CA GLU C 186 -41.11 -3.30 31.91
C GLU C 186 -39.77 -2.78 32.39
N PHE C 187 -38.91 -3.71 32.80
CA PHE C 187 -37.58 -3.40 33.32
C PHE C 187 -36.60 -4.37 32.66
N VAL C 188 -35.66 -3.83 31.90
CA VAL C 188 -34.63 -4.62 31.24
C VAL C 188 -33.37 -4.62 32.11
N PHE C 189 -32.88 -5.81 32.43
CA PHE C 189 -31.70 -5.97 33.26
C PHE C 189 -30.62 -6.71 32.49
N LYS C 190 -29.36 -6.41 32.81
CA LYS C 190 -28.22 -7.08 32.21
C LYS C 190 -27.22 -7.43 33.30
N ASN C 191 -26.17 -8.14 32.92
CA ASN C 191 -25.12 -8.58 33.84
C ASN C 191 -23.77 -8.03 33.44
N ILE C 192 -23.74 -6.74 33.09
CA ILE C 192 -22.49 -6.09 32.71
C ILE C 192 -21.61 -5.93 33.94
N ASP C 193 -20.30 -6.13 33.75
CA ASP C 193 -19.36 -5.98 34.86
C ASP C 193 -19.31 -4.54 35.36
N GLY C 194 -19.57 -3.56 34.49
CA GLY C 194 -19.54 -2.17 34.87
C GLY C 194 -20.68 -1.79 35.81
N TYR C 195 -21.91 -1.85 35.31
CA TYR C 195 -23.10 -1.50 36.08
C TYR C 195 -24.15 -2.59 35.92
N PHE C 196 -25.26 -2.45 36.64
CA PHE C 196 -26.36 -3.39 36.52
C PHE C 196 -27.24 -3.12 35.32
N LYS C 197 -27.18 -1.92 34.75
CA LYS C 197 -27.94 -1.54 33.56
C LYS C 197 -29.43 -1.71 33.78
N ILE C 198 -29.96 -0.91 34.71
CA ILE C 198 -31.38 -0.94 35.04
C ILE C 198 -32.13 -0.04 34.07
N TYR C 199 -32.99 -0.65 33.26
CA TYR C 199 -33.87 0.07 32.36
C TYR C 199 -35.30 -0.01 32.87
N SER C 200 -36.16 0.89 32.39
CA SER C 200 -37.55 0.92 32.82
C SER C 200 -38.38 1.67 31.79
N LYS C 201 -39.65 1.29 31.70
CA LYS C 201 -40.60 2.03 30.87
C LYS C 201 -42.01 1.71 31.33
N HIS C 202 -42.80 2.74 31.60
CA HIS C 202 -44.17 2.60 32.06
C HIS C 202 -45.12 3.30 31.10
N THR C 203 -46.29 2.70 30.87
CA THR C 203 -47.26 3.27 29.94
C THR C 203 -48.64 2.70 30.22
N PRO C 204 -49.71 3.46 30.03
CA PRO C 204 -51.05 2.91 30.17
C PRO C 204 -51.55 2.22 28.91
N ILE C 205 -52.18 1.07 29.12
CA ILE C 205 -52.75 0.30 28.01
C ILE C 205 -54.11 0.88 27.65
N ILE C 206 -54.65 0.48 26.50
CA ILE C 206 -55.89 1.06 25.99
C ILE C 206 -57.08 0.16 26.30
N VAL C 207 -57.02 -1.09 25.82
CA VAL C 207 -58.15 -2.00 25.91
C VAL C 207 -57.97 -2.89 27.13
N ARG C 208 -59.07 -3.54 27.54
CA ARG C 208 -59.09 -4.42 28.71
C ARG C 208 -59.07 -5.89 28.31
N GLU C 209 -58.30 -6.23 27.28
CA GLU C 209 -58.15 -7.61 26.82
C GLU C 209 -57.48 -8.44 27.92
N PRO C 210 -57.54 -9.77 27.85
CA PRO C 210 -56.85 -10.58 28.86
C PRO C 210 -55.36 -10.27 28.92
N GLU C 211 -54.74 -10.59 30.06
CA GLU C 211 -53.35 -10.22 30.30
C GLU C 211 -52.43 -10.83 29.25
N ASP C 212 -51.78 -9.95 28.47
CA ASP C 212 -50.86 -10.35 27.42
C ASP C 212 -50.11 -9.11 26.96
N LEU C 213 -48.89 -9.31 26.51
CA LEU C 213 -48.07 -8.22 26.01
C LEU C 213 -48.72 -7.59 24.79
N PRO C 214 -49.06 -6.31 24.82
CA PRO C 214 -49.78 -5.70 23.70
C PRO C 214 -48.88 -5.53 22.48
N GLN C 215 -49.52 -5.16 21.37
CA GLN C 215 -48.83 -4.94 20.11
C GLN C 215 -48.41 -3.48 20.02
N GLY C 216 -47.10 -3.24 19.99
CA GLY C 216 -46.58 -1.90 19.90
C GLY C 216 -45.12 -1.85 20.31
N PHE C 217 -44.47 -0.75 19.94
CA PHE C 217 -43.06 -0.55 20.21
C PHE C 217 -42.89 0.57 21.23
N SER C 218 -41.99 0.35 22.19
CA SER C 218 -41.71 1.34 23.23
C SER C 218 -40.30 1.09 23.74
N ALA C 219 -39.39 2.02 23.46
CA ALA C 219 -38.02 1.87 23.90
C ALA C 219 -37.91 2.12 25.41
N LEU C 220 -36.73 1.86 25.95
CA LEU C 220 -36.45 2.05 27.36
C LEU C 220 -35.19 2.89 27.53
N GLU C 221 -35.16 3.67 28.62
CA GLU C 221 -34.04 4.53 28.94
C GLU C 221 -33.46 4.17 30.29
N PRO C 222 -32.13 4.28 30.46
CA PRO C 222 -31.52 3.94 31.75
C PRO C 222 -31.94 4.93 32.83
N LEU C 223 -32.02 4.42 34.06
CA LEU C 223 -32.34 5.24 35.22
C LEU C 223 -31.18 5.33 36.21
N VAL C 224 -30.67 4.19 36.67
CA VAL C 224 -29.56 4.16 37.62
C VAL C 224 -28.54 3.13 37.14
N ASP C 225 -27.29 3.35 37.56
CA ASP C 225 -26.18 2.47 37.18
C ASP C 225 -25.36 2.20 38.44
N LEU C 226 -25.60 1.04 39.05
CA LEU C 226 -24.88 0.67 40.28
C LEU C 226 -23.50 0.14 39.92
N PRO C 227 -22.42 0.79 40.34
CA PRO C 227 -21.08 0.32 39.97
C PRO C 227 -20.60 -0.88 40.77
N ILE C 228 -21.42 -1.42 41.67
CA ILE C 228 -21.01 -2.57 42.46
C ILE C 228 -21.11 -3.83 41.60
N GLY C 229 -20.04 -4.63 41.62
CA GLY C 229 -20.01 -5.86 40.84
C GLY C 229 -20.18 -7.09 41.72
N ILE C 230 -20.99 -8.03 41.25
CA ILE C 230 -21.26 -9.26 41.98
C ILE C 230 -21.78 -10.29 40.99
N ASN C 231 -21.27 -11.52 41.10
CA ASN C 231 -21.78 -12.63 40.34
C ASN C 231 -23.25 -12.85 40.64
N ILE C 232 -24.04 -13.00 39.58
CA ILE C 232 -25.46 -13.28 39.73
C ILE C 232 -25.86 -14.32 38.70
N THR C 233 -26.51 -15.39 39.16
CA THR C 233 -27.00 -16.45 38.28
C THR C 233 -28.49 -16.70 38.40
N ARG C 234 -29.14 -16.22 39.46
CA ARG C 234 -30.56 -16.42 39.66
C ARG C 234 -31.18 -15.15 40.24
N PHE C 235 -32.51 -15.08 40.17
CA PHE C 235 -33.25 -13.96 40.71
C PHE C 235 -34.56 -14.45 41.31
N GLN C 236 -35.18 -13.58 42.11
CA GLN C 236 -36.41 -13.90 42.83
C GLN C 236 -37.27 -12.65 42.90
N THR C 237 -38.51 -12.75 42.43
CA THR C 237 -39.43 -11.63 42.51
C THR C 237 -39.91 -11.43 43.95
N LEU C 238 -40.15 -10.16 44.29
CA LEU C 238 -40.62 -9.78 45.62
C LEU C 238 -41.98 -9.11 45.45
N LEU C 239 -43.05 -9.86 45.66
CA LEU C 239 -44.41 -9.37 45.50
C LEU C 239 -45.01 -9.01 46.86
N ALA C 240 -45.94 -8.06 46.84
CA ALA C 240 -46.65 -7.66 48.04
C ALA C 240 -47.73 -8.68 48.35
N LEU C 241 -47.69 -9.26 49.55
CA LEU C 241 -48.64 -10.29 49.95
C LEU C 241 -50.06 -9.74 49.95
N HIS C 242 -50.34 -8.81 50.86
CA HIS C 242 -51.60 -8.07 50.92
C HIS C 242 -52.81 -9.00 50.83
N ARG C 243 -52.80 -10.05 51.66
CA ARG C 243 -53.92 -10.98 51.68
C ARG C 243 -55.11 -10.39 52.42
N SER C 244 -54.89 -9.91 53.64
CA SER C 244 -55.94 -9.33 54.48
C SER C 244 -57.10 -10.28 54.69
N GLY C 258 -56.90 -12.52 37.02
CA GLY C 258 -56.79 -12.56 38.46
C GLY C 258 -56.46 -11.21 39.07
N ALA C 259 -55.26 -11.11 39.65
CA ALA C 259 -54.79 -9.87 40.28
C ALA C 259 -53.62 -9.25 39.55
N ALA C 260 -52.56 -10.01 39.31
CA ALA C 260 -51.38 -9.50 38.61
C ALA C 260 -50.68 -10.66 37.92
N ALA C 261 -49.82 -10.30 36.97
CA ALA C 261 -49.02 -11.29 36.25
C ALA C 261 -47.72 -10.64 35.82
N TYR C 262 -46.61 -11.34 36.02
CA TYR C 262 -45.30 -10.82 35.68
C TYR C 262 -44.64 -11.71 34.65
N TYR C 263 -44.01 -11.10 33.64
CA TYR C 263 -43.33 -11.83 32.58
C TYR C 263 -41.83 -11.76 32.80
N VAL C 264 -41.12 -12.80 32.34
CA VAL C 264 -39.68 -12.93 32.52
C VAL C 264 -39.09 -13.50 31.24
N GLY C 265 -38.22 -12.73 30.58
CA GLY C 265 -37.54 -13.17 29.39
C GLY C 265 -36.04 -13.35 29.62
N TYR C 266 -35.35 -13.66 28.53
CA TYR C 266 -33.90 -13.84 28.57
C TYR C 266 -33.27 -13.15 27.37
N LEU C 267 -32.28 -12.31 27.62
CA LEU C 267 -31.62 -11.59 26.56
C LEU C 267 -30.59 -12.48 25.85
N GLN C 268 -30.29 -12.12 24.62
CA GLN C 268 -29.35 -12.85 23.78
C GLN C 268 -28.54 -11.87 22.96
N PRO C 269 -27.32 -12.23 22.57
CA PRO C 269 -26.52 -11.37 21.67
C PRO C 269 -27.14 -11.36 20.29
N ARG C 270 -27.56 -10.18 19.83
CA ARG C 270 -28.19 -10.02 18.54
C ARG C 270 -27.71 -8.74 17.89
N THR C 271 -28.05 -8.56 16.62
CA THR C 271 -27.75 -7.37 15.84
C THR C 271 -29.07 -6.69 15.51
N PHE C 272 -29.23 -5.44 15.96
CA PHE C 272 -30.47 -4.71 15.78
C PHE C 272 -30.24 -3.49 14.89
N LEU C 273 -31.29 -3.11 14.17
CA LEU C 273 -31.31 -1.87 13.38
C LEU C 273 -32.44 -1.02 13.91
N LEU C 274 -32.09 0.10 14.53
CA LEU C 274 -33.04 0.98 15.20
C LEU C 274 -33.20 2.26 14.40
N LYS C 275 -34.45 2.65 14.14
CA LYS C 275 -34.75 3.89 13.42
C LYS C 275 -35.06 4.99 14.43
N TYR C 276 -34.20 6.01 14.46
CA TYR C 276 -34.40 7.16 15.33
C TYR C 276 -35.28 8.20 14.65
N ASN C 277 -36.11 8.86 15.45
CA ASN C 277 -37.01 9.88 14.94
C ASN C 277 -36.31 11.24 14.93
N GLU C 278 -36.97 12.23 14.36
CA GLU C 278 -36.37 13.55 14.24
C GLU C 278 -36.12 14.11 15.62
N ASN C 279 -36.93 13.71 16.58
CA ASN C 279 -36.79 14.20 17.93
C ASN C 279 -35.70 13.42 18.65
N GLY C 280 -35.48 12.19 18.23
CA GLY C 280 -34.42 11.39 18.80
C GLY C 280 -34.86 10.10 19.46
N THR C 281 -36.15 9.80 19.39
CA THR C 281 -36.65 8.55 19.93
C THR C 281 -36.64 7.47 18.84
N ILE C 282 -36.65 6.22 19.28
CA ILE C 282 -36.63 5.07 18.39
C ILE C 282 -38.07 4.72 18.04
N THR C 283 -38.43 4.86 16.76
CA THR C 283 -39.78 4.53 16.33
C THR C 283 -39.96 3.04 16.16
N ASP C 284 -39.01 2.38 15.49
CA ASP C 284 -39.11 0.95 15.23
C ASP C 284 -37.71 0.34 15.18
N ALA C 285 -37.67 -0.99 15.16
CA ALA C 285 -36.42 -1.73 15.18
C ALA C 285 -36.61 -3.05 14.45
N VAL C 286 -35.52 -3.55 13.88
CA VAL C 286 -35.51 -4.81 13.14
C VAL C 286 -34.38 -5.68 13.67
N ASP C 287 -34.69 -6.91 14.02
CA ASP C 287 -33.71 -7.89 14.47
C ASP C 287 -33.43 -8.87 13.35
N CYS C 288 -32.15 -9.07 13.04
CA CYS C 288 -31.75 -9.92 11.91
C CYS C 288 -31.65 -11.39 12.32
N ALA C 289 -32.70 -11.90 12.94
CA ALA C 289 -32.75 -13.31 13.33
C ALA C 289 -34.12 -13.95 13.16
N LEU C 290 -35.11 -13.22 12.63
CA LEU C 290 -36.46 -13.77 12.55
C LEU C 290 -36.70 -14.44 11.19
N ASP C 291 -36.58 -13.69 10.11
CA ASP C 291 -36.89 -14.17 8.78
C ASP C 291 -35.92 -13.54 7.79
N PRO C 292 -35.79 -14.11 6.59
CA PRO C 292 -34.90 -13.50 5.59
C PRO C 292 -35.26 -12.06 5.24
N LEU C 293 -36.52 -11.66 5.41
CA LEU C 293 -36.89 -10.27 5.17
C LEU C 293 -36.17 -9.35 6.16
N SER C 294 -36.08 -9.75 7.42
CA SER C 294 -35.33 -8.97 8.39
C SER C 294 -33.85 -8.92 8.03
N GLU C 295 -33.32 -10.03 7.51
CA GLU C 295 -31.92 -10.04 7.09
C GLU C 295 -31.68 -9.08 5.93
N THR C 296 -32.65 -8.98 5.01
CA THR C 296 -32.54 -8.01 3.92
C THR C 296 -32.63 -6.59 4.45
N LYS C 297 -33.56 -6.34 5.37
CA LYS C 297 -33.67 -5.01 5.96
C LYS C 297 -32.45 -4.64 6.79
N CYS C 298 -31.68 -5.63 7.24
CA CYS C 298 -30.44 -5.36 7.96
C CYS C 298 -29.26 -5.12 7.02
N THR C 299 -29.09 -5.95 5.99
CA THR C 299 -27.95 -5.79 5.09
C THR C 299 -28.08 -4.52 4.26
N LEU C 300 -29.31 -4.06 4.02
CA LEU C 300 -29.58 -2.79 3.34
C LEU C 300 -30.34 -1.92 4.32
N LYS C 301 -29.71 -0.84 4.78
CA LYS C 301 -30.27 -0.04 5.86
C LYS C 301 -31.51 0.70 5.38
N SER C 302 -32.68 0.15 5.66
CA SER C 302 -33.96 0.72 5.28
C SER C 302 -35.05 -0.08 5.98
N PHE C 303 -36.31 0.28 5.72
CA PHE C 303 -37.45 -0.44 6.25
C PHE C 303 -38.46 -0.83 5.18
N THR C 304 -38.19 -0.53 3.91
CA THR C 304 -39.07 -0.91 2.80
C THR C 304 -38.17 -1.33 1.64
N VAL C 305 -37.90 -2.63 1.56
CA VAL C 305 -37.04 -3.14 0.49
C VAL C 305 -37.80 -3.16 -0.83
N GLU C 306 -37.05 -3.12 -1.93
CA GLU C 306 -37.64 -3.12 -3.25
C GLU C 306 -37.80 -4.56 -3.76
N LYS C 307 -38.52 -4.69 -4.87
CA LYS C 307 -38.77 -6.01 -5.45
C LYS C 307 -37.53 -6.52 -6.16
N GLY C 308 -37.10 -7.72 -5.79
CA GLY C 308 -35.96 -8.33 -6.44
C GLY C 308 -35.28 -9.34 -5.53
N ILE C 309 -34.10 -9.76 -5.95
CA ILE C 309 -33.28 -10.73 -5.23
C ILE C 309 -32.06 -10.02 -4.67
N TYR C 310 -31.76 -10.28 -3.39
CA TYR C 310 -30.67 -9.61 -2.70
C TYR C 310 -29.79 -10.63 -2.00
N GLN C 311 -28.49 -10.35 -1.96
CA GLN C 311 -27.53 -11.18 -1.23
C GLN C 311 -27.41 -10.65 0.20
N THR C 312 -27.55 -11.55 1.18
CA THR C 312 -27.54 -11.16 2.58
C THR C 312 -26.33 -11.71 3.33
N SER C 313 -26.14 -13.02 3.30
CA SER C 313 -25.05 -13.64 4.05
C SER C 313 -24.61 -14.89 3.29
N ASN C 314 -23.87 -15.77 3.98
CA ASN C 314 -23.38 -17.01 3.39
C ASN C 314 -23.76 -18.16 4.31
N PHE C 315 -24.44 -19.15 3.75
CA PHE C 315 -24.82 -20.34 4.52
C PHE C 315 -23.57 -21.09 4.97
N ARG C 316 -23.57 -21.51 6.23
CA ARG C 316 -22.40 -22.20 6.80
C ARG C 316 -22.85 -22.98 8.03
N VAL C 317 -22.44 -24.24 8.11
CA VAL C 317 -22.74 -25.07 9.27
C VAL C 317 -21.55 -25.06 10.22
N GLN C 318 -21.83 -24.89 11.52
CA GLN C 318 -20.75 -24.87 12.50
C GLN C 318 -20.49 -26.27 13.05
N PRO C 319 -19.24 -26.60 13.32
CA PRO C 319 -18.93 -27.92 13.88
C PRO C 319 -19.46 -28.06 15.30
N THR C 320 -19.47 -29.31 15.77
CA THR C 320 -19.97 -29.62 17.10
C THR C 320 -19.08 -30.64 17.83
N GLU C 321 -17.79 -30.66 17.52
CA GLU C 321 -16.87 -31.57 18.16
C GLU C 321 -15.47 -31.00 18.05
N SER C 322 -14.53 -31.64 18.76
CA SER C 322 -13.13 -31.20 18.78
C SER C 322 -12.23 -32.42 18.83
N ILE C 323 -11.41 -32.59 17.79
CA ILE C 323 -10.48 -33.71 17.69
C ILE C 323 -9.07 -33.19 17.96
N VAL C 324 -8.38 -33.79 18.93
CA VAL C 324 -7.07 -33.32 19.35
C VAL C 324 -6.06 -34.46 19.33
N ARG C 325 -6.22 -35.39 18.39
CA ARG C 325 -5.34 -36.55 18.30
C ARG C 325 -3.87 -36.16 18.15
N PHE C 326 -3.07 -36.53 19.13
CA PHE C 326 -1.63 -36.32 19.14
C PHE C 326 -0.89 -37.66 19.09
N PRO C 327 0.41 -37.62 18.76
CA PRO C 327 1.16 -38.88 18.75
C PRO C 327 1.15 -39.56 20.11
N ASN C 328 1.01 -40.88 20.11
CA ASN C 328 1.07 -41.65 21.36
C ASN C 328 2.49 -41.78 21.86
N ILE C 329 2.79 -41.02 22.91
CA ILE C 329 4.10 -41.02 23.54
C ILE C 329 3.95 -40.67 25.01
N THR C 330 4.75 -41.31 25.86
CA THR C 330 4.58 -41.13 27.31
C THR C 330 5.84 -40.75 28.05
N ASN C 331 7.03 -40.92 27.48
CA ASN C 331 8.26 -40.62 28.19
C ASN C 331 8.44 -39.11 28.31
N LEU C 332 9.16 -38.71 29.36
CA LEU C 332 9.40 -37.30 29.66
C LEU C 332 10.85 -36.95 29.35
N CYS C 333 11.06 -35.78 28.76
CA CYS C 333 12.41 -35.32 28.47
C CYS C 333 13.15 -35.06 29.79
N PRO C 334 14.34 -35.62 29.97
CA PRO C 334 15.08 -35.41 31.23
C PRO C 334 15.61 -33.99 31.31
N PHE C 335 15.31 -33.32 32.43
CA PHE C 335 15.78 -31.97 32.68
C PHE C 335 17.02 -31.92 33.56
N ASP C 336 17.59 -33.08 33.91
CA ASP C 336 18.80 -33.11 34.71
C ASP C 336 20.03 -32.77 33.90
N GLU C 337 20.07 -33.18 32.63
CA GLU C 337 21.17 -32.86 31.72
C GLU C 337 21.00 -31.50 31.05
N VAL C 338 20.14 -30.65 31.61
CA VAL C 338 19.87 -29.31 31.07
C VAL C 338 20.22 -28.30 32.16
N PHE C 339 19.91 -27.03 31.91
CA PHE C 339 20.30 -25.90 32.76
C PHE C 339 20.13 -26.18 34.26
N ASN C 340 19.13 -26.97 34.63
CA ASN C 340 18.95 -27.37 36.03
C ASN C 340 20.00 -28.42 36.37
N ALA C 341 21.24 -27.97 36.52
CA ALA C 341 22.36 -28.84 36.83
C ALA C 341 23.49 -28.00 37.40
N THR C 342 24.50 -28.69 37.93
CA THR C 342 25.65 -28.00 38.53
C THR C 342 26.66 -27.58 37.46
N ARG C 343 27.18 -28.55 36.71
CA ARG C 343 28.19 -28.26 35.69
C ARG C 343 27.55 -27.58 34.50
N PHE C 344 27.86 -26.30 34.29
CA PHE C 344 27.34 -25.53 33.19
C PHE C 344 28.43 -25.38 32.12
N ALA C 345 28.08 -24.74 31.01
CA ALA C 345 29.00 -24.53 29.90
C ALA C 345 29.29 -23.04 29.75
N SER C 346 30.19 -22.72 28.83
CA SER C 346 30.60 -21.34 28.58
C SER C 346 30.43 -21.00 27.11
N VAL C 347 30.73 -19.75 26.77
CA VAL C 347 30.62 -19.31 25.38
C VAL C 347 31.72 -19.91 24.51
N TYR C 348 32.81 -20.38 25.10
CA TYR C 348 33.88 -20.99 24.32
C TYR C 348 33.49 -22.37 23.81
N ALA C 349 32.84 -23.16 24.65
CA ALA C 349 32.41 -24.51 24.29
C ALA C 349 30.91 -24.63 24.57
N TRP C 350 30.12 -24.76 23.52
CA TRP C 350 28.68 -24.86 23.66
C TRP C 350 28.28 -26.25 24.15
N ASN C 351 27.06 -26.34 24.67
CA ASN C 351 26.47 -27.60 25.09
C ASN C 351 25.14 -27.76 24.35
N ARG C 352 25.21 -28.34 23.15
CA ARG C 352 24.05 -28.51 22.28
C ARG C 352 23.58 -29.95 22.39
N LYS C 353 22.42 -30.15 23.01
CA LYS C 353 21.83 -31.48 23.20
C LYS C 353 20.54 -31.55 22.41
N ARG C 354 20.58 -32.22 21.26
CA ARG C 354 19.40 -32.38 20.41
C ARG C 354 18.54 -33.49 21.01
N ILE C 355 17.50 -33.09 21.75
CA ILE C 355 16.64 -34.02 22.46
C ILE C 355 15.73 -34.74 21.47
N SER C 356 15.06 -35.78 21.93
CA SER C 356 14.21 -36.63 21.10
C SER C 356 12.76 -36.51 21.57
N ASN C 357 11.89 -37.35 21.00
CA ASN C 357 10.47 -37.31 21.29
C ASN C 357 10.18 -37.53 22.76
N CYS C 358 9.28 -36.73 23.31
CA CYS C 358 8.88 -36.80 24.71
C CYS C 358 7.60 -36.00 24.87
N VAL C 359 7.13 -35.94 26.13
CA VAL C 359 5.90 -35.21 26.45
C VAL C 359 6.24 -34.13 27.47
N ALA C 360 7.44 -33.57 27.36
CA ALA C 360 7.92 -32.57 28.32
C ALA C 360 6.99 -31.36 28.36
N ASP C 361 6.47 -31.08 29.56
CA ASP C 361 5.61 -29.93 29.78
C ASP C 361 6.49 -28.70 29.99
N TYR C 362 6.37 -27.72 29.10
CA TYR C 362 7.19 -26.51 29.19
C TYR C 362 6.82 -25.63 30.38
N SER C 363 5.70 -25.89 31.03
CA SER C 363 5.30 -25.14 32.22
C SER C 363 5.85 -25.78 33.49
N VAL C 364 7.16 -26.04 33.50
CA VAL C 364 7.85 -26.62 34.65
C VAL C 364 8.84 -25.66 35.26
N LEU C 365 9.53 -24.86 34.44
CA LEU C 365 10.49 -23.89 34.91
C LEU C 365 9.85 -22.57 35.33
N TYR C 366 8.52 -22.54 35.48
CA TYR C 366 7.85 -21.33 35.93
C TYR C 366 8.15 -20.98 37.38
N ASN C 367 8.81 -21.88 38.12
CA ASN C 367 9.23 -21.63 39.49
C ASN C 367 10.74 -21.74 39.61
N LEU C 368 11.45 -21.16 38.64
CA LEU C 368 12.91 -21.23 38.60
C LEU C 368 13.49 -20.19 39.56
N ALA C 369 14.80 -19.95 39.46
CA ALA C 369 15.45 -18.96 40.28
C ALA C 369 14.87 -17.57 40.01
N PRO C 370 14.94 -16.66 40.99
CA PRO C 370 14.41 -15.31 40.79
C PRO C 370 14.96 -14.65 39.52
N PHE C 371 14.19 -13.71 38.98
CA PHE C 371 14.52 -12.98 37.76
C PHE C 371 14.71 -13.95 36.58
N PHE C 372 13.60 -14.63 36.25
CA PHE C 372 13.58 -15.58 35.14
C PHE C 372 12.85 -14.92 33.97
N THR C 373 13.62 -14.19 33.15
CA THR C 373 13.04 -13.49 32.02
C THR C 373 12.71 -14.47 30.89
N PHE C 374 11.65 -14.17 30.14
CA PHE C 374 11.20 -14.98 29.02
C PHE C 374 10.91 -14.05 27.85
N LYS C 375 11.93 -13.79 27.03
CA LYS C 375 11.80 -12.93 25.86
C LYS C 375 11.75 -13.80 24.61
N CYS C 376 10.56 -14.29 24.32
CA CYS C 376 10.34 -15.14 23.14
C CYS C 376 10.12 -14.25 21.93
N TYR C 377 11.09 -14.22 21.01
CA TYR C 377 11.01 -13.41 19.80
C TYR C 377 10.53 -14.29 18.65
N GLY C 378 9.23 -14.52 18.62
CA GLY C 378 8.64 -15.34 17.57
C GLY C 378 7.52 -16.24 18.05
N VAL C 379 7.53 -16.56 19.35
CA VAL C 379 6.49 -17.36 19.97
C VAL C 379 6.04 -16.67 21.26
N SER C 380 5.13 -17.32 21.98
CA SER C 380 4.62 -16.79 23.24
C SER C 380 4.98 -17.72 24.39
N PRO C 381 5.33 -17.18 25.56
CA PRO C 381 5.72 -18.05 26.68
C PRO C 381 4.60 -18.96 27.16
N THR C 382 3.42 -18.39 27.46
CA THR C 382 2.32 -19.20 27.95
C THR C 382 1.71 -20.09 26.88
N LYS C 383 1.99 -19.81 25.61
CA LYS C 383 1.42 -20.60 24.52
C LYS C 383 2.19 -21.89 24.25
N LEU C 384 3.32 -22.10 24.94
CA LEU C 384 4.12 -23.31 24.71
C LEU C 384 3.55 -24.50 25.47
N ASN C 385 2.27 -24.79 25.26
CA ASN C 385 1.63 -25.92 25.91
C ASN C 385 0.76 -26.75 24.97
N ASP C 386 0.61 -26.35 23.71
CA ASP C 386 -0.21 -27.09 22.75
C ASP C 386 0.48 -27.34 21.42
N LEU C 387 1.52 -26.60 21.08
CA LEU C 387 2.21 -26.80 19.81
C LEU C 387 3.15 -27.99 19.89
N CYS C 388 3.26 -28.71 18.77
CA CYS C 388 4.12 -29.88 18.66
C CYS C 388 5.36 -29.47 17.86
N PHE C 389 6.47 -29.28 18.56
CA PHE C 389 7.72 -28.88 17.93
C PHE C 389 8.42 -30.09 17.33
N THR C 390 9.19 -29.85 16.27
CA THR C 390 9.89 -30.94 15.59
C THR C 390 11.12 -31.38 16.38
N ASN C 391 12.07 -30.47 16.59
CA ASN C 391 13.27 -30.75 17.35
C ASN C 391 13.73 -29.48 18.06
N VAL C 392 14.14 -29.64 19.32
CA VAL C 392 14.60 -28.52 20.14
C VAL C 392 16.13 -28.56 20.19
N TYR C 393 16.75 -27.40 19.98
CA TYR C 393 18.20 -27.27 19.99
C TYR C 393 18.60 -26.43 21.21
N ALA C 394 18.96 -27.11 22.30
CA ALA C 394 19.33 -26.41 23.51
C ALA C 394 20.78 -25.92 23.45
N ASP C 395 21.12 -25.02 24.37
CA ASP C 395 22.46 -24.47 24.45
C ASP C 395 22.74 -24.06 25.89
N SER C 396 24.01 -23.77 26.18
CA SER C 396 24.44 -23.47 27.52
C SER C 396 25.67 -22.57 27.49
N PHE C 397 25.61 -21.45 28.20
CA PHE C 397 26.73 -20.53 28.31
C PHE C 397 26.54 -19.63 29.52
N VAL C 398 27.65 -19.08 30.01
CA VAL C 398 27.68 -18.33 31.26
C VAL C 398 28.07 -16.88 31.02
N ILE C 399 27.61 -16.31 29.91
CA ILE C 399 27.93 -14.92 29.59
C ILE C 399 27.64 -14.02 30.79
N ARG C 400 28.54 -13.07 31.04
CA ARG C 400 28.54 -12.26 32.24
C ARG C 400 28.30 -10.80 31.90
N GLY C 401 27.48 -10.14 32.71
CA GLY C 401 27.24 -8.71 32.58
C GLY C 401 25.91 -8.40 31.94
N ASP C 402 25.67 -7.10 31.73
CA ASP C 402 24.48 -6.65 31.05
C ASP C 402 24.43 -7.08 29.59
N GLU C 403 25.55 -7.55 29.03
CA GLU C 403 25.64 -7.99 27.65
C GLU C 403 24.72 -9.15 27.34
N VAL C 404 24.00 -9.67 28.33
CA VAL C 404 22.94 -10.63 28.06
C VAL C 404 21.86 -10.02 27.18
N ARG C 405 21.69 -8.69 27.23
CA ARG C 405 20.76 -8.04 26.32
C ARG C 405 21.22 -8.17 24.87
N GLN C 406 22.52 -8.37 24.64
CA GLN C 406 23.03 -8.64 23.30
C GLN C 406 22.74 -10.05 22.85
N ILE C 407 22.36 -10.95 23.77
CA ILE C 407 22.03 -12.31 23.40
C ILE C 407 20.78 -12.34 22.52
N ALA C 408 19.86 -11.43 22.76
CA ALA C 408 18.67 -11.33 21.92
C ALA C 408 19.06 -11.01 20.48
N PRO C 409 18.28 -11.49 19.50
CA PRO C 409 18.63 -11.24 18.10
C PRO C 409 18.64 -9.75 17.77
N GLY C 410 19.36 -9.41 16.72
CA GLY C 410 19.47 -8.03 16.26
C GLY C 410 20.65 -7.24 16.79
N GLN C 411 20.91 -7.35 18.09
CA GLN C 411 22.03 -6.63 18.68
C GLN C 411 23.36 -7.13 18.10
N THR C 412 24.31 -6.21 17.93
CA THR C 412 25.61 -6.51 17.34
C THR C 412 26.72 -6.13 18.31
N GLY C 413 26.54 -6.48 19.58
CA GLY C 413 27.54 -6.23 20.58
C GLY C 413 28.73 -7.17 20.45
N ASN C 414 29.70 -6.98 21.35
CA ASN C 414 30.91 -7.80 21.32
C ASN C 414 30.58 -9.28 21.51
N ILE C 415 29.66 -9.58 22.42
CA ILE C 415 29.22 -10.96 22.61
C ILE C 415 28.53 -11.45 21.34
N ALA C 416 27.72 -10.59 20.72
CA ALA C 416 27.07 -10.95 19.47
C ALA C 416 28.03 -10.91 18.29
N ASP C 417 29.19 -10.28 18.44
CA ASP C 417 30.13 -10.17 17.33
C ASP C 417 31.10 -11.35 17.29
N TYR C 418 31.84 -11.57 18.38
CA TYR C 418 32.89 -12.58 18.38
C TYR C 418 32.81 -13.46 19.62
N ASN C 419 31.60 -13.64 20.16
CA ASN C 419 31.39 -14.60 21.24
C ASN C 419 30.16 -15.48 21.06
N TYR C 420 29.16 -15.07 20.29
CA TYR C 420 27.95 -15.86 20.07
C TYR C 420 27.15 -15.18 18.96
N LYS C 421 26.24 -15.95 18.36
CA LYS C 421 25.39 -15.42 17.31
C LYS C 421 24.20 -16.34 17.12
N LEU C 422 23.04 -15.74 16.84
CA LEU C 422 21.80 -16.46 16.62
C LEU C 422 21.19 -16.03 15.30
N PRO C 423 20.53 -16.95 14.58
CA PRO C 423 19.84 -16.55 13.35
C PRO C 423 18.72 -15.57 13.63
N ASP C 424 18.35 -14.81 12.60
CA ASP C 424 17.33 -13.78 12.77
C ASP C 424 15.92 -14.37 12.61
N ASP C 425 15.65 -15.46 13.32
CA ASP C 425 14.30 -16.00 13.42
C ASP C 425 13.88 -16.26 14.86
N PHE C 426 14.79 -16.76 15.70
CA PHE C 426 14.54 -17.01 17.11
C PHE C 426 13.24 -17.77 17.33
N THR C 427 13.18 -18.97 16.77
CA THR C 427 11.98 -19.80 16.85
C THR C 427 11.69 -20.29 18.26
N GLY C 428 12.57 -20.03 19.23
CA GLY C 428 12.37 -20.44 20.60
C GLY C 428 12.28 -19.26 21.55
N CYS C 429 12.71 -19.50 22.78
CA CYS C 429 12.73 -18.49 23.83
C CYS C 429 14.11 -18.41 24.44
N VAL C 430 14.34 -17.35 25.22
CA VAL C 430 15.59 -17.16 25.94
C VAL C 430 15.29 -17.17 27.43
N ILE C 431 16.11 -17.92 28.19
CA ILE C 431 15.97 -18.04 29.63
C ILE C 431 17.24 -17.52 30.28
N ALA C 432 17.09 -16.52 31.15
CA ALA C 432 18.24 -15.91 31.82
C ALA C 432 17.86 -15.64 33.27
N TRP C 433 18.66 -16.16 34.20
CA TRP C 433 18.41 -16.00 35.62
C TRP C 433 19.68 -15.57 36.33
N ASN C 434 19.53 -15.00 37.52
CA ASN C 434 20.67 -14.54 38.30
C ASN C 434 21.43 -15.74 38.85
N SER C 435 22.71 -15.85 38.47
CA SER C 435 23.58 -16.93 38.91
C SER C 435 24.74 -16.30 39.69
N ASN C 436 24.53 -16.15 41.00
CA ASN C 436 25.54 -15.55 41.86
C ASN C 436 25.95 -16.43 43.04
N LYS C 437 25.04 -17.23 43.59
CA LYS C 437 25.37 -18.09 44.72
C LYS C 437 26.25 -19.26 44.33
N LEU C 438 26.12 -19.76 43.09
CA LEU C 438 26.96 -20.85 42.63
C LEU C 438 28.28 -20.35 42.05
N ASP C 439 28.33 -19.10 41.60
CA ASP C 439 29.54 -18.52 41.03
C ASP C 439 30.16 -17.46 41.94
N SER C 440 29.90 -17.56 43.25
CA SER C 440 30.44 -16.56 44.18
C SER C 440 31.95 -16.72 44.36
N LYS C 441 32.43 -17.97 44.44
CA LYS C 441 33.84 -18.20 44.65
C LYS C 441 34.64 -17.82 43.41
N VAL C 442 35.91 -17.46 43.63
CA VAL C 442 36.78 -17.06 42.53
C VAL C 442 37.42 -18.24 41.82
N SER C 443 37.10 -19.47 42.23
CA SER C 443 37.68 -20.65 41.58
C SER C 443 37.08 -20.88 40.19
N GLY C 444 35.89 -20.33 39.93
CA GLY C 444 35.25 -20.46 38.64
C GLY C 444 35.66 -19.46 37.59
N ASN C 445 36.69 -18.66 37.86
CA ASN C 445 37.13 -17.65 36.88
C ASN C 445 37.71 -18.32 35.65
N TYR C 446 38.69 -19.20 35.83
CA TYR C 446 39.29 -19.88 34.68
C TYR C 446 38.38 -20.95 34.09
N ASN C 447 37.30 -21.30 34.79
CA ASN C 447 36.33 -22.25 34.25
C ASN C 447 35.33 -21.59 33.31
N TYR C 448 35.20 -20.27 33.35
CA TYR C 448 34.28 -19.52 32.50
C TYR C 448 35.12 -18.66 31.55
N LEU C 449 35.28 -19.11 30.32
CA LEU C 449 36.12 -18.44 29.35
C LEU C 449 35.33 -17.35 28.61
N TYR C 450 36.06 -16.54 27.86
CA TYR C 450 35.47 -15.45 27.07
C TYR C 450 36.40 -15.13 25.91
N ARG C 451 35.91 -15.32 24.70
CA ARG C 451 36.74 -15.11 23.51
C ARG C 451 36.95 -13.61 23.29
N LEU C 452 37.86 -13.29 22.37
CA LEU C 452 38.22 -11.92 22.04
C LEU C 452 37.83 -11.62 20.60
N PHE C 453 38.24 -10.44 20.12
CA PHE C 453 37.86 -9.98 18.79
C PHE C 453 38.44 -10.90 17.71
N ARG C 454 37.68 -11.06 16.64
CA ARG C 454 38.08 -11.87 15.50
C ARG C 454 38.08 -11.00 14.24
N LYS C 455 39.00 -11.30 13.32
CA LYS C 455 39.12 -10.55 12.09
C LYS C 455 37.93 -10.75 11.15
N SER C 456 37.01 -11.66 11.46
CA SER C 456 35.85 -11.91 10.63
C SER C 456 34.64 -12.15 11.52
N ASN C 457 33.46 -11.75 11.03
CA ASN C 457 32.24 -11.93 11.79
C ASN C 457 31.88 -13.41 11.87
N LEU C 458 31.22 -13.78 12.97
CA LEU C 458 30.85 -15.17 13.19
C LEU C 458 29.60 -15.52 12.39
N LYS C 459 29.26 -16.81 12.40
CA LYS C 459 28.10 -17.37 11.72
C LYS C 459 27.06 -17.84 12.73
N PRO C 460 25.78 -17.57 12.50
CA PRO C 460 24.75 -18.07 13.41
C PRO C 460 24.76 -19.60 13.48
N PHE C 461 24.64 -20.12 14.71
CA PHE C 461 24.69 -21.56 14.97
C PHE C 461 26.00 -22.16 14.46
N GLU C 462 27.10 -21.58 14.91
CA GLU C 462 28.44 -22.03 14.54
C GLU C 462 29.36 -21.82 15.73
N ARG C 463 29.93 -22.90 16.25
CA ARG C 463 30.79 -22.81 17.41
C ARG C 463 32.10 -22.12 17.05
N ASP C 464 32.64 -21.37 18.01
CA ASP C 464 33.83 -20.55 17.82
C ASP C 464 35.00 -21.04 18.66
N ILE C 465 35.20 -22.37 18.71
CA ILE C 465 36.32 -22.93 19.45
C ILE C 465 37.61 -22.54 18.75
N SER C 466 38.46 -21.78 19.44
CA SER C 466 39.73 -21.32 18.90
C SER C 466 40.80 -21.40 19.96
N THR C 467 42.02 -21.77 19.55
CA THR C 467 43.14 -21.86 20.47
C THR C 467 44.42 -21.26 19.90
N GLU C 468 44.37 -20.64 18.72
CA GLU C 468 45.55 -20.04 18.12
C GLU C 468 45.77 -18.64 18.69
N ILE C 469 46.75 -17.93 18.13
CA ILE C 469 47.09 -16.58 18.54
C ILE C 469 46.69 -15.62 17.43
N TYR C 470 46.12 -14.48 17.82
CA TYR C 470 45.71 -13.47 16.85
C TYR C 470 46.92 -12.86 16.16
N GLN C 471 46.70 -12.36 14.94
CA GLN C 471 47.75 -11.75 14.14
C GLN C 471 47.23 -10.42 13.61
N ALA C 472 47.72 -9.32 14.16
CA ALA C 472 47.29 -7.99 13.72
C ALA C 472 48.03 -7.60 12.45
N GLY C 473 47.25 -7.22 11.42
CA GLY C 473 47.82 -6.82 10.16
C GLY C 473 48.47 -7.97 9.41
N ASN C 474 49.77 -7.85 9.15
CA ASN C 474 50.54 -8.87 8.43
C ASN C 474 51.85 -9.16 9.15
N LYS C 475 51.82 -9.09 10.48
CA LYS C 475 53.01 -9.35 11.31
C LYS C 475 52.73 -10.53 12.22
N PRO C 476 53.14 -11.74 11.84
CA PRO C 476 52.91 -12.91 12.70
C PRO C 476 53.79 -12.87 13.93
N CYS C 477 53.18 -12.95 15.11
CA CYS C 477 53.93 -12.92 16.36
C CYS C 477 54.53 -14.28 16.71
N ASN C 478 54.15 -15.34 16.00
CA ASN C 478 54.77 -16.66 16.15
C ASN C 478 54.65 -17.18 17.59
N GLY C 479 53.41 -17.37 18.01
CA GLY C 479 53.15 -17.95 19.32
C GLY C 479 53.37 -17.01 20.49
N VAL C 480 54.58 -16.46 20.60
CA VAL C 480 54.88 -15.53 21.68
C VAL C 480 54.12 -14.24 21.47
N ALA C 481 53.41 -13.80 22.51
CA ALA C 481 52.58 -12.60 22.43
C ALA C 481 53.46 -11.36 22.38
N GLY C 482 53.46 -10.68 21.23
CA GLY C 482 54.19 -9.43 21.10
C GLY C 482 53.31 -8.23 21.35
N PHE C 483 53.08 -7.43 20.30
CA PHE C 483 52.19 -6.28 20.39
C PHE C 483 50.94 -6.53 19.55
N ASN C 484 49.78 -6.23 20.12
CA ASN C 484 48.49 -6.38 19.42
C ASN C 484 48.28 -7.82 18.95
N CYS C 485 48.79 -8.79 19.72
CA CYS C 485 48.61 -10.20 19.38
C CYS C 485 48.60 -10.99 20.68
N TYR C 486 47.43 -11.54 21.02
CA TYR C 486 47.26 -12.33 22.24
C TYR C 486 46.43 -13.55 21.90
N PHE C 487 46.07 -14.31 22.93
CA PHE C 487 45.22 -15.48 22.77
C PHE C 487 43.77 -15.11 23.08
N PRO C 488 42.82 -15.39 22.19
CA PRO C 488 41.42 -15.04 22.49
C PRO C 488 40.79 -15.95 23.52
N LEU C 489 41.42 -16.06 24.69
CA LEU C 489 40.94 -16.89 25.80
C LEU C 489 40.94 -16.08 27.08
N ARG C 490 40.42 -14.86 27.02
CA ARG C 490 40.37 -13.99 28.18
C ARG C 490 39.42 -14.55 29.23
N SER C 491 39.96 -14.85 30.41
CA SER C 491 39.15 -15.40 31.48
C SER C 491 38.34 -14.29 32.16
N TYR C 492 37.07 -14.60 32.42
CA TYR C 492 36.20 -13.64 33.11
C TYR C 492 36.56 -13.56 34.59
N SER C 493 36.68 -12.35 35.10
CA SER C 493 36.98 -12.13 36.50
C SER C 493 35.67 -11.99 37.30
N PHE C 494 35.64 -12.60 38.48
CA PHE C 494 34.47 -12.58 39.34
C PHE C 494 34.88 -12.18 40.75
N ARG C 495 33.86 -11.89 41.57
CA ARG C 495 34.06 -11.49 42.95
C ARG C 495 32.81 -11.87 43.74
N PRO C 496 32.97 -12.37 44.96
CA PRO C 496 31.79 -12.73 45.77
C PRO C 496 30.86 -11.56 46.00
N THR C 497 31.38 -10.48 46.58
CA THR C 497 30.60 -9.27 46.85
C THR C 497 30.79 -8.26 45.73
N TYR C 498 30.44 -8.69 44.51
CA TYR C 498 30.57 -7.85 43.33
C TYR C 498 29.28 -7.06 43.10
N GLY C 499 29.31 -6.22 42.07
CA GLY C 499 28.16 -5.41 41.74
C GLY C 499 27.01 -6.24 41.17
N VAL C 500 25.86 -5.60 41.05
CA VAL C 500 24.67 -6.28 40.53
C VAL C 500 24.86 -6.64 39.07
N GLY C 501 25.33 -5.69 38.27
CA GLY C 501 25.57 -5.96 36.86
C GLY C 501 26.76 -6.86 36.61
N HIS C 502 27.71 -6.89 37.54
CA HIS C 502 28.90 -7.72 37.37
C HIS C 502 28.62 -9.20 37.59
N GLN C 503 27.50 -9.54 38.22
CA GLN C 503 27.17 -10.93 38.46
C GLN C 503 26.89 -11.63 37.14
N PRO C 504 27.37 -12.85 36.94
CA PRO C 504 27.10 -13.57 35.69
C PRO C 504 25.66 -14.07 35.64
N TYR C 505 25.26 -14.52 34.45
CA TYR C 505 23.92 -15.03 34.22
C TYR C 505 24.00 -16.22 33.29
N ARG C 506 23.60 -17.39 33.79
CA ARG C 506 23.52 -18.58 32.95
C ARG C 506 22.30 -18.46 32.04
N VAL C 507 22.57 -18.40 30.73
CA VAL C 507 21.53 -18.14 29.73
C VAL C 507 21.38 -19.35 28.83
N VAL C 508 20.15 -19.75 28.57
CA VAL C 508 19.82 -20.84 27.66
C VAL C 508 18.98 -20.27 26.52
N VAL C 509 19.36 -20.61 25.29
CA VAL C 509 18.74 -20.02 24.10
C VAL C 509 18.10 -21.11 23.25
N LEU C 510 17.58 -22.16 23.89
CA LEU C 510 16.97 -23.27 23.18
C LEU C 510 15.92 -22.78 22.19
N SER C 511 15.95 -23.34 20.98
CA SER C 511 15.05 -22.95 19.91
C SER C 511 14.41 -24.19 19.30
N PHE C 512 13.39 -23.97 18.49
CA PHE C 512 12.63 -25.02 17.85
C PHE C 512 12.64 -24.83 16.34
N GLU C 513 11.85 -25.65 15.65
CA GLU C 513 11.68 -25.55 14.19
C GLU C 513 10.27 -26.04 13.85
N LEU C 514 9.35 -25.09 13.68
CA LEU C 514 7.97 -25.41 13.35
C LEU C 514 7.83 -25.53 11.84
N LEU C 515 7.66 -26.76 11.35
CA LEU C 515 7.54 -27.03 9.92
C LEU C 515 6.75 -28.31 9.73
N HIS C 516 6.78 -28.85 8.51
CA HIS C 516 5.95 -29.99 8.14
C HIS C 516 6.52 -31.32 8.61
N ALA C 517 7.77 -31.36 9.07
CA ALA C 517 8.38 -32.62 9.48
C ALA C 517 7.63 -33.19 10.68
N PRO C 518 7.65 -34.52 10.84
CA PRO C 518 6.98 -35.14 12.00
C PRO C 518 7.54 -34.61 13.31
N ALA C 519 6.66 -34.01 14.11
CA ALA C 519 7.07 -33.43 15.38
C ALA C 519 7.39 -34.51 16.39
N THR C 520 8.33 -34.21 17.29
CA THR C 520 8.76 -35.13 18.32
C THR C 520 8.46 -34.63 19.72
N VAL C 521 8.81 -33.38 20.03
CA VAL C 521 8.58 -32.80 21.35
C VAL C 521 7.29 -31.99 21.27
N CYS C 522 6.32 -32.35 22.10
CA CYS C 522 5.04 -31.65 22.15
C CYS C 522 4.55 -31.56 23.59
N GLY C 523 3.60 -30.65 23.80
CA GLY C 523 3.03 -30.42 25.11
C GLY C 523 2.13 -31.55 25.56
N PRO C 524 1.86 -31.63 26.86
CA PRO C 524 1.01 -32.70 27.39
C PRO C 524 -0.46 -32.41 27.15
N LYS C 525 -1.07 -33.20 26.25
CA LYS C 525 -2.49 -33.11 25.98
C LYS C 525 -3.04 -34.52 25.84
N LYS C 526 -4.29 -34.64 25.43
CA LYS C 526 -4.97 -35.92 25.30
C LYS C 526 -5.40 -36.14 23.85
N SER C 527 -6.08 -37.25 23.61
CA SER C 527 -6.56 -37.60 22.28
C SER C 527 -7.97 -38.16 22.39
N THR C 528 -8.72 -38.07 21.30
CA THR C 528 -10.10 -38.54 21.22
C THR C 528 -10.25 -39.42 19.99
N ASN C 529 -11.46 -39.94 19.80
CA ASN C 529 -11.75 -40.75 18.63
C ASN C 529 -11.80 -39.89 17.38
N LEU C 530 -11.80 -40.55 16.23
CA LEU C 530 -11.79 -39.89 14.93
C LEU C 530 -13.09 -40.18 14.20
N VAL C 531 -13.87 -39.14 13.93
CA VAL C 531 -15.08 -39.25 13.13
C VAL C 531 -14.71 -39.03 11.67
N LYS C 532 -15.51 -39.60 10.78
CA LYS C 532 -15.22 -39.57 9.34
C LYS C 532 -16.21 -38.68 8.59
N ASN C 533 -17.49 -39.04 8.59
CA ASN C 533 -18.50 -38.28 7.84
C ASN C 533 -19.20 -37.29 8.76
N LYS C 534 -18.43 -36.28 9.19
CA LYS C 534 -18.95 -35.27 10.10
C LYS C 534 -18.01 -34.08 10.09
N CYS C 535 -18.55 -32.88 9.83
CA CYS C 535 -17.76 -31.66 9.87
C CYS C 535 -17.46 -31.29 11.31
N VAL C 536 -16.19 -31.43 11.72
CA VAL C 536 -15.77 -31.19 13.09
C VAL C 536 -14.48 -30.37 13.09
N ASN C 537 -14.02 -30.05 14.30
CA ASN C 537 -12.73 -29.39 14.46
C ASN C 537 -11.64 -30.42 14.69
N PHE C 538 -10.46 -30.14 14.14
CA PHE C 538 -9.32 -31.04 14.28
C PHE C 538 -8.08 -30.25 14.67
N ASN C 539 -7.21 -30.90 15.44
CA ASN C 539 -5.96 -30.35 15.94
C ASN C 539 -4.82 -31.33 15.70
N PHE C 540 -4.71 -31.79 14.46
CA PHE C 540 -3.79 -32.88 14.11
C PHE C 540 -2.36 -32.37 14.11
N ASN C 541 -1.61 -32.73 15.15
CA ASN C 541 -0.17 -32.47 15.25
C ASN C 541 0.16 -30.99 15.11
N GLY C 542 -0.66 -30.11 15.68
CA GLY C 542 -0.43 -28.68 15.57
C GLY C 542 -1.30 -28.05 14.50
N LEU C 543 -1.56 -28.78 13.43
CA LEU C 543 -2.42 -28.31 12.36
C LEU C 543 -3.85 -28.24 12.87
N LYS C 544 -4.34 -27.03 13.14
CA LYS C 544 -5.66 -26.79 13.68
C LYS C 544 -6.56 -26.27 12.57
N GLY C 545 -7.75 -26.86 12.44
CA GLY C 545 -8.68 -26.43 11.42
C GLY C 545 -10.06 -27.00 11.64
N THR C 546 -10.95 -26.71 10.69
CA THR C 546 -12.32 -27.18 10.71
C THR C 546 -12.63 -27.90 9.40
N GLY C 547 -13.64 -28.77 9.44
CA GLY C 547 -14.13 -29.43 8.24
C GLY C 547 -14.21 -30.93 8.41
N VAL C 548 -14.82 -31.56 7.41
CA VAL C 548 -14.99 -33.01 7.41
C VAL C 548 -13.64 -33.68 7.14
N LEU C 549 -13.44 -34.85 7.75
CA LEU C 549 -12.22 -35.64 7.61
C LEU C 549 -12.61 -37.02 7.08
N THR C 550 -12.69 -37.14 5.76
CA THR C 550 -13.13 -38.38 5.15
C THR C 550 -11.94 -39.30 4.87
N GLU C 551 -12.23 -40.51 4.41
CA GLU C 551 -11.20 -41.47 4.03
C GLU C 551 -10.75 -41.20 2.59
N SER C 552 -9.44 -41.11 2.39
CA SER C 552 -8.87 -40.80 1.10
C SER C 552 -8.28 -42.04 0.45
N ASN C 553 -8.33 -42.06 -0.88
CA ASN C 553 -7.75 -43.14 -1.68
C ASN C 553 -6.45 -42.70 -2.35
N LYS C 554 -5.66 -41.87 -1.67
CA LYS C 554 -4.43 -41.34 -2.23
C LYS C 554 -3.33 -42.40 -2.14
N LYS C 555 -2.11 -42.01 -2.45
CA LYS C 555 -0.94 -42.89 -2.46
C LYS C 555 0.22 -42.25 -1.72
N PHE C 556 -0.06 -41.75 -0.52
CA PHE C 556 0.95 -41.12 0.31
C PHE C 556 2.14 -42.04 0.54
N LEU C 557 3.31 -41.59 0.11
CA LEU C 557 4.54 -42.34 0.32
C LEU C 557 4.91 -42.31 1.81
N PRO C 558 5.70 -43.29 2.27
CA PRO C 558 6.00 -43.37 3.71
C PRO C 558 6.68 -42.14 4.28
N PHE C 559 7.28 -41.29 3.45
CA PHE C 559 7.93 -40.08 3.94
C PHE C 559 7.06 -38.83 3.81
N GLN C 560 5.96 -38.91 3.07
CA GLN C 560 5.06 -37.77 2.90
C GLN C 560 3.98 -37.83 3.99
N GLN C 561 4.05 -36.90 4.93
CA GLN C 561 3.10 -36.86 6.04
C GLN C 561 1.91 -35.94 5.73
N PHE C 562 2.18 -34.68 5.44
CA PHE C 562 1.13 -33.72 5.16
C PHE C 562 0.81 -33.69 3.67
N GLY C 563 -0.07 -32.76 3.28
CA GLY C 563 -0.44 -32.62 1.89
C GLY C 563 -1.18 -31.32 1.64
N ARG C 564 -0.87 -30.65 0.53
CA ARG C 564 -1.47 -29.37 0.18
C ARG C 564 -2.26 -29.51 -1.11
N ASP C 565 -2.93 -28.42 -1.49
CA ASP C 565 -3.78 -28.37 -2.67
C ASP C 565 -3.23 -27.32 -3.65
N ILE C 566 -4.02 -27.03 -4.69
CA ILE C 566 -3.63 -26.05 -5.69
C ILE C 566 -3.35 -24.69 -5.09
N ALA C 567 -4.13 -24.29 -4.08
CA ALA C 567 -3.96 -22.99 -3.43
C ALA C 567 -3.08 -23.08 -2.19
N ASP C 568 -2.23 -24.11 -2.11
CA ASP C 568 -1.31 -24.30 -0.98
C ASP C 568 -2.06 -24.35 0.34
N THR C 569 -3.16 -25.10 0.36
CA THR C 569 -3.98 -25.30 1.55
C THR C 569 -4.00 -26.78 1.91
N THR C 570 -4.00 -27.07 3.21
CA THR C 570 -3.95 -28.45 3.68
C THR C 570 -5.23 -29.17 3.29
N ASP C 571 -5.12 -30.11 2.34
CA ASP C 571 -6.25 -30.91 1.89
C ASP C 571 -6.23 -32.32 2.44
N ALA C 572 -5.07 -32.85 2.83
CA ALA C 572 -4.96 -34.18 3.38
C ALA C 572 -3.87 -34.19 4.44
N VAL C 573 -4.00 -35.09 5.40
CA VAL C 573 -3.07 -35.17 6.53
C VAL C 573 -2.97 -36.62 6.98
N ARG C 574 -1.86 -36.95 7.63
CA ARG C 574 -1.62 -38.27 8.19
C ARG C 574 -1.91 -38.24 9.69
N ASP C 575 -2.65 -39.24 10.16
CA ASP C 575 -3.03 -39.29 11.57
C ASP C 575 -1.79 -39.51 12.43
N PRO C 576 -1.63 -38.74 13.51
CA PRO C 576 -0.49 -39.00 14.42
C PRO C 576 -0.52 -40.39 15.04
N GLN C 577 -1.70 -41.00 15.13
CA GLN C 577 -1.83 -42.38 15.57
C GLN C 577 -1.50 -43.32 14.42
N THR C 578 -1.89 -44.59 14.54
CA THR C 578 -1.68 -45.60 13.50
C THR C 578 -1.88 -45.03 12.10
N LEU C 579 -0.92 -45.29 11.22
CA LEU C 579 -0.84 -44.67 9.91
C LEU C 579 -2.12 -44.88 9.09
N GLU C 580 -2.79 -43.76 8.76
CA GLU C 580 -3.97 -43.80 7.91
C GLU C 580 -3.99 -42.54 7.06
N ILE C 581 -4.50 -42.67 5.84
CA ILE C 581 -4.58 -41.56 4.90
C ILE C 581 -5.97 -40.95 4.98
N LEU C 582 -6.02 -39.65 5.24
CA LEU C 582 -7.27 -38.93 5.37
C LEU C 582 -7.41 -37.88 4.26
N ASP C 583 -8.59 -37.27 4.19
CA ASP C 583 -8.89 -36.22 3.22
C ASP C 583 -9.66 -35.13 3.99
N ILE C 584 -9.04 -33.96 4.11
CA ILE C 584 -9.64 -32.84 4.82
C ILE C 584 -10.43 -31.98 3.84
N THR C 585 -11.75 -32.10 3.88
CA THR C 585 -12.58 -31.26 3.03
C THR C 585 -13.25 -30.18 3.87
N PRO C 586 -13.41 -28.97 3.35
CA PRO C 586 -14.02 -27.90 4.16
C PRO C 586 -15.47 -28.21 4.50
N CYS C 587 -15.93 -27.60 5.59
CA CYS C 587 -17.30 -27.80 6.05
C CYS C 587 -18.30 -27.32 5.00
N SER C 588 -19.54 -27.77 5.16
CA SER C 588 -20.60 -27.38 4.22
C SER C 588 -20.84 -25.88 4.28
N PHE C 589 -20.73 -25.22 3.13
CA PHE C 589 -20.90 -23.78 3.04
C PHE C 589 -21.71 -23.47 1.78
N GLY C 590 -21.88 -22.18 1.52
CA GLY C 590 -22.61 -21.76 0.34
C GLY C 590 -23.00 -20.30 0.44
N GLY C 591 -24.04 -19.94 -0.31
CA GLY C 591 -24.54 -18.58 -0.29
C GLY C 591 -26.05 -18.53 -0.29
N VAL C 592 -26.63 -17.56 0.40
CA VAL C 592 -28.08 -17.40 0.49
C VAL C 592 -28.49 -16.15 -0.27
N SER C 593 -29.62 -16.23 -0.96
CA SER C 593 -30.18 -15.10 -1.70
C SER C 593 -31.66 -15.02 -1.37
N VAL C 594 -32.13 -13.83 -1.01
CA VAL C 594 -33.52 -13.63 -0.61
C VAL C 594 -34.26 -12.92 -1.73
N ILE C 595 -35.33 -13.55 -2.20
CA ILE C 595 -36.20 -12.98 -3.22
C ILE C 595 -37.42 -12.40 -2.50
N THR C 596 -37.66 -11.11 -2.70
CA THR C 596 -38.74 -10.41 -2.01
C THR C 596 -39.48 -9.51 -2.99
N PRO C 597 -40.81 -9.60 -3.05
CA PRO C 597 -41.58 -8.71 -3.93
C PRO C 597 -41.61 -7.26 -3.45
N GLY C 598 -40.99 -6.95 -2.33
CA GLY C 598 -40.98 -5.60 -1.80
C GLY C 598 -41.86 -5.49 -0.57
N THR C 599 -41.43 -4.69 0.39
CA THR C 599 -42.18 -4.49 1.63
C THR C 599 -43.26 -3.41 1.44
N ASN C 600 -44.09 -3.60 0.43
CA ASN C 600 -45.20 -2.68 0.15
C ASN C 600 -46.52 -3.38 -0.11
N THR C 601 -46.52 -4.65 -0.52
CA THR C 601 -47.75 -5.38 -0.76
C THR C 601 -47.76 -6.78 -0.14
N SER C 602 -46.62 -7.30 0.30
CA SER C 602 -46.56 -8.62 0.92
C SER C 602 -45.26 -8.75 1.69
N ASN C 603 -45.28 -9.62 2.70
CA ASN C 603 -44.11 -9.88 3.53
C ASN C 603 -43.56 -11.29 3.33
N GLN C 604 -44.01 -12.00 2.30
CA GLN C 604 -43.53 -13.35 2.03
C GLN C 604 -42.27 -13.28 1.18
N VAL C 605 -41.26 -14.05 1.58
CA VAL C 605 -39.97 -14.06 0.90
C VAL C 605 -39.64 -15.49 0.51
N ALA C 606 -38.66 -15.63 -0.39
CA ALA C 606 -38.16 -16.92 -0.82
C ALA C 606 -36.65 -16.98 -0.62
N VAL C 607 -36.14 -18.16 -0.29
CA VAL C 607 -34.73 -18.36 -0.02
C VAL C 607 -34.13 -19.17 -1.16
N LEU C 608 -32.90 -18.85 -1.53
CA LEU C 608 -32.18 -19.56 -2.60
C LEU C 608 -30.79 -19.89 -2.07
N TYR C 609 -30.52 -21.18 -1.90
CA TYR C 609 -29.20 -21.65 -1.48
C TYR C 609 -28.42 -22.03 -2.73
N GLN C 610 -27.31 -21.34 -2.97
CA GLN C 610 -26.50 -21.58 -4.15
C GLN C 610 -25.53 -22.74 -3.91
N GLY C 611 -25.37 -23.59 -4.92
CA GLY C 611 -24.48 -24.73 -4.82
C GLY C 611 -25.00 -25.83 -3.91
N VAL C 612 -26.31 -25.93 -3.78
CA VAL C 612 -26.89 -26.88 -2.85
C VAL C 612 -27.92 -27.74 -3.55
N ASN C 613 -27.75 -29.05 -3.42
CA ASN C 613 -28.57 -29.97 -4.17
C ASN C 613 -29.79 -30.40 -3.38
N CYS C 614 -30.51 -29.43 -2.85
CA CYS C 614 -31.73 -29.69 -2.10
C CYS C 614 -31.61 -30.96 -1.25
N THR C 615 -30.38 -31.31 -0.88
CA THR C 615 -30.16 -32.41 0.04
C THR C 615 -29.13 -32.07 1.11
N GLU C 616 -28.80 -30.79 1.28
CA GLU C 616 -27.80 -30.38 2.26
C GLU C 616 -28.37 -29.33 3.20
N VAL C 617 -29.23 -28.46 2.68
CA VAL C 617 -29.89 -27.41 3.45
C VAL C 617 -28.89 -26.54 4.19
N ASN C 638 -42.17 -24.52 -0.87
CA ASN C 638 -41.83 -25.86 -1.35
C ASN C 638 -40.32 -25.98 -1.57
N VAL C 639 -39.93 -26.92 -2.44
CA VAL C 639 -38.52 -27.17 -2.74
C VAL C 639 -38.40 -27.31 -4.25
N PHE C 640 -37.46 -26.57 -4.84
CA PHE C 640 -37.21 -26.62 -6.28
C PHE C 640 -35.72 -26.67 -6.52
N GLN C 641 -35.25 -27.71 -7.19
CA GLN C 641 -33.83 -27.84 -7.53
C GLN C 641 -33.59 -27.28 -8.93
N THR C 642 -32.83 -26.20 -9.02
CA THR C 642 -32.48 -25.58 -10.29
C THR C 642 -30.96 -25.54 -10.44
N ARG C 643 -30.52 -25.20 -11.65
CA ARG C 643 -29.09 -25.14 -11.93
C ARG C 643 -28.38 -24.09 -11.09
N ALA C 644 -29.11 -23.19 -10.43
CA ALA C 644 -28.51 -22.22 -9.53
C ALA C 644 -28.42 -22.72 -8.10
N GLY C 645 -29.19 -23.72 -7.73
CA GLY C 645 -29.14 -24.26 -6.38
C GLY C 645 -30.50 -24.82 -5.99
N CYS C 646 -30.92 -24.46 -4.77
CA CYS C 646 -32.19 -24.93 -4.22
C CYS C 646 -33.03 -23.73 -3.79
N LEU C 647 -34.26 -23.65 -4.30
CA LEU C 647 -35.18 -22.57 -3.99
C LEU C 647 -36.26 -23.10 -3.06
N ILE C 648 -36.49 -22.38 -1.96
CA ILE C 648 -37.48 -22.75 -0.97
C ILE C 648 -38.40 -21.55 -0.77
N GLY C 649 -39.70 -21.76 -0.99
CA GLY C 649 -40.68 -20.70 -0.80
C GLY C 649 -41.45 -20.37 -2.07
N ALA C 650 -41.25 -21.16 -3.11
CA ALA C 650 -41.92 -20.96 -4.38
C ALA C 650 -42.39 -22.31 -4.92
N GLU C 651 -43.09 -22.27 -6.05
CA GLU C 651 -43.58 -23.46 -6.71
C GLU C 651 -43.38 -23.32 -8.21
N TYR C 652 -43.08 -24.45 -8.86
CA TYR C 652 -42.80 -24.47 -10.29
C TYR C 652 -44.10 -24.63 -11.06
N VAL C 653 -44.60 -23.53 -11.60
CA VAL C 653 -45.79 -23.57 -12.45
C VAL C 653 -45.36 -23.83 -13.89
N ASN C 654 -46.16 -24.60 -14.61
CA ASN C 654 -45.86 -24.97 -15.99
C ASN C 654 -46.29 -23.92 -16.99
N ASN C 655 -46.57 -22.70 -16.55
CA ASN C 655 -46.95 -21.62 -17.46
C ASN C 655 -45.70 -20.85 -17.88
N SER C 656 -45.90 -19.72 -18.55
CA SER C 656 -44.79 -18.89 -19.04
C SER C 656 -45.21 -17.43 -18.98
N TYR C 657 -44.40 -16.61 -18.30
CA TYR C 657 -44.65 -15.20 -18.18
C TYR C 657 -43.36 -14.44 -18.38
N GLU C 658 -43.45 -13.11 -18.37
CA GLU C 658 -42.27 -12.26 -18.48
C GLU C 658 -41.47 -12.32 -17.19
N CYS C 659 -40.15 -12.26 -17.34
CA CYS C 659 -39.26 -12.37 -16.19
C CYS C 659 -39.39 -11.14 -15.30
N ASP C 660 -39.96 -11.32 -14.11
CA ASP C 660 -40.12 -10.24 -13.15
C ASP C 660 -38.93 -10.14 -12.21
N ILE C 661 -38.61 -11.24 -11.53
CA ILE C 661 -37.44 -11.31 -10.66
C ILE C 661 -36.51 -12.38 -11.20
N PRO C 662 -35.36 -12.00 -11.78
CA PRO C 662 -34.48 -13.02 -12.37
C PRO C 662 -33.77 -13.87 -11.33
N ILE C 663 -34.18 -15.13 -11.20
CA ILE C 663 -33.49 -16.04 -10.29
C ILE C 663 -32.17 -16.48 -10.90
N GLY C 664 -32.22 -17.05 -12.09
CA GLY C 664 -31.03 -17.49 -12.80
C GLY C 664 -31.28 -18.80 -13.51
N ALA C 665 -30.37 -19.11 -14.45
CA ALA C 665 -30.43 -20.34 -15.24
C ALA C 665 -31.76 -20.49 -15.97
N GLY C 666 -32.31 -19.38 -16.46
CA GLY C 666 -33.58 -19.39 -17.15
C GLY C 666 -34.79 -19.40 -16.24
N ILE C 667 -34.59 -19.42 -14.91
CA ILE C 667 -35.69 -19.44 -13.96
C ILE C 667 -35.92 -18.03 -13.44
N CYS C 668 -37.18 -17.61 -13.41
CA CYS C 668 -37.58 -16.31 -12.91
C CYS C 668 -38.69 -16.49 -11.87
N ALA C 669 -38.97 -15.44 -11.12
CA ALA C 669 -39.98 -15.48 -10.07
C ALA C 669 -40.90 -14.28 -10.19
N SER C 670 -42.11 -14.44 -9.67
CA SER C 670 -43.10 -13.36 -9.70
C SER C 670 -44.14 -13.61 -8.62
N TYR C 671 -44.55 -12.55 -7.95
CA TYR C 671 -45.60 -12.61 -6.92
C TYR C 671 -46.94 -12.51 -7.62
N GLN C 672 -47.60 -13.65 -7.83
CA GLN C 672 -48.84 -13.71 -8.58
C GLN C 672 -49.92 -14.39 -7.76
N THR C 673 -51.11 -14.50 -8.37
CA THR C 673 -52.24 -15.13 -7.72
C THR C 673 -52.13 -16.65 -7.77
N SER C 686 -55.70 -16.17 -3.04
CA SER C 686 -54.36 -16.61 -2.68
C SER C 686 -53.29 -15.94 -3.54
N GLN C 687 -52.29 -15.36 -2.88
CA GLN C 687 -51.21 -14.65 -3.57
C GLN C 687 -49.89 -15.21 -3.06
N SER C 688 -49.11 -15.81 -3.97
CA SER C 688 -47.85 -16.44 -3.61
C SER C 688 -46.80 -16.12 -4.66
N ILE C 689 -45.54 -16.42 -4.31
CA ILE C 689 -44.41 -16.21 -5.21
C ILE C 689 -44.23 -17.47 -6.04
N ILE C 690 -44.58 -17.40 -7.32
CA ILE C 690 -44.39 -18.52 -8.22
C ILE C 690 -43.03 -18.39 -8.91
N ALA C 691 -42.45 -19.53 -9.23
CA ALA C 691 -41.15 -19.60 -9.91
C ALA C 691 -41.35 -20.40 -11.19
N TYR C 692 -41.09 -19.76 -12.33
CA TYR C 692 -41.34 -20.36 -13.64
C TYR C 692 -40.13 -20.17 -14.54
N THR C 693 -40.30 -20.57 -15.80
CA THR C 693 -39.29 -20.38 -16.83
C THR C 693 -39.71 -19.21 -17.71
N MET C 694 -38.82 -18.24 -17.88
CA MET C 694 -39.16 -17.05 -18.64
C MET C 694 -39.41 -17.39 -20.11
N SER C 695 -40.38 -16.70 -20.71
CA SER C 695 -40.74 -16.89 -22.10
C SER C 695 -40.12 -15.78 -22.94
N LEU C 696 -39.51 -16.17 -24.06
CA LEU C 696 -38.84 -15.21 -24.92
C LEU C 696 -39.82 -14.34 -25.71
N GLY C 697 -41.09 -14.67 -25.71
CA GLY C 697 -42.09 -13.90 -26.40
C GLY C 697 -43.10 -14.82 -27.07
N ALA C 698 -43.96 -14.24 -27.89
CA ALA C 698 -44.97 -15.01 -28.60
C ALA C 698 -44.32 -15.83 -29.71
N GLU C 699 -45.06 -16.82 -30.19
CA GLU C 699 -44.59 -17.73 -31.24
C GLU C 699 -45.43 -17.47 -32.49
N ASN C 700 -44.97 -16.52 -33.30
CA ASN C 700 -45.64 -16.17 -34.55
C ASN C 700 -44.97 -16.90 -35.71
N SER C 701 -45.78 -17.29 -36.69
CA SER C 701 -45.30 -18.01 -37.86
C SER C 701 -45.66 -17.21 -39.11
N VAL C 702 -44.65 -16.59 -39.72
CA VAL C 702 -44.85 -15.80 -40.92
C VAL C 702 -44.90 -16.74 -42.12
N ALA C 703 -45.91 -16.57 -42.97
CA ALA C 703 -46.04 -17.40 -44.15
C ALA C 703 -44.93 -17.10 -45.15
N TYR C 704 -44.53 -18.12 -45.89
CA TYR C 704 -43.42 -18.04 -46.84
C TYR C 704 -43.81 -18.67 -48.17
N SER C 705 -44.90 -18.20 -48.74
CA SER C 705 -45.18 -18.54 -50.11
C SER C 705 -44.02 -18.10 -50.98
N ASN C 706 -43.90 -18.69 -52.16
CA ASN C 706 -42.94 -18.24 -53.13
C ASN C 706 -43.46 -17.04 -53.86
N ASN C 707 -44.78 -16.85 -53.82
CA ASN C 707 -45.42 -15.73 -54.49
C ASN C 707 -46.48 -15.08 -53.61
N SER C 708 -46.03 -14.32 -52.62
CA SER C 708 -46.91 -13.66 -51.66
C SER C 708 -46.12 -12.60 -50.93
N ILE C 709 -46.63 -11.37 -50.92
CA ILE C 709 -45.97 -10.26 -50.25
C ILE C 709 -46.99 -9.53 -49.38
N ALA C 710 -46.54 -9.08 -48.21
CA ALA C 710 -47.38 -8.35 -47.27
C ALA C 710 -47.12 -6.86 -47.45
N ILE C 711 -48.07 -6.16 -48.05
CA ILE C 711 -47.97 -4.72 -48.29
C ILE C 711 -48.78 -4.01 -47.22
N PRO C 712 -48.21 -3.04 -46.51
CA PRO C 712 -48.98 -2.30 -45.51
C PRO C 712 -49.93 -1.31 -46.15
N THR C 713 -51.08 -1.11 -45.52
CA THR C 713 -52.10 -0.27 -46.11
C THR C 713 -52.39 0.95 -45.26
N ASN C 714 -51.60 1.16 -44.21
CA ASN C 714 -51.78 2.31 -43.34
C ASN C 714 -50.51 2.59 -42.58
N PHE C 715 -50.53 3.62 -41.75
CA PHE C 715 -49.34 4.08 -41.07
C PHE C 715 -49.65 4.45 -39.63
N THR C 716 -48.60 4.51 -38.82
CA THR C 716 -48.71 4.96 -37.43
C THR C 716 -47.48 5.79 -37.12
N ILE C 717 -47.70 7.04 -36.71
CA ILE C 717 -46.60 7.90 -36.30
C ILE C 717 -46.42 7.74 -34.79
N SER C 718 -45.33 7.08 -34.39
CA SER C 718 -45.08 6.78 -32.99
C SER C 718 -44.04 7.74 -32.43
N VAL C 719 -44.10 7.94 -31.11
CA VAL C 719 -43.17 8.81 -30.40
C VAL C 719 -42.62 8.02 -29.23
N THR C 720 -41.38 7.57 -29.35
CA THR C 720 -40.71 6.85 -28.28
C THR C 720 -39.93 7.85 -27.41
N THR C 721 -39.11 7.33 -26.49
CA THR C 721 -38.30 8.18 -25.64
C THR C 721 -37.08 7.38 -25.18
N GLU C 722 -35.92 8.04 -25.20
CA GLU C 722 -34.68 7.41 -24.78
C GLU C 722 -33.95 8.33 -23.82
N ILE C 723 -33.59 7.80 -22.65
CA ILE C 723 -32.93 8.57 -21.61
C ILE C 723 -31.45 8.24 -21.65
N LEU C 724 -30.61 9.26 -21.79
CA LEU C 724 -29.16 9.06 -21.89
C LEU C 724 -28.46 9.98 -20.91
N PRO C 725 -27.67 9.46 -19.97
CA PRO C 725 -26.94 10.33 -19.05
C PRO C 725 -25.90 11.16 -19.80
N VAL C 726 -25.73 12.39 -19.36
CA VAL C 726 -24.79 13.33 -19.97
C VAL C 726 -23.57 13.56 -19.08
N SER C 727 -23.78 13.74 -17.78
CA SER C 727 -22.68 14.00 -16.87
C SER C 727 -23.09 13.61 -15.45
N MET C 728 -22.10 13.51 -14.58
CA MET C 728 -22.31 13.23 -13.18
C MET C 728 -22.16 14.53 -12.39
N THR C 729 -22.19 14.41 -11.06
CA THR C 729 -21.98 15.56 -10.19
C THR C 729 -20.49 15.72 -9.92
N LYS C 730 -19.97 16.92 -10.17
CA LYS C 730 -18.56 17.19 -9.95
C LYS C 730 -18.26 17.23 -8.45
N THR C 731 -17.24 16.50 -8.04
CA THR C 731 -16.86 16.42 -6.63
C THR C 731 -15.42 16.84 -6.45
N SER C 732 -15.10 17.24 -5.22
CA SER C 732 -13.75 17.63 -4.85
C SER C 732 -13.57 17.41 -3.36
N VAL C 733 -12.57 16.62 -3.00
CA VAL C 733 -12.35 16.23 -1.61
C VAL C 733 -11.24 17.09 -1.02
N ASP C 734 -11.29 17.26 0.30
CA ASP C 734 -10.26 17.97 1.04
C ASP C 734 -9.33 16.92 1.65
N CYS C 735 -8.18 16.73 1.01
CA CYS C 735 -7.24 15.68 1.42
C CYS C 735 -6.57 15.98 2.75
N THR C 736 -6.73 17.19 3.29
CA THR C 736 -6.18 17.55 4.59
C THR C 736 -7.24 17.63 5.68
N MET C 737 -8.52 17.62 5.31
CA MET C 737 -9.61 17.65 6.28
C MET C 737 -10.27 16.30 6.48
N TYR C 738 -10.45 15.53 5.41
CA TYR C 738 -11.01 14.18 5.55
C TYR C 738 -10.07 13.28 6.33
N ILE C 739 -8.76 13.42 6.11
CA ILE C 739 -7.80 12.57 6.81
C ILE C 739 -7.64 13.02 8.25
N CYS C 740 -7.44 14.32 8.46
CA CYS C 740 -7.24 14.90 9.79
C CYS C 740 -8.35 15.91 10.05
N GLY C 741 -9.20 15.61 11.04
CA GLY C 741 -10.25 16.52 11.43
C GLY C 741 -9.98 17.20 12.75
N ASP C 742 -9.61 18.48 12.71
CA ASP C 742 -9.26 19.25 13.91
C ASP C 742 -8.14 18.55 14.69
N SER C 743 -7.15 18.07 13.95
CA SER C 743 -6.09 17.21 14.45
C SER C 743 -4.73 17.67 13.96
N THR C 744 -4.41 18.94 14.23
CA THR C 744 -3.22 19.62 13.72
C THR C 744 -1.97 18.74 13.71
N GLU C 745 -1.78 17.91 14.73
CA GLU C 745 -0.65 16.98 14.74
C GLU C 745 -0.74 15.99 13.58
N CYS C 746 -1.95 15.52 13.27
CA CYS C 746 -2.14 14.64 12.13
C CYS C 746 -1.77 15.36 10.82
N SER C 747 -2.17 16.62 10.70
CA SER C 747 -1.84 17.38 9.50
C SER C 747 -0.34 17.61 9.40
N ASN C 748 0.33 17.75 10.54
CA ASN C 748 1.78 17.93 10.53
C ASN C 748 2.49 16.65 10.12
N LEU C 749 2.05 15.51 10.65
CA LEU C 749 2.68 14.24 10.28
C LEU C 749 2.28 13.76 8.88
N LEU C 750 1.20 14.30 8.31
CA LEU C 750 0.83 13.94 6.95
C LEU C 750 1.86 14.46 5.94
N LEU C 751 2.47 15.60 6.23
CA LEU C 751 3.48 16.15 5.32
C LEU C 751 4.68 15.23 5.19
N GLN C 752 5.04 14.53 6.27
CA GLN C 752 6.12 13.55 6.21
C GLN C 752 5.68 12.20 5.66
N TYR C 753 4.37 12.00 5.45
CA TYR C 753 3.84 10.75 4.94
C TYR C 753 3.85 10.69 3.41
N GLY C 754 4.41 11.70 2.76
CA GLY C 754 4.49 11.73 1.31
C GLY C 754 3.48 12.69 0.70
N SER C 755 3.72 13.02 -0.56
CA SER C 755 2.87 13.94 -1.32
C SER C 755 1.76 13.20 -2.06
N PHE C 756 0.97 12.42 -1.32
CA PHE C 756 -0.13 11.68 -1.92
C PHE C 756 -1.40 12.52 -2.05
N CYS C 757 -1.43 13.71 -1.45
CA CYS C 757 -2.58 14.60 -1.52
C CYS C 757 -2.52 15.54 -2.72
N THR C 758 -1.80 15.17 -3.77
CA THR C 758 -1.66 16.00 -4.96
C THR C 758 -2.24 15.36 -6.21
N GLN C 759 -2.02 14.05 -6.40
CA GLN C 759 -2.53 13.38 -7.59
C GLN C 759 -4.04 13.16 -7.51
N LEU C 760 -4.57 13.01 -6.31
CA LEU C 760 -6.00 12.76 -6.14
C LEU C 760 -6.82 14.01 -6.48
N LYS C 761 -6.38 15.16 -5.97
CA LYS C 761 -7.07 16.41 -6.28
C LYS C 761 -6.97 16.73 -7.76
N ARG C 762 -5.82 16.44 -8.36
CA ARG C 762 -5.64 16.67 -9.79
C ARG C 762 -6.53 15.75 -10.61
N ALA C 763 -6.69 14.50 -10.15
CA ALA C 763 -7.59 13.57 -10.83
C ALA C 763 -9.04 14.04 -10.73
N LEU C 764 -9.43 14.55 -9.56
CA LEU C 764 -10.78 15.07 -9.40
C LEU C 764 -11.02 16.29 -10.28
N THR C 765 -10.01 17.16 -10.39
CA THR C 765 -10.13 18.32 -11.28
C THR C 765 -10.25 17.88 -12.73
N GLY C 766 -9.48 16.86 -13.12
CA GLY C 766 -9.59 16.32 -14.47
C GLY C 766 -10.97 15.74 -14.74
N ILE C 767 -11.53 15.05 -13.74
CA ILE C 767 -12.88 14.50 -13.88
C ILE C 767 -13.90 15.63 -14.04
N ALA C 768 -13.72 16.71 -13.27
CA ALA C 768 -14.63 17.85 -13.39
C ALA C 768 -14.55 18.48 -14.77
N VAL C 769 -13.34 18.68 -15.28
CA VAL C 769 -13.17 19.25 -16.61
C VAL C 769 -13.75 18.32 -17.66
N GLU C 770 -13.61 17.00 -17.46
CA GLU C 770 -14.18 16.04 -18.40
C GLU C 770 -15.69 16.11 -18.41
N GLN C 771 -16.31 16.25 -17.23
CA GLN C 771 -17.77 16.37 -17.18
C GLN C 771 -18.24 17.67 -17.82
N ASP C 772 -17.48 18.76 -17.61
CA ASP C 772 -17.82 20.01 -18.27
C ASP C 772 -17.75 19.88 -19.79
N LYS C 773 -16.69 19.24 -20.29
CA LYS C 773 -16.56 19.02 -21.73
C LYS C 773 -17.66 18.12 -22.27
N ASN C 774 -18.07 17.11 -21.51
CA ASN C 774 -19.19 16.26 -21.91
C ASN C 774 -20.51 17.02 -21.96
N THR C 775 -20.74 17.93 -21.02
CA THR C 775 -21.92 18.78 -21.06
C THR C 775 -21.88 19.75 -22.23
N GLN C 776 -20.68 20.20 -22.62
CA GLN C 776 -20.56 21.14 -23.71
C GLN C 776 -20.68 20.48 -25.08
N GLU C 777 -20.16 19.25 -25.22
CA GLU C 777 -20.12 18.59 -26.50
C GLU C 777 -21.46 17.98 -26.92
N VAL C 778 -22.46 18.00 -26.04
CA VAL C 778 -23.75 17.38 -26.35
C VAL C 778 -24.75 18.45 -26.75
N PHE C 779 -24.95 19.45 -25.90
CA PHE C 779 -25.95 20.48 -26.15
C PHE C 779 -25.39 21.61 -27.01
N ALA C 780 -24.20 22.12 -26.69
CA ALA C 780 -23.60 23.23 -27.42
C ALA C 780 -22.98 22.72 -28.72
N GLN C 781 -23.86 22.43 -29.68
CA GLN C 781 -23.45 21.98 -31.00
C GLN C 781 -23.82 22.95 -32.10
N VAL C 782 -24.46 24.07 -31.76
CA VAL C 782 -24.84 25.09 -32.74
C VAL C 782 -24.34 26.45 -32.25
N LYS C 783 -23.98 27.31 -33.18
CA LYS C 783 -23.49 28.64 -32.82
C LYS C 783 -24.64 29.60 -32.56
N GLN C 784 -25.50 29.79 -33.55
CA GLN C 784 -26.62 30.71 -33.41
C GLN C 784 -27.72 30.11 -32.54
N ILE C 785 -28.30 30.92 -31.67
CA ILE C 785 -29.39 30.52 -30.80
C ILE C 785 -30.69 30.92 -31.49
N TYR C 786 -31.39 29.94 -32.05
CA TYR C 786 -32.62 30.20 -32.77
C TYR C 786 -33.79 30.35 -31.79
N LYS C 787 -34.81 31.09 -32.25
CA LYS C 787 -36.02 31.31 -31.46
C LYS C 787 -37.23 30.93 -32.29
N THR C 788 -38.27 30.46 -31.60
CA THR C 788 -39.50 30.07 -32.28
C THR C 788 -40.31 31.31 -32.66
N PRO C 789 -40.98 31.28 -33.81
CA PRO C 789 -41.80 32.43 -34.22
C PRO C 789 -42.96 32.63 -33.27
N PRO C 790 -43.52 33.84 -33.21
CA PRO C 790 -44.66 34.07 -32.30
C PRO C 790 -45.91 33.31 -32.70
N ILE C 791 -46.12 33.12 -34.00
CA ILE C 791 -47.29 32.38 -34.48
C ILE C 791 -46.99 30.88 -34.35
N LYS C 792 -47.72 30.20 -33.48
CA LYS C 792 -47.50 28.77 -33.25
C LYS C 792 -48.45 27.93 -34.10
N TYR C 793 -48.28 28.03 -35.41
CA TYR C 793 -49.02 27.22 -36.38
C TYR C 793 -47.99 26.60 -37.33
N PHE C 794 -47.46 25.45 -36.92
CA PHE C 794 -46.43 24.76 -37.71
C PHE C 794 -47.05 23.65 -38.55
N GLY C 795 -47.90 24.08 -39.50
CA GLY C 795 -48.54 23.19 -40.44
C GLY C 795 -49.79 22.50 -39.90
N GLY C 796 -49.93 22.39 -38.59
CA GLY C 796 -51.07 21.73 -38.01
C GLY C 796 -50.71 20.82 -36.86
N PHE C 797 -49.41 20.76 -36.55
CA PHE C 797 -48.92 19.94 -35.46
C PHE C 797 -48.79 20.77 -34.20
N ASN C 798 -48.97 20.13 -33.07
CA ASN C 798 -49.04 20.85 -31.81
C ASN C 798 -47.82 20.53 -30.99
N PHE C 799 -46.99 21.53 -30.78
CA PHE C 799 -45.75 21.33 -30.04
C PHE C 799 -45.85 22.00 -28.68
N SER C 800 -47.06 22.38 -28.29
CA SER C 800 -47.23 23.08 -27.02
C SER C 800 -46.71 22.29 -25.83
N GLN C 801 -46.12 21.12 -26.04
CA GLN C 801 -45.58 20.32 -24.96
C GLN C 801 -44.06 20.18 -24.99
N ILE C 802 -43.41 20.50 -26.10
CA ILE C 802 -41.96 20.43 -26.19
C ILE C 802 -41.32 21.82 -26.29
N LEU C 803 -41.97 22.77 -26.94
CA LEU C 803 -41.45 24.12 -27.00
C LEU C 803 -41.53 24.78 -25.62
N PRO C 804 -40.59 25.68 -25.30
CA PRO C 804 -40.61 26.32 -23.98
C PRO C 804 -41.82 27.23 -23.82
N ASP C 805 -42.35 27.27 -22.60
CA ASP C 805 -43.52 28.09 -22.28
C ASP C 805 -43.08 29.37 -21.60
N PRO C 806 -43.55 30.54 -22.06
CA PRO C 806 -43.12 31.80 -21.45
C PRO C 806 -43.82 32.10 -20.12
N SER C 807 -44.95 31.47 -19.84
CA SER C 807 -45.71 31.77 -18.63
C SER C 807 -45.16 31.01 -17.42
N LYS C 808 -43.86 31.16 -17.15
CA LYS C 808 -43.21 30.52 -16.02
C LYS C 808 -41.84 31.13 -15.79
N PRO C 809 -41.35 31.16 -14.55
CA PRO C 809 -40.04 31.78 -14.30
C PRO C 809 -38.86 30.95 -14.79
N SER C 810 -39.01 29.62 -14.85
CA SER C 810 -37.91 28.77 -15.27
C SER C 810 -37.80 28.65 -16.78
N LYS C 811 -38.89 28.88 -17.52
CA LYS C 811 -38.92 28.83 -18.97
C LYS C 811 -38.44 27.47 -19.50
N ARG C 812 -39.19 26.43 -19.15
CA ARG C 812 -38.90 25.08 -19.59
C ARG C 812 -40.17 24.44 -20.15
N SER C 813 -39.98 23.38 -20.91
CA SER C 813 -41.09 22.66 -21.50
C SER C 813 -41.88 21.92 -20.42
N PRO C 814 -43.18 21.70 -20.62
CA PRO C 814 -43.95 20.91 -19.64
C PRO C 814 -43.38 19.52 -19.42
N ILE C 815 -42.93 18.85 -20.47
CA ILE C 815 -42.25 17.58 -20.30
C ILE C 815 -40.96 17.76 -19.51
N GLU C 816 -40.23 18.84 -19.78
CA GLU C 816 -39.06 19.14 -18.98
C GLU C 816 -39.43 19.47 -17.54
N ASP C 817 -40.59 20.08 -17.32
CA ASP C 817 -41.06 20.33 -15.96
C ASP C 817 -41.33 19.03 -15.23
N LEU C 818 -41.94 18.06 -15.92
CA LEU C 818 -42.17 16.75 -15.31
C LEU C 818 -40.86 16.01 -15.05
N LEU C 819 -39.88 16.19 -15.94
CA LEU C 819 -38.60 15.51 -15.77
C LEU C 819 -37.81 16.09 -14.60
N PHE C 820 -37.75 17.42 -14.49
CA PHE C 820 -37.02 18.06 -13.41
C PHE C 820 -37.71 17.92 -12.06
N ASN C 821 -38.99 17.54 -12.04
CA ASN C 821 -39.72 17.31 -10.80
C ASN C 821 -39.86 15.83 -10.48
N LYS C 822 -39.14 14.96 -11.19
CA LYS C 822 -39.17 13.53 -10.95
C LYS C 822 -37.84 12.93 -10.57
N VAL C 823 -36.74 13.48 -11.08
CA VAL C 823 -35.39 13.00 -10.77
C VAL C 823 -34.92 13.72 -9.52
N THR C 824 -34.84 12.99 -8.41
CA THR C 824 -34.40 13.57 -7.15
C THR C 824 -32.90 13.82 -7.14
N ARG C 844 -29.59 17.16 10.60
CA ARG C 844 -28.99 17.95 9.52
C ARG C 844 -29.03 17.16 8.21
N ASP C 845 -29.15 17.87 7.09
CA ASP C 845 -29.21 17.24 5.79
C ASP C 845 -27.89 16.55 5.46
N LEU C 846 -27.96 15.63 4.49
CA LEU C 846 -26.79 14.85 4.12
C LEU C 846 -25.74 15.71 3.40
N ILE C 847 -26.19 16.69 2.61
CA ILE C 847 -25.25 17.54 1.87
C ILE C 847 -24.35 18.31 2.82
N CYS C 848 -24.96 18.97 3.82
CA CYS C 848 -24.16 19.73 4.78
C CYS C 848 -23.30 18.81 5.63
N ALA C 849 -23.78 17.59 5.93
CA ALA C 849 -22.97 16.65 6.69
C ALA C 849 -21.73 16.23 5.91
N GLN C 850 -21.88 16.01 4.60
CA GLN C 850 -20.73 15.69 3.77
C GLN C 850 -19.80 16.90 3.62
N LYS C 851 -20.37 18.10 3.53
CA LYS C 851 -19.54 19.30 3.43
C LYS C 851 -18.72 19.53 4.70
N PHE C 852 -19.29 19.20 5.86
CA PHE C 852 -18.56 19.34 7.11
C PHE C 852 -17.43 18.34 7.28
N LYS C 853 -17.33 17.34 6.39
CA LYS C 853 -16.27 16.34 6.47
C LYS C 853 -15.18 16.55 5.44
N GLY C 854 -15.40 17.41 4.45
CA GLY C 854 -14.39 17.66 3.44
C GLY C 854 -14.89 17.44 2.03
N LEU C 855 -15.92 16.59 1.89
CA LEU C 855 -16.48 16.29 0.57
C LEU C 855 -17.32 17.47 0.10
N THR C 856 -16.95 18.04 -1.05
CA THR C 856 -17.66 19.17 -1.62
C THR C 856 -18.25 18.78 -2.97
N VAL C 857 -19.17 19.60 -3.45
CA VAL C 857 -19.84 19.39 -4.73
C VAL C 857 -19.69 20.66 -5.55
N LEU C 858 -18.85 20.61 -6.57
CA LEU C 858 -18.65 21.77 -7.43
C LEU C 858 -19.86 21.98 -8.33
N PRO C 859 -20.36 23.20 -8.47
CA PRO C 859 -21.53 23.43 -9.33
C PRO C 859 -21.15 23.37 -10.79
N PRO C 860 -22.02 22.83 -11.64
CA PRO C 860 -21.71 22.73 -13.07
C PRO C 860 -21.60 24.10 -13.71
N LEU C 861 -20.85 24.15 -14.81
CA LEU C 861 -20.66 25.40 -15.53
C LEU C 861 -21.95 25.84 -16.20
N LEU C 862 -22.49 25.02 -17.10
CA LEU C 862 -23.74 25.33 -17.78
C LEU C 862 -24.89 25.04 -16.84
N THR C 863 -25.59 26.09 -16.41
CA THR C 863 -26.72 25.93 -15.51
C THR C 863 -27.91 25.33 -16.27
N ASP C 864 -29.00 25.09 -15.55
CA ASP C 864 -30.19 24.52 -16.17
C ASP C 864 -30.81 25.48 -17.19
N GLU C 865 -30.71 26.79 -16.94
CA GLU C 865 -31.28 27.75 -17.87
C GLU C 865 -30.54 27.73 -19.21
N MET C 866 -29.21 27.61 -19.18
CA MET C 866 -28.44 27.58 -20.43
C MET C 866 -28.74 26.30 -21.22
N ILE C 867 -28.85 25.16 -20.53
CA ILE C 867 -29.19 23.92 -21.22
C ILE C 867 -30.60 24.00 -21.79
N ALA C 868 -31.52 24.63 -21.07
CA ALA C 868 -32.88 24.80 -21.59
C ALA C 868 -32.88 25.68 -22.83
N GLN C 869 -32.08 26.76 -22.82
CA GLN C 869 -32.00 27.62 -23.99
C GLN C 869 -31.38 26.88 -25.16
N TYR C 870 -30.37 26.05 -24.90
CA TYR C 870 -29.77 25.25 -25.97
C TYR C 870 -30.79 24.29 -26.58
N THR C 871 -31.56 23.61 -25.72
CA THR C 871 -32.58 22.70 -26.23
C THR C 871 -33.66 23.44 -27.00
N SER C 872 -34.06 24.62 -26.54
CA SER C 872 -35.06 25.40 -27.26
C SER C 872 -34.53 25.85 -28.62
N ALA C 873 -33.25 26.25 -28.68
CA ALA C 873 -32.67 26.64 -29.95
C ALA C 873 -32.58 25.46 -30.91
N LEU C 874 -32.21 24.28 -30.40
CA LEU C 874 -32.18 23.09 -31.25
C LEU C 874 -33.57 22.74 -31.75
N LEU C 875 -34.59 22.86 -30.90
CA LEU C 875 -35.95 22.56 -31.31
C LEU C 875 -36.42 23.55 -32.38
N ALA C 876 -36.14 24.84 -32.19
CA ALA C 876 -36.50 25.84 -33.17
C ALA C 876 -35.81 25.61 -34.50
N GLY C 877 -34.53 25.26 -34.48
CA GLY C 877 -33.82 24.95 -35.71
C GLY C 877 -34.33 23.70 -36.40
N THR C 878 -34.76 22.70 -35.62
CA THR C 878 -35.32 21.50 -36.21
C THR C 878 -36.69 21.75 -36.81
N ILE C 879 -37.49 22.62 -36.19
CA ILE C 879 -38.84 22.89 -36.69
C ILE C 879 -38.82 23.83 -37.88
N THR C 880 -38.18 24.99 -37.75
CA THR C 880 -38.24 26.03 -38.76
C THR C 880 -37.21 25.86 -39.88
N SER C 881 -36.21 25.01 -39.70
CA SER C 881 -35.18 24.85 -40.72
C SER C 881 -35.03 23.40 -41.14
N GLY C 882 -35.23 22.48 -40.21
CA GLY C 882 -35.09 21.05 -40.50
C GLY C 882 -33.69 20.56 -40.19
N TRP C 883 -33.01 20.04 -41.21
CA TRP C 883 -31.63 19.56 -41.08
C TRP C 883 -30.63 20.47 -41.76
N THR C 884 -31.03 21.68 -42.15
CA THR C 884 -30.14 22.59 -42.85
C THR C 884 -29.33 23.45 -41.90
N PHE C 885 -29.87 23.75 -40.72
CA PHE C 885 -29.15 24.59 -39.76
C PHE C 885 -27.97 23.87 -39.12
N GLY C 886 -27.90 22.54 -39.23
CA GLY C 886 -26.79 21.80 -38.66
C GLY C 886 -25.64 21.62 -39.63
N ALA C 887 -25.96 21.54 -40.93
CA ALA C 887 -24.92 21.40 -41.94
C ALA C 887 -24.38 22.75 -42.38
N GLY C 888 -25.14 23.83 -42.18
CA GLY C 888 -24.71 25.15 -42.57
C GLY C 888 -25.66 26.22 -42.08
N PRO C 889 -25.93 27.21 -42.92
CA PRO C 889 -26.86 28.27 -42.54
C PRO C 889 -28.30 27.77 -42.49
N ALA C 890 -29.09 28.41 -41.62
CA ALA C 890 -30.49 28.04 -41.48
C ALA C 890 -31.28 28.43 -42.72
N LEU C 891 -32.11 27.51 -43.20
CA LEU C 891 -32.92 27.73 -44.39
C LEU C 891 -34.38 27.53 -44.02
N GLN C 892 -35.19 28.56 -44.23
CA GLN C 892 -36.61 28.47 -43.91
C GLN C 892 -37.30 27.48 -44.84
N ILE C 893 -38.25 26.72 -44.29
CA ILE C 893 -38.99 25.72 -45.04
C ILE C 893 -40.26 25.38 -44.28
N PRO C 894 -41.42 25.30 -44.95
CA PRO C 894 -42.64 24.92 -44.24
C PRO C 894 -42.52 23.52 -43.65
N PHE C 895 -43.13 23.34 -42.48
CA PHE C 895 -43.08 22.07 -41.77
C PHE C 895 -43.76 20.94 -42.55
N PRO C 896 -44.88 21.19 -43.25
CA PRO C 896 -45.40 20.14 -44.15
C PRO C 896 -44.40 19.72 -45.20
N MET C 897 -43.66 20.65 -45.80
CA MET C 897 -42.65 20.27 -46.77
C MET C 897 -41.49 19.52 -46.13
N GLN C 898 -41.11 19.90 -44.90
CA GLN C 898 -40.08 19.17 -44.18
C GLN C 898 -40.51 17.73 -43.93
N MET C 899 -41.76 17.53 -43.52
CA MET C 899 -42.30 16.18 -43.35
C MET C 899 -42.36 15.41 -44.66
N ALA C 900 -42.77 16.05 -45.75
CA ALA C 900 -42.79 15.41 -47.06
C ALA C 900 -41.40 14.99 -47.54
N TYR C 901 -40.37 15.79 -47.24
CA TYR C 901 -39.01 15.44 -47.59
C TYR C 901 -38.40 14.41 -46.67
N ARG C 902 -38.81 14.36 -45.40
CA ARG C 902 -38.36 13.30 -44.50
C ARG C 902 -39.03 11.97 -44.79
N PHE C 903 -40.28 12.00 -45.28
CA PHE C 903 -40.94 10.76 -45.67
C PHE C 903 -40.25 10.08 -46.85
N ASN C 904 -39.66 10.88 -47.75
CA ASN C 904 -38.97 10.33 -48.90
C ASN C 904 -37.63 9.69 -48.55
N GLY C 905 -37.19 9.81 -47.30
CA GLY C 905 -35.94 9.19 -46.88
C GLY C 905 -36.10 7.74 -46.50
N ILE C 906 -37.25 7.39 -45.92
CA ILE C 906 -37.49 6.01 -45.51
C ILE C 906 -37.99 5.15 -46.67
N GLY C 907 -38.51 5.76 -47.74
CA GLY C 907 -39.00 5.01 -48.87
C GLY C 907 -40.37 5.43 -49.33
N VAL C 908 -41.20 5.90 -48.40
CA VAL C 908 -42.55 6.33 -48.73
C VAL C 908 -42.49 7.60 -49.56
N THR C 909 -43.31 7.64 -50.62
CA THR C 909 -43.38 8.82 -51.47
C THR C 909 -44.08 9.95 -50.74
N GLN C 910 -44.02 11.15 -51.32
CA GLN C 910 -44.60 12.34 -50.70
C GLN C 910 -46.08 12.53 -51.03
N ASN C 911 -46.67 11.61 -51.79
CA ASN C 911 -48.10 11.67 -52.10
C ASN C 911 -48.96 11.08 -50.99
N VAL C 912 -48.37 10.71 -49.85
CA VAL C 912 -49.12 10.18 -48.73
C VAL C 912 -49.33 11.20 -47.62
N LEU C 913 -48.36 12.07 -47.37
CA LEU C 913 -48.50 13.12 -46.37
C LEU C 913 -49.46 14.22 -46.79
N TYR C 914 -49.34 14.71 -48.03
CA TYR C 914 -50.21 15.77 -48.49
C TYR C 914 -51.65 15.31 -48.71
N GLU C 915 -51.89 14.01 -48.72
CA GLU C 915 -53.25 13.46 -48.82
C GLU C 915 -53.78 12.97 -47.49
N ASN C 916 -52.94 12.86 -46.46
CA ASN C 916 -53.35 12.44 -45.13
C ASN C 916 -52.69 13.31 -44.07
N GLN C 917 -52.64 14.62 -44.33
CA GLN C 917 -51.98 15.53 -43.39
C GLN C 917 -52.76 15.65 -42.09
N LYS C 918 -54.10 15.66 -42.17
CA LYS C 918 -54.90 15.77 -40.96
C LYS C 918 -54.76 14.54 -40.08
N LEU C 919 -54.72 13.36 -40.69
CA LEU C 919 -54.55 12.14 -39.90
C LEU C 919 -53.19 12.09 -39.22
N ILE C 920 -52.14 12.47 -39.94
CA ILE C 920 -50.80 12.47 -39.35
C ILE C 920 -50.70 13.52 -38.24
N ALA C 921 -51.34 14.68 -38.44
CA ALA C 921 -51.34 15.70 -37.40
C ALA C 921 -52.07 15.23 -36.15
N ASN C 922 -53.20 14.54 -36.34
CA ASN C 922 -53.94 14.02 -35.19
C ASN C 922 -53.18 12.90 -34.48
N GLN C 923 -52.44 12.08 -35.24
CA GLN C 923 -51.65 11.03 -34.61
C GLN C 923 -50.43 11.59 -33.89
N PHE C 924 -49.87 12.70 -34.39
CA PHE C 924 -48.74 13.31 -33.70
C PHE C 924 -49.18 14.08 -32.46
N ASN C 925 -50.37 14.70 -32.52
CA ASN C 925 -50.89 15.42 -31.35
C ASN C 925 -51.40 14.47 -30.28
N SER C 926 -51.74 13.24 -30.64
CA SER C 926 -52.20 12.23 -29.69
C SER C 926 -51.08 11.34 -29.20
N ALA C 927 -49.84 11.58 -29.64
CA ALA C 927 -48.68 10.81 -29.23
C ALA C 927 -47.75 11.58 -28.29
N ILE C 928 -47.61 12.89 -28.50
CA ILE C 928 -46.80 13.69 -27.60
C ILE C 928 -47.48 13.80 -26.23
N GLY C 929 -48.81 13.87 -26.23
CA GLY C 929 -49.53 13.95 -24.97
C GLY C 929 -49.43 12.69 -24.13
N LYS C 930 -49.31 11.54 -24.78
CA LYS C 930 -49.17 10.28 -24.04
C LYS C 930 -47.80 10.14 -23.40
N ILE C 931 -46.80 10.88 -23.87
CA ILE C 931 -45.47 10.79 -23.29
C ILE C 931 -45.47 11.27 -21.84
N GLN C 932 -46.14 12.39 -21.58
CA GLN C 932 -46.23 12.90 -20.21
C GLN C 932 -46.97 11.92 -19.32
N ASP C 933 -48.07 11.34 -19.81
CA ASP C 933 -48.82 10.38 -19.02
C ASP C 933 -47.98 9.13 -18.72
N SER C 934 -47.19 8.68 -19.69
CA SER C 934 -46.35 7.51 -19.48
C SER C 934 -45.23 7.81 -18.49
N LEU C 935 -44.65 9.01 -18.56
CA LEU C 935 -43.58 9.36 -17.63
C LEU C 935 -44.12 9.59 -16.23
N SER C 936 -45.38 10.02 -16.09
CA SER C 936 -45.94 10.28 -14.77
C SER C 936 -46.47 9.01 -14.12
N SER C 937 -47.13 8.14 -14.91
CA SER C 937 -47.73 6.95 -14.34
C SER C 937 -46.68 5.91 -13.97
N THR C 938 -45.65 5.76 -14.80
CA THR C 938 -44.61 4.76 -14.54
C THR C 938 -43.80 5.16 -13.31
N PRO C 939 -43.74 4.31 -12.28
CA PRO C 939 -42.94 4.67 -11.10
C PRO C 939 -41.46 4.77 -11.38
N SER C 940 -40.92 3.89 -12.22
CA SER C 940 -39.51 3.87 -12.56
C SER C 940 -39.37 4.10 -14.06
N ALA C 941 -39.30 5.38 -14.45
CA ALA C 941 -39.11 5.77 -15.85
C ALA C 941 -37.72 6.32 -16.14
N LEU C 942 -37.20 7.17 -15.25
CA LEU C 942 -35.83 7.69 -15.38
C LEU C 942 -34.88 6.78 -14.62
N GLY C 943 -34.59 5.64 -15.25
CA GLY C 943 -33.78 4.62 -14.59
C GLY C 943 -32.34 5.05 -14.39
N LYS C 944 -31.67 5.43 -15.48
CA LYS C 944 -30.25 5.77 -15.39
C LYS C 944 -30.04 7.11 -14.68
N LEU C 945 -30.98 8.05 -14.84
CA LEU C 945 -30.86 9.33 -14.16
C LEU C 945 -30.90 9.17 -12.65
N GLN C 946 -31.76 8.30 -12.15
CA GLN C 946 -31.77 8.01 -10.71
C GLN C 946 -30.61 7.11 -10.32
N ASP C 947 -30.17 6.23 -11.22
CA ASP C 947 -29.10 5.30 -10.89
C ASP C 947 -27.78 6.02 -10.67
N VAL C 948 -27.46 6.99 -11.52
CA VAL C 948 -26.20 7.72 -11.37
C VAL C 948 -26.22 8.55 -10.09
N VAL C 949 -27.37 9.16 -9.76
CA VAL C 949 -27.46 9.94 -8.54
C VAL C 949 -27.34 9.04 -7.32
N ASN C 950 -27.96 7.87 -7.35
CA ASN C 950 -27.85 6.94 -6.23
C ASN C 950 -26.43 6.42 -6.08
N HIS C 951 -25.74 6.18 -7.20
CA HIS C 951 -24.34 5.75 -7.13
C HIS C 951 -23.46 6.84 -6.54
N ASN C 952 -23.67 8.09 -6.97
CA ASN C 952 -22.89 9.19 -6.39
C ASN C 952 -23.17 9.36 -4.91
N ALA C 953 -24.44 9.24 -4.50
CA ALA C 953 -24.78 9.35 -3.08
C ALA C 953 -24.15 8.22 -2.27
N GLN C 954 -24.18 7.00 -2.80
CA GLN C 954 -23.55 5.88 -2.10
C GLN C 954 -22.04 6.07 -2.00
N ALA C 955 -21.41 6.57 -3.06
CA ALA C 955 -19.97 6.80 -3.01
C ALA C 955 -19.60 7.90 -2.03
N LEU C 956 -20.45 8.93 -1.91
CA LEU C 956 -20.21 10.00 -0.95
C LEU C 956 -20.55 9.61 0.48
N ASN C 957 -21.43 8.63 0.67
CA ASN C 957 -21.80 8.17 2.01
C ASN C 957 -20.87 7.10 2.54
N THR C 958 -20.35 6.21 1.68
CA THR C 958 -19.44 5.18 2.15
C THR C 958 -18.12 5.77 2.63
N LEU C 959 -17.63 6.81 1.95
CA LEU C 959 -16.38 7.43 2.36
C LEU C 959 -16.51 8.07 3.74
N VAL C 960 -17.70 8.58 4.07
CA VAL C 960 -17.91 9.15 5.40
C VAL C 960 -18.15 8.05 6.42
N LYS C 961 -18.86 6.99 6.04
CA LYS C 961 -19.13 5.90 6.99
C LYS C 961 -17.85 5.16 7.37
N GLN C 962 -16.88 5.10 6.46
CA GLN C 962 -15.62 4.42 6.76
C GLN C 962 -14.71 5.23 7.68
N LEU C 963 -15.17 6.37 8.19
CA LEU C 963 -14.43 7.13 9.17
C LEU C 963 -14.71 6.67 10.60
N SER C 964 -15.76 5.89 10.82
CA SER C 964 -16.12 5.39 12.14
C SER C 964 -15.73 3.92 12.30
N SER C 965 -14.61 3.53 11.69
CA SER C 965 -14.13 2.16 11.71
C SER C 965 -12.67 2.15 12.12
N LYS C 966 -12.38 1.55 13.27
CA LYS C 966 -11.01 1.46 13.77
C LYS C 966 -10.21 0.50 12.89
N PHE C 967 -9.22 1.03 12.18
CA PHE C 967 -8.37 0.22 11.31
C PHE C 967 -7.24 -0.47 12.05
N GLY C 968 -7.33 -0.58 13.37
CA GLY C 968 -6.30 -1.22 14.16
C GLY C 968 -5.99 -0.46 15.44
N ALA C 969 -6.41 0.80 15.49
CA ALA C 969 -6.17 1.63 16.66
C ALA C 969 -7.17 1.30 17.76
N ILE C 970 -7.01 1.97 18.90
CA ILE C 970 -7.91 1.72 20.03
C ILE C 970 -9.23 2.45 19.84
N SER C 971 -9.24 3.57 19.13
CA SER C 971 -10.47 4.33 18.91
C SER C 971 -10.40 4.99 17.54
N SER C 972 -11.52 5.56 17.13
CA SER C 972 -11.61 6.25 15.85
C SER C 972 -11.25 7.73 15.96
N VAL C 973 -11.52 8.34 17.11
CA VAL C 973 -11.21 9.75 17.31
C VAL C 973 -9.70 9.94 17.37
N LEU C 974 -9.20 10.92 16.63
CA LEU C 974 -7.75 11.18 16.61
C LEU C 974 -7.31 11.93 17.86
N ASN C 975 -8.16 12.84 18.37
CA ASN C 975 -7.80 13.59 19.56
C ASN C 975 -7.72 12.68 20.78
N ASP C 976 -8.61 11.68 20.87
CA ASP C 976 -8.55 10.74 21.99
C ASP C 976 -7.29 9.89 21.95
N ILE C 977 -6.77 9.62 20.75
CA ILE C 977 -5.54 8.86 20.64
C ILE C 977 -4.34 9.73 20.94
N PHE C 978 -4.34 10.97 20.46
CA PHE C 978 -3.22 11.87 20.75
C PHE C 978 -3.17 12.27 22.21
N SER C 979 -4.31 12.20 22.90
CA SER C 979 -4.35 12.58 24.32
C SER C 979 -4.06 11.37 25.20
N ARG C 980 -4.85 10.31 25.06
CA ARG C 980 -4.72 9.15 25.93
C ARG C 980 -3.68 8.16 25.40
N LEU C 981 -2.48 8.66 25.10
CA LEU C 981 -1.38 7.83 24.64
C LEU C 981 -0.13 8.68 24.57
N ASP C 982 1.02 8.03 24.74
CA ASP C 982 2.30 8.71 24.59
C ASP C 982 2.65 8.84 23.11
N PRO C 983 3.46 9.82 22.75
CA PRO C 983 3.79 10.06 21.33
C PRO C 983 4.39 8.84 20.65
N PRO C 984 5.41 8.19 21.22
CA PRO C 984 6.05 7.09 20.46
C PRO C 984 5.12 5.92 20.21
N GLU C 985 4.10 5.70 21.05
CA GLU C 985 3.14 4.64 20.77
C GLU C 985 1.99 5.12 19.90
N ALA C 986 1.54 6.36 20.08
CA ALA C 986 0.46 6.89 19.27
C ALA C 986 0.88 7.12 17.82
N GLU C 987 2.18 7.26 17.56
CA GLU C 987 2.68 7.40 16.19
C GLU C 987 2.47 6.14 15.36
N VAL C 988 2.20 5.00 16.00
CA VAL C 988 1.89 3.77 15.26
C VAL C 988 0.40 3.71 14.93
N GLN C 989 -0.46 4.05 15.90
CA GLN C 989 -1.89 4.03 15.65
C GLN C 989 -2.32 5.10 14.67
N ILE C 990 -1.73 6.30 14.73
CA ILE C 990 -2.08 7.32 13.76
C ILE C 990 -1.66 6.90 12.36
N ASP C 991 -0.55 6.18 12.23
CA ASP C 991 -0.15 5.68 10.93
C ASP C 991 -1.08 4.58 10.44
N ARG C 992 -1.49 3.68 11.34
CA ARG C 992 -2.44 2.65 10.96
C ARG C 992 -3.77 3.25 10.51
N LEU C 993 -4.17 4.38 11.10
CA LEU C 993 -5.40 5.03 10.68
C LEU C 993 -5.23 5.76 9.35
N ILE C 994 -4.12 6.49 9.20
CA ILE C 994 -3.93 7.28 7.99
C ILE C 994 -3.71 6.39 6.78
N THR C 995 -3.10 5.22 6.97
CA THR C 995 -2.93 4.30 5.84
C THR C 995 -4.28 3.81 5.32
N GLY C 996 -5.15 3.38 6.24
CA GLY C 996 -6.47 2.94 5.84
C GLY C 996 -7.28 4.05 5.21
N ARG C 997 -7.17 5.28 5.74
CA ARG C 997 -7.93 6.39 5.18
C ARG C 997 -7.42 6.75 3.79
N LEU C 998 -6.10 6.73 3.57
CA LEU C 998 -5.57 6.98 2.24
C LEU C 998 -5.97 5.88 1.27
N GLN C 999 -6.01 4.63 1.74
CA GLN C 999 -6.47 3.54 0.89
C GLN C 999 -7.92 3.72 0.49
N SER C 1000 -8.76 4.13 1.45
CA SER C 1000 -10.17 4.38 1.15
C SER C 1000 -10.31 5.52 0.14
N LEU C 1001 -9.53 6.58 0.31
CA LEU C 1001 -9.61 7.71 -0.62
C LEU C 1001 -9.15 7.30 -2.01
N GLN C 1002 -8.10 6.47 -2.09
CA GLN C 1002 -7.64 5.99 -3.39
C GLN C 1002 -8.69 5.10 -4.05
N THR C 1003 -9.35 4.25 -3.26
CA THR C 1003 -10.43 3.42 -3.81
C THR C 1003 -11.56 4.29 -4.34
N TYR C 1004 -11.93 5.34 -3.59
CA TYR C 1004 -12.96 6.25 -4.06
C TYR C 1004 -12.55 6.94 -5.36
N VAL C 1005 -11.29 7.36 -5.45
CA VAL C 1005 -10.81 8.03 -6.66
C VAL C 1005 -10.86 7.08 -7.85
N THR C 1006 -10.46 5.81 -7.63
CA THR C 1006 -10.49 4.84 -8.72
C THR C 1006 -11.91 4.56 -9.19
N GLN C 1007 -12.85 4.39 -8.23
CA GLN C 1007 -14.24 4.19 -8.60
C GLN C 1007 -14.79 5.40 -9.35
N GLN C 1008 -14.43 6.60 -8.92
CA GLN C 1008 -14.88 7.81 -9.61
C GLN C 1008 -14.31 7.88 -11.01
N LEU C 1009 -13.05 7.45 -11.20
CA LEU C 1009 -12.47 7.44 -12.53
C LEU C 1009 -13.18 6.46 -13.46
N ILE C 1010 -13.48 5.26 -12.95
CA ILE C 1010 -14.18 4.27 -13.77
C ILE C 1010 -15.58 4.78 -14.13
N ARG C 1011 -16.29 5.34 -13.15
CA ARG C 1011 -17.62 5.87 -13.41
C ARG C 1011 -17.57 7.05 -14.38
N ALA C 1012 -16.52 7.88 -14.29
CA ALA C 1012 -16.39 9.00 -15.21
C ALA C 1012 -16.11 8.51 -16.62
N ALA C 1013 -15.32 7.44 -16.77
CA ALA C 1013 -15.12 6.86 -18.08
C ALA C 1013 -16.42 6.32 -18.66
N GLU C 1014 -17.22 5.64 -17.84
CA GLU C 1014 -18.52 5.15 -18.31
C GLU C 1014 -19.43 6.31 -18.70
N ILE C 1015 -19.44 7.38 -17.90
CA ILE C 1015 -20.27 8.55 -18.21
C ILE C 1015 -19.79 9.23 -19.48
N ARG C 1016 -18.47 9.24 -19.71
CA ARG C 1016 -17.94 9.83 -20.93
C ARG C 1016 -18.37 9.02 -22.16
N ALA C 1017 -18.33 7.68 -22.05
CA ALA C 1017 -18.82 6.85 -23.15
C ALA C 1017 -20.29 7.12 -23.42
N SER C 1018 -21.10 7.18 -22.35
CA SER C 1018 -22.52 7.44 -22.52
C SER C 1018 -22.77 8.82 -23.13
N ALA C 1019 -21.96 9.82 -22.74
CA ALA C 1019 -22.14 11.16 -23.26
C ALA C 1019 -21.73 11.25 -24.73
N ASN C 1020 -20.67 10.53 -25.11
CA ASN C 1020 -20.30 10.48 -26.52
C ASN C 1020 -21.40 9.81 -27.35
N LEU C 1021 -21.97 8.72 -26.82
CA LEU C 1021 -23.09 8.08 -27.51
C LEU C 1021 -24.27 9.04 -27.64
N ALA C 1022 -24.57 9.78 -26.58
CA ALA C 1022 -25.71 10.71 -26.62
C ALA C 1022 -25.45 11.85 -27.60
N ALA C 1023 -24.22 12.34 -27.66
CA ALA C 1023 -23.89 13.40 -28.60
C ALA C 1023 -23.99 12.91 -30.04
N THR C 1024 -23.50 11.70 -30.30
CA THR C 1024 -23.64 11.13 -31.65
C THR C 1024 -25.10 10.94 -32.01
N LYS C 1025 -25.92 10.49 -31.06
CA LYS C 1025 -27.33 10.28 -31.33
C LYS C 1025 -28.04 11.60 -31.59
N MET C 1026 -27.69 12.65 -30.84
CA MET C 1026 -28.30 13.96 -31.08
C MET C 1026 -27.85 14.55 -32.40
N SER C 1027 -26.60 14.31 -32.81
CA SER C 1027 -26.12 14.85 -34.07
C SER C 1027 -26.65 14.08 -35.27
N GLU C 1028 -26.99 12.81 -35.11
CA GLU C 1028 -27.48 12.01 -36.22
C GLU C 1028 -29.00 11.94 -36.32
N CYS C 1029 -29.71 12.11 -35.21
CA CYS C 1029 -31.17 11.99 -35.23
C CYS C 1029 -31.86 13.35 -35.26
N VAL C 1030 -31.31 14.34 -34.56
CA VAL C 1030 -31.93 15.67 -34.52
C VAL C 1030 -31.44 16.56 -35.64
N LEU C 1031 -30.15 16.50 -35.95
CA LEU C 1031 -29.57 17.32 -37.01
C LEU C 1031 -29.69 16.68 -38.39
N GLY C 1032 -30.59 15.72 -38.54
CA GLY C 1032 -30.77 15.05 -39.82
C GLY C 1032 -31.54 13.76 -39.65
N GLN C 1033 -31.93 13.20 -40.79
CA GLN C 1033 -32.68 11.95 -40.84
C GLN C 1033 -31.71 10.79 -41.02
N SER C 1034 -31.49 10.03 -39.96
CA SER C 1034 -30.57 8.90 -39.99
C SER C 1034 -31.31 7.65 -40.45
N LYS C 1035 -30.64 6.84 -41.26
CA LYS C 1035 -31.19 5.59 -41.77
C LYS C 1035 -30.73 4.37 -40.98
N ARG C 1036 -29.97 4.57 -39.91
CA ARG C 1036 -29.53 3.46 -39.09
C ARG C 1036 -30.71 2.86 -38.33
N VAL C 1037 -30.85 1.55 -38.39
CA VAL C 1037 -31.99 0.88 -37.78
C VAL C 1037 -31.84 0.88 -36.26
N ASP C 1038 -32.93 1.19 -35.57
CA ASP C 1038 -33.06 1.13 -34.11
C ASP C 1038 -32.22 2.20 -33.42
N PHE C 1039 -31.43 2.96 -34.20
CA PHE C 1039 -30.59 3.99 -33.62
C PHE C 1039 -31.43 5.16 -33.13
N CYS C 1040 -32.23 5.74 -34.02
CA CYS C 1040 -33.14 6.83 -33.65
C CYS C 1040 -34.53 6.27 -33.34
N GLY C 1041 -34.57 5.39 -32.35
CA GLY C 1041 -35.81 4.76 -31.94
C GLY C 1041 -36.21 3.62 -32.85
N LYS C 1042 -37.13 2.79 -32.34
CA LYS C 1042 -37.61 1.64 -33.10
C LYS C 1042 -38.53 2.11 -34.22
N GLY C 1043 -38.30 1.58 -35.42
CA GLY C 1043 -39.08 1.94 -36.59
C GLY C 1043 -38.31 2.86 -37.51
N TYR C 1044 -38.98 3.22 -38.62
CA TYR C 1044 -38.39 4.13 -39.59
C TYR C 1044 -38.29 5.52 -39.00
N HIS C 1045 -37.05 5.99 -38.81
CA HIS C 1045 -36.82 7.28 -38.18
C HIS C 1045 -37.29 8.42 -39.06
N LEU C 1046 -38.07 9.34 -38.47
CA LEU C 1046 -38.52 10.54 -39.16
C LEU C 1046 -37.99 11.80 -38.52
N MET C 1047 -38.19 11.99 -37.22
CA MET C 1047 -37.75 13.19 -36.52
C MET C 1047 -37.22 12.81 -35.14
N SER C 1048 -36.73 13.82 -34.42
CA SER C 1048 -36.25 13.64 -33.06
C SER C 1048 -36.22 15.00 -32.38
N PHE C 1049 -36.65 15.03 -31.12
CA PHE C 1049 -36.72 16.27 -30.35
C PHE C 1049 -36.00 16.08 -29.02
N PRO C 1050 -34.86 16.73 -28.81
CA PRO C 1050 -34.14 16.56 -27.55
C PRO C 1050 -34.65 17.49 -26.46
N GLN C 1051 -34.56 17.02 -25.23
CA GLN C 1051 -34.95 17.79 -24.06
C GLN C 1051 -33.96 17.52 -22.94
N SER C 1052 -33.84 18.50 -22.04
CA SER C 1052 -32.91 18.38 -20.92
C SER C 1052 -33.55 17.60 -19.78
N ALA C 1053 -32.70 17.17 -18.85
CA ALA C 1053 -33.13 16.50 -17.64
C ALA C 1053 -31.99 16.54 -16.64
N PRO C 1054 -32.27 16.43 -15.34
CA PRO C 1054 -31.18 16.49 -14.35
C PRO C 1054 -30.08 15.49 -14.66
N HIS C 1055 -28.92 16.01 -15.05
CA HIS C 1055 -27.76 15.20 -15.43
C HIS C 1055 -28.11 14.19 -16.51
N GLY C 1056 -28.82 14.63 -17.54
CA GLY C 1056 -29.16 13.73 -18.63
C GLY C 1056 -29.94 14.43 -19.72
N VAL C 1057 -30.15 13.69 -20.81
CA VAL C 1057 -30.89 14.15 -21.98
C VAL C 1057 -31.96 13.12 -22.31
N VAL C 1058 -33.08 13.59 -22.86
CA VAL C 1058 -34.20 12.75 -23.22
C VAL C 1058 -34.54 12.99 -24.69
N PHE C 1059 -34.56 11.91 -25.47
CA PHE C 1059 -34.89 11.99 -26.88
C PHE C 1059 -36.30 11.47 -27.11
N LEU C 1060 -36.99 12.09 -28.06
CA LEU C 1060 -38.39 11.78 -28.37
C LEU C 1060 -38.54 11.42 -29.83
N HIS C 1061 -37.71 10.48 -30.30
CA HIS C 1061 -37.67 10.08 -31.70
C HIS C 1061 -39.06 9.80 -32.25
N VAL C 1062 -39.48 10.60 -33.23
CA VAL C 1062 -40.73 10.39 -33.93
C VAL C 1062 -40.46 9.46 -35.11
N THR C 1063 -41.06 8.27 -35.06
CA THR C 1063 -40.79 7.21 -36.02
C THR C 1063 -42.06 6.82 -36.77
N TYR C 1064 -41.87 6.07 -37.85
CA TYR C 1064 -42.93 5.64 -38.75
C TYR C 1064 -43.06 4.12 -38.66
N VAL C 1065 -44.27 3.63 -38.41
CA VAL C 1065 -44.48 2.19 -38.30
C VAL C 1065 -45.63 1.77 -39.21
N PRO C 1066 -45.42 0.80 -40.10
CA PRO C 1066 -46.53 0.29 -40.91
C PRO C 1066 -47.54 -0.47 -40.06
N ALA C 1067 -48.74 -0.60 -40.60
CA ALA C 1067 -49.81 -1.30 -39.91
C ALA C 1067 -50.90 -1.64 -40.92
N GLN C 1068 -51.75 -2.60 -40.54
CA GLN C 1068 -52.86 -3.06 -41.37
C GLN C 1068 -52.36 -3.57 -42.72
N GLU C 1069 -51.52 -4.60 -42.67
CA GLU C 1069 -50.95 -5.17 -43.87
C GLU C 1069 -51.95 -6.09 -44.56
N LYS C 1070 -51.69 -6.34 -45.84
CA LYS C 1070 -52.53 -7.21 -46.66
C LYS C 1070 -51.65 -8.04 -47.56
N ASN C 1071 -52.06 -9.30 -47.78
CA ASN C 1071 -51.28 -10.21 -48.60
C ASN C 1071 -51.67 -10.10 -50.06
N PHE C 1072 -50.67 -10.17 -50.94
CA PHE C 1072 -50.88 -10.10 -52.38
C PHE C 1072 -50.01 -11.14 -53.06
N THR C 1073 -50.31 -11.41 -54.33
CA THR C 1073 -49.55 -12.36 -55.14
C THR C 1073 -48.54 -11.56 -55.96
N THR C 1074 -47.27 -11.64 -55.57
CA THR C 1074 -46.22 -10.87 -56.22
C THR C 1074 -45.55 -11.67 -57.33
N ALA C 1075 -44.65 -11.02 -58.04
CA ALA C 1075 -43.90 -11.63 -59.13
C ALA C 1075 -42.63 -10.83 -59.35
N PRO C 1076 -41.52 -11.48 -59.70
CA PRO C 1076 -40.28 -10.72 -59.93
C PRO C 1076 -40.38 -9.74 -61.09
N ALA C 1077 -40.87 -10.19 -62.25
CA ALA C 1077 -41.00 -9.33 -63.42
C ALA C 1077 -42.20 -9.79 -64.23
N ILE C 1078 -42.59 -8.95 -65.18
CA ILE C 1078 -43.69 -9.26 -66.08
C ILE C 1078 -43.14 -9.44 -67.48
N CYS C 1079 -43.91 -10.12 -68.33
CA CYS C 1079 -43.50 -10.44 -69.68
C CYS C 1079 -44.39 -9.72 -70.68
N HIS C 1080 -43.76 -8.97 -71.58
CA HIS C 1080 -44.46 -8.30 -72.66
C HIS C 1080 -44.54 -9.24 -73.87
N ASP C 1081 -44.90 -8.70 -75.03
CA ASP C 1081 -45.03 -9.52 -76.23
C ASP C 1081 -43.72 -10.19 -76.60
N GLY C 1082 -42.61 -9.47 -76.43
CA GLY C 1082 -41.31 -10.01 -76.81
C GLY C 1082 -40.18 -9.68 -75.86
N LYS C 1083 -40.49 -8.98 -74.77
CA LYS C 1083 -39.47 -8.56 -73.81
C LYS C 1083 -40.04 -8.63 -72.40
N ALA C 1084 -39.17 -8.40 -71.42
CA ALA C 1084 -39.56 -8.41 -70.02
C ALA C 1084 -39.56 -6.99 -69.46
N HIS C 1085 -40.16 -6.85 -68.27
CA HIS C 1085 -40.26 -5.56 -67.60
C HIS C 1085 -40.14 -5.80 -66.09
N PHE C 1086 -39.19 -5.08 -65.46
CA PHE C 1086 -38.89 -5.09 -64.04
C PHE C 1086 -39.36 -3.79 -63.39
N PRO C 1087 -39.83 -3.85 -62.14
CA PRO C 1087 -40.27 -2.63 -61.46
C PRO C 1087 -39.09 -1.70 -61.19
N ARG C 1088 -39.22 -0.45 -61.61
CA ARG C 1088 -38.16 0.53 -61.38
C ARG C 1088 -38.05 0.87 -59.90
N GLU C 1089 -39.14 1.34 -59.31
CA GLU C 1089 -39.20 1.67 -57.88
C GLU C 1089 -40.57 1.25 -57.36
N GLY C 1090 -40.64 0.04 -56.84
CA GLY C 1090 -41.88 -0.51 -56.33
C GLY C 1090 -41.87 -2.02 -56.40
N VAL C 1091 -43.07 -2.59 -56.38
CA VAL C 1091 -43.25 -4.04 -56.42
C VAL C 1091 -44.51 -4.36 -57.21
N PHE C 1092 -44.46 -5.43 -57.99
CA PHE C 1092 -45.61 -5.88 -58.75
C PHE C 1092 -46.50 -6.75 -57.86
N VAL C 1093 -47.72 -6.30 -57.62
CA VAL C 1093 -48.68 -7.04 -56.81
C VAL C 1093 -49.89 -7.37 -57.69
N SER C 1094 -50.80 -8.17 -57.15
CA SER C 1094 -51.99 -8.56 -57.87
C SER C 1094 -53.20 -8.69 -56.97
N ASN C 1095 -54.34 -8.20 -57.42
CA ASN C 1095 -55.58 -8.33 -56.65
C ASN C 1095 -56.31 -9.57 -57.08
N GLY C 1096 -55.54 -10.58 -57.50
CA GLY C 1096 -56.10 -11.81 -58.02
C GLY C 1096 -56.33 -11.73 -59.51
N THR C 1097 -57.25 -10.87 -59.91
CA THR C 1097 -57.63 -10.74 -61.32
C THR C 1097 -56.57 -9.97 -62.11
N HIS C 1098 -56.30 -8.73 -61.72
CA HIS C 1098 -55.38 -7.87 -62.45
C HIS C 1098 -54.07 -7.70 -61.67
N TRP C 1099 -53.11 -7.04 -62.32
CA TRP C 1099 -51.81 -6.75 -61.74
C TRP C 1099 -51.59 -5.25 -61.67
N PHE C 1100 -50.85 -4.82 -60.66
CA PHE C 1100 -50.55 -3.41 -60.45
C PHE C 1100 -49.13 -3.28 -59.90
N VAL C 1101 -48.64 -2.05 -59.87
CA VAL C 1101 -47.33 -1.72 -59.31
C VAL C 1101 -47.53 -0.76 -58.15
N THR C 1102 -46.98 -1.12 -56.99
CA THR C 1102 -47.15 -0.34 -55.77
C THR C 1102 -45.78 0.03 -55.21
N GLN C 1103 -45.79 0.71 -54.06
CA GLN C 1103 -44.55 1.09 -53.39
C GLN C 1103 -44.06 -0.08 -52.53
N ARG C 1104 -43.02 0.19 -51.74
CA ARG C 1104 -42.44 -0.82 -50.86
C ARG C 1104 -42.87 -0.68 -49.41
N ASN C 1105 -43.43 0.47 -49.02
CA ASN C 1105 -43.83 0.70 -47.64
C ASN C 1105 -45.24 1.25 -47.51
N PHE C 1106 -46.00 1.36 -48.59
CA PHE C 1106 -47.36 1.88 -48.52
C PHE C 1106 -48.13 1.39 -49.73
N TYR C 1107 -49.36 0.93 -49.51
CA TYR C 1107 -50.19 0.41 -50.59
C TYR C 1107 -50.69 1.57 -51.46
N GLU C 1108 -50.36 1.52 -52.74
CA GLU C 1108 -50.82 2.53 -53.70
C GLU C 1108 -50.88 1.88 -55.07
N PRO C 1109 -52.04 1.34 -55.44
CA PRO C 1109 -52.15 0.65 -56.73
C PRO C 1109 -52.07 1.63 -57.90
N GLN C 1110 -51.19 1.34 -58.85
CA GLN C 1110 -51.02 2.15 -60.04
C GLN C 1110 -50.99 1.25 -61.26
N ILE C 1111 -51.50 1.77 -62.38
CA ILE C 1111 -51.50 1.00 -63.61
C ILE C 1111 -50.07 0.79 -64.11
N ILE C 1112 -49.85 -0.31 -64.81
CA ILE C 1112 -48.54 -0.66 -65.31
C ILE C 1112 -48.32 0.05 -66.64
N THR C 1113 -47.46 1.06 -66.63
CA THR C 1113 -47.13 1.83 -67.82
C THR C 1113 -45.62 1.81 -68.03
N THR C 1114 -45.19 2.27 -69.20
CA THR C 1114 -43.77 2.31 -69.52
C THR C 1114 -43.13 3.58 -68.96
N ASP C 1115 -43.35 3.84 -67.68
CA ASP C 1115 -42.74 4.99 -67.01
C ASP C 1115 -42.11 4.55 -65.69
N ASN C 1116 -42.63 3.47 -65.12
CA ASN C 1116 -42.11 2.90 -63.88
C ASN C 1116 -41.49 1.51 -64.10
N THR C 1117 -41.18 1.16 -65.34
CA THR C 1117 -40.56 -0.11 -65.67
C THR C 1117 -39.43 0.11 -66.65
N PHE C 1118 -38.46 -0.81 -66.64
CA PHE C 1118 -37.33 -0.77 -67.55
C PHE C 1118 -37.12 -2.15 -68.16
N VAL C 1119 -36.85 -2.18 -69.46
CA VAL C 1119 -36.69 -3.43 -70.20
C VAL C 1119 -35.28 -3.95 -70.00
N SER C 1120 -35.18 -5.26 -69.76
CA SER C 1120 -33.87 -5.91 -69.59
C SER C 1120 -34.03 -7.38 -69.96
N GLY C 1121 -33.53 -7.75 -71.14
CA GLY C 1121 -33.61 -9.12 -71.59
C GLY C 1121 -35.03 -9.50 -72.01
N ASN C 1122 -35.20 -10.81 -72.21
CA ASN C 1122 -36.49 -11.37 -72.59
C ASN C 1122 -36.92 -12.42 -71.58
N CYS C 1123 -38.11 -12.99 -71.80
CA CYS C 1123 -38.73 -13.90 -70.84
C CYS C 1123 -38.21 -15.33 -71.06
N ASP C 1124 -36.93 -15.51 -70.78
CA ASP C 1124 -36.32 -16.84 -70.87
C ASP C 1124 -35.39 -17.20 -69.73
N VAL C 1125 -34.94 -16.25 -68.91
CA VAL C 1125 -33.98 -16.52 -67.86
C VAL C 1125 -34.57 -16.30 -66.47
N VAL C 1126 -35.41 -15.29 -66.31
CA VAL C 1126 -35.99 -14.99 -65.01
C VAL C 1126 -36.97 -16.09 -64.62
N ILE C 1127 -36.80 -16.63 -63.41
CA ILE C 1127 -37.62 -17.72 -62.90
C ILE C 1127 -38.79 -17.12 -62.14
N GLY C 1128 -40.00 -17.44 -62.56
CA GLY C 1128 -41.20 -16.94 -61.93
C GLY C 1128 -41.84 -15.74 -62.59
N ILE C 1129 -41.56 -15.50 -63.87
CA ILE C 1129 -42.11 -14.34 -64.57
C ILE C 1129 -43.50 -14.69 -65.08
N VAL C 1130 -44.41 -13.74 -64.86
CA VAL C 1130 -45.79 -13.86 -65.25
C VAL C 1130 -46.05 -13.05 -66.50
N ASN C 1131 -47.03 -13.45 -67.29
CA ASN C 1131 -47.42 -12.68 -68.45
C ASN C 1131 -48.40 -11.62 -68.03
N ASN C 1132 -48.46 -10.55 -68.82
CA ASN C 1132 -49.46 -9.52 -68.66
C ASN C 1132 -49.55 -8.72 -69.94
N THR C 1133 -49.85 -7.44 -69.79
CA THR C 1133 -49.92 -6.51 -70.93
C THR C 1133 -49.65 -5.11 -70.40
N VAL C 1134 -48.43 -4.60 -70.65
CA VAL C 1134 -48.10 -3.25 -70.22
C VAL C 1134 -48.85 -2.23 -71.07
N TYR C 1135 -49.00 -1.03 -70.52
CA TYR C 1135 -49.72 0.05 -71.18
C TYR C 1135 -48.73 1.09 -71.69
N ASP C 1136 -48.99 1.62 -72.88
CA ASP C 1136 -48.14 2.64 -73.47
C ASP C 1136 -48.85 3.99 -73.42
N PRO C 1137 -48.28 5.01 -72.78
CA PRO C 1137 -48.96 6.30 -72.69
C PRO C 1137 -49.17 6.98 -74.04
N LEU C 1138 -48.36 6.65 -75.04
CA LEU C 1138 -48.51 7.26 -76.35
C LEU C 1138 -49.61 6.62 -77.18
N GLN C 1139 -50.01 5.39 -76.85
CA GLN C 1139 -51.05 4.72 -77.63
C GLN C 1139 -52.38 5.46 -77.62
N PRO C 1140 -52.93 5.90 -76.48
CA PRO C 1140 -54.19 6.67 -76.55
C PRO C 1140 -54.00 8.07 -77.12
N GLU C 1141 -52.83 8.67 -76.91
CA GLU C 1141 -52.60 10.01 -77.45
C GLU C 1141 -52.49 9.99 -78.97
N LEU C 1142 -51.89 8.93 -79.53
CA LEU C 1142 -51.74 8.79 -80.97
C LEU C 1142 -53.01 8.20 -81.59
N ASP C 1143 -54.10 8.96 -81.47
CA ASP C 1143 -55.39 8.57 -81.99
C ASP C 1143 -55.62 9.05 -83.41
N SER C 1144 -54.56 9.31 -84.16
CA SER C 1144 -54.67 9.79 -85.54
C SER C 1144 -55.15 8.67 -86.46
N VAL D 3 60.24 -13.93 54.10
CA VAL D 3 61.22 -14.68 54.89
C VAL D 3 62.59 -14.02 54.79
N LEU D 4 63.13 -13.61 55.93
CA LEU D 4 64.43 -12.96 56.00
C LEU D 4 65.43 -13.88 56.69
N THR D 5 66.69 -13.44 56.68
CA THR D 5 67.79 -14.19 57.27
C THR D 5 68.39 -13.38 58.42
N GLN D 6 68.35 -13.94 59.62
CA GLN D 6 68.89 -13.31 60.81
C GLN D 6 69.66 -14.35 61.62
N PRO D 7 70.73 -13.94 62.30
CA PRO D 7 71.48 -14.89 63.11
C PRO D 7 70.68 -15.36 64.31
N PRO D 8 70.69 -16.66 64.61
CA PRO D 8 69.95 -17.15 65.79
C PRO D 8 70.30 -16.42 67.08
N SER D 9 71.58 -16.32 67.40
CA SER D 9 72.02 -15.66 68.62
C SER D 9 73.33 -14.94 68.37
N ALA D 10 73.67 -14.04 69.29
CA ALA D 10 74.93 -13.28 69.20
C ALA D 10 75.33 -12.89 70.62
N SER D 11 76.32 -13.60 71.16
CA SER D 11 76.80 -13.36 72.51
C SER D 11 78.31 -13.22 72.62
N GLY D 12 79.09 -13.73 71.68
CA GLY D 12 80.53 -13.60 71.76
C GLY D 12 80.97 -12.17 71.53
N SER D 13 82.04 -11.77 72.23
CA SER D 13 82.59 -10.43 72.18
C SER D 13 81.51 -9.38 72.44
N PRO D 14 81.03 -9.26 73.69
CA PRO D 14 79.91 -8.35 73.97
C PRO D 14 80.33 -6.89 73.79
N GLY D 15 79.61 -6.18 72.92
CA GLY D 15 79.82 -4.76 72.75
C GLY D 15 81.12 -4.37 72.06
N GLN D 16 81.79 -5.31 71.41
CA GLN D 16 83.04 -5.01 70.70
C GLN D 16 82.98 -5.35 69.22
N SER D 17 82.41 -6.50 68.86
CA SER D 17 82.31 -6.90 67.46
C SER D 17 80.97 -7.56 67.16
N VAL D 18 79.91 -7.15 67.86
CA VAL D 18 78.60 -7.77 67.66
C VAL D 18 78.07 -7.44 66.27
N THR D 19 77.85 -6.14 66.00
CA THR D 19 77.43 -5.59 64.71
C THR D 19 76.43 -6.50 63.99
N ILE D 20 75.32 -6.78 64.67
CA ILE D 20 74.28 -7.61 64.08
C ILE D 20 73.66 -6.92 62.88
N SER D 21 73.08 -7.73 61.99
CA SER D 21 72.42 -7.24 60.80
C SER D 21 71.35 -8.25 60.40
N CYS D 22 70.79 -8.08 59.19
CA CYS D 22 69.78 -8.99 58.67
C CYS D 22 70.01 -9.16 57.16
N THR D 23 70.57 -10.30 56.79
CA THR D 23 70.84 -10.61 55.39
C THR D 23 69.60 -11.27 54.77
N GLY D 24 69.75 -11.80 53.57
CA GLY D 24 68.66 -12.45 52.88
C GLY D 24 67.79 -11.55 52.04
N THR D 25 68.30 -10.38 51.64
CA THR D 25 67.54 -9.45 50.83
C THR D 25 67.79 -9.67 49.34
N SER D 26 69.05 -9.79 48.94
CA SER D 26 69.45 -10.05 47.56
C SER D 26 68.94 -8.99 46.59
N SER D 27 68.69 -7.78 47.07
CA SER D 27 68.21 -6.69 46.23
C SER D 27 68.73 -5.38 46.83
N ASP D 28 68.14 -4.27 46.39
CA ASP D 28 68.52 -2.93 46.85
C ASP D 28 67.44 -2.32 47.75
N PHE D 29 66.82 -3.16 48.58
CA PHE D 29 65.78 -2.74 49.52
C PHE D 29 64.59 -2.09 48.82
N GLY D 30 64.33 -2.50 47.58
CA GLY D 30 63.21 -1.98 46.83
C GLY D 30 63.34 -0.52 46.45
N GLY D 31 62.46 0.32 46.99
CA GLY D 31 62.49 1.73 46.70
C GLY D 31 63.09 2.56 47.81
N TYR D 32 62.25 3.20 48.62
CA TYR D 32 62.71 4.00 49.75
C TYR D 32 63.46 3.14 50.76
N ASN D 33 64.75 3.41 50.91
CA ASN D 33 65.60 2.63 51.83
C ASN D 33 65.37 3.10 53.26
N SER D 34 64.38 2.48 53.89
CA SER D 34 64.02 2.76 55.28
C SER D 34 63.94 1.44 56.03
N VAL D 35 65.00 1.09 56.74
CA VAL D 35 65.08 -0.14 57.51
C VAL D 35 65.05 0.24 58.99
N SER D 36 63.99 -0.17 59.68
CA SER D 36 63.81 0.14 61.09
C SER D 36 64.35 -1.01 61.96
N TRP D 37 64.63 -0.68 63.21
CA TRP D 37 65.13 -1.64 64.19
C TRP D 37 64.29 -1.54 65.45
N TYR D 38 63.64 -2.64 65.81
CA TYR D 38 62.77 -2.71 66.98
C TYR D 38 63.45 -3.54 68.06
N GLN D 39 63.39 -3.05 69.31
CA GLN D 39 63.98 -3.72 70.45
C GLN D 39 62.84 -4.30 71.30
N GLN D 40 62.48 -5.54 71.01
CA GLN D 40 61.43 -6.23 71.74
C GLN D 40 61.97 -6.69 73.08
N HIS D 41 61.39 -6.20 74.17
CA HIS D 41 61.77 -6.55 75.53
C HIS D 41 60.65 -7.32 76.22
N PRO D 42 60.98 -8.35 76.99
CA PRO D 42 59.94 -9.10 77.70
C PRO D 42 59.23 -8.22 78.72
N GLY D 43 57.91 -8.30 78.73
CA GLY D 43 57.12 -7.45 79.59
C GLY D 43 56.46 -6.30 78.86
N LYS D 44 57.04 -5.11 78.99
CA LYS D 44 56.49 -3.93 78.34
C LYS D 44 56.63 -4.03 76.82
N ALA D 45 55.95 -3.11 76.13
CA ALA D 45 55.97 -3.10 74.67
C ALA D 45 57.34 -2.70 74.15
N PRO D 46 57.69 -3.13 72.94
CA PRO D 46 58.98 -2.73 72.36
C PRO D 46 59.05 -1.23 72.13
N LYS D 47 60.28 -0.75 71.94
CA LYS D 47 60.55 0.67 71.73
C LYS D 47 61.40 0.85 70.49
N LEU D 48 61.10 1.88 69.72
CA LEU D 48 61.85 2.18 68.51
C LEU D 48 63.27 2.62 68.86
N MET D 49 64.23 2.19 68.05
CA MET D 49 65.64 2.54 68.22
C MET D 49 66.17 3.39 67.08
N ILE D 50 65.90 3.00 65.83
CA ILE D 50 66.34 3.77 64.67
C ILE D 50 65.48 3.35 63.48
N TYR D 51 65.16 4.32 62.63
CA TYR D 51 64.28 4.10 61.49
C TYR D 51 64.99 4.20 60.15
N GLU D 52 65.90 5.16 59.99
CA GLU D 52 66.67 5.31 58.77
C GLU D 52 68.08 4.78 58.98
N VAL D 53 68.94 4.97 57.98
CA VAL D 53 70.34 4.58 58.12
C VAL D 53 71.10 5.55 59.02
N SER D 54 70.58 6.75 59.20
CA SER D 54 71.19 7.76 60.06
C SER D 54 70.07 8.56 60.72
N LYS D 55 70.46 9.67 61.35
CA LYS D 55 69.51 10.57 62.02
C LYS D 55 68.69 9.82 63.07
N ARG D 56 69.41 9.32 64.09
CA ARG D 56 68.77 8.59 65.16
C ARG D 56 67.80 9.50 65.93
N PRO D 57 66.68 8.95 66.41
CA PRO D 57 65.71 9.77 67.14
C PRO D 57 66.17 10.10 68.54
N SER D 58 65.32 10.78 69.31
CA SER D 58 65.65 11.16 70.68
C SER D 58 65.69 9.91 71.55
N GLY D 59 66.91 9.51 71.94
CA GLY D 59 67.07 8.33 72.78
C GLY D 59 68.51 8.10 73.18
N VAL D 60 68.93 6.85 73.23
CA VAL D 60 70.32 6.52 73.59
C VAL D 60 71.23 6.92 72.43
N PRO D 61 72.31 7.67 72.68
CA PRO D 61 73.20 8.11 71.60
C PRO D 61 74.38 7.19 71.32
N ASP D 62 74.43 6.01 71.93
CA ASP D 62 75.54 5.08 71.72
C ASP D 62 75.21 3.98 70.72
N ARG D 63 74.16 4.16 69.92
CA ARG D 63 73.77 3.20 68.89
C ARG D 63 73.41 3.98 67.63
N PHE D 64 74.35 4.07 66.70
CA PHE D 64 74.12 4.80 65.45
C PHE D 64 74.97 4.14 64.37
N SER D 65 75.14 4.84 63.25
CA SER D 65 75.95 4.38 62.12
C SER D 65 75.40 3.06 61.56
N GLY D 66 74.13 3.10 61.15
CA GLY D 66 73.50 1.95 60.55
C GLY D 66 73.60 1.95 59.04
N SER D 67 74.84 1.95 58.53
CA SER D 67 75.06 2.01 57.09
C SER D 67 74.67 0.69 56.43
N LYS D 68 74.22 0.79 55.18
CA LYS D 68 73.83 -0.38 54.40
C LYS D 68 75.03 -0.86 53.60
N SER D 69 75.66 -1.92 54.10
CA SER D 69 76.81 -2.52 53.43
C SER D 69 76.35 -3.73 52.63
N GLY D 70 76.83 -3.85 51.39
CA GLY D 70 76.43 -4.94 50.53
C GLY D 70 74.94 -4.93 50.27
N ASN D 71 74.22 -5.88 50.88
CA ASN D 71 72.77 -5.94 50.79
C ASN D 71 72.11 -5.99 52.16
N THR D 72 72.78 -5.50 53.20
CA THR D 72 72.21 -5.54 54.55
C THR D 72 72.67 -4.32 55.33
N ALA D 73 71.78 -3.82 56.19
CA ALA D 73 72.06 -2.66 57.03
C ALA D 73 72.77 -3.13 58.29
N SER D 74 74.05 -2.82 58.41
CA SER D 74 74.85 -3.25 59.56
C SER D 74 74.75 -2.18 60.64
N LEU D 75 73.83 -2.39 61.59
CA LEU D 75 73.64 -1.45 62.68
C LEU D 75 74.78 -1.58 63.67
N THR D 76 75.61 -0.55 63.76
CA THR D 76 76.75 -0.56 64.68
C THR D 76 76.24 -0.47 66.11
N VAL D 77 76.43 -1.54 66.88
CA VAL D 77 76.00 -1.61 68.26
C VAL D 77 77.16 -1.70 69.24
N SER D 78 78.39 -1.76 68.74
CA SER D 78 79.55 -1.85 69.61
C SER D 78 79.70 -0.61 70.47
N GLY D 79 80.17 -0.79 71.70
CA GLY D 79 80.35 0.31 72.61
C GLY D 79 79.07 0.86 73.20
N LEU D 80 77.98 0.09 73.16
CA LEU D 80 76.70 0.56 73.69
C LEU D 80 76.64 0.36 75.20
N GLN D 81 76.65 -0.89 75.65
CA GLN D 81 76.59 -1.24 77.06
C GLN D 81 76.93 -2.72 77.19
N ALA D 82 76.89 -3.22 78.43
CA ALA D 82 77.24 -4.61 78.71
C ALA D 82 76.18 -5.29 79.57
N GLU D 83 74.95 -4.81 79.51
CA GLU D 83 73.85 -5.41 80.27
C GLU D 83 72.56 -5.15 79.50
N ASP D 84 72.07 -6.16 78.79
CA ASP D 84 70.85 -6.02 78.01
C ASP D 84 70.25 -7.40 77.79
N GLU D 85 68.92 -7.47 77.86
CA GLU D 85 68.17 -8.72 77.62
C GLU D 85 66.95 -8.35 76.78
N ALA D 86 67.10 -8.41 75.46
CA ALA D 86 66.02 -8.08 74.54
C ALA D 86 66.31 -8.77 73.21
N ASP D 87 65.50 -8.45 72.20
CA ASP D 87 65.64 -9.03 70.86
C ASP D 87 65.55 -7.92 69.83
N TYR D 88 66.51 -7.90 68.91
CA TYR D 88 66.56 -6.89 67.85
C TYR D 88 65.94 -7.46 66.58
N TYR D 89 64.93 -6.75 66.05
CA TYR D 89 64.25 -7.14 64.83
C TYR D 89 64.43 -6.06 63.78
N CYS D 90 64.71 -6.47 62.55
CA CYS D 90 64.90 -5.55 61.44
C CYS D 90 63.76 -5.73 60.44
N SER D 91 63.48 -4.66 59.70
CA SER D 91 62.38 -4.64 58.72
C SER D 91 62.93 -4.30 57.35
N SER D 92 62.44 -5.00 56.34
CA SER D 92 62.86 -4.78 54.95
C SER D 92 61.76 -5.31 54.04
N TYR D 93 62.09 -5.46 52.75
CA TYR D 93 61.16 -5.98 51.74
C TYR D 93 59.91 -5.11 51.67
N ALA D 94 60.12 -3.87 51.24
CA ALA D 94 59.08 -2.85 51.18
C ALA D 94 58.24 -2.92 49.91
N GLY D 95 58.18 -4.08 49.25
CA GLY D 95 57.38 -4.20 48.05
C GLY D 95 55.90 -3.97 48.32
N SER D 96 55.16 -3.73 47.24
CA SER D 96 53.74 -3.41 47.34
C SER D 96 52.95 -4.64 47.79
N ASN D 97 52.21 -4.49 48.90
CA ASN D 97 51.36 -5.54 49.44
C ASN D 97 52.17 -6.80 49.74
N ASN D 98 53.14 -6.66 50.64
CA ASN D 98 54.00 -7.75 51.07
C ASN D 98 54.14 -7.68 52.59
N PHE D 99 53.49 -8.61 53.28
CA PHE D 99 53.51 -8.66 54.73
C PHE D 99 54.72 -9.46 55.21
N ASP D 100 54.76 -9.76 56.52
CA ASP D 100 55.85 -10.52 57.13
C ASP D 100 57.20 -9.86 56.88
N VAL D 101 57.26 -8.55 57.12
CA VAL D 101 58.51 -7.80 56.93
C VAL D 101 59.50 -7.96 58.06
N PHE D 102 59.07 -8.51 59.20
CA PHE D 102 59.95 -8.69 60.34
C PHE D 102 60.91 -9.86 60.11
N GLY D 103 61.85 -10.02 61.03
CA GLY D 103 62.82 -11.08 60.99
C GLY D 103 62.66 -12.07 62.12
N THR D 104 63.50 -13.10 62.10
CA THR D 104 63.48 -14.13 63.12
C THR D 104 64.08 -13.62 64.42
N GLY D 105 63.88 -14.40 65.49
CA GLY D 105 64.38 -14.03 66.80
C GLY D 105 65.89 -14.07 66.90
N THR D 106 66.51 -12.91 67.08
CA THR D 106 67.95 -12.77 67.22
C THR D 106 68.28 -12.47 68.67
N LYS D 107 68.95 -13.39 69.35
CA LYS D 107 69.31 -13.23 70.76
C LYS D 107 70.59 -12.41 70.83
N VAL D 108 70.45 -11.11 71.10
CA VAL D 108 71.58 -10.20 71.16
C VAL D 108 71.96 -9.88 72.61
N THR D 109 71.62 -10.76 73.55
CA THR D 109 71.97 -10.54 74.95
C THR D 109 73.48 -10.54 75.14
N VAL D 110 74.04 -9.38 75.48
CA VAL D 110 75.49 -9.29 75.65
C VAL D 110 75.91 -9.89 76.98
N LEU D 111 75.02 -9.92 77.97
CA LEU D 111 75.30 -10.48 79.29
C LEU D 111 74.42 -11.66 79.62
N GLY D 112 73.12 -11.55 79.38
CA GLY D 112 72.20 -12.64 79.68
C GLY D 112 71.61 -12.56 81.07
N GLY D 113 72.47 -12.66 82.08
CA GLY D 113 72.02 -12.59 83.46
C GLY D 113 71.54 -11.22 83.87
N GLY D 114 72.43 -10.23 83.81
CA GLY D 114 72.09 -8.88 84.18
C GLY D 114 72.41 -7.87 83.10
N GLY D 124 56.82 6.14 76.83
CA GLY D 124 55.73 5.39 76.23
C GLY D 124 54.54 5.23 77.15
N GLY D 125 54.77 5.42 78.45
CA GLY D 125 53.71 5.28 79.43
C GLY D 125 52.67 6.37 79.39
N SER D 126 53.09 7.61 79.64
CA SER D 126 52.19 8.75 79.67
C SER D 126 52.32 9.64 78.44
N GLU D 127 52.88 9.12 77.34
CA GLU D 127 53.04 9.90 76.12
C GLU D 127 51.68 10.32 75.55
N VAL D 128 50.87 9.35 75.13
CA VAL D 128 49.54 9.65 74.62
C VAL D 128 48.49 8.89 75.41
N GLN D 129 48.54 7.56 75.35
CA GLN D 129 47.60 6.66 76.03
C GLN D 129 48.03 5.23 75.77
N LEU D 130 47.52 4.31 76.60
CA LEU D 130 47.75 2.88 76.41
C LEU D 130 46.62 2.12 77.08
N VAL D 131 45.72 1.55 76.28
CA VAL D 131 44.60 0.76 76.78
C VAL D 131 44.39 -0.44 75.87
N GLU D 132 43.82 -1.50 76.43
CA GLU D 132 43.51 -2.71 75.69
C GLU D 132 42.16 -3.23 76.15
N SER D 133 41.82 -4.45 75.75
CA SER D 133 40.56 -5.07 76.12
C SER D 133 40.70 -6.09 77.24
N GLY D 134 41.85 -6.72 77.38
CA GLY D 134 42.05 -7.72 78.40
C GLY D 134 41.28 -9.00 78.13
N GLY D 135 41.64 -9.69 77.06
CA GLY D 135 40.96 -10.91 76.67
C GLY D 135 41.40 -12.14 77.43
N GLY D 136 41.02 -12.23 78.71
CA GLY D 136 41.37 -13.38 79.52
C GLY D 136 40.41 -14.53 79.27
N LEU D 137 40.98 -15.71 79.01
CA LEU D 137 40.21 -16.94 78.75
C LEU D 137 39.25 -16.75 77.58
N ILE D 138 39.83 -16.51 76.40
CA ILE D 138 39.04 -16.29 75.21
C ILE D 138 38.42 -17.61 74.74
N GLN D 139 37.11 -17.62 74.60
CA GLN D 139 36.42 -18.79 74.07
C GLN D 139 36.77 -18.98 72.60
N PRO D 140 37.07 -20.20 72.17
CA PRO D 140 37.40 -20.42 70.75
C PRO D 140 36.23 -20.09 69.85
N GLY D 141 36.41 -19.06 69.02
CA GLY D 141 35.35 -18.59 68.15
C GLY D 141 34.76 -17.28 68.62
N GLY D 142 33.48 -17.06 68.33
CA GLY D 142 32.83 -15.84 68.77
C GLY D 142 33.38 -14.61 68.05
N SER D 143 33.32 -13.48 68.76
CA SER D 143 33.81 -12.21 68.20
C SER D 143 34.21 -11.33 69.38
N LEU D 144 35.52 -11.18 69.58
CA LEU D 144 36.06 -10.33 70.63
C LEU D 144 36.68 -9.09 70.01
N ARG D 145 36.42 -7.93 70.62
CA ARG D 145 36.86 -6.64 70.10
C ARG D 145 37.94 -6.08 71.01
N LEU D 146 39.04 -5.62 70.42
CA LEU D 146 40.15 -5.01 71.14
C LEU D 146 40.36 -3.60 70.64
N SER D 147 40.48 -2.65 71.56
CA SER D 147 40.61 -1.24 71.23
C SER D 147 41.88 -0.67 71.84
N CYS D 148 42.36 0.42 71.24
CA CYS D 148 43.55 1.16 71.69
C CYS D 148 43.26 2.65 71.70
N ALA D 149 42.15 3.02 72.34
CA ALA D 149 41.70 4.41 72.42
C ALA D 149 42.83 5.32 72.92
N ALA D 150 43.11 6.36 72.14
CA ALA D 150 44.17 7.32 72.44
C ALA D 150 43.54 8.70 72.63
N SER D 151 43.67 9.25 73.82
CA SER D 151 43.15 10.59 74.13
C SER D 151 44.02 11.70 73.58
N GLY D 152 45.17 11.37 72.99
CA GLY D 152 46.06 12.37 72.42
C GLY D 152 45.96 12.46 70.92
N PHE D 153 46.90 11.81 70.23
CA PHE D 153 46.89 11.78 68.77
C PHE D 153 45.57 11.21 68.25
N THR D 154 45.16 11.72 67.10
CA THR D 154 43.88 11.30 66.51
C THR D 154 43.93 9.82 66.13
N VAL D 155 42.89 9.08 66.52
CA VAL D 155 42.83 7.64 66.28
C VAL D 155 42.04 7.38 65.00
N SER D 156 41.83 8.43 64.21
CA SER D 156 41.04 8.32 62.99
C SER D 156 41.71 8.94 61.77
N SER D 157 42.86 9.59 61.92
CA SER D 157 43.53 10.24 60.81
C SER D 157 44.90 9.64 60.51
N ASN D 158 45.64 9.21 61.53
CA ASN D 158 46.96 8.65 61.33
C ASN D 158 46.86 7.21 60.83
N TYR D 159 47.99 6.69 60.35
CA TYR D 159 48.07 5.34 59.81
C TYR D 159 48.54 4.40 60.92
N MET D 160 47.62 3.60 61.44
CA MET D 160 47.91 2.65 62.50
C MET D 160 47.98 1.23 61.95
N SER D 161 48.45 0.31 62.79
CA SER D 161 48.61 -1.07 62.37
C SER D 161 48.42 -1.99 63.57
N TRP D 162 48.22 -3.27 63.29
CA TRP D 162 48.06 -4.30 64.30
C TRP D 162 49.02 -5.44 64.00
N VAL D 163 49.88 -5.76 64.97
CA VAL D 163 50.90 -6.79 64.80
C VAL D 163 50.81 -7.76 65.98
N ARG D 164 50.78 -9.05 65.69
CA ARG D 164 50.72 -10.07 66.72
C ARG D 164 52.02 -10.84 66.80
N GLN D 165 52.33 -11.34 67.99
CA GLN D 165 53.54 -12.13 68.21
C GLN D 165 53.24 -13.23 69.22
N ALA D 166 53.83 -14.39 68.99
CA ALA D 166 53.64 -15.56 69.85
C ALA D 166 54.95 -15.94 70.53
N PRO D 167 54.88 -16.60 71.69
CA PRO D 167 56.10 -17.10 72.34
C PRO D 167 56.98 -17.92 71.42
N GLY D 168 58.22 -17.48 71.25
CA GLY D 168 59.17 -18.16 70.37
C GLY D 168 59.22 -17.65 68.95
N LYS D 169 58.06 -17.48 68.32
CA LYS D 169 58.02 -16.99 66.95
C LYS D 169 58.14 -15.47 66.92
N GLY D 170 58.60 -14.97 65.78
CA GLY D 170 58.79 -13.55 65.60
C GLY D 170 57.53 -12.82 65.21
N LEU D 171 57.65 -11.51 65.06
CA LEU D 171 56.52 -10.68 64.70
C LEU D 171 56.23 -10.78 63.20
N GLU D 172 55.04 -10.35 62.82
CA GLU D 172 54.62 -10.34 61.42
C GLU D 172 53.42 -9.41 61.27
N TRP D 173 53.29 -8.84 60.08
CA TRP D 173 52.21 -7.89 59.81
C TRP D 173 50.87 -8.62 59.79
N VAL D 174 49.93 -8.14 60.60
CA VAL D 174 48.64 -8.82 60.74
C VAL D 174 47.50 -7.94 60.23
N SER D 175 47.64 -6.63 60.37
CA SER D 175 46.58 -5.73 59.93
C SER D 175 47.16 -4.36 59.62
N VAL D 176 46.85 -3.84 58.43
CA VAL D 176 47.24 -2.51 58.02
C VAL D 176 45.98 -1.77 57.56
N ILE D 177 45.80 -0.54 58.03
CA ILE D 177 44.63 0.26 57.71
C ILE D 177 45.09 1.68 57.37
N TYR D 178 44.66 2.18 56.21
CA TYR D 178 45.01 3.53 55.79
C TYR D 178 44.07 4.56 56.43
N SER D 179 44.03 5.76 55.86
CA SER D 179 43.26 6.86 56.44
C SER D 179 41.77 6.53 56.50
N GLY D 180 41.12 6.38 55.34
CA GLY D 180 39.70 6.09 55.33
C GLY D 180 39.21 5.29 54.14
N GLY D 181 40.13 4.79 53.31
CA GLY D 181 39.73 4.12 52.08
C GLY D 181 40.48 2.84 51.77
N SER D 182 40.94 2.13 52.80
CA SER D 182 41.65 0.88 52.60
C SER D 182 41.44 -0.01 53.81
N THR D 183 41.12 -1.28 53.56
CA THR D 183 40.90 -2.28 54.60
C THR D 183 41.65 -3.57 54.25
N TYR D 184 42.92 -3.41 53.86
CA TYR D 184 43.73 -4.57 53.48
C TYR D 184 43.99 -5.46 54.68
N TYR D 185 43.97 -6.76 54.44
CA TYR D 185 44.21 -7.77 55.47
C TYR D 185 45.48 -8.54 55.14
N ALA D 186 46.03 -9.20 56.16
CA ALA D 186 47.25 -9.97 56.00
C ALA D 186 46.97 -11.26 55.22
N ASP D 187 48.06 -11.94 54.85
CA ASP D 187 47.94 -13.19 54.11
C ASP D 187 47.67 -14.38 55.01
N SER D 188 47.90 -14.26 56.32
CA SER D 188 47.65 -15.37 57.22
C SER D 188 46.15 -15.62 57.40
N VAL D 189 45.37 -14.54 57.53
CA VAL D 189 43.93 -14.71 57.68
C VAL D 189 43.26 -14.99 56.34
N LYS D 190 43.75 -14.38 55.26
CA LYS D 190 43.28 -14.60 53.90
C LYS D 190 41.81 -14.27 53.72
N GLY D 191 41.21 -13.53 54.65
CA GLY D 191 39.82 -13.13 54.51
C GLY D 191 38.98 -13.33 55.75
N ARG D 192 39.40 -14.22 56.64
CA ARG D 192 38.63 -14.50 57.84
C ARG D 192 38.67 -13.36 58.86
N PHE D 193 39.48 -12.32 58.61
CA PHE D 193 39.59 -11.17 59.49
C PHE D 193 38.93 -9.97 58.83
N THR D 194 38.04 -9.31 59.55
CA THR D 194 37.30 -8.15 59.04
C THR D 194 37.54 -6.97 59.98
N ILE D 195 38.21 -5.94 59.48
CA ILE D 195 38.48 -4.74 60.27
C ILE D 195 37.28 -3.80 60.17
N SER D 196 36.84 -3.29 61.32
CA SER D 196 35.71 -2.38 61.38
C SER D 196 36.07 -1.22 62.29
N ARG D 197 36.01 0.00 61.75
CA ARG D 197 36.38 1.19 62.52
C ARG D 197 35.22 1.63 63.39
N ASP D 198 35.54 2.03 64.62
CA ASP D 198 34.56 2.55 65.56
C ASP D 198 34.27 4.02 65.22
N ASN D 199 33.61 4.72 66.15
CA ASN D 199 33.31 6.12 65.95
C ASN D 199 34.59 6.92 65.69
N SER D 200 34.49 7.89 64.78
CA SER D 200 35.66 8.64 64.34
C SER D 200 36.22 9.57 65.41
N GLU D 201 35.55 9.72 66.55
CA GLU D 201 36.01 10.63 67.59
C GLU D 201 36.13 9.97 68.95
N ASN D 202 35.94 8.64 69.04
CA ASN D 202 36.04 7.94 70.31
C ASN D 202 37.22 6.98 70.35
N THR D 203 37.30 6.04 69.42
CA THR D 203 38.36 5.03 69.40
C THR D 203 38.31 4.30 68.06
N LEU D 204 39.14 3.28 67.92
CA LEU D 204 39.16 2.42 66.75
C LEU D 204 39.50 1.01 67.21
N TYR D 205 38.54 0.10 67.09
CA TYR D 205 38.68 -1.26 67.58
C TYR D 205 38.77 -2.24 66.43
N LEU D 206 39.05 -3.49 66.77
CA LEU D 206 39.23 -4.58 65.82
C LEU D 206 38.14 -5.64 66.05
N GLN D 207 38.20 -6.72 65.28
CA GLN D 207 37.22 -7.79 65.37
C GLN D 207 37.91 -9.12 65.09
N MET D 208 37.53 -10.14 65.86
CA MET D 208 38.18 -11.45 65.73
C MET D 208 37.61 -12.24 64.56
N ASN D 209 36.28 -12.35 64.49
CA ASN D 209 35.58 -13.03 63.40
C ASN D 209 36.01 -14.50 63.28
N SER D 210 35.71 -15.27 64.34
CA SER D 210 35.81 -16.73 64.32
C SER D 210 37.23 -17.18 63.98
N LEU D 211 38.14 -16.91 64.92
CA LEU D 211 39.54 -17.30 64.78
C LEU D 211 39.69 -18.80 64.51
N ARG D 212 40.84 -19.20 63.99
CA ARG D 212 41.10 -20.60 63.62
C ARG D 212 42.20 -21.20 64.50
N ALA D 213 42.15 -20.90 65.80
CA ALA D 213 43.05 -21.39 66.83
C ALA D 213 44.48 -20.92 66.66
N GLU D 214 44.77 -20.09 65.65
CA GLU D 214 46.10 -19.53 65.45
C GLU D 214 46.23 -18.10 65.97
N ASP D 215 45.13 -17.51 66.45
CA ASP D 215 45.14 -16.15 66.97
C ASP D 215 45.47 -16.09 68.45
N THR D 216 46.08 -17.14 69.01
CA THR D 216 46.45 -17.14 70.42
C THR D 216 47.58 -16.17 70.73
N ALA D 217 48.29 -15.69 69.71
CA ALA D 217 49.38 -14.75 69.92
C ALA D 217 48.88 -13.44 70.50
N VAL D 218 49.77 -12.72 71.17
CA VAL D 218 49.42 -11.45 71.80
C VAL D 218 49.47 -10.35 70.75
N TYR D 219 48.55 -9.40 70.86
CA TYR D 219 48.38 -8.33 69.89
C TYR D 219 49.08 -7.05 70.34
N TYR D 220 49.36 -6.18 69.36
CA TYR D 220 49.92 -4.88 69.62
C TYR D 220 49.38 -3.90 68.58
N CYS D 221 48.70 -2.86 69.06
CA CYS D 221 48.13 -1.82 68.20
C CYS D 221 49.11 -0.65 68.17
N ALA D 222 49.82 -0.49 67.05
CA ALA D 222 50.81 0.56 66.89
C ALA D 222 50.19 1.75 66.17
N ARG D 223 50.52 2.95 66.64
CA ARG D 223 50.00 4.17 66.05
C ARG D 223 50.64 4.50 64.72
N GLY D 224 51.73 3.82 64.35
CA GLY D 224 52.40 4.09 63.10
C GLY D 224 52.71 2.80 62.35
N GLU D 225 52.93 2.95 61.05
CA GLU D 225 53.26 1.81 60.20
C GLU D 225 54.63 1.25 60.57
N ILE D 226 54.90 0.03 60.12
CA ILE D 226 56.15 -0.65 60.44
C ILE D 226 57.13 -0.53 59.26
N GLN D 227 56.73 -1.06 58.10
CA GLN D 227 57.61 -1.00 56.94
C GLN D 227 57.61 0.41 56.32
N PRO D 228 56.44 1.01 56.02
CA PRO D 228 56.44 2.41 55.57
C PRO D 228 56.36 3.39 56.74
N TYR D 229 57.31 3.26 57.67
CA TYR D 229 57.27 4.04 58.90
C TYR D 229 57.62 5.51 58.63
N TYR D 230 56.83 6.41 59.19
CA TYR D 230 57.08 7.84 59.14
C TYR D 230 57.48 8.32 60.53
N TYR D 231 58.06 9.52 60.57
CA TYR D 231 58.57 10.05 61.84
C TYR D 231 57.46 10.15 62.89
N TYR D 232 56.34 10.78 62.52
CA TYR D 232 55.16 10.86 63.39
C TYR D 232 55.47 11.50 64.74
N GLY D 233 56.52 12.33 64.80
CA GLY D 233 56.90 12.96 66.04
C GLY D 233 57.59 12.03 67.02
N MET D 234 56.89 10.96 67.40
CA MET D 234 57.46 9.99 68.33
C MET D 234 56.75 8.65 68.12
N ASP D 235 57.47 7.57 68.42
CA ASP D 235 56.96 6.21 68.29
C ASP D 235 56.50 5.73 69.66
N VAL D 236 55.19 5.58 69.83
CA VAL D 236 54.59 5.15 71.09
C VAL D 236 53.87 3.82 70.85
N TRP D 237 54.13 2.85 71.70
CA TRP D 237 53.50 1.53 71.64
C TRP D 237 52.63 1.31 72.87
N GLY D 238 52.05 0.13 72.95
CA GLY D 238 51.21 -0.23 74.08
C GLY D 238 51.37 -1.69 74.43
N GLN D 239 51.18 -1.99 75.71
CA GLN D 239 51.32 -3.35 76.19
C GLN D 239 50.22 -4.23 75.62
N GLY D 240 50.55 -5.52 75.43
CA GLY D 240 49.62 -6.49 74.89
C GLY D 240 48.96 -7.34 75.97
N THR D 241 48.02 -8.16 75.52
CA THR D 241 47.28 -9.06 76.39
C THR D 241 47.32 -10.47 75.83
N THR D 242 47.26 -11.47 76.71
CA THR D 242 47.30 -12.86 76.32
C THR D 242 45.91 -13.34 75.95
N VAL D 243 45.79 -13.96 74.78
CA VAL D 243 44.49 -14.47 74.33
C VAL D 243 44.08 -15.68 75.14
N THR D 244 44.96 -16.69 75.21
CA THR D 244 44.73 -17.92 75.97
C THR D 244 43.45 -18.62 75.50
N VAL D 245 43.48 -19.04 74.23
CA VAL D 245 42.34 -19.73 73.66
C VAL D 245 42.21 -21.12 74.29
N SER D 246 40.99 -21.65 74.27
CA SER D 246 40.68 -22.96 74.84
C SER D 246 40.03 -23.86 73.80
N SER D 247 40.61 -23.88 72.61
CA SER D 247 40.10 -24.72 71.52
C SER D 247 40.42 -26.20 71.77
C1 NAG E . 28.20 28.52 -17.96
C2 NAG E . 28.01 29.98 -18.34
C3 NAG E . 28.72 30.24 -19.66
C4 NAG E . 30.17 29.89 -19.51
C5 NAG E . 30.28 28.44 -19.08
C6 NAG E . 31.75 28.06 -18.90
C7 NAG E . 25.93 30.85 -17.53
C8 NAG E . 24.70 31.59 -17.97
N2 NAG E . 26.63 30.31 -18.51
O3 NAG E . 28.58 31.62 -20.00
O4 NAG E . 30.85 30.09 -20.75
O5 NAG E . 29.59 28.24 -17.86
O6 NAG E . 32.26 28.72 -17.74
O7 NAG E . 26.25 30.75 -16.37
C1 NAG F . -22.59 23.78 39.51
C2 NAG F . -22.70 25.18 38.94
C3 NAG F . -24.17 25.53 38.86
C4 NAG F . -24.88 24.48 38.03
C5 NAG F . -24.66 23.10 38.65
C6 NAG F . -25.32 22.01 37.81
C7 NAG F . -20.68 26.29 39.68
C8 NAG F . -19.92 26.28 40.98
N2 NAG F . -21.99 26.12 39.79
O3 NAG F . -24.33 26.81 38.25
O4 NAG F . -26.28 24.77 37.99
O5 NAG F . -23.28 22.82 38.73
O6 NAG F . -25.09 20.75 38.43
O7 NAG F . -20.13 26.44 38.62
C1 NAG G . -25.20 35.55 2.67
C2 NAG G . -26.36 34.78 2.08
C3 NAG G . -27.55 35.71 1.91
C4 NAG G . -27.89 36.34 3.25
C5 NAG G . -26.66 37.05 3.80
C6 NAG G . -26.94 37.64 5.17
C7 NAG G . -25.44 33.01 0.75
C8 NAG G . -25.10 32.52 -0.61
N2 NAG G . -25.99 34.22 0.80
O3 NAG G . -28.68 34.97 1.41
O4 NAG G . -28.96 37.26 3.08
O5 NAG G . -25.58 36.13 3.90
O6 NAG G . -28.09 38.51 5.11
O7 NAG G . -25.24 32.36 1.76
C1 NAG H . -50.59 30.27 -41.74
C2 NAG H . -50.43 31.73 -41.34
C3 NAG H . -51.05 31.93 -39.98
C4 NAG H . -52.51 31.52 -40.05
C5 NAG H . -52.59 30.07 -40.50
C6 NAG H . -54.04 29.61 -40.60
C7 NAG H . -48.44 32.60 -42.39
C8 NAG H . -47.02 33.02 -42.21
N2 NAG H . -49.04 32.11 -41.31
O3 NAG H . -50.94 33.30 -39.61
O4 NAG H . -53.12 31.68 -38.77
O5 NAG H . -51.98 29.94 -41.76
O6 NAG H . -54.69 29.76 -39.33
O7 NAG H . -49.01 32.68 -43.46
C1 NAG I . -19.85 31.81 -55.59
C2 NAG I . -19.97 32.92 -56.62
C3 NAG I . -18.61 33.31 -57.13
C4 NAG I . -17.75 33.74 -55.96
C5 NAG I . -17.69 32.60 -54.95
C6 NAG I . -16.88 33.00 -53.74
C7 NAG I . -22.08 32.62 -57.66
C8 NAG I . -22.84 32.19 -58.88
N2 NAG I . -20.77 32.47 -57.72
O3 NAG I . -18.76 34.40 -58.03
O4 NAG I . -16.44 34.07 -56.40
O5 NAG I . -19.00 32.26 -54.55
O6 NAG I . -16.82 31.88 -52.84
O7 NAG I . -22.62 33.09 -56.68
C1 NAG J . 0.25 23.32 -55.66
C2 NAG J . 0.97 23.95 -56.84
C3 NAG J . 2.39 24.26 -56.46
C4 NAG J . 2.38 25.19 -55.27
C5 NAG J . 1.61 24.53 -54.14
C6 NAG J . 1.53 25.44 -52.92
C7 NAG J . 0.06 23.12 -58.90
C8 NAG J . 0.25 22.21 -60.07
N2 NAG J . 0.99 23.04 -57.95
O3 NAG J . 3.04 24.89 -57.56
O4 NAG J . 3.72 25.49 -54.87
O5 NAG J . 0.30 24.22 -54.57
O6 NAG J . 2.85 25.87 -52.55
O7 NAG J . -0.87 23.90 -58.82
C1 NAG K . -39.28 35.54 -63.21
C2 NAG K . -38.79 36.90 -63.66
C3 NAG K . -39.37 37.20 -65.03
C4 NAG K . -38.92 36.10 -65.97
C5 NAG K . -39.42 34.78 -65.43
C6 NAG K . -38.97 33.65 -66.35
C7 NAG K . -40.38 38.04 -62.20
C8 NAG K . -40.45 38.86 -60.95
N2 NAG K . -39.15 37.92 -62.73
O3 NAG K . -38.89 38.46 -65.48
O4 NAG K . -39.48 36.32 -67.27
O5 NAG K . -38.87 34.55 -64.14
O6 NAG K . -37.54 33.57 -66.33
O7 NAG K . -41.36 37.53 -62.70
C1 NAG L . -57.59 27.00 -59.46
C2 NAG L . -58.38 28.13 -58.83
C3 NAG L . -59.80 27.68 -58.57
C4 NAG L . -60.42 27.25 -59.89
C5 NAG L . -59.56 26.15 -60.49
C6 NAG L . -60.10 25.74 -61.85
C7 NAG L . -57.06 27.67 -56.87
C8 NAG L . -57.85 26.82 -55.93
N2 NAG L . -57.75 28.53 -57.59
O3 NAG L . -60.54 28.76 -58.00
O4 NAG L . -61.75 26.79 -59.69
O5 NAG L . -58.23 26.63 -60.67
O6 NAG L . -59.90 26.85 -62.75
O7 NAG L . -55.86 27.56 -56.97
C1 NAG M . 7.89 47.74 9.57
C2 NAG M . 6.73 48.22 8.72
C3 NAG M . 6.44 49.68 9.03
C4 NAG M . 6.21 49.82 10.52
C5 NAG M . 7.38 49.28 11.31
C6 NAG M . 7.08 49.32 12.79
C7 NAG M . 6.31 48.52 6.33
C8 NAG M . 5.05 47.76 6.05
N2 NAG M . 7.06 48.03 7.32
O3 NAG M . 5.27 50.13 8.34
O4 NAG M . 6.03 51.20 10.83
O5 NAG M . 7.62 47.93 10.95
O6 NAG M . 7.94 48.42 13.48
O7 NAG M . 6.64 49.51 5.71
C1 NAG N . 33.62 -31.13 -18.55
C2 NAG N . 35.14 -31.10 -18.39
C3 NAG N . 35.80 -30.90 -19.74
C4 NAG N . 35.35 -32.01 -20.67
C5 NAG N . 33.83 -32.01 -20.77
C6 NAG N . 33.36 -33.17 -21.65
C7 NAG N . 34.86 -28.90 -17.39
C8 NAG N . 34.32 -28.56 -16.04
N2 NAG N . 35.52 -30.04 -17.47
O3 NAG N . 37.23 -30.94 -19.58
O4 NAG N . 35.91 -31.80 -21.97
O5 NAG N . 33.26 -32.17 -19.47
O6 NAG N . 33.67 -34.40 -21.01
O7 NAG N . 34.68 -28.18 -18.35
C1 NAG O . 33.39 -25.95 8.35
C2 NAG O . 33.85 -24.99 9.44
C3 NAG O . 34.46 -23.74 8.83
C4 NAG O . 35.58 -24.13 7.89
C5 NAG O . 35.06 -25.11 6.85
C6 NAG O . 36.18 -25.57 5.93
C7 NAG O . 31.53 -24.42 9.88
C8 NAG O . 30.47 -25.32 10.42
N2 NAG O . 32.76 -24.65 10.33
O3 NAG O . 34.96 -22.90 9.87
O4 NAG O . 36.08 -22.96 7.26
O5 NAG O . 34.48 -26.25 7.47
O6 NAG O . 36.79 -24.44 5.30
O7 NAG O . 31.29 -23.53 9.08
C1 NAG P . -2.07 -43.60 -10.40
C2 NAG P . -1.44 -44.81 -11.06
C3 NAG P . -2.54 -45.73 -11.56
C4 NAG P . -3.44 -46.09 -10.41
C5 NAG P . -4.00 -44.82 -9.77
C6 NAG P . -4.88 -45.16 -8.56
C7 NAG P . 0.70 -44.15 -11.92
C8 NAG P . 1.33 -43.09 -12.77
N2 NAG P . -0.58 -44.40 -12.14
O3 NAG P . -1.96 -46.91 -12.13
O4 NAG P . -4.51 -46.92 -10.88
O5 NAG P . -2.93 -43.99 -9.33
O6 NAG P . -5.94 -46.03 -8.96
O7 NAG P . 1.33 -44.74 -11.05
C1 NAG Q . 45.69 15.25 -1.20
C2 NAG Q . 45.17 16.53 -1.82
C3 NAG Q . 45.56 16.62 -3.29
C4 NAG Q . 47.06 16.51 -3.40
C5 NAG Q . 47.53 15.22 -2.75
C6 NAG Q . 49.05 15.12 -2.78
C7 NAG Q . 43.17 17.11 -0.61
C8 NAG Q . 41.79 16.61 -0.29
N2 NAG Q . 43.73 16.59 -1.70
O3 NAG Q . 45.11 17.86 -3.84
O4 NAG Q . 47.43 16.52 -4.79
O5 NAG Q . 47.11 15.19 -1.39
O6 NAG Q . 49.52 15.30 -4.12
O7 NAG Q . 43.74 17.93 0.08
C1 NAG R . -18.42 -14.95 -62.40
C2 NAG R . -18.24 -16.05 -63.44
C3 NAG R . -18.63 -17.39 -62.86
C4 NAG R . -17.84 -17.65 -61.60
C5 NAG R . -18.02 -16.50 -60.61
C6 NAG R . -17.17 -16.70 -59.36
C7 NAG R . -18.72 -14.87 -65.49
C8 NAG R . -19.81 -13.92 -65.89
N2 NAG R . -19.07 -15.78 -64.59
O3 NAG R . -18.36 -18.42 -63.82
O4 NAG R . -18.27 -18.87 -61.00
O5 NAG R . -17.68 -15.26 -61.22
O6 NAG R . -17.54 -17.91 -58.72
O7 NAG R . -17.60 -14.80 -65.96
C1 NAG S . -27.59 -28.14 -48.09
C2 NAG S . -28.24 -29.27 -48.89
C3 NAG S . -28.09 -30.59 -48.15
C4 NAG S . -26.63 -30.84 -47.89
C5 NAG S . -26.03 -29.68 -47.11
C6 NAG S . -24.54 -29.87 -46.87
C7 NAG S . -30.03 -28.23 -50.13
C8 NAG S . -31.32 -27.50 -49.95
N2 NAG S . -29.63 -28.98 -49.11
O3 NAG S . -28.64 -31.64 -48.96
O4 NAG S . -26.49 -32.05 -47.13
O5 NAG S . -26.23 -28.46 -47.83
O6 NAG S . -24.31 -31.12 -46.23
O7 NAG S . -29.36 -28.15 -51.15
C1 NAG T . -6.13 -1.01 -67.73
C2 NAG T . -5.98 -2.47 -67.30
C3 NAG T . -4.93 -2.56 -66.21
C4 NAG T . -3.63 -1.97 -66.72
C5 NAG T . -3.86 -0.52 -67.16
C6 NAG T . -2.58 0.07 -67.72
C7 NAG T . -8.04 -3.74 -67.56
C8 NAG T . -8.74 -4.86 -66.85
N2 NAG T . -7.23 -2.99 -66.81
O3 NAG T . -4.73 -3.93 -65.86
O4 NAG T . -2.65 -1.99 -65.67
O5 NAG T . -4.87 -0.48 -68.17
O6 NAG T . -2.22 -0.62 -68.92
O7 NAG T . -8.20 -3.52 -68.75
C1 NAG U . -18.89 -1.45 -80.17
C2 NAG U . -18.49 -2.63 -81.04
C3 NAG U . -19.21 -2.58 -82.37
C4 NAG U . -20.70 -2.55 -82.13
C5 NAG U . -21.04 -1.37 -81.23
C6 NAG U . -22.54 -1.34 -80.93
C7 NAG U . -16.22 -3.07 -80.35
C8 NAG U . -14.77 -2.74 -80.58
N2 NAG U . -17.07 -2.61 -81.26
O3 NAG U . -18.87 -3.73 -83.15
O4 NAG U . -21.39 -2.46 -83.37
O5 NAG U . -20.31 -1.46 -80.00
O6 NAG U . -23.27 -1.22 -82.15
O7 NAG U . -16.60 -3.70 -79.37
C1 NAG V . -18.28 18.40 -81.86
C2 NAG V . -16.79 18.61 -82.01
C3 NAG V . -16.48 20.09 -82.14
C4 NAG V . -17.26 20.68 -83.30
C5 NAG V . -18.74 20.40 -83.10
C6 NAG V . -19.54 20.91 -84.29
C7 NAG V . -15.74 16.82 -80.78
C8 NAG V . -15.69 16.25 -79.39
N2 NAG V . -16.08 18.09 -80.86
O3 NAG V . -15.07 20.26 -82.37
O4 NAG V . -17.04 22.10 -83.36
O5 NAG V . -18.97 19.00 -82.96
O6 NAG V . -19.23 20.12 -85.44
O7 NAG V . -15.47 16.15 -81.77
C1 NAG W . -4.58 14.30 -69.31
C2 NAG W . -4.51 15.77 -68.93
C3 NAG W . -3.12 16.31 -69.18
C4 NAG W . -2.12 15.47 -68.42
C5 NAG W . -2.27 14.00 -68.81
C6 NAG W . -1.34 13.12 -68.01
C7 NAG W . -5.76 16.22 -70.97
C8 NAG W . -4.97 16.93 -72.03
N2 NAG W . -5.47 16.53 -69.71
O3 NAG W . -3.08 17.67 -68.72
O4 NAG W . -0.81 15.92 -68.71
O5 NAG W . -3.60 13.56 -68.59
O6 NAG W . 0.01 13.55 -68.20
O7 NAG W . -6.64 15.42 -71.26
C1 NAG X . -21.18 -17.48 39.52
C2 NAG X . -19.92 -18.10 38.94
C3 NAG X . -20.25 -19.38 38.19
C4 NAG X . -20.98 -20.32 39.13
C5 NAG X . -22.20 -19.64 39.70
C6 NAG X . -22.92 -20.55 40.68
C7 NAG X . -18.40 -16.26 38.52
C8 NAG X . -17.78 -15.35 37.50
N2 NAG X . -19.25 -17.17 38.05
O3 NAG X . -19.05 -19.99 37.70
O4 NAG X . -21.37 -21.50 38.42
O5 NAG X . -21.83 -18.42 40.36
O6 NAG X . -22.09 -20.75 41.83
O7 NAG X . -18.15 -16.17 39.71
C1 NAG Y . -41.46 15.49 17.68
C2 NAG Y . -42.77 14.75 17.45
C3 NAG Y . -43.75 15.69 16.76
C4 NAG Y . -43.91 16.93 17.63
C5 NAG Y . -42.55 17.59 17.86
C6 NAG Y . -42.67 18.81 18.76
C7 NAG Y . -41.65 13.47 15.69
C8 NAG Y . -42.13 13.75 14.30
N2 NAG Y . -42.58 13.56 16.65
O3 NAG Y . -45.00 15.04 16.60
O4 NAG Y . -44.79 17.85 16.97
O5 NAG Y . -41.67 16.65 18.47
O6 NAG Y . -43.61 19.73 18.20
O7 NAG Y . -40.50 13.17 15.93
C1 NAG Z . 1.52 -45.28 18.34
C2 NAG Z . 0.29 -46.06 17.87
C3 NAG Z . 0.60 -46.75 16.55
C4 NAG Z . 1.04 -45.71 15.55
C5 NAG Z . 2.24 -44.94 16.09
C6 NAG Z . 2.66 -43.84 15.12
C7 NAG Z . -0.91 -46.69 19.86
C8 NAG Z . -0.74 -47.44 21.14
N2 NAG Z . -0.10 -47.03 18.87
O3 NAG Z . -0.57 -47.44 16.09
O4 NAG Z . 1.39 -46.35 14.32
O5 NAG Z . 1.91 -44.34 17.34
O6 NAG Z . 2.89 -44.39 13.82
O7 NAG Z . -1.75 -45.80 19.73
C1 NAG AA . -28.45 -34.07 -6.87
C2 NAG AA . -27.75 -33.96 -8.20
C3 NAG AA . -28.44 -34.85 -9.23
C4 NAG AA . -28.45 -36.27 -8.71
C5 NAG AA . -29.12 -36.31 -7.34
C6 NAG AA . -29.10 -37.72 -6.78
C7 NAG AA . -26.84 -31.71 -8.30
C8 NAG AA . -27.13 -30.27 -8.59
N2 NAG AA . -27.78 -32.58 -8.66
O3 NAG AA . -27.72 -34.78 -10.47
O4 NAG AA . -29.16 -37.11 -9.62
O5 NAG AA . -28.46 -35.44 -6.43
O6 NAG AA . -27.74 -38.11 -6.53
O7 NAG AA . -25.81 -32.08 -7.76
C1 NAG BA . -42.69 -23.07 -53.56
C2 NAG BA . -41.61 -23.83 -54.31
C3 NAG BA . -41.46 -25.24 -53.77
C4 NAG BA . -41.22 -25.19 -52.27
C5 NAG BA . -42.32 -24.40 -51.58
C6 NAG BA . -41.99 -24.21 -50.10
C7 NAG BA . -43.16 -23.96 -56.18
C8 NAG BA . -43.69 -25.34 -56.39
N2 NAG BA . -41.91 -23.87 -55.73
O3 NAG BA . -40.37 -25.89 -54.42
O4 NAG BA . -41.19 -26.52 -51.74
O5 NAG BA . -42.42 -23.09 -52.15
O6 NAG BA . -40.78 -23.44 -49.97
O7 NAG BA . -43.82 -22.96 -56.41
C1 NAG CA . -55.48 4.27 -40.77
C2 NAG CA . -56.95 4.23 -41.20
C3 NAG CA . -57.65 5.47 -40.68
C4 NAG CA . -57.49 5.52 -39.17
C5 NAG CA . -56.01 5.53 -38.83
C6 NAG CA . -55.84 5.53 -37.31
C7 NAG CA . -56.18 4.63 -43.49
C8 NAG CA . -56.24 6.12 -43.73
N2 NAG CA . -57.07 4.14 -42.64
O3 NAG CA . -59.04 5.40 -41.01
O4 NAG CA . -58.10 6.71 -38.67
O5 NAG CA . -55.39 4.37 -39.36
O6 NAG CA . -54.43 5.51 -37.00
O7 NAG CA . -55.37 3.92 -44.04
C1 NAG DA . -51.91 21.79 -27.94
C2 NAG DA . -53.02 22.78 -28.26
C3 NAG DA . -53.32 23.62 -27.04
C4 NAG DA . -53.66 22.72 -25.88
C5 NAG DA . -52.53 21.73 -25.63
C6 NAG DA . -52.88 20.77 -24.51
C7 NAG DA . -53.11 24.73 -29.73
C8 NAG DA . -52.18 25.91 -29.66
N2 NAG DA . -52.58 23.56 -29.40
O3 NAG DA . -54.43 24.49 -27.29
O4 NAG DA . -53.87 23.51 -24.71
O5 NAG DA . -52.26 20.98 -26.82
O6 NAG DA . -53.25 21.50 -23.33
O7 NAG DA . -54.28 24.84 -30.07
C1 NAG EA . -58.66 -5.79 -59.62
C2 NAG EA . -60.17 -5.90 -59.42
C3 NAG EA . -60.88 -5.71 -60.75
C4 NAG EA . -60.47 -4.38 -61.33
C5 NAG EA . -58.96 -4.32 -61.47
C6 NAG EA . -58.53 -2.99 -62.05
C7 NAG EA . -60.49 -7.36 -57.54
C8 NAG EA . -60.70 -8.77 -57.07
N2 NAG EA . -60.51 -7.18 -58.85
O3 NAG EA . -62.29 -5.75 -60.55
O4 NAG EA . -61.09 -4.20 -62.61
O5 NAG EA . -58.34 -4.54 -60.20
O6 NAG EA . -59.12 -2.80 -63.34
O7 NAG EA . -60.29 -6.44 -56.76
C1 NAG FA . -46.80 -16.41 -71.63
C2 NAG FA . -47.13 -17.74 -70.97
C3 NAG FA . -46.29 -18.84 -71.58
C4 NAG FA . -46.49 -18.85 -73.08
C5 NAG FA . -46.18 -17.49 -73.68
C6 NAG FA . -46.45 -17.46 -75.17
C7 NAG FA . -46.80 -18.64 -68.73
C8 NAG FA . -45.55 -18.65 -67.90
N2 NAG FA . -46.92 -17.61 -69.55
O3 NAG FA . -46.69 -20.12 -71.06
O4 NAG FA . -45.63 -19.84 -73.67
O5 NAG FA . -46.97 -16.49 -73.04
O6 NAG FA . -45.75 -18.54 -75.81
O7 NAG FA . -47.64 -19.51 -68.67
#